data_3T5P
#
_entry.id   3T5P
#
_cell.length_a   78.016
_cell.length_b   115.100
_cell.length_c   208.018
_cell.angle_alpha   90.000
_cell.angle_beta   92.340
_cell.angle_gamma   90.000
#
_symmetry.space_group_name_H-M   'P 1 21 1'
#
loop_
_entity.id
_entity.type
_entity.pdbx_description
1 polymer 'BmrU protein'
2 non-polymer 'MAGNESIUM ION'
3 water water
#
_entity_poly.entity_id   1
_entity_poly.type   'polypeptide(L)'
_entity_poly.pdbx_seq_one_letter_code
;YFQNSA(MSE)TKTKFEKVLLIVNPKAGQGDLHTNLTKIVPPLAAAFPDLHILHTKEQGDATKYCQEFASKVDLIIVFGG
DGTVFECTNGLAPLEIRPTLAIIPGGTCNDFSRTLGVPQNIAEAAKLITKEHVKPVDVAKANGQHFLNFWGIGLVSEVSN
NIDAEEKAKLGKIGYYLSTIRTVKNAETFPVKITYDGQVYEDEAVLV(MSE)VGNGEYLGGIPSFIPNVKCDDGTLDIFV
VKSTGIQAFKDYIGKKLFEDSNENDIFHVKAKSIHIETEEEKEVDTDGESSLHTPCQIELLQGHFT(MSE)IYNPAVV
;
_entity_poly.pdbx_strand_id   A,B,C,D,E,F,G,H,I,J,K,L
#
loop_
_chem_comp.id
_chem_comp.type
_chem_comp.name
_chem_comp.formula
MG non-polymer 'MAGNESIUM ION' 'Mg 2'
#
# COMPACT_ATOMS: atom_id res chain seq x y z
N LYS A 9 -51.49 -4.48 11.63
CA LYS A 9 -51.77 -3.67 10.41
C LYS A 9 -51.80 -2.15 10.70
N THR A 10 -51.44 -1.37 9.68
CA THR A 10 -51.55 0.10 9.74
C THR A 10 -53.01 0.55 9.69
N LYS A 11 -53.30 1.67 10.34
CA LYS A 11 -54.58 2.34 10.20
C LYS A 11 -54.71 3.15 8.89
N PHE A 12 -53.57 3.41 8.24
CA PHE A 12 -53.52 4.39 7.16
C PHE A 12 -52.93 3.83 5.86
N GLU A 13 -53.81 3.35 4.99
CA GLU A 13 -53.41 2.80 3.71
C GLU A 13 -52.74 3.87 2.85
N LYS A 14 -53.34 5.08 2.82
CA LYS A 14 -52.85 6.19 1.99
C LYS A 14 -52.68 7.43 2.83
N VAL A 15 -51.56 8.10 2.65
CA VAL A 15 -51.23 9.28 3.45
C VAL A 15 -50.92 10.48 2.52
N LEU A 16 -51.37 11.66 2.94
CA LEU A 16 -51.02 12.91 2.28
C LEU A 16 -50.23 13.75 3.28
N LEU A 17 -49.08 14.26 2.83
CA LEU A 17 -48.29 15.23 3.61
C LEU A 17 -48.35 16.56 2.88
N ILE A 18 -48.94 17.56 3.53
CA ILE A 18 -49.00 18.93 2.99
C ILE A 18 -47.85 19.69 3.59
N VAL A 19 -46.96 20.20 2.75
CA VAL A 19 -45.79 20.95 3.22
C VAL A 19 -45.93 22.40 2.88
N ASN A 20 -45.90 23.25 3.88
CA ASN A 20 -45.71 24.68 3.65
C ASN A 20 -44.19 24.93 3.52
N PRO A 21 -43.71 25.26 2.31
CA PRO A 21 -42.25 25.41 2.12
C PRO A 21 -41.59 26.52 2.96
N LYS A 22 -42.37 27.55 3.28
CA LYS A 22 -41.91 28.65 4.13
C LYS A 22 -41.86 28.27 5.62
N ALA A 23 -42.50 27.17 5.98
CA ALA A 23 -42.52 26.71 7.37
C ALA A 23 -41.15 26.29 7.84
N GLY A 24 -41.02 26.17 9.17
CA GLY A 24 -39.77 25.71 9.78
C GLY A 24 -38.80 26.87 9.92
N GLN A 25 -37.62 26.60 10.45
CA GLN A 25 -36.58 27.64 10.46
C GLN A 25 -36.40 28.15 9.01
N GLY A 26 -37.12 27.51 8.07
CA GLY A 26 -37.28 28.01 6.70
C GLY A 26 -36.60 27.13 5.65
N ASP A 27 -35.47 26.51 6.03
CA ASP A 27 -34.68 25.69 5.10
C ASP A 27 -35.39 24.37 4.70
N LEU A 28 -36.05 24.45 3.54
CA LEU A 28 -36.85 23.35 3.00
C LEU A 28 -36.09 22.02 3.01
N HIS A 29 -34.94 21.99 2.34
CA HIS A 29 -34.18 20.76 2.15
C HIS A 29 -33.83 20.11 3.49
N THR A 30 -33.45 20.95 4.44
CA THR A 30 -33.10 20.48 5.78
C THR A 30 -34.35 19.98 6.51
N ASN A 31 -35.42 20.76 6.43
CA ASN A 31 -36.66 20.37 7.05
C ASN A 31 -37.15 19.05 6.48
N LEU A 32 -37.11 18.90 5.16
CA LEU A 32 -37.58 17.69 4.51
C LEU A 32 -36.71 16.49 4.83
N THR A 33 -35.42 16.72 5.02
CA THR A 33 -34.50 15.67 5.48
C THR A 33 -34.91 15.13 6.84
N LYS A 34 -35.45 16.02 7.68
CA LYS A 34 -35.87 15.63 9.02
C LYS A 34 -37.21 14.93 9.06
N ILE A 35 -38.17 15.39 8.25
CA ILE A 35 -39.56 14.90 8.38
C ILE A 35 -39.99 13.82 7.37
N VAL A 36 -39.42 13.82 6.17
CA VAL A 36 -39.95 12.93 5.14
C VAL A 36 -39.51 11.47 5.30
N PRO A 37 -38.21 11.21 5.46
CA PRO A 37 -37.75 9.82 5.49
C PRO A 37 -38.46 8.90 6.49
N PRO A 38 -38.71 9.37 7.73
CA PRO A 38 -39.46 8.50 8.64
C PRO A 38 -40.87 8.21 8.13
N LEU A 39 -41.49 9.21 7.52
CA LEU A 39 -42.83 9.05 6.99
C LEU A 39 -42.80 8.11 5.80
N ALA A 40 -41.85 8.32 4.91
CA ALA A 40 -41.77 7.51 3.72
C ALA A 40 -41.45 6.06 4.06
N ALA A 41 -40.65 5.87 5.10
CA ALA A 41 -40.28 4.51 5.58
C ALA A 41 -41.49 3.78 6.15
N ALA A 42 -42.30 4.49 6.91
CA ALA A 42 -43.43 3.89 7.59
C ALA A 42 -44.64 3.67 6.67
N PHE A 43 -44.85 4.60 5.73
CA PHE A 43 -46.10 4.63 4.95
C PHE A 43 -45.83 4.39 3.48
N PRO A 44 -46.16 3.20 3.00
CA PRO A 44 -45.79 2.85 1.61
C PRO A 44 -46.58 3.53 0.49
N ASP A 45 -47.57 4.34 0.84
CA ASP A 45 -48.28 5.18 -0.13
C ASP A 45 -48.37 6.59 0.44
N LEU A 46 -47.40 7.41 0.06
CA LEU A 46 -47.25 8.76 0.60
C LEU A 46 -47.19 9.80 -0.53
N HIS A 47 -48.05 10.80 -0.41
CA HIS A 47 -48.18 11.85 -1.39
C HIS A 47 -47.78 13.15 -0.73
N ILE A 48 -46.86 13.89 -1.34
CA ILE A 48 -46.35 15.12 -0.74
C ILE A 48 -46.69 16.29 -1.65
N LEU A 49 -47.45 17.25 -1.13
CA LEU A 49 -47.85 18.42 -1.90
C LEU A 49 -47.35 19.66 -1.18
N HIS A 50 -46.65 20.54 -1.90
CA HIS A 50 -46.29 21.84 -1.37
C HIS A 50 -47.40 22.82 -1.61
N THR A 51 -47.63 23.69 -0.64
CA THR A 51 -48.50 24.84 -0.86
C THR A 51 -47.69 25.88 -1.61
N LYS A 52 -48.38 26.72 -2.39
CA LYS A 52 -47.76 27.90 -3.05
C LYS A 52 -48.36 29.21 -2.56
N GLU A 53 -49.67 29.21 -2.33
CA GLU A 53 -50.40 30.41 -1.89
C GLU A 53 -51.29 30.17 -0.69
N GLN A 54 -51.68 31.25 -0.03
CA GLN A 54 -52.73 31.22 0.97
C GLN A 54 -53.94 30.51 0.34
N GLY A 55 -54.52 29.57 1.08
CA GLY A 55 -55.70 28.82 0.64
C GLY A 55 -55.43 27.45 0.05
N ASP A 56 -54.17 27.16 -0.28
CA ASP A 56 -53.83 25.90 -0.92
C ASP A 56 -54.07 24.70 0.01
N ALA A 57 -53.61 24.81 1.24
CA ALA A 57 -53.83 23.75 2.20
C ALA A 57 -55.33 23.41 2.31
N THR A 58 -56.17 24.45 2.36
CA THR A 58 -57.61 24.25 2.40
C THR A 58 -58.04 23.47 1.15
N LYS A 59 -57.58 23.88 -0.02
CA LYS A 59 -57.97 23.21 -1.26
C LYS A 59 -57.50 21.74 -1.30
N TYR A 60 -56.28 21.52 -0.87
CA TYR A 60 -55.70 20.19 -0.89
C TYR A 60 -56.50 19.25 0.06
N CYS A 61 -56.81 19.74 1.25
CA CYS A 61 -57.62 18.97 2.18
C CYS A 61 -58.95 18.61 1.54
N GLN A 62 -59.55 19.56 0.84
CA GLN A 62 -60.88 19.32 0.31
C GLN A 62 -60.84 18.34 -0.86
N GLU A 63 -59.80 18.41 -1.66
CA GLU A 63 -59.65 17.49 -2.79
C GLU A 63 -59.31 16.06 -2.34
N PHE A 64 -58.51 15.93 -1.30
CA PHE A 64 -57.97 14.64 -0.88
C PHE A 64 -58.72 13.96 0.28
N ALA A 65 -59.60 14.72 0.94
CA ALA A 65 -60.36 14.19 2.05
C ALA A 65 -60.94 12.80 1.77
N SER A 66 -61.47 12.60 0.59
CA SER A 66 -62.12 11.33 0.25
C SER A 66 -61.18 10.31 -0.39
N LYS A 67 -59.89 10.64 -0.51
CA LYS A 67 -58.93 9.80 -1.24
C LYS A 67 -57.83 9.27 -0.33
N VAL A 68 -57.82 9.71 0.91
CA VAL A 68 -56.65 9.53 1.75
C VAL A 68 -57.13 9.27 3.17
N ASP A 69 -56.32 8.53 3.95
CA ASP A 69 -56.73 8.11 5.30
C ASP A 69 -56.10 8.95 6.38
N LEU A 70 -54.97 9.58 6.04
CA LEU A 70 -54.27 10.46 6.96
C LEU A 70 -53.78 11.70 6.23
N ILE A 71 -54.01 12.87 6.81
CA ILE A 71 -53.44 14.09 6.25
C ILE A 71 -52.52 14.69 7.30
N ILE A 72 -51.25 14.88 6.93
CA ILE A 72 -50.24 15.49 7.80
C ILE A 72 -49.98 16.89 7.31
N VAL A 73 -50.05 17.87 8.20
CA VAL A 73 -49.74 19.26 7.82
C VAL A 73 -48.45 19.75 8.51
N PHE A 74 -47.46 20.14 7.70
CA PHE A 74 -46.25 20.73 8.17
C PHE A 74 -46.36 22.22 8.00
N GLY A 75 -46.63 22.90 9.11
CA GLY A 75 -46.82 24.34 9.08
C GLY A 75 -47.18 24.88 10.44
N GLY A 76 -47.27 26.20 10.52
CA GLY A 76 -47.63 26.88 11.74
C GLY A 76 -49.12 26.95 11.93
N ASP A 77 -49.54 27.75 12.92
CA ASP A 77 -50.95 27.89 13.29
C ASP A 77 -51.85 28.19 12.09
N GLY A 78 -51.37 29.06 11.19
CA GLY A 78 -52.13 29.47 10.00
C GLY A 78 -52.40 28.32 9.04
N THR A 79 -51.38 27.51 8.80
CA THR A 79 -51.57 26.36 7.92
C THR A 79 -52.49 25.33 8.58
N VAL A 80 -52.34 25.13 9.88
CA VAL A 80 -53.19 24.17 10.61
C VAL A 80 -54.64 24.63 10.51
N PHE A 81 -54.85 25.94 10.64
CA PHE A 81 -56.17 26.55 10.54
C PHE A 81 -56.79 26.36 9.15
N GLU A 82 -55.95 26.43 8.12
CA GLU A 82 -56.41 26.18 6.76
C GLU A 82 -56.92 24.75 6.65
N CYS A 83 -56.18 23.83 7.24
CA CYS A 83 -56.62 22.42 7.25
C CYS A 83 -57.91 22.22 8.04
N THR A 84 -58.01 22.87 9.18
CA THR A 84 -59.23 22.83 9.99
C THR A 84 -60.42 23.28 9.15
N ASN A 85 -60.28 24.43 8.52
CA ASN A 85 -61.37 24.97 7.68
C ASN A 85 -61.66 24.16 6.41
N GLY A 86 -60.65 23.40 5.97
CA GLY A 86 -60.80 22.52 4.85
C GLY A 86 -61.59 21.25 5.20
N LEU A 87 -61.22 20.60 6.29
CA LEU A 87 -61.84 19.30 6.65
C LEU A 87 -63.14 19.42 7.42
N ALA A 88 -63.21 20.37 8.33
CA ALA A 88 -64.34 20.49 9.23
C ALA A 88 -65.72 20.41 8.56
N PRO A 89 -65.93 21.13 7.46
CA PRO A 89 -67.28 21.14 6.87
C PRO A 89 -67.62 19.88 6.09
N LEU A 90 -66.65 19.02 5.84
CA LEU A 90 -66.87 17.84 5.01
C LEU A 90 -67.59 16.69 5.75
N GLU A 91 -68.26 15.83 4.98
CA GLU A 91 -68.88 14.64 5.54
C GLU A 91 -67.85 13.56 5.87
N ILE A 92 -66.81 13.46 5.05
CA ILE A 92 -65.74 12.48 5.29
C ILE A 92 -64.47 13.22 5.63
N ARG A 93 -63.92 12.93 6.80
CA ARG A 93 -62.79 13.67 7.33
C ARG A 93 -61.72 12.71 7.81
N PRO A 94 -60.65 12.52 7.04
CA PRO A 94 -59.61 11.64 7.50
C PRO A 94 -58.90 12.17 8.72
N THR A 95 -58.08 11.32 9.32
CA THR A 95 -57.31 11.70 10.49
C THR A 95 -56.33 12.79 10.11
N LEU A 96 -56.13 13.74 11.01
CA LEU A 96 -55.23 14.87 10.82
C LEU A 96 -54.05 14.84 11.81
N ALA A 97 -52.86 15.17 11.33
CA ALA A 97 -51.67 15.23 12.19
C ALA A 97 -50.90 16.48 11.90
N ILE A 98 -50.22 16.99 12.91
CA ILE A 98 -49.48 18.25 12.80
C ILE A 98 -47.99 18.02 13.04
N ILE A 99 -47.17 18.47 12.08
CA ILE A 99 -45.75 18.66 12.32
C ILE A 99 -45.58 20.18 12.51
N PRO A 100 -45.14 20.61 13.70
CA PRO A 100 -45.16 22.03 14.02
C PRO A 100 -44.09 22.81 13.30
N GLY A 101 -44.51 23.69 12.40
CA GLY A 101 -43.58 24.42 11.53
C GLY A 101 -43.63 25.93 11.70
N GLY A 102 -44.37 26.40 12.70
CA GLY A 102 -44.36 27.81 13.06
C GLY A 102 -43.56 28.00 14.35
N THR A 103 -43.78 29.13 15.00
CA THR A 103 -43.12 29.42 16.27
C THR A 103 -44.04 29.13 17.46
N CYS A 104 -45.35 29.21 17.22
CA CYS A 104 -46.35 29.04 18.26
C CYS A 104 -46.86 27.59 18.34
N ASN A 105 -47.52 27.13 17.27
CA ASN A 105 -47.96 25.73 17.15
C ASN A 105 -48.87 25.26 18.30
N ASP A 106 -49.85 26.07 18.63
CA ASP A 106 -50.67 25.82 19.81
C ASP A 106 -51.29 24.43 19.85
N PHE A 107 -52.01 24.06 18.80
CA PHE A 107 -52.73 22.81 18.87
C PHE A 107 -51.80 21.60 18.85
N SER A 108 -50.64 21.71 18.21
CA SER A 108 -49.68 20.60 18.24
C SER A 108 -49.32 20.30 19.67
N ARG A 109 -49.16 21.37 20.46
CA ARG A 109 -48.82 21.24 21.87
C ARG A 109 -49.97 20.60 22.66
N THR A 110 -51.20 20.96 22.32
CA THR A 110 -52.36 20.33 22.94
C THR A 110 -52.34 18.81 22.76
N LEU A 111 -51.89 18.38 21.59
CA LEU A 111 -51.79 16.95 21.28
C LEU A 111 -50.50 16.29 21.80
N GLY A 112 -49.66 17.08 22.47
CA GLY A 112 -48.41 16.60 23.04
C GLY A 112 -47.34 16.34 22.00
N VAL A 113 -47.48 16.95 20.83
CA VAL A 113 -46.52 16.75 19.76
C VAL A 113 -45.21 17.46 20.12
N PRO A 114 -44.08 16.73 20.02
CA PRO A 114 -42.79 17.37 20.24
C PRO A 114 -42.56 18.46 19.23
N GLN A 115 -41.95 19.55 19.66
CA GLN A 115 -41.63 20.69 18.77
C GLN A 115 -40.43 20.40 17.87
N ASN A 116 -39.62 19.42 18.25
CA ASN A 116 -38.60 18.86 17.36
C ASN A 116 -39.29 18.16 16.17
N ILE A 117 -39.12 18.70 14.96
CA ILE A 117 -39.92 18.25 13.82
C ILE A 117 -39.63 16.82 13.42
N ALA A 118 -38.38 16.37 13.56
CA ALA A 118 -38.06 14.95 13.33
C ALA A 118 -38.85 14.05 14.28
N GLU A 119 -38.93 14.45 15.54
CA GLU A 119 -39.63 13.66 16.53
C GLU A 119 -41.14 13.70 16.29
N ALA A 120 -41.63 14.84 15.79
CA ALA A 120 -43.05 14.98 15.43
C ALA A 120 -43.39 13.99 14.33
N ALA A 121 -42.52 13.92 13.34
CA ALA A 121 -42.70 12.99 12.24
C ALA A 121 -42.72 11.55 12.79
N LYS A 122 -41.73 11.21 13.60
CA LYS A 122 -41.62 9.85 14.17
C LYS A 122 -42.89 9.46 14.94
N LEU A 123 -43.43 10.42 15.70
CA LEU A 123 -44.65 10.19 16.47
C LEU A 123 -45.78 9.68 15.57
N ILE A 124 -45.91 10.30 14.39
CA ILE A 124 -47.00 9.98 13.49
C ILE A 124 -46.93 8.50 13.14
N THR A 125 -45.71 7.97 13.00
CA THR A 125 -45.55 6.57 12.59
C THR A 125 -46.01 5.61 13.68
N LYS A 126 -46.23 6.11 14.88
CA LYS A 126 -46.74 5.25 15.97
C LYS A 126 -48.26 5.10 15.91
N GLU A 127 -48.91 5.99 15.17
CA GLU A 127 -50.34 5.90 14.86
C GLU A 127 -51.29 5.94 16.06
N HIS A 128 -50.90 6.68 17.10
CA HIS A 128 -51.82 6.89 18.22
C HIS A 128 -52.79 7.97 17.85
N VAL A 129 -54.07 7.62 17.88
CA VAL A 129 -55.12 8.53 17.38
C VAL A 129 -56.18 8.73 18.45
N LYS A 130 -56.63 9.98 18.62
CA LYS A 130 -57.80 10.23 19.49
C LYS A 130 -58.82 11.20 18.87
N PRO A 131 -60.09 11.13 19.35
CA PRO A 131 -61.07 12.10 18.92
C PRO A 131 -60.75 13.45 19.48
N VAL A 132 -61.02 14.49 18.70
CA VAL A 132 -60.81 15.87 19.12
C VAL A 132 -62.04 16.67 18.78
N ASP A 133 -62.43 17.55 19.69
CA ASP A 133 -63.58 18.42 19.47
C ASP A 133 -63.19 19.55 18.54
N VAL A 134 -64.12 19.93 17.67
CA VAL A 134 -63.92 21.12 16.80
C VAL A 134 -65.08 22.04 17.06
N ALA A 135 -64.78 23.31 17.31
CA ALA A 135 -65.79 24.33 17.53
C ALA A 135 -66.13 24.93 16.15
N LYS A 136 -67.28 25.53 16.00
CA LYS A 136 -67.75 26.13 14.75
C LYS A 136 -68.35 27.46 15.17
N ALA A 137 -67.85 28.57 14.59
CA ALA A 137 -68.37 29.89 14.86
C ALA A 137 -68.86 30.47 13.54
N ASN A 138 -70.17 30.76 13.45
CA ASN A 138 -70.78 31.24 12.21
C ASN A 138 -70.20 30.57 10.95
N GLY A 139 -70.03 29.26 10.99
CA GLY A 139 -69.49 28.55 9.81
C GLY A 139 -67.96 28.56 9.62
N GLN A 140 -67.27 29.35 10.44
CA GLN A 140 -65.83 29.24 10.57
C GLN A 140 -65.57 28.16 11.62
N HIS A 141 -64.67 27.24 11.32
CA HIS A 141 -64.26 26.24 12.32
C HIS A 141 -62.97 26.67 13.02
N PHE A 142 -62.81 26.28 14.28
CA PHE A 142 -61.52 26.45 14.98
C PHE A 142 -61.20 25.34 15.96
N LEU A 143 -59.90 25.17 16.19
CA LEU A 143 -59.37 24.16 17.11
C LEU A 143 -58.88 24.73 18.44
N ASN A 144 -58.32 25.94 18.42
CA ASN A 144 -57.71 26.53 19.63
C ASN A 144 -58.66 27.44 20.38
N PHE A 145 -59.01 28.56 19.76
CA PHE A 145 -59.80 29.57 20.46
C PHE A 145 -60.49 30.56 19.55
N TRP A 146 -61.43 31.26 20.17
CA TRP A 146 -62.17 32.36 19.60
C TRP A 146 -62.05 33.46 20.65
N GLY A 147 -61.83 34.69 20.23
CA GLY A 147 -61.66 35.77 21.19
C GLY A 147 -61.87 37.18 20.67
N ILE A 148 -62.38 38.04 21.55
CA ILE A 148 -62.41 39.49 21.32
C ILE A 148 -61.64 40.20 22.40
N GLY A 149 -61.05 41.33 22.03
CA GLY A 149 -60.29 42.17 22.96
C GLY A 149 -58.82 41.83 23.03
N LEU A 150 -58.36 40.98 22.13
CA LEU A 150 -56.92 40.66 22.04
C LEU A 150 -56.13 41.75 21.31
N VAL A 151 -56.83 42.53 20.48
CA VAL A 151 -56.23 43.56 19.63
C VAL A 151 -56.53 44.95 20.17
N LYS A 163 -43.41 44.15 17.29
CA LYS A 163 -43.54 44.30 15.84
C LYS A 163 -43.30 43.00 15.01
N ALA A 164 -42.67 41.99 15.62
CA ALA A 164 -42.56 40.64 15.02
C ALA A 164 -43.36 39.68 15.92
N LYS A 165 -44.09 38.73 15.33
CA LYS A 165 -45.12 37.93 16.05
C LYS A 165 -44.82 36.43 16.57
N LEU A 166 -44.84 36.32 17.92
CA LEU A 166 -45.19 35.22 18.92
C LEU A 166 -46.63 34.71 18.77
N GLY A 167 -47.35 35.35 17.84
CA GLY A 167 -48.77 35.07 17.61
C GLY A 167 -49.68 36.03 18.36
N LYS A 168 -50.93 36.13 17.94
CA LYS A 168 -51.88 37.09 18.51
C LYS A 168 -52.04 36.97 20.03
N ILE A 169 -52.28 35.75 20.50
CA ILE A 169 -52.44 35.47 21.94
C ILE A 169 -51.14 35.61 22.70
N GLY A 170 -50.06 35.08 22.11
CA GLY A 170 -48.71 35.17 22.70
C GLY A 170 -48.24 36.60 22.94
N TYR A 171 -48.47 37.45 21.95
CA TYR A 171 -48.12 38.87 22.03
C TYR A 171 -48.97 39.59 23.09
N TYR A 172 -50.26 39.29 23.09
CA TYR A 172 -51.20 39.85 24.07
C TYR A 172 -50.78 39.53 25.52
N LEU A 173 -50.42 38.27 25.76
CA LEU A 173 -49.97 37.82 27.09
C LEU A 173 -48.62 38.43 27.51
N SER A 174 -47.72 38.61 26.55
CA SER A 174 -46.40 39.21 26.80
C SER A 174 -46.49 40.69 27.18
N THR A 175 -47.53 41.38 26.67
CA THR A 175 -47.69 42.84 26.86
C THR A 175 -48.89 43.23 27.75
N ILE A 176 -49.57 42.25 28.34
CA ILE A 176 -50.79 42.50 29.14
C ILE A 176 -50.44 43.29 30.41
N ARG A 177 -49.25 43.00 30.92
CA ARG A 177 -48.69 43.64 32.12
C ARG A 177 -48.38 45.14 31.96
N THR A 178 -47.74 45.49 30.84
CA THR A 178 -47.33 46.89 30.56
C THR A 178 -48.28 47.67 29.63
N VAL A 179 -49.30 47.01 29.06
CA VAL A 179 -50.39 47.72 28.37
C VAL A 179 -51.29 48.37 29.45
N LYS A 180 -51.52 49.67 29.30
CA LYS A 180 -52.26 50.47 30.32
C LYS A 180 -53.79 50.54 30.08
N ASN A 181 -54.24 51.36 29.14
CA ASN A 181 -55.66 51.72 29.02
C ASN A 181 -56.48 50.88 28.01
N ALA A 182 -56.97 49.72 28.46
CA ALA A 182 -57.77 48.84 27.59
C ALA A 182 -59.20 49.38 27.39
N GLU A 183 -59.73 49.18 26.19
CA GLU A 183 -61.07 49.65 25.80
C GLU A 183 -62.10 48.67 26.30
N THR A 184 -63.22 49.18 26.77
CA THR A 184 -64.27 48.30 27.23
C THR A 184 -65.29 48.22 26.12
N PHE A 185 -66.02 47.10 26.12
CA PHE A 185 -67.15 46.91 25.19
C PHE A 185 -68.21 46.04 25.84
N PRO A 186 -69.50 46.29 25.53
CA PRO A 186 -70.54 45.45 26.08
C PRO A 186 -70.67 44.16 25.32
N VAL A 187 -71.02 43.10 26.04
CA VAL A 187 -71.15 41.77 25.45
C VAL A 187 -72.36 41.05 26.05
N LYS A 188 -73.09 40.35 25.18
CA LYS A 188 -74.21 39.49 25.56
C LYS A 188 -73.89 38.07 25.11
N ILE A 189 -73.74 37.17 26.08
CA ILE A 189 -73.38 35.77 25.80
C ILE A 189 -74.52 34.84 26.18
N THR A 190 -75.07 34.13 25.20
CA THR A 190 -76.09 33.12 25.45
C THR A 190 -75.45 31.75 25.40
N TYR A 191 -75.47 31.07 26.55
CA TYR A 191 -74.82 29.78 26.68
C TYR A 191 -75.76 28.72 27.28
N ASP A 192 -76.10 27.72 26.45
CA ASP A 192 -76.93 26.59 26.86
C ASP A 192 -78.14 27.05 27.66
N GLY A 193 -78.89 27.99 27.11
CA GLY A 193 -80.13 28.48 27.72
C GLY A 193 -79.96 29.42 28.90
N GLN A 194 -78.72 29.87 29.14
CA GLN A 194 -78.43 30.88 30.15
C GLN A 194 -77.83 32.12 29.49
N VAL A 195 -77.99 33.27 30.14
CA VAL A 195 -77.53 34.54 29.58
C VAL A 195 -76.54 35.25 30.51
N TYR A 196 -75.58 35.93 29.88
CA TYR A 196 -74.61 36.73 30.60
C TYR A 196 -74.35 38.02 29.83
N GLU A 197 -74.47 39.13 30.54
CA GLU A 197 -74.36 40.44 29.90
C GLU A 197 -73.67 41.39 30.82
N ASP A 198 -72.63 42.01 30.29
CA ASP A 198 -71.75 42.87 31.07
C ASP A 198 -70.82 43.67 30.17
N GLU A 199 -70.11 44.64 30.76
CA GLU A 199 -69.04 45.36 30.06
C GLU A 199 -67.73 44.60 30.21
N ALA A 200 -67.02 44.39 29.11
CA ALA A 200 -65.85 43.50 29.09
C ALA A 200 -64.62 44.11 28.42
N VAL A 201 -63.45 43.56 28.76
CA VAL A 201 -62.19 43.90 28.12
C VAL A 201 -61.68 42.72 27.27
N LEU A 202 -62.04 41.51 27.71
CA LEU A 202 -61.63 40.30 27.03
C LEU A 202 -62.69 39.21 27.13
N VAL A 203 -63.09 38.67 25.98
CA VAL A 203 -63.98 37.52 25.93
C VAL A 203 -63.31 36.42 25.12
N MSE A 204 -63.10 35.28 25.75
CA MSE A 204 -62.51 34.11 25.09
C MSE A 204 -63.49 32.93 25.10
O MSE A 204 -64.27 32.75 26.05
CB MSE A 204 -61.25 33.65 25.82
CG MSE A 204 -60.16 34.70 25.95
SE MSE A 204 -59.10 34.83 24.35
CE MSE A 204 -58.29 33.05 24.33
N VAL A 205 -63.45 32.15 24.03
CA VAL A 205 -64.06 30.83 24.02
C VAL A 205 -62.95 29.89 23.62
N GLY A 206 -62.56 29.02 24.55
CA GLY A 206 -61.39 28.17 24.36
C GLY A 206 -61.77 26.73 24.08
N ASN A 207 -61.06 26.13 23.15
CA ASN A 207 -61.18 24.71 22.90
C ASN A 207 -59.92 23.97 23.22
N GLY A 208 -58.79 24.56 22.82
CA GLY A 208 -57.48 23.93 23.00
C GLY A 208 -56.93 24.17 24.38
N GLU A 209 -55.90 23.37 24.72
CA GLU A 209 -55.34 23.31 26.07
C GLU A 209 -54.08 24.15 26.22
N TYR A 210 -53.59 24.68 25.09
CA TYR A 210 -52.47 25.62 25.06
C TYR A 210 -52.86 26.86 24.30
N LEU A 211 -52.43 28.02 24.81
CA LEU A 211 -52.63 29.30 24.13
C LEU A 211 -51.35 30.16 24.21
N GLY A 212 -50.90 30.64 23.06
CA GLY A 212 -49.66 31.39 22.94
C GLY A 212 -48.41 30.61 23.32
N GLY A 213 -48.40 29.30 23.10
CA GLY A 213 -47.20 28.48 23.34
C GLY A 213 -47.06 27.91 24.75
N ILE A 214 -47.98 28.27 25.65
CA ILE A 214 -47.95 27.82 27.05
C ILE A 214 -49.33 27.34 27.44
N PRO A 215 -49.43 26.58 28.53
CA PRO A 215 -50.76 26.08 28.91
C PRO A 215 -51.80 27.17 28.98
N SER A 216 -53.01 26.82 28.60
CA SER A 216 -54.11 27.79 28.52
C SER A 216 -54.28 28.51 29.84
N PHE A 217 -54.39 29.84 29.76
CA PHE A 217 -54.76 30.63 30.94
C PHE A 217 -56.19 30.41 31.37
N ILE A 218 -57.02 29.85 30.49
CA ILE A 218 -58.38 29.47 30.84
C ILE A 218 -58.30 28.15 31.59
N PRO A 219 -58.88 28.08 32.79
CA PRO A 219 -58.63 26.88 33.60
C PRO A 219 -59.38 25.63 33.18
N ASN A 220 -58.67 24.51 33.20
CA ASN A 220 -59.29 23.20 33.03
C ASN A 220 -60.04 23.07 31.70
N VAL A 221 -59.43 23.61 30.65
CA VAL A 221 -59.94 23.45 29.32
C VAL A 221 -59.48 22.09 28.80
N LYS A 222 -60.40 21.37 28.19
CA LYS A 222 -60.07 20.11 27.54
C LYS A 222 -60.62 20.13 26.11
N CYS A 223 -59.82 19.59 25.19
CA CYS A 223 -60.14 19.63 23.76
C CYS A 223 -61.01 18.47 23.34
N ASP A 224 -61.31 17.55 24.26
CA ASP A 224 -62.05 16.34 23.93
C ASP A 224 -63.12 15.98 24.96
N ASP A 225 -63.65 16.98 25.65
CA ASP A 225 -64.65 16.76 26.70
C ASP A 225 -66.07 17.12 26.27
N GLY A 226 -66.24 17.46 25.00
CA GLY A 226 -67.56 17.75 24.45
C GLY A 226 -68.10 19.10 24.81
N THR A 227 -67.25 19.97 25.34
CA THR A 227 -67.69 21.30 25.79
C THR A 227 -66.60 22.38 25.67
N LEU A 228 -67.05 23.62 25.46
CA LEU A 228 -66.17 24.76 25.27
C LEU A 228 -66.11 25.59 26.55
N ASP A 229 -65.03 26.36 26.72
CA ASP A 229 -64.85 27.19 27.89
C ASP A 229 -64.98 28.68 27.57
N ILE A 230 -66.02 29.29 28.14
CA ILE A 230 -66.21 30.73 28.05
C ILE A 230 -65.40 31.39 29.19
N PHE A 231 -64.74 32.50 28.86
CA PHE A 231 -63.87 33.17 29.80
C PHE A 231 -63.89 34.67 29.53
N VAL A 232 -64.45 35.41 30.48
CA VAL A 232 -64.63 36.87 30.33
C VAL A 232 -63.90 37.67 31.42
N VAL A 233 -63.17 38.70 31.03
CA VAL A 233 -62.72 39.69 31.98
C VAL A 233 -63.62 40.93 31.89
N LYS A 234 -64.27 41.24 33.00
CA LYS A 234 -65.07 42.47 33.10
C LYS A 234 -64.23 43.75 32.89
N SER A 235 -64.89 44.84 32.46
CA SER A 235 -64.27 46.18 32.24
C SER A 235 -63.43 46.69 33.44
N THR A 236 -63.95 46.31 34.58
CA THR A 236 -63.46 46.61 35.92
C THR A 236 -62.36 45.66 36.41
N GLY A 237 -62.15 44.55 35.71
CA GLY A 237 -61.28 43.48 36.21
C GLY A 237 -59.88 43.41 35.62
N ILE A 238 -59.40 44.50 35.03
CA ILE A 238 -58.07 44.52 34.41
C ILE A 238 -56.97 44.09 35.39
N GLN A 239 -56.96 44.70 36.57
CA GLN A 239 -55.92 44.40 37.57
C GLN A 239 -56.07 42.99 38.11
N ALA A 240 -57.29 42.60 38.43
CA ALA A 240 -57.59 41.25 38.92
C ALA A 240 -57.07 40.16 37.97
N PHE A 241 -57.19 40.42 36.68
CA PHE A 241 -56.75 39.49 35.64
C PHE A 241 -55.22 39.40 35.51
N LYS A 242 -54.56 40.56 35.63
CA LYS A 242 -53.09 40.61 35.66
C LYS A 242 -52.53 39.76 36.79
N ASP A 243 -53.14 39.88 37.97
CA ASP A 243 -52.74 39.12 39.16
C ASP A 243 -53.03 37.64 39.01
N TYR A 244 -54.19 37.35 38.41
CA TYR A 244 -54.65 35.99 38.15
C TYR A 244 -53.67 35.19 37.28
N ILE A 245 -53.17 35.84 36.23
CA ILE A 245 -52.16 35.23 35.35
C ILE A 245 -50.82 35.03 36.03
N GLY A 246 -50.41 36.01 36.82
CA GLY A 246 -49.17 35.94 37.58
C GLY A 246 -49.18 34.81 38.58
N LYS A 247 -50.32 34.60 39.23
CA LYS A 247 -50.50 33.58 40.25
C LYS A 247 -50.33 32.18 39.74
N LYS A 248 -50.61 31.99 38.45
CA LYS A 248 -50.38 30.71 37.77
C LYS A 248 -51.09 29.57 38.51
N LEU A 249 -52.33 29.82 38.86
CA LEU A 249 -53.08 28.95 39.73
C LEU A 249 -54.37 28.72 38.96
N PHE A 250 -54.28 28.07 37.81
CA PHE A 250 -55.40 28.12 36.91
C PHE A 250 -56.55 27.38 37.56
N GLU A 251 -57.30 28.13 38.35
CA GLU A 251 -58.50 27.64 39.01
C GLU A 251 -59.50 28.78 38.99
N ASP A 252 -60.76 28.46 39.22
CA ASP A 252 -61.81 29.46 39.27
C ASP A 252 -61.71 30.26 40.55
N SER A 253 -61.09 31.43 40.44
CA SER A 253 -61.17 32.43 41.49
C SER A 253 -62.64 32.82 41.55
N ASN A 254 -63.22 32.74 42.75
CA ASN A 254 -64.61 33.18 42.97
C ASN A 254 -64.61 34.72 42.87
N GLU A 255 -64.34 35.19 41.66
CA GLU A 255 -63.84 36.55 41.42
C GLU A 255 -64.85 37.36 40.60
N ASN A 256 -65.33 38.45 41.19
CA ASN A 256 -66.24 39.37 40.52
C ASN A 256 -65.76 39.70 39.11
N ASP A 257 -64.47 40.00 38.97
CA ASP A 257 -63.89 40.49 37.73
C ASP A 257 -63.76 39.46 36.60
N ILE A 258 -63.76 38.16 36.93
CA ILE A 258 -63.54 37.11 35.95
C ILE A 258 -64.66 36.07 35.99
N PHE A 259 -65.30 35.88 34.83
CA PHE A 259 -66.41 34.96 34.61
C PHE A 259 -65.97 33.78 33.73
N HIS A 260 -66.21 32.57 34.23
CA HIS A 260 -65.80 31.36 33.55
C HIS A 260 -66.86 30.27 33.63
N VAL A 261 -67.27 29.76 32.48
CA VAL A 261 -68.27 28.70 32.44
C VAL A 261 -68.03 27.81 31.24
N LYS A 262 -68.51 26.58 31.34
CA LYS A 262 -68.45 25.61 30.23
C LYS A 262 -69.79 25.55 29.50
N ALA A 263 -69.74 25.43 28.17
CA ALA A 263 -70.95 25.40 27.36
C ALA A 263 -70.72 24.75 26.00
N LYS A 264 -71.81 24.17 25.47
CA LYS A 264 -71.80 23.47 24.16
C LYS A 264 -72.27 24.38 23.03
N SER A 265 -73.27 25.20 23.31
CA SER A 265 -73.91 26.03 22.28
C SER A 265 -73.97 27.47 22.75
N ILE A 266 -73.25 28.32 22.04
CA ILE A 266 -72.94 29.67 22.52
C ILE A 266 -73.25 30.69 21.45
N HIS A 267 -73.86 31.80 21.86
CA HIS A 267 -74.08 32.94 20.97
C HIS A 267 -73.55 34.22 21.58
N ILE A 268 -72.67 34.90 20.84
CA ILE A 268 -71.98 36.08 21.37
C ILE A 268 -72.30 37.34 20.55
N GLU A 269 -72.82 38.34 21.26
CA GLU A 269 -73.27 39.58 20.66
C GLU A 269 -72.55 40.76 21.26
N THR A 270 -72.15 41.70 20.40
CA THR A 270 -71.60 42.98 20.83
C THR A 270 -72.47 44.14 20.31
N GLU A 271 -72.28 45.32 20.87
CA GLU A 271 -73.07 46.51 20.46
C GLU A 271 -72.85 46.77 18.96
N GLU A 272 -71.58 46.89 18.56
CA GLU A 272 -71.20 47.01 17.15
C GLU A 272 -70.41 45.77 16.73
N GLU A 273 -70.43 45.47 15.44
CA GLU A 273 -69.64 44.37 14.89
C GLU A 273 -68.18 44.49 15.31
N LYS A 274 -67.67 43.45 15.97
CA LYS A 274 -66.25 43.40 16.39
C LYS A 274 -65.52 42.28 15.66
N GLU A 275 -64.29 42.57 15.22
CA GLU A 275 -63.44 41.58 14.57
C GLU A 275 -63.04 40.52 15.58
N VAL A 276 -63.19 39.26 15.21
CA VAL A 276 -62.85 38.14 16.08
C VAL A 276 -61.46 37.61 15.73
N ASP A 277 -60.69 37.24 16.74
CA ASP A 277 -59.39 36.57 16.55
C ASP A 277 -59.56 35.07 16.80
N THR A 278 -58.85 34.28 16.01
CA THR A 278 -58.92 32.83 16.12
C THR A 278 -57.57 32.21 15.72
N ASP A 279 -57.55 30.91 15.44
CA ASP A 279 -56.27 30.16 15.29
C ASP A 279 -55.33 30.76 14.24
N GLY A 280 -55.92 31.28 13.17
CA GLY A 280 -55.14 31.86 12.07
C GLY A 280 -55.90 32.99 11.39
N GLU A 281 -55.43 33.40 10.22
CA GLU A 281 -56.05 34.50 9.47
C GLU A 281 -57.50 34.15 9.07
N SER A 282 -58.41 35.07 9.40
CA SER A 282 -59.85 34.84 9.25
C SER A 282 -60.58 36.15 9.14
N SER A 283 -61.79 36.10 8.58
CA SER A 283 -62.61 37.31 8.37
C SER A 283 -63.85 37.29 9.29
N LEU A 284 -63.78 36.47 10.32
CA LEU A 284 -64.89 36.27 11.26
C LEU A 284 -65.14 37.53 12.09
N HIS A 285 -66.42 37.82 12.34
CA HIS A 285 -66.80 38.96 13.20
C HIS A 285 -68.10 38.67 13.94
N THR A 286 -68.31 39.38 15.04
CA THR A 286 -69.56 39.24 15.79
C THR A 286 -70.70 39.84 14.98
N PRO A 287 -71.94 39.42 15.27
CA PRO A 287 -72.33 38.39 16.24
C PRO A 287 -71.99 36.98 15.78
N CYS A 288 -71.88 36.06 16.74
CA CYS A 288 -71.42 34.71 16.46
C CYS A 288 -72.22 33.61 17.15
N GLN A 289 -72.60 32.62 16.36
CA GLN A 289 -73.07 31.36 16.87
C GLN A 289 -71.83 30.47 16.92
N ILE A 290 -71.48 30.02 18.12
CA ILE A 290 -70.41 29.06 18.30
C ILE A 290 -70.99 27.71 18.77
N GLU A 291 -70.49 26.65 18.17
CA GLU A 291 -71.07 25.33 18.35
C GLU A 291 -69.99 24.28 18.56
N LEU A 292 -70.18 23.38 19.55
CA LEU A 292 -69.18 22.36 19.73
C LEU A 292 -69.57 21.08 19.01
N LEU A 293 -68.67 20.61 18.17
CA LEU A 293 -68.83 19.34 17.47
C LEU A 293 -67.93 18.31 18.13
N GLN A 294 -68.54 17.43 18.92
CA GLN A 294 -67.81 16.49 19.74
C GLN A 294 -67.13 15.43 18.88
N GLY A 295 -65.83 15.25 19.11
CA GLY A 295 -65.04 14.26 18.36
C GLY A 295 -65.13 14.38 16.85
N HIS A 296 -65.26 15.61 16.36
CA HIS A 296 -65.44 15.87 14.93
C HIS A 296 -64.21 15.47 14.11
N PHE A 297 -63.02 15.66 14.68
CA PHE A 297 -61.77 15.20 14.06
C PHE A 297 -61.24 14.00 14.83
N THR A 298 -60.48 13.17 14.14
CA THR A 298 -59.58 12.25 14.79
C THR A 298 -58.18 12.73 14.44
N MSE A 299 -57.29 12.75 15.44
CA MSE A 299 -55.95 13.31 15.28
C MSE A 299 -54.88 12.50 15.95
O MSE A 299 -55.10 11.85 16.97
CB MSE A 299 -55.89 14.73 15.80
CG MSE A 299 -56.89 15.64 15.17
SE MSE A 299 -56.59 17.51 15.53
CE MSE A 299 -54.94 17.73 14.51
N ILE A 300 -53.70 12.52 15.34
CA ILE A 300 -52.52 11.86 15.89
C ILE A 300 -52.09 12.62 17.15
N TYR A 301 -51.83 11.88 18.22
CA TYR A 301 -51.40 12.50 19.47
C TYR A 301 -50.28 11.70 20.13
N ASN A 302 -49.77 12.26 21.22
CA ASN A 302 -48.69 11.63 22.00
C ASN A 302 -49.24 11.18 23.35
N PRO A 303 -49.51 9.88 23.49
CA PRO A 303 -50.01 9.39 24.77
C PRO A 303 -48.97 9.36 25.90
N ALA A 304 -47.68 9.48 25.58
CA ALA A 304 -46.64 9.59 26.62
C ALA A 304 -46.73 10.94 27.38
N VAL A 305 -47.34 11.95 26.74
CA VAL A 305 -47.46 13.29 27.34
C VAL A 305 -48.92 13.69 27.64
N VAL A 306 -49.86 13.20 26.82
CA VAL A 306 -51.31 13.57 26.89
C VAL A 306 -52.17 12.31 26.71
N THR B 8 6.10 3.76 54.77
CA THR B 8 6.89 4.56 55.79
C THR B 8 8.41 4.34 55.55
N LYS B 9 8.89 3.10 55.73
CA LYS B 9 10.31 2.76 55.47
C LYS B 9 10.57 2.78 53.95
N THR B 10 11.03 3.93 53.50
CA THR B 10 11.66 4.09 52.20
C THR B 10 13.07 3.53 52.22
N LYS B 11 13.54 3.09 51.06
CA LYS B 11 14.95 2.77 50.85
C LYS B 11 15.83 4.02 50.65
N PHE B 12 15.20 5.16 50.37
CA PHE B 12 15.92 6.34 49.86
C PHE B 12 15.65 7.62 50.66
N GLU B 13 16.51 7.85 51.62
CA GLU B 13 16.41 9.02 52.48
C GLU B 13 16.63 10.29 51.63
N LYS B 14 17.61 10.28 50.74
CA LYS B 14 17.96 11.44 49.91
C LYS B 14 18.00 11.05 48.46
N VAL B 15 17.40 11.89 47.62
CA VAL B 15 17.29 11.62 46.19
C VAL B 15 17.78 12.80 45.37
N LEU B 16 18.50 12.50 44.29
CA LEU B 16 18.96 13.49 43.31
C LEU B 16 18.27 13.18 41.99
N LEU B 17 17.66 14.20 41.39
CA LEU B 17 17.12 14.10 40.03
C LEU B 17 17.98 15.00 39.14
N ILE B 18 18.64 14.37 38.16
CA ILE B 18 19.42 15.09 37.17
C ILE B 18 18.55 15.27 35.95
N VAL B 19 18.30 16.51 35.57
CA VAL B 19 17.44 16.82 34.45
C VAL B 19 18.29 17.37 33.30
N ASN B 20 18.19 16.72 32.14
CA ASN B 20 18.70 17.31 30.90
C ASN B 20 17.57 18.17 30.32
N PRO B 21 17.71 19.50 30.36
CA PRO B 21 16.61 20.38 29.92
C PRO B 21 16.22 20.20 28.45
N LYS B 22 17.17 19.78 27.62
CA LYS B 22 16.91 19.49 26.21
C LYS B 22 16.20 18.15 25.98
N ALA B 23 16.16 17.30 27.00
CA ALA B 23 15.51 15.98 26.89
C ALA B 23 14.02 16.12 26.74
N GLY B 24 13.39 15.04 26.32
CA GLY B 24 11.93 15.01 26.19
C GLY B 24 11.42 15.61 24.88
N GLN B 25 10.10 15.48 24.68
CA GLN B 25 9.50 15.96 23.45
C GLN B 25 8.96 17.36 23.65
N GLY B 26 8.29 17.56 24.77
CA GLY B 26 7.80 18.88 25.14
C GLY B 26 8.95 19.72 25.65
N ASP B 27 8.66 20.99 25.89
CA ASP B 27 9.62 21.86 26.57
C ASP B 27 9.75 21.50 28.07
N LEU B 28 10.74 22.11 28.70
CA LEU B 28 11.10 21.85 30.07
C LEU B 28 9.92 21.82 31.04
N HIS B 29 9.11 22.87 31.01
CA HIS B 29 8.01 23.04 31.98
C HIS B 29 7.00 21.88 31.90
N THR B 30 6.58 21.48 30.71
CA THR B 30 5.59 20.40 30.56
C THR B 30 6.16 19.09 31.06
N ASN B 31 7.40 18.83 30.70
CA ASN B 31 8.06 17.62 31.15
C ASN B 31 8.17 17.57 32.67
N LEU B 32 8.52 18.70 33.28
CA LEU B 32 8.68 18.78 34.72
C LEU B 32 7.35 18.64 35.44
N THR B 33 6.28 19.11 34.80
CA THR B 33 4.91 18.92 35.32
C THR B 33 4.57 17.44 35.39
N LYS B 34 5.08 16.68 34.44
CA LYS B 34 4.81 15.23 34.42
C LYS B 34 5.66 14.43 35.38
N ILE B 35 6.94 14.78 35.53
CA ILE B 35 7.85 13.94 36.29
C ILE B 35 8.14 14.39 37.71
N VAL B 36 8.07 15.68 38.01
CA VAL B 36 8.51 16.13 39.33
C VAL B 36 7.51 15.87 40.48
N PRO B 37 6.25 16.21 40.28
CA PRO B 37 5.31 16.09 41.40
C PRO B 37 5.18 14.71 42.03
N PRO B 38 5.13 13.66 41.24
CA PRO B 38 5.11 12.34 41.88
C PRO B 38 6.37 12.06 42.70
N LEU B 39 7.52 12.49 42.20
CA LEU B 39 8.79 12.30 42.91
C LEU B 39 8.81 13.16 44.17
N ALA B 40 8.37 14.40 44.04
CA ALA B 40 8.37 15.33 45.17
C ALA B 40 7.41 14.91 46.25
N ALA B 41 6.33 14.28 45.88
CA ALA B 41 5.34 13.76 46.85
C ALA B 41 5.87 12.53 47.60
N ALA B 42 6.58 11.68 46.88
CA ALA B 42 7.05 10.44 47.46
C ALA B 42 8.32 10.64 48.28
N PHE B 43 9.20 11.55 47.87
CA PHE B 43 10.54 11.64 48.46
C PHE B 43 10.71 12.98 49.12
N PRO B 44 10.70 13.00 50.46
CA PRO B 44 10.71 14.29 51.17
C PRO B 44 12.06 15.03 51.20
N ASP B 45 13.11 14.46 50.61
CA ASP B 45 14.39 15.16 50.41
C ASP B 45 14.81 14.89 48.98
N LEU B 46 14.45 15.82 48.09
CA LEU B 46 14.67 15.73 46.65
C LEU B 46 15.43 16.95 46.11
N HIS B 47 16.54 16.69 45.45
CA HIS B 47 17.41 17.70 44.90
C HIS B 47 17.36 17.58 43.38
N ILE B 48 17.03 18.68 42.69
CA ILE B 48 16.89 18.70 41.22
C ILE B 48 17.97 19.60 40.60
N LEU B 49 18.81 19.02 39.76
CA LEU B 49 19.91 19.71 39.15
C LEU B 49 19.76 19.57 37.65
N HIS B 50 19.77 20.71 36.96
CA HIS B 50 19.77 20.71 35.49
C HIS B 50 21.19 20.60 35.01
N THR B 51 21.38 19.83 33.94
CA THR B 51 22.64 19.90 33.20
C THR B 51 22.66 21.15 32.32
N LYS B 52 23.85 21.67 32.03
CA LYS B 52 24.04 22.79 31.05
C LYS B 52 24.87 22.36 29.84
N GLU B 53 25.89 21.56 30.11
CA GLU B 53 26.84 21.09 29.08
C GLU B 53 27.08 19.59 29.14
N GLN B 54 27.59 19.06 28.04
CA GLN B 54 28.12 17.69 27.99
C GLN B 54 29.07 17.53 29.17
N GLY B 55 28.94 16.42 29.87
CA GLY B 55 29.79 16.11 31.01
C GLY B 55 29.21 16.44 32.38
N ASP B 56 28.16 17.27 32.41
CA ASP B 56 27.63 17.72 33.70
C ASP B 56 27.01 16.57 34.48
N ALA B 57 26.24 15.71 33.82
CA ALA B 57 25.64 14.56 34.47
C ALA B 57 26.74 13.69 35.10
N THR B 58 27.83 13.50 34.37
CA THR B 58 28.96 12.76 34.93
C THR B 58 29.46 13.44 36.19
N LYS B 59 29.64 14.75 36.12
CA LYS B 59 30.14 15.49 37.29
C LYS B 59 29.19 15.43 38.48
N TYR B 60 27.89 15.58 38.20
CA TYR B 60 26.91 15.59 39.24
C TYR B 60 26.88 14.22 39.97
N CYS B 61 26.93 13.15 39.19
CA CYS B 61 26.98 11.79 39.73
C CYS B 61 28.16 11.62 40.63
N GLN B 62 29.30 12.15 40.19
CA GLN B 62 30.51 11.95 40.98
C GLN B 62 30.46 12.77 42.24
N GLU B 63 29.88 13.96 42.18
CA GLU B 63 29.83 14.79 43.38
C GLU B 63 28.83 14.26 44.43
N PHE B 64 27.71 13.69 43.96
CA PHE B 64 26.60 13.34 44.81
C PHE B 64 26.50 11.85 45.18
N ALA B 65 27.32 11.04 44.53
CA ALA B 65 27.37 9.61 44.78
C ALA B 65 27.46 9.25 46.28
N SER B 66 28.23 10.00 47.04
CA SER B 66 28.39 9.71 48.44
C SER B 66 27.42 10.48 49.35
N LYS B 67 26.52 11.25 48.78
CA LYS B 67 25.65 12.14 49.56
C LYS B 67 24.19 11.72 49.41
N VAL B 68 23.91 10.79 48.53
CA VAL B 68 22.55 10.56 48.09
C VAL B 68 22.32 9.07 47.97
N ASP B 69 21.06 8.63 48.04
CA ASP B 69 20.76 7.19 48.03
C ASP B 69 20.18 6.74 46.71
N LEU B 70 19.63 7.68 45.96
CA LEU B 70 19.04 7.40 44.66
C LEU B 70 19.39 8.55 43.71
N ILE B 71 19.83 8.21 42.50
CA ILE B 71 20.03 9.18 41.47
C ILE B 71 19.10 8.85 40.31
N ILE B 72 18.22 9.78 39.96
CA ILE B 72 17.33 9.61 38.85
C ILE B 72 17.86 10.45 37.70
N VAL B 73 17.99 9.88 36.51
CA VAL B 73 18.39 10.66 35.33
C VAL B 73 17.26 10.75 34.34
N PHE B 74 16.88 11.98 33.99
CA PHE B 74 15.92 12.27 32.96
C PHE B 74 16.67 12.69 31.70
N GLY B 75 16.77 11.78 30.76
CA GLY B 75 17.51 12.02 29.53
C GLY B 75 17.55 10.79 28.66
N GLY B 76 18.12 10.96 27.47
CA GLY B 76 18.26 9.86 26.54
C GLY B 76 19.49 9.00 26.79
N ASP B 77 19.79 8.13 25.83
CA ASP B 77 20.91 7.20 25.94
C ASP B 77 22.21 7.89 26.31
N GLY B 78 22.47 9.08 25.74
CA GLY B 78 23.68 9.84 26.05
C GLY B 78 23.78 10.29 27.50
N THR B 79 22.69 10.80 28.05
CA THR B 79 22.70 11.21 29.44
C THR B 79 22.84 9.99 30.39
N VAL B 80 22.20 8.90 30.04
CA VAL B 80 22.29 7.69 30.83
C VAL B 80 23.74 7.19 30.84
N PHE B 81 24.39 7.29 29.69
CA PHE B 81 25.81 6.90 29.52
C PHE B 81 26.75 7.78 30.33
N GLU B 82 26.39 9.05 30.48
CA GLU B 82 27.18 9.96 31.32
C GLU B 82 27.08 9.52 32.75
N CYS B 83 25.88 9.13 33.17
CA CYS B 83 25.70 8.61 34.54
C CYS B 83 26.41 7.28 34.76
N THR B 84 26.40 6.43 33.76
CA THR B 84 27.09 5.16 33.81
C THR B 84 28.56 5.41 34.03
N ASN B 85 29.14 6.26 33.20
CA ASN B 85 30.56 6.59 33.34
C ASN B 85 30.90 7.37 34.62
N GLY B 86 29.93 8.08 35.15
CA GLY B 86 30.12 8.77 36.40
C GLY B 86 30.19 7.84 37.60
N LEU B 87 29.24 6.90 37.69
CA LEU B 87 29.10 6.05 38.88
C LEU B 87 29.98 4.84 38.84
N ALA B 88 30.13 4.24 37.67
CA ALA B 88 30.77 2.93 37.56
C ALA B 88 32.13 2.84 38.22
N PRO B 89 32.96 3.87 38.09
CA PRO B 89 34.31 3.75 38.66
C PRO B 89 34.38 3.99 40.15
N LEU B 90 33.31 4.47 40.75
CA LEU B 90 33.32 4.84 42.15
C LEU B 90 33.18 3.65 43.09
N GLU B 91 33.69 3.81 44.30
CA GLU B 91 33.54 2.80 45.36
C GLU B 91 32.14 2.77 45.93
N ILE B 92 31.51 3.93 46.02
CA ILE B 92 30.15 4.02 46.51
C ILE B 92 29.22 4.47 45.40
N ARG B 93 28.24 3.63 45.11
CA ARG B 93 27.36 3.84 43.96
C ARG B 93 25.91 3.73 44.37
N PRO B 94 25.24 4.85 44.57
CA PRO B 94 23.82 4.71 44.88
C PRO B 94 23.02 4.11 43.77
N THR B 95 21.78 3.81 44.07
CA THR B 95 20.85 3.25 43.09
C THR B 95 20.57 4.28 42.01
N LEU B 96 20.48 3.79 40.78
CA LEU B 96 20.24 4.61 39.61
C LEU B 96 18.86 4.31 39.00
N ALA B 97 18.17 5.33 38.54
CA ALA B 97 16.88 5.15 37.86
C ALA B 97 16.83 6.02 36.61
N ILE B 98 16.09 5.57 35.60
CA ILE B 98 15.99 6.31 34.34
C ILE B 98 14.57 6.74 34.06
N ILE B 99 14.40 8.02 33.78
CA ILE B 99 13.18 8.49 33.15
C ILE B 99 13.57 8.73 31.70
N PRO B 100 12.95 7.99 30.76
CA PRO B 100 13.43 8.01 29.38
C PRO B 100 13.10 9.32 28.68
N GLY B 101 14.12 10.08 28.30
CA GLY B 101 13.95 11.41 27.70
C GLY B 101 14.57 11.57 26.33
N GLY B 102 14.95 10.48 25.72
CA GLY B 102 15.40 10.46 24.35
C GLY B 102 14.36 9.77 23.52
N THR B 103 14.75 9.35 22.32
CA THR B 103 13.85 8.61 21.41
C THR B 103 14.11 7.11 21.47
N CYS B 104 15.32 6.74 21.85
CA CYS B 104 15.71 5.37 21.89
C CYS B 104 15.54 4.74 23.29
N ASN B 105 16.30 5.23 24.27
CA ASN B 105 16.15 4.82 25.68
C ASN B 105 16.31 3.31 25.91
N ASP B 106 17.36 2.76 25.33
CA ASP B 106 17.52 1.31 25.33
C ASP B 106 17.48 0.71 26.72
N PHE B 107 18.30 1.23 27.63
CA PHE B 107 18.40 0.56 28.90
C PHE B 107 17.16 0.72 29.77
N SER B 108 16.45 1.82 29.61
CA SER B 108 15.20 1.99 30.32
C SER B 108 14.23 0.86 29.93
N ARG B 109 14.24 0.50 28.66
CA ARG B 109 13.41 -0.59 28.16
C ARG B 109 13.84 -1.92 28.76
N THR B 110 15.14 -2.13 28.89
CA THR B 110 15.67 -3.34 29.53
C THR B 110 15.08 -3.51 30.93
N LEU B 111 14.92 -2.40 31.64
CA LEU B 111 14.43 -2.39 33.00
C LEU B 111 12.93 -2.36 33.06
N GLY B 112 12.30 -2.38 31.89
CA GLY B 112 10.83 -2.38 31.80
C GLY B 112 10.18 -1.07 32.14
N VAL B 113 10.95 0.01 32.03
CA VAL B 113 10.42 1.34 32.34
C VAL B 113 9.47 1.80 31.24
N PRO B 114 8.27 2.22 31.61
CA PRO B 114 7.37 2.73 30.61
C PRO B 114 7.96 3.95 29.93
N GLN B 115 7.72 4.08 28.62
CA GLN B 115 8.18 5.26 27.87
C GLN B 115 7.37 6.52 28.13
N ASN B 116 6.17 6.36 28.68
CA ASN B 116 5.43 7.51 29.24
C ASN B 116 6.18 8.05 30.47
N ILE B 117 6.66 9.28 30.38
CA ILE B 117 7.57 9.79 31.41
C ILE B 117 6.90 9.98 32.76
N ALA B 118 5.62 10.33 32.79
CA ALA B 118 4.88 10.39 34.05
C ALA B 118 4.85 9.01 34.71
N GLU B 119 4.63 7.97 33.90
CA GLU B 119 4.55 6.63 34.43
C GLU B 119 5.94 6.17 34.89
N ALA B 120 6.98 6.61 34.17
CA ALA B 120 8.36 6.27 34.56
C ALA B 120 8.66 6.83 35.92
N ALA B 121 8.22 8.07 36.13
CA ALA B 121 8.38 8.73 37.41
C ALA B 121 7.61 7.98 38.50
N LYS B 122 6.36 7.62 38.25
CA LYS B 122 5.56 6.89 39.25
C LYS B 122 6.21 5.57 39.64
N LEU B 123 6.78 4.88 38.66
CA LEU B 123 7.43 3.60 38.88
C LEU B 123 8.50 3.72 39.96
N ILE B 124 9.26 4.82 39.90
CA ILE B 124 10.38 5.02 40.81
C ILE B 124 9.85 5.04 42.24
N THR B 125 8.69 5.65 42.43
CA THR B 125 8.11 5.75 43.77
C THR B 125 7.71 4.39 44.36
N LYS B 126 7.66 3.35 43.53
CA LYS B 126 7.38 1.99 44.01
C LYS B 126 8.63 1.27 44.54
N GLU B 127 9.82 1.80 44.20
CA GLU B 127 11.09 1.38 44.81
C GLU B 127 11.48 -0.09 44.58
N HIS B 128 11.07 -0.64 43.46
CA HIS B 128 11.53 -1.97 43.09
C HIS B 128 12.92 -1.86 42.50
N VAL B 129 13.87 -2.53 43.13
CA VAL B 129 15.28 -2.39 42.79
C VAL B 129 15.88 -3.77 42.50
N LYS B 130 16.73 -3.86 41.49
CA LYS B 130 17.49 -5.08 41.24
C LYS B 130 18.94 -4.81 40.87
N PRO B 131 19.83 -5.79 41.13
CA PRO B 131 21.20 -5.68 40.66
C PRO B 131 21.27 -5.74 39.15
N VAL B 132 22.20 -4.95 38.60
CA VAL B 132 22.41 -4.90 37.16
C VAL B 132 23.90 -5.01 36.85
N ASP B 133 24.23 -5.80 35.85
CA ASP B 133 25.60 -5.95 35.45
C ASP B 133 26.06 -4.73 34.64
N VAL B 134 27.32 -4.34 34.87
CA VAL B 134 27.95 -3.29 34.10
C VAL B 134 29.18 -3.87 33.46
N ALA B 135 29.32 -3.64 32.16
CA ALA B 135 30.46 -4.10 31.40
C ALA B 135 31.53 -3.05 31.37
N LYS B 136 32.73 -3.51 31.05
CA LYS B 136 33.92 -2.70 31.04
C LYS B 136 34.76 -3.13 29.84
N ALA B 137 35.01 -2.20 28.92
CA ALA B 137 35.84 -2.47 27.73
C ALA B 137 37.01 -1.49 27.74
N ASN B 138 38.22 -2.03 27.89
CA ASN B 138 39.43 -1.22 28.08
C ASN B 138 39.23 -0.03 29.01
N GLY B 139 38.55 -0.22 30.14
CA GLY B 139 38.28 0.90 31.07
C GLY B 139 37.11 1.82 30.75
N GLN B 140 36.50 1.66 29.58
CA GLN B 140 35.22 2.27 29.27
C GLN B 140 34.10 1.35 29.73
N HIS B 141 33.18 1.88 30.54
CA HIS B 141 32.04 1.09 30.98
C HIS B 141 30.86 1.22 30.01
N PHE B 142 30.06 0.16 29.90
CA PHE B 142 28.80 0.28 29.18
C PHE B 142 27.68 -0.56 29.77
N LEU B 143 26.45 -0.14 29.51
CA LEU B 143 25.24 -0.85 29.93
C LEU B 143 24.58 -1.65 28.81
N ASN B 144 24.56 -1.09 27.61
CA ASN B 144 23.78 -1.69 26.51
C ASN B 144 24.63 -2.63 25.68
N PHE B 145 25.59 -2.08 24.96
CA PHE B 145 26.34 -2.85 23.99
C PHE B 145 27.70 -2.25 23.61
N TRP B 146 28.46 -3.10 22.95
CA TRP B 146 29.73 -2.79 22.34
C TRP B 146 29.60 -3.39 20.95
N GLY B 147 30.09 -2.71 19.94
CA GLY B 147 29.99 -3.24 18.59
C GLY B 147 30.93 -2.65 17.56
N ILE B 148 31.33 -3.48 16.61
CA ILE B 148 32.00 -3.01 15.41
C ILE B 148 31.19 -3.40 14.17
N GLY B 149 31.26 -2.56 13.15
CA GLY B 149 30.56 -2.79 11.88
C GLY B 149 29.17 -2.18 11.83
N LEU B 150 28.84 -1.32 12.78
CA LEU B 150 27.56 -0.61 12.74
C LEU B 150 27.60 0.61 11.81
N VAL B 151 28.81 1.10 11.54
CA VAL B 151 28.95 2.39 10.83
C VAL B 151 29.39 2.15 9.39
N SER B 152 28.44 2.36 8.48
CA SER B 152 28.63 2.17 7.02
C SER B 152 28.80 3.51 6.27
N GLU B 153 29.66 3.49 5.24
CA GLU B 153 29.95 4.72 4.44
C GLU B 153 28.79 5.17 3.55
N VAL B 154 27.99 4.22 3.03
CA VAL B 154 26.83 4.55 2.17
C VAL B 154 25.75 5.39 2.90
N SER B 155 25.84 5.43 4.23
CA SER B 155 24.95 6.26 5.06
C SER B 155 25.36 7.74 5.13
N ASN B 156 26.64 8.03 4.87
CA ASN B 156 27.16 9.41 5.00
C ASN B 156 26.39 10.37 4.09
N ASN B 157 25.79 11.41 4.68
CA ASN B 157 24.94 12.39 3.99
C ASN B 157 23.61 11.82 3.46
N ILE B 158 22.91 11.05 4.30
CA ILE B 158 21.54 10.58 4.03
C ILE B 158 20.81 10.26 5.36
N ASP B 159 19.48 10.30 5.36
CA ASP B 159 18.63 9.83 6.49
C ASP B 159 18.91 10.49 7.87
N ALA B 160 19.11 11.81 7.89
CA ALA B 160 19.46 12.53 9.13
C ALA B 160 18.37 12.46 10.19
N GLU B 161 17.12 12.64 9.76
CA GLU B 161 15.95 12.60 10.66
C GLU B 161 15.68 11.18 11.23
N GLU B 162 15.94 10.15 10.43
CA GLU B 162 15.81 8.76 10.88
C GLU B 162 16.99 8.36 11.79
N LYS B 163 18.19 8.89 11.51
CA LYS B 163 19.37 8.62 12.36
C LYS B 163 19.20 9.19 13.75
N ALA B 164 18.97 10.51 13.82
CA ALA B 164 18.76 11.23 15.07
C ALA B 164 17.59 10.64 15.84
N LYS B 165 16.46 10.50 15.15
CA LYS B 165 15.30 9.81 15.68
C LYS B 165 15.63 8.39 16.19
N LEU B 166 16.40 7.59 15.45
CA LEU B 166 16.38 6.18 15.84
C LEU B 166 17.54 5.69 16.71
N GLY B 167 18.71 6.34 16.63
CA GLY B 167 19.91 5.86 17.31
C GLY B 167 20.73 4.97 16.38
N LYS B 168 21.97 4.70 16.79
CA LYS B 168 22.90 3.92 15.96
C LYS B 168 22.39 2.53 15.57
N ILE B 169 21.95 1.75 16.56
CA ILE B 169 21.44 0.40 16.31
C ILE B 169 20.08 0.44 15.60
N GLY B 170 19.21 1.35 16.04
CA GLY B 170 17.88 1.53 15.43
C GLY B 170 17.95 1.85 13.94
N TYR B 171 18.89 2.73 13.58
CA TYR B 171 19.11 3.09 12.18
C TYR B 171 19.66 1.92 11.38
N TYR B 172 20.64 1.25 11.96
CA TYR B 172 21.24 0.08 11.35
C TYR B 172 20.18 -0.97 11.01
N LEU B 173 19.31 -1.26 11.98
CA LEU B 173 18.26 -2.27 11.82
C LEU B 173 17.18 -1.87 10.78
N SER B 174 16.87 -0.58 10.73
CA SER B 174 15.90 -0.05 9.75
C SER B 174 16.41 -0.12 8.31
N THR B 175 17.74 -0.06 8.13
CA THR B 175 18.36 -0.01 6.80
C THR B 175 19.15 -1.26 6.43
N ILE B 176 19.08 -2.30 7.27
CA ILE B 176 19.88 -3.52 7.05
C ILE B 176 19.43 -4.23 5.74
N ARG B 177 18.17 -4.02 5.35
CA ARG B 177 17.64 -4.49 4.05
C ARG B 177 18.32 -3.82 2.85
N THR B 178 18.48 -2.50 2.93
CA THR B 178 18.87 -1.69 1.76
C THR B 178 20.37 -1.35 1.62
N VAL B 179 21.20 -1.75 2.57
CA VAL B 179 22.59 -1.31 2.57
C VAL B 179 23.40 -2.05 1.50
N LYS B 180 24.32 -1.32 0.84
CA LYS B 180 25.23 -1.86 -0.17
C LYS B 180 26.17 -2.85 0.50
N ASN B 181 26.47 -3.96 -0.18
CA ASN B 181 27.21 -5.10 0.45
C ASN B 181 28.28 -4.59 1.42
N ALA B 182 28.10 -4.92 2.70
CA ALA B 182 28.90 -4.32 3.75
C ALA B 182 30.32 -4.85 3.71
N GLU B 183 31.18 -4.09 4.35
CA GLU B 183 32.59 -4.39 4.39
C GLU B 183 32.81 -5.60 5.32
N THR B 184 33.67 -6.52 4.93
CA THR B 184 34.04 -7.65 5.78
C THR B 184 35.40 -7.40 6.41
N PHE B 185 35.65 -8.10 7.49
CA PHE B 185 36.94 -8.01 8.19
C PHE B 185 37.18 -9.25 9.04
N PRO B 186 38.46 -9.65 9.19
CA PRO B 186 38.76 -10.80 10.04
C PRO B 186 38.74 -10.41 11.51
N VAL B 187 38.30 -11.34 12.34
CA VAL B 187 38.22 -11.11 13.77
C VAL B 187 38.67 -12.34 14.54
N LYS B 188 39.42 -12.12 15.61
CA LYS B 188 39.81 -13.18 16.55
C LYS B 188 39.23 -12.84 17.92
N ILE B 189 38.35 -13.70 18.42
CA ILE B 189 37.70 -13.48 19.72
C ILE B 189 38.12 -14.57 20.69
N THR B 190 38.77 -14.16 21.78
CA THR B 190 39.09 -15.06 22.87
C THR B 190 38.06 -14.88 23.97
N TYR B 191 37.33 -15.94 24.27
CA TYR B 191 36.27 -15.88 25.29
C TYR B 191 36.36 -17.04 26.30
N ASP B 192 36.67 -16.70 27.54
CA ASP B 192 36.74 -17.65 28.65
C ASP B 192 37.51 -18.92 28.30
N GLY B 193 38.75 -18.78 27.84
CA GLY B 193 39.56 -19.94 27.46
C GLY B 193 39.24 -20.59 26.12
N GLN B 194 38.33 -20.01 25.35
CA GLN B 194 38.02 -20.52 24.02
C GLN B 194 38.32 -19.48 22.96
N VAL B 195 38.53 -19.92 21.73
CA VAL B 195 38.89 -19.03 20.64
C VAL B 195 37.88 -19.16 19.50
N TYR B 196 37.67 -18.04 18.81
CA TYR B 196 36.83 -17.99 17.62
C TYR B 196 37.47 -17.04 16.61
N GLU B 197 37.62 -17.53 15.39
CA GLU B 197 38.31 -16.78 14.35
C GLU B 197 37.60 -16.99 13.02
N ASP B 198 37.24 -15.90 12.38
CA ASP B 198 36.44 -15.96 11.16
C ASP B 198 36.42 -14.60 10.49
N GLU B 199 35.92 -14.57 9.26
CA GLU B 199 35.65 -13.31 8.56
C GLU B 199 34.22 -12.84 8.92
N ALA B 200 34.11 -11.56 9.31
CA ALA B 200 32.86 -11.03 9.85
C ALA B 200 32.41 -9.73 9.19
N VAL B 201 31.11 -9.45 9.31
CA VAL B 201 30.50 -8.18 8.91
C VAL B 201 30.09 -7.35 10.12
N LEU B 202 29.85 -8.03 11.24
CA LEU B 202 29.36 -7.40 12.45
C LEU B 202 29.81 -8.20 13.66
N VAL B 203 30.36 -7.51 14.65
CA VAL B 203 30.68 -8.14 15.94
C VAL B 203 30.03 -7.33 17.07
N MSE B 204 29.17 -7.99 17.85
CA MSE B 204 28.48 -7.36 18.97
C MSE B 204 28.81 -8.06 20.28
O MSE B 204 28.98 -9.29 20.33
CB MSE B 204 26.96 -7.43 18.80
CG MSE B 204 26.42 -6.75 17.54
SE MSE B 204 26.26 -4.82 17.67
CE MSE B 204 24.97 -4.77 19.12
N VAL B 205 28.91 -7.28 21.34
CA VAL B 205 28.92 -7.81 22.67
C VAL B 205 27.81 -7.09 23.38
N GLY B 206 26.77 -7.84 23.75
CA GLY B 206 25.55 -7.27 24.28
C GLY B 206 25.41 -7.50 25.76
N ASN B 207 25.02 -6.44 26.48
CA ASN B 207 24.67 -6.55 27.88
C ASN B 207 23.19 -6.36 28.10
N GLY B 208 22.61 -5.38 27.42
CA GLY B 208 21.21 -5.01 27.63
C GLY B 208 20.26 -5.85 26.83
N GLU B 209 18.97 -5.75 27.16
CA GLU B 209 17.97 -6.63 26.59
C GLU B 209 17.20 -5.96 25.44
N TYR B 210 17.48 -4.69 25.23
CA TYR B 210 16.90 -3.91 24.12
C TYR B 210 17.99 -3.21 23.36
N LEU B 211 17.92 -3.24 22.05
CA LEU B 211 18.84 -2.49 21.20
C LEU B 211 18.07 -1.76 20.10
N GLY B 212 18.35 -0.49 19.92
CA GLY B 212 17.64 0.34 18.95
C GLY B 212 16.14 0.49 19.19
N GLY B 213 15.71 0.44 20.44
CA GLY B 213 14.31 0.69 20.79
C GLY B 213 13.40 -0.52 20.73
N ILE B 214 13.97 -1.67 20.40
CA ILE B 214 13.21 -2.93 20.31
C ILE B 214 14.01 -4.04 20.96
N PRO B 215 13.34 -5.15 21.32
CA PRO B 215 14.10 -6.22 21.96
C PRO B 215 15.34 -6.62 21.19
N SER B 216 16.37 -6.97 21.94
CA SER B 216 17.69 -7.25 21.39
C SER B 216 17.61 -8.31 20.31
N PHE B 217 18.24 -8.03 19.18
CA PHE B 217 18.36 -9.04 18.13
C PHE B 217 19.34 -10.15 18.50
N ILE B 218 20.13 -9.94 19.54
CA ILE B 218 20.97 -10.99 20.10
C ILE B 218 20.07 -11.82 21.02
N PRO B 219 19.97 -13.13 20.78
CA PRO B 219 18.99 -13.92 21.53
C PRO B 219 19.30 -14.15 23.00
N ASN B 220 18.27 -14.09 23.82
CA ASN B 220 18.34 -14.49 25.24
C ASN B 220 19.41 -13.76 26.05
N VAL B 221 19.61 -12.48 25.73
CA VAL B 221 20.54 -11.65 26.49
C VAL B 221 19.84 -11.30 27.81
N LYS B 222 20.60 -11.35 28.89
CA LYS B 222 20.10 -10.85 30.18
C LYS B 222 21.12 -9.86 30.78
N CYS B 223 20.61 -8.79 31.37
CA CYS B 223 21.45 -7.76 31.94
C CYS B 223 21.90 -8.04 33.35
N ASP B 224 21.45 -9.15 33.92
CA ASP B 224 21.76 -9.47 35.30
C ASP B 224 22.12 -10.92 35.56
N ASP B 225 22.64 -11.58 34.53
CA ASP B 225 22.95 -13.02 34.60
C ASP B 225 24.43 -13.31 34.78
N GLY B 226 25.21 -12.26 34.98
CA GLY B 226 26.65 -12.40 35.22
C GLY B 226 27.49 -12.70 33.99
N THR B 227 26.87 -12.59 32.82
CA THR B 227 27.54 -12.91 31.58
C THR B 227 27.11 -12.02 30.37
N LEU B 228 28.03 -11.87 29.41
CA LEU B 228 27.82 -11.03 28.23
C LEU B 228 27.60 -11.92 27.03
N ASP B 229 26.96 -11.38 26.01
CA ASP B 229 26.63 -12.15 24.81
C ASP B 229 27.44 -11.66 23.61
N ILE B 230 28.31 -12.54 23.09
CA ILE B 230 29.06 -12.30 21.86
C ILE B 230 28.20 -12.74 20.69
N PHE B 231 28.20 -11.94 19.63
CA PHE B 231 27.34 -12.17 18.50
C PHE B 231 28.06 -11.67 17.26
N VAL B 232 28.40 -12.60 16.38
CA VAL B 232 29.13 -12.30 15.15
C VAL B 232 28.30 -12.68 13.92
N VAL B 233 28.12 -11.74 12.99
CA VAL B 233 27.48 -12.04 11.71
C VAL B 233 28.63 -12.25 10.75
N LYS B 234 28.70 -13.46 10.19
CA LYS B 234 29.81 -13.85 9.34
C LYS B 234 29.66 -13.21 7.98
N SER B 235 30.77 -13.12 7.25
CA SER B 235 30.77 -12.61 5.87
C SER B 235 29.78 -13.35 4.96
N THR B 236 29.61 -14.65 5.19
CA THR B 236 28.69 -15.51 4.42
C THR B 236 27.21 -15.33 4.82
N GLY B 237 26.96 -14.73 5.97
CA GLY B 237 25.61 -14.68 6.55
C GLY B 237 24.83 -13.39 6.37
N ILE B 238 25.22 -12.56 5.41
CA ILE B 238 24.55 -11.28 5.19
C ILE B 238 23.04 -11.43 4.94
N GLN B 239 22.67 -12.32 4.03
CA GLN B 239 21.26 -12.53 3.69
C GLN B 239 20.48 -13.17 4.85
N ALA B 240 21.08 -14.18 5.48
CA ALA B 240 20.47 -14.85 6.65
C ALA B 240 20.14 -13.85 7.77
N PHE B 241 21.02 -12.88 7.98
CA PHE B 241 20.87 -11.84 9.01
C PHE B 241 19.73 -10.86 8.65
N LYS B 242 19.66 -10.49 7.38
CA LYS B 242 18.58 -9.63 6.88
C LYS B 242 17.22 -10.25 7.17
N ASP B 243 17.09 -11.54 6.88
CA ASP B 243 15.84 -12.27 7.11
C ASP B 243 15.53 -12.44 8.60
N TYR B 244 16.59 -12.68 9.36
CA TYR B 244 16.51 -12.83 10.82
C TYR B 244 15.90 -11.58 11.50
N ILE B 245 16.37 -10.41 11.09
CA ILE B 245 15.85 -9.12 11.58
C ILE B 245 14.40 -8.89 11.16
N GLY B 246 14.09 -9.23 9.92
CA GLY B 246 12.73 -9.10 9.41
C GLY B 246 11.74 -9.94 10.21
N LYS B 247 12.06 -11.20 10.43
CA LYS B 247 11.16 -12.11 11.16
C LYS B 247 10.94 -11.65 12.61
N LYS B 248 11.99 -11.09 13.21
CA LYS B 248 11.96 -10.61 14.60
C LYS B 248 11.64 -11.71 15.63
N LEU B 249 11.81 -12.95 15.21
CA LEU B 249 11.78 -14.08 16.13
C LEU B 249 13.26 -14.25 16.40
N PHE B 250 13.69 -13.80 17.59
CA PHE B 250 15.10 -13.69 17.92
C PHE B 250 15.53 -14.84 18.82
N GLU B 251 15.61 -16.02 18.22
CA GLU B 251 16.10 -17.21 18.88
C GLU B 251 17.32 -17.72 18.13
N ASP B 252 17.95 -18.77 18.65
CA ASP B 252 19.21 -19.26 18.10
C ASP B 252 19.04 -20.10 16.85
N SER B 253 19.36 -19.48 15.71
CA SER B 253 19.38 -20.16 14.40
C SER B 253 20.32 -19.44 13.40
N ASN B 254 20.49 -20.05 12.22
CA ASN B 254 21.55 -19.70 11.25
C ASN B 254 22.96 -20.00 11.79
N GLU B 255 23.06 -20.95 12.72
CA GLU B 255 24.36 -21.40 13.27
C GLU B 255 25.46 -21.52 12.20
N ASN B 256 25.07 -21.82 10.96
CA ASN B 256 25.97 -21.69 9.80
C ASN B 256 26.43 -20.26 9.56
N ASP B 257 25.49 -19.32 9.56
CA ASP B 257 25.75 -17.90 9.24
C ASP B 257 25.94 -16.95 10.46
N ILE B 258 25.47 -17.36 11.64
CA ILE B 258 25.57 -16.54 12.84
C ILE B 258 26.16 -17.31 14.03
N PHE B 259 27.08 -16.66 14.71
CA PHE B 259 27.74 -17.19 15.89
C PHE B 259 27.37 -16.42 17.17
N HIS B 260 26.87 -17.16 18.16
CA HIS B 260 26.38 -16.60 19.41
C HIS B 260 26.82 -17.41 20.60
N VAL B 261 27.49 -16.76 21.54
CA VAL B 261 27.93 -17.42 22.76
C VAL B 261 27.96 -16.45 23.93
N LYS B 262 27.82 -16.99 25.15
CA LYS B 262 27.88 -16.20 26.37
C LYS B 262 29.27 -16.30 26.96
N ALA B 263 29.78 -15.22 27.51
CA ALA B 263 31.12 -15.17 28.10
C ALA B 263 31.29 -14.03 29.11
N LYS B 264 32.20 -14.25 30.05
CA LYS B 264 32.50 -13.29 31.12
C LYS B 264 33.70 -12.42 30.77
N SER B 265 34.71 -13.03 30.17
CA SER B 265 35.98 -12.37 29.92
C SER B 265 36.35 -12.54 28.46
N ILE B 266 36.39 -11.43 27.73
CA ILE B 266 36.42 -11.43 26.27
C ILE B 266 37.51 -10.54 25.76
N HIS B 267 38.23 -11.03 24.74
CA HIS B 267 39.23 -10.23 24.06
C HIS B 267 38.98 -10.24 22.57
N ILE B 268 38.85 -9.05 21.98
CA ILE B 268 38.50 -8.92 20.56
C ILE B 268 39.60 -8.21 19.79
N GLU B 269 40.08 -8.89 18.75
CA GLU B 269 41.17 -8.41 17.89
C GLU B 269 40.76 -8.34 16.43
N THR B 270 41.14 -7.25 15.78
CA THR B 270 40.98 -7.09 14.33
C THR B 270 42.33 -6.90 13.66
N GLU B 271 42.37 -7.05 12.35
CA GLU B 271 43.62 -6.93 11.58
C GLU B 271 44.20 -5.51 11.74
N GLU B 272 43.36 -4.50 11.50
CA GLU B 272 43.72 -3.09 11.77
C GLU B 272 42.81 -2.53 12.86
N GLU B 273 43.29 -1.52 13.58
CA GLU B 273 42.47 -0.82 14.59
C GLU B 273 41.14 -0.40 13.99
N LYS B 274 40.05 -0.85 14.60
CA LYS B 274 38.70 -0.48 14.20
C LYS B 274 38.04 0.34 15.32
N GLU B 275 37.31 1.38 14.92
CA GLU B 275 36.54 2.22 15.84
C GLU B 275 35.34 1.42 16.39
N VAL B 276 35.17 1.44 17.70
CA VAL B 276 34.10 0.69 18.36
C VAL B 276 32.93 1.63 18.67
N ASP B 277 31.73 1.12 18.48
CA ASP B 277 30.52 1.84 18.84
C ASP B 277 29.98 1.29 20.17
N THR B 278 29.46 2.18 21.00
CA THR B 278 28.91 1.80 22.29
C THR B 278 27.74 2.70 22.68
N ASP B 279 27.39 2.73 23.96
CA ASP B 279 26.14 3.40 24.40
C ASP B 279 26.05 4.88 23.99
N GLY B 280 27.18 5.56 24.01
CA GLY B 280 27.24 6.97 23.68
C GLY B 280 28.59 7.32 23.09
N GLU B 281 28.87 8.61 22.96
CA GLU B 281 30.11 9.08 22.34
C GLU B 281 31.30 8.54 23.13
N SER B 282 32.27 8.00 22.40
CA SER B 282 33.43 7.35 22.97
C SER B 282 34.58 7.30 21.98
N SER B 283 35.79 7.12 22.51
CA SER B 283 37.00 7.05 21.69
C SER B 283 37.61 5.64 21.70
N LEU B 284 36.79 4.67 22.03
CA LEU B 284 37.22 3.28 22.14
C LEU B 284 37.52 2.67 20.76
N HIS B 285 38.54 1.82 20.71
CA HIS B 285 38.91 1.10 19.48
C HIS B 285 39.57 -0.24 19.79
N THR B 286 39.49 -1.16 18.83
CA THR B 286 40.13 -2.47 18.97
C THR B 286 41.65 -2.32 18.91
N PRO B 287 42.38 -3.27 19.50
CA PRO B 287 41.90 -4.43 20.24
C PRO B 287 41.32 -4.09 21.61
N CYS B 288 40.45 -4.97 22.09
CA CYS B 288 39.69 -4.73 23.32
C CYS B 288 39.64 -5.91 24.26
N GLN B 289 39.96 -5.64 25.52
CA GLN B 289 39.64 -6.53 26.64
C GLN B 289 38.30 -6.10 27.19
N ILE B 290 37.32 -6.97 27.07
CA ILE B 290 35.99 -6.73 27.65
C ILE B 290 35.76 -7.65 28.85
N GLU B 291 35.23 -7.06 29.91
CA GLU B 291 35.10 -7.70 31.20
C GLU B 291 33.74 -7.34 31.83
N LEU B 292 33.13 -8.23 32.59
CA LEU B 292 31.83 -7.97 33.19
C LEU B 292 31.92 -7.78 34.68
N LEU B 293 31.26 -6.74 35.19
CA LEU B 293 31.14 -6.47 36.62
C LEU B 293 29.74 -6.87 37.07
N GLN B 294 29.64 -8.00 37.76
CA GLN B 294 28.35 -8.59 38.11
C GLN B 294 27.68 -7.76 39.18
N GLY B 295 26.44 -7.40 38.93
CA GLY B 295 25.63 -6.60 39.86
C GLY B 295 26.29 -5.32 40.34
N HIS B 296 27.06 -4.68 39.46
CA HIS B 296 27.82 -3.46 39.79
C HIS B 296 26.91 -2.28 40.14
N PHE B 297 25.77 -2.21 39.48
CA PHE B 297 24.78 -1.19 39.80
C PHE B 297 23.59 -1.85 40.42
N THR B 298 22.86 -1.11 41.23
CA THR B 298 21.50 -1.46 41.59
C THR B 298 20.61 -0.40 40.94
N MSE B 299 19.52 -0.82 40.32
CA MSE B 299 18.66 0.06 39.56
C MSE B 299 17.18 -0.21 39.77
O MSE B 299 16.76 -1.34 39.97
CB MSE B 299 18.97 -0.04 38.08
CG MSE B 299 20.44 0.24 37.76
SE MSE B 299 20.83 0.51 35.87
CE MSE B 299 19.74 2.10 35.62
N ILE B 300 16.39 0.85 39.67
CA ILE B 300 14.95 0.78 39.72
C ILE B 300 14.46 0.05 38.48
N TYR B 301 13.55 -0.89 38.67
CA TYR B 301 12.99 -1.64 37.54
C TYR B 301 11.49 -1.85 37.72
N ASN B 302 10.88 -2.44 36.69
CA ASN B 302 9.45 -2.75 36.69
C ASN B 302 9.23 -4.26 36.71
N PRO B 303 8.93 -4.82 37.89
CA PRO B 303 8.69 -6.25 37.98
C PRO B 303 7.39 -6.74 37.32
N ALA B 304 6.48 -5.84 37.00
CA ALA B 304 5.26 -6.20 36.23
C ALA B 304 5.58 -6.59 34.79
N VAL B 305 6.74 -6.14 34.29
CA VAL B 305 7.16 -6.37 32.91
C VAL B 305 8.41 -7.24 32.71
N VAL B 306 9.45 -7.14 33.56
CA VAL B 306 10.73 -7.85 33.29
C VAL B 306 11.23 -8.75 34.43
N ALA C 6 52.20 -10.94 -50.48
CA ALA C 6 51.06 -10.49 -49.62
C ALA C 6 51.43 -10.60 -48.12
N MSE C 7 51.34 -9.46 -47.42
CA MSE C 7 51.57 -9.40 -45.97
C MSE C 7 50.26 -9.27 -45.18
O MSE C 7 50.18 -8.50 -44.21
CB MSE C 7 52.55 -8.26 -45.60
CG MSE C 7 53.95 -8.35 -46.27
SE MSE C 7 54.81 -10.14 -46.34
CE MSE C 7 55.19 -10.43 -44.46
N THR C 8 49.25 -10.04 -45.59
CA THR C 8 47.99 -10.15 -44.85
C THR C 8 47.67 -11.62 -44.55
N LYS C 9 47.06 -11.87 -43.39
CA LYS C 9 46.44 -13.15 -43.12
C LYS C 9 44.97 -12.89 -42.84
N THR C 10 44.06 -13.69 -43.45
CA THR C 10 42.66 -13.38 -43.26
C THR C 10 42.17 -13.92 -41.93
N LYS C 11 41.27 -13.17 -41.32
CA LYS C 11 40.51 -13.63 -40.16
C LYS C 11 39.36 -14.58 -40.54
N PHE C 12 38.97 -14.58 -41.81
CA PHE C 12 37.71 -15.22 -42.24
C PHE C 12 37.91 -16.25 -43.34
N GLU C 13 38.05 -17.51 -42.95
CA GLU C 13 38.24 -18.60 -43.90
C GLU C 13 37.00 -18.78 -44.81
N LYS C 14 35.80 -18.67 -44.20
CA LYS C 14 34.52 -18.86 -44.89
C LYS C 14 33.56 -17.73 -44.61
N VAL C 15 32.93 -17.22 -45.66
CA VAL C 15 32.07 -16.06 -45.53
C VAL C 15 30.69 -16.35 -46.12
N LEU C 16 29.67 -15.83 -45.47
CA LEU C 16 28.28 -15.88 -45.96
C LEU C 16 27.81 -14.46 -46.22
N LEU C 17 27.27 -14.22 -47.41
CA LEU C 17 26.63 -12.94 -47.71
C LEU C 17 25.13 -13.19 -47.87
N ILE C 18 24.34 -12.57 -47.01
CA ILE C 18 22.91 -12.68 -47.05
C ILE C 18 22.39 -11.47 -47.79
N VAL C 19 21.70 -11.69 -48.90
CA VAL C 19 21.21 -10.60 -49.73
C VAL C 19 19.70 -10.53 -49.62
N ASN C 20 19.19 -9.37 -49.22
CA ASN C 20 17.77 -9.10 -49.39
C ASN C 20 17.59 -8.51 -50.77
N PRO C 21 16.97 -9.25 -51.69
CA PRO C 21 16.86 -8.77 -53.07
C PRO C 21 16.09 -7.46 -53.21
N LYS C 22 15.16 -7.21 -52.30
CA LYS C 22 14.38 -5.96 -52.32
C LYS C 22 15.18 -4.76 -51.77
N ALA C 23 16.30 -5.03 -51.13
CA ALA C 23 17.13 -3.97 -50.54
C ALA C 23 17.77 -3.13 -51.62
N GLY C 24 18.26 -1.96 -51.21
CA GLY C 24 18.95 -1.08 -52.11
C GLY C 24 18.05 -0.13 -52.85
N GLN C 25 18.71 0.89 -53.39
CA GLN C 25 18.06 2.01 -54.07
C GLN C 25 17.16 1.45 -55.18
N GLY C 26 17.76 0.71 -56.10
CA GLY C 26 16.99 0.08 -57.21
C GLY C 26 17.38 -1.36 -57.51
N ASP C 27 17.97 -1.54 -58.69
CA ASP C 27 18.07 -2.84 -59.32
C ASP C 27 18.98 -3.83 -58.59
N LEU C 28 18.52 -5.09 -58.51
CA LEU C 28 19.26 -6.19 -57.91
C LEU C 28 20.59 -6.49 -58.61
N HIS C 29 20.60 -6.55 -59.93
CA HIS C 29 21.82 -6.79 -60.72
C HIS C 29 22.85 -5.69 -60.41
N THR C 30 22.37 -4.44 -60.40
CA THR C 30 23.24 -3.26 -60.18
C THR C 30 23.83 -3.27 -58.79
N ASN C 31 23.02 -3.58 -57.79
CA ASN C 31 23.49 -3.67 -56.43
C ASN C 31 24.57 -4.75 -56.29
N LEU C 32 24.32 -5.91 -56.90
CA LEU C 32 25.25 -7.04 -56.83
C LEU C 32 26.55 -6.73 -57.56
N THR C 33 26.46 -5.93 -58.63
CA THR C 33 27.64 -5.48 -59.35
C THR C 33 28.55 -4.63 -58.45
N LYS C 34 27.93 -3.89 -57.56
CA LYS C 34 28.66 -3.01 -56.64
C LYS C 34 29.23 -3.76 -55.44
N ILE C 35 28.49 -4.73 -54.89
CA ILE C 35 28.91 -5.34 -53.62
C ILE C 35 29.58 -6.71 -53.72
N VAL C 36 29.29 -7.50 -54.74
CA VAL C 36 29.82 -8.86 -54.74
C VAL C 36 31.28 -8.97 -55.18
N PRO C 37 31.67 -8.37 -56.31
CA PRO C 37 33.03 -8.55 -56.79
C PRO C 37 34.15 -8.25 -55.80
N PRO C 38 34.06 -7.16 -55.04
CA PRO C 38 35.11 -6.93 -54.04
C PRO C 38 35.14 -8.05 -53.00
N LEU C 39 33.98 -8.54 -52.61
CA LEU C 39 33.90 -9.60 -51.61
C LEU C 39 34.41 -10.90 -52.17
N ALA C 40 34.00 -11.20 -53.41
CA ALA C 40 34.45 -12.45 -54.06
C ALA C 40 35.96 -12.44 -54.32
N ALA C 41 36.53 -11.27 -54.59
CA ALA C 41 37.98 -11.13 -54.82
C ALA C 41 38.77 -11.37 -53.54
N ALA C 42 38.25 -10.83 -52.44
CA ALA C 42 38.94 -10.89 -51.15
C ALA C 42 38.78 -12.23 -50.44
N PHE C 43 37.62 -12.87 -50.60
CA PHE C 43 37.27 -14.06 -49.80
C PHE C 43 37.07 -15.29 -50.66
N PRO C 44 38.04 -16.20 -50.67
CA PRO C 44 38.01 -17.30 -51.66
C PRO C 44 37.00 -18.40 -51.36
N ASP C 45 36.25 -18.27 -50.26
CA ASP C 45 35.14 -19.19 -49.98
C ASP C 45 33.97 -18.34 -49.55
N LEU C 46 33.13 -18.00 -50.52
CA LEU C 46 32.01 -17.05 -50.33
C LEU C 46 30.71 -17.71 -50.77
N HIS C 47 29.71 -17.66 -49.89
CA HIS C 47 28.42 -18.25 -50.13
C HIS C 47 27.40 -17.10 -50.14
N ILE C 48 26.55 -17.04 -51.17
CA ILE C 48 25.58 -15.97 -51.30
C ILE C 48 24.17 -16.56 -51.29
N LEU C 49 23.38 -16.14 -50.32
CA LEU C 49 22.01 -16.61 -50.18
C LEU C 49 21.06 -15.41 -50.26
N HIS C 50 20.07 -15.51 -51.13
CA HIS C 50 19.00 -14.52 -51.15
C HIS C 50 17.92 -14.90 -50.17
N THR C 51 17.36 -13.91 -49.50
CA THR C 51 16.13 -14.12 -48.75
C THR C 51 14.96 -14.12 -49.71
N LYS C 52 13.89 -14.86 -49.37
CA LYS C 52 12.61 -14.80 -50.12
C LYS C 52 11.49 -14.20 -49.26
N GLU C 53 11.46 -14.58 -47.99
CA GLU C 53 10.40 -14.18 -47.06
C GLU C 53 10.92 -13.63 -45.76
N GLN C 54 10.07 -12.90 -45.06
CA GLN C 54 10.34 -12.48 -43.68
C GLN C 54 10.74 -13.73 -42.87
N GLY C 55 11.83 -13.60 -42.12
CA GLY C 55 12.33 -14.72 -41.30
C GLY C 55 13.48 -15.50 -41.90
N ASP C 56 13.74 -15.31 -43.19
CA ASP C 56 14.76 -16.12 -43.86
C ASP C 56 16.16 -15.79 -43.32
N ALA C 57 16.47 -14.50 -43.23
CA ALA C 57 17.74 -14.07 -42.69
C ALA C 57 17.99 -14.73 -41.34
N THR C 58 16.97 -14.75 -40.49
CA THR C 58 17.08 -15.36 -39.16
C THR C 58 17.46 -16.81 -39.35
N LYS C 59 16.73 -17.50 -40.23
CA LYS C 59 16.99 -18.94 -40.45
C LYS C 59 18.40 -19.20 -41.00
N TYR C 60 18.83 -18.36 -41.93
CA TYR C 60 20.13 -18.53 -42.52
C TYR C 60 21.24 -18.34 -41.48
N CYS C 61 21.10 -17.30 -40.67
CA CYS C 61 22.06 -17.05 -39.58
C CYS C 61 22.13 -18.26 -38.67
N GLN C 62 20.99 -18.82 -38.32
CA GLN C 62 20.97 -19.95 -37.40
C GLN C 62 21.57 -21.20 -38.01
N GLU C 63 21.33 -21.40 -39.30
CA GLU C 63 21.89 -22.58 -39.96
C GLU C 63 23.40 -22.49 -40.16
N PHE C 64 23.90 -21.29 -40.47
CA PHE C 64 25.29 -21.08 -40.87
C PHE C 64 26.23 -20.56 -39.77
N ALA C 65 25.65 -20.20 -38.63
CA ALA C 65 26.44 -19.71 -37.47
C ALA C 65 27.62 -20.59 -37.17
N SER C 66 27.44 -21.89 -37.23
CA SER C 66 28.50 -22.84 -36.86
C SER C 66 29.33 -23.31 -38.07
N LYS C 67 29.05 -22.78 -39.25
CA LYS C 67 29.71 -23.25 -40.48
C LYS C 67 30.57 -22.18 -41.13
N VAL C 68 30.52 -20.97 -40.60
CA VAL C 68 31.02 -19.81 -41.28
C VAL C 68 31.71 -18.88 -40.27
N ASP C 69 32.61 -18.04 -40.74
CA ASP C 69 33.41 -17.19 -39.85
C ASP C 69 32.97 -15.76 -39.89
N LEU C 70 32.31 -15.37 -40.97
CA LEU C 70 31.78 -14.03 -41.14
C LEU C 70 30.43 -14.14 -41.82
N ILE C 71 29.47 -13.36 -41.34
CA ILE C 71 28.17 -13.23 -42.00
C ILE C 71 28.00 -11.77 -42.37
N ILE C 72 27.83 -11.49 -43.65
CA ILE C 72 27.55 -10.15 -44.13
C ILE C 72 26.08 -10.07 -44.50
N VAL C 73 25.37 -9.05 -44.01
CA VAL C 73 23.95 -8.84 -44.36
C VAL C 73 23.79 -7.58 -45.19
N PHE C 74 23.25 -7.75 -46.40
CA PHE C 74 22.88 -6.63 -47.27
C PHE C 74 21.39 -6.38 -47.17
N GLY C 75 21.03 -5.38 -46.38
CA GLY C 75 19.64 -5.05 -46.12
C GLY C 75 19.53 -3.87 -45.18
N GLY C 76 18.30 -3.43 -44.95
CA GLY C 76 18.00 -2.34 -44.06
C GLY C 76 17.87 -2.77 -42.61
N ASP C 77 17.36 -1.85 -41.79
CA ASP C 77 17.24 -2.09 -40.34
C ASP C 77 16.52 -3.42 -40.03
N GLY C 78 15.47 -3.74 -40.77
CA GLY C 78 14.69 -4.97 -40.56
C GLY C 78 15.50 -6.23 -40.79
N THR C 79 16.26 -6.27 -41.87
CA THR C 79 17.07 -7.44 -42.15
C THR C 79 18.19 -7.57 -41.11
N VAL C 80 18.79 -6.44 -40.72
CA VAL C 80 19.85 -6.45 -39.71
C VAL C 80 19.30 -7.00 -38.39
N PHE C 81 18.06 -6.63 -38.08
CA PHE C 81 17.37 -7.07 -36.87
C PHE C 81 17.08 -8.56 -36.90
N GLU C 82 16.79 -9.08 -38.08
CA GLU C 82 16.60 -10.53 -38.25
C GLU C 82 17.90 -11.26 -37.93
N CYS C 83 19.02 -10.70 -38.40
CA CYS C 83 20.34 -11.28 -38.10
C CYS C 83 20.67 -11.20 -36.62
N THR C 84 20.36 -10.06 -36.02
CA THR C 84 20.54 -9.87 -34.57
C THR C 84 19.81 -10.95 -33.77
N ASN C 85 18.54 -11.13 -34.09
CA ASN C 85 17.72 -12.16 -33.45
C ASN C 85 18.13 -13.58 -33.79
N GLY C 86 18.73 -13.76 -34.96
CA GLY C 86 19.23 -15.07 -35.34
C GLY C 86 20.47 -15.48 -34.57
N LEU C 87 21.45 -14.58 -34.50
CA LEU C 87 22.76 -14.92 -33.87
C LEU C 87 22.75 -14.80 -32.36
N ALA C 88 22.11 -13.74 -31.85
CA ALA C 88 22.21 -13.39 -30.42
C ALA C 88 22.01 -14.55 -29.46
N PRO C 89 21.00 -15.41 -29.69
CA PRO C 89 20.76 -16.51 -28.73
C PRO C 89 21.69 -17.69 -28.85
N LEU C 90 22.53 -17.70 -29.88
CA LEU C 90 23.38 -18.85 -30.13
C LEU C 90 24.66 -18.84 -29.30
N GLU C 91 25.17 -20.05 -28.99
CA GLU C 91 26.44 -20.21 -28.30
C GLU C 91 27.64 -19.83 -29.18
N ILE C 92 27.55 -20.09 -30.48
CA ILE C 92 28.59 -19.73 -31.41
C ILE C 92 28.13 -18.67 -32.40
N ARG C 93 28.82 -17.53 -32.40
CA ARG C 93 28.34 -16.40 -33.14
C ARG C 93 29.48 -15.86 -33.96
N PRO C 94 29.50 -16.14 -35.26
CA PRO C 94 30.51 -15.49 -36.07
C PRO C 94 30.39 -13.96 -36.15
N THR C 95 31.40 -13.35 -36.72
CA THR C 95 31.44 -11.90 -36.86
C THR C 95 30.39 -11.51 -37.85
N LEU C 96 29.77 -10.37 -37.60
CA LEU C 96 28.67 -9.85 -38.42
C LEU C 96 29.07 -8.54 -39.05
N ALA C 97 28.69 -8.33 -40.31
CA ALA C 97 28.96 -7.06 -41.01
C ALA C 97 27.69 -6.63 -41.74
N ILE C 98 27.54 -5.32 -41.94
CA ILE C 98 26.38 -4.75 -42.58
C ILE C 98 26.75 -4.00 -43.84
N ILE C 99 26.10 -4.34 -44.95
CA ILE C 99 26.09 -3.45 -46.09
C ILE C 99 24.72 -2.80 -46.08
N PRO C 100 24.67 -1.47 -45.95
CA PRO C 100 23.41 -0.78 -45.69
C PRO C 100 22.53 -0.73 -46.92
N GLY C 101 21.39 -1.40 -46.85
CA GLY C 101 20.49 -1.55 -47.99
C GLY C 101 19.11 -1.01 -47.78
N GLY C 102 18.91 -0.30 -46.68
CA GLY C 102 17.66 0.43 -46.42
C GLY C 102 17.89 1.92 -46.58
N THR C 103 17.00 2.71 -46.01
CA THR C 103 17.14 4.17 -46.07
C THR C 103 17.70 4.72 -44.77
N CYS C 104 17.48 3.98 -43.69
CA CYS C 104 17.89 4.39 -42.36
C CYS C 104 19.26 3.80 -41.98
N ASN C 105 19.34 2.49 -41.83
CA ASN C 105 20.62 1.81 -41.60
C ASN C 105 21.34 2.31 -40.34
N ASP C 106 20.60 2.41 -39.25
CA ASP C 106 21.13 3.02 -38.03
C ASP C 106 22.43 2.37 -37.56
N PHE C 107 22.44 1.05 -37.39
CA PHE C 107 23.59 0.44 -36.77
C PHE C 107 24.82 0.41 -37.68
N SER C 108 24.61 0.43 -39.00
CA SER C 108 25.74 0.55 -39.93
C SER C 108 26.45 1.87 -39.70
N ARG C 109 25.67 2.90 -39.42
CA ARG C 109 26.22 4.23 -39.15
C ARG C 109 26.97 4.25 -37.81
N THR C 110 26.45 3.53 -36.82
CA THR C 110 27.16 3.37 -35.55
C THR C 110 28.56 2.79 -35.77
N LEU C 111 28.66 1.85 -36.71
CA LEU C 111 29.92 1.18 -37.01
C LEU C 111 30.79 1.99 -38.00
N GLY C 112 30.30 3.15 -38.41
CA GLY C 112 31.02 4.00 -39.35
C GLY C 112 31.03 3.50 -40.77
N VAL C 113 30.11 2.61 -41.10
CA VAL C 113 30.06 2.03 -42.43
C VAL C 113 29.58 3.06 -43.42
N PRO C 114 30.28 3.26 -44.53
CA PRO C 114 29.82 4.18 -45.53
C PRO C 114 28.47 3.76 -46.13
N GLN C 115 27.61 4.72 -46.42
CA GLN C 115 26.30 4.42 -47.00
C GLN C 115 26.40 4.06 -48.48
N ASN C 116 27.51 4.43 -49.11
CA ASN C 116 27.82 3.92 -50.44
C ASN C 116 28.08 2.42 -50.35
N ILE C 117 27.23 1.63 -51.00
CA ILE C 117 27.29 0.16 -50.79
C ILE C 117 28.59 -0.48 -51.32
N ALA C 118 29.12 0.04 -52.42
CA ALA C 118 30.41 -0.44 -52.91
C ALA C 118 31.49 -0.22 -51.85
N GLU C 119 31.48 0.95 -51.22
CA GLU C 119 32.48 1.28 -50.22
C GLU C 119 32.26 0.44 -48.95
N ALA C 120 31.00 0.16 -48.64
CA ALA C 120 30.67 -0.70 -47.50
C ALA C 120 31.25 -2.08 -47.71
N ALA C 121 31.10 -2.60 -48.91
CA ALA C 121 31.70 -3.91 -49.26
C ALA C 121 33.22 -3.87 -49.14
N LYS C 122 33.84 -2.83 -49.72
CA LYS C 122 35.31 -2.71 -49.66
C LYS C 122 35.79 -2.71 -48.20
N LEU C 123 35.07 -2.00 -47.35
CA LEU C 123 35.43 -1.90 -45.94
C LEU C 123 35.58 -3.28 -45.31
N ILE C 124 34.67 -4.19 -45.65
CA ILE C 124 34.65 -5.51 -45.04
C ILE C 124 35.95 -6.22 -45.36
N THR C 125 36.47 -6.01 -46.57
CA THR C 125 37.71 -6.68 -46.99
C THR C 125 38.93 -6.20 -46.20
N LYS C 126 38.80 -5.09 -45.47
CA LYS C 126 39.90 -4.63 -44.60
C LYS C 126 39.89 -5.33 -43.23
N GLU C 127 38.79 -5.99 -42.89
CA GLU C 127 38.74 -6.90 -41.72
C GLU C 127 38.99 -6.22 -40.36
N HIS C 128 38.61 -4.97 -40.21
CA HIS C 128 38.69 -4.32 -38.90
C HIS C 128 37.48 -4.72 -38.11
N VAL C 129 37.72 -5.35 -36.97
CA VAL C 129 36.66 -5.96 -36.17
C VAL C 129 36.69 -5.41 -34.74
N LYS C 130 35.51 -5.16 -34.17
CA LYS C 130 35.44 -4.83 -32.74
C LYS C 130 34.27 -5.48 -32.01
N PRO C 131 34.38 -5.64 -30.69
CA PRO C 131 33.27 -6.15 -29.91
C PRO C 131 32.15 -5.13 -29.87
N VAL C 132 30.92 -5.62 -29.89
CA VAL C 132 29.76 -4.77 -29.83
C VAL C 132 28.82 -5.34 -28.80
N ASP C 133 28.25 -4.46 -27.97
CA ASP C 133 27.27 -4.87 -26.98
C ASP C 133 25.92 -5.14 -27.65
N VAL C 134 25.24 -6.18 -27.17
CA VAL C 134 23.88 -6.48 -27.60
C VAL C 134 23.02 -6.48 -26.38
N ALA C 135 21.91 -5.76 -26.47
CA ALA C 135 20.94 -5.66 -25.37
C ALA C 135 19.88 -6.74 -25.46
N LYS C 136 19.28 -7.03 -24.32
CA LYS C 136 18.29 -8.09 -24.17
C LYS C 136 17.16 -7.53 -23.29
N ALA C 137 15.97 -7.43 -23.86
CA ALA C 137 14.78 -6.97 -23.13
C ALA C 137 13.76 -8.10 -23.11
N ASN C 138 13.44 -8.61 -21.92
CA ASN C 138 12.58 -9.78 -21.76
C ASN C 138 12.83 -10.86 -22.82
N GLY C 139 14.09 -11.19 -23.09
CA GLY C 139 14.39 -12.23 -24.09
C GLY C 139 14.40 -11.79 -25.55
N GLN C 140 13.91 -10.57 -25.83
CA GLN C 140 14.12 -9.94 -27.14
C GLN C 140 15.46 -9.25 -27.13
N HIS C 141 16.29 -9.51 -28.13
CA HIS C 141 17.56 -8.81 -28.25
C HIS C 141 17.39 -7.57 -29.12
N PHE C 142 18.22 -6.56 -28.86
CA PHE C 142 18.31 -5.42 -29.77
C PHE C 142 19.71 -4.81 -29.80
N LEU C 143 20.00 -4.15 -30.94
CA LEU C 143 21.25 -3.45 -31.18
C LEU C 143 21.16 -1.94 -31.07
N ASN C 144 20.04 -1.34 -31.50
CA ASN C 144 19.91 0.11 -31.55
C ASN C 144 19.24 0.70 -30.32
N PHE C 145 17.98 0.35 -30.10
CA PHE C 145 17.22 0.99 -29.05
C PHE C 145 15.96 0.25 -28.63
N TRP C 146 15.47 0.70 -27.49
CA TRP C 146 14.21 0.25 -26.90
C TRP C 146 13.53 1.53 -26.50
N GLY C 147 12.23 1.63 -26.73
CA GLY C 147 11.55 2.88 -26.43
C GLY C 147 10.04 2.80 -26.31
N ILE C 148 9.51 3.64 -25.43
CA ILE C 148 8.07 3.89 -25.36
C ILE C 148 7.79 5.36 -25.59
N GLY C 149 6.63 5.62 -26.19
CA GLY C 149 6.17 6.97 -26.47
C GLY C 149 6.58 7.49 -27.84
N LEU C 150 7.08 6.60 -28.69
CA LEU C 150 7.39 6.96 -30.07
C LEU C 150 6.13 6.99 -30.94
N VAL C 151 5.03 6.41 -30.43
CA VAL C 151 3.75 6.31 -31.19
C VAL C 151 2.58 6.80 -30.34
N GLU C 161 3.59 7.11 -48.07
CA GLU C 161 4.96 7.07 -48.57
C GLU C 161 6.01 7.38 -47.49
N GLU C 162 5.71 8.34 -46.59
CA GLU C 162 6.71 8.96 -45.70
C GLU C 162 7.05 8.22 -44.38
N LYS C 163 6.06 7.61 -43.72
CA LYS C 163 6.31 6.85 -42.47
C LYS C 163 7.25 5.66 -42.72
N ALA C 164 6.86 4.83 -43.69
CA ALA C 164 7.67 3.69 -44.13
C ALA C 164 9.10 4.08 -44.59
N LYS C 165 9.24 5.25 -45.22
CA LYS C 165 10.52 5.66 -45.85
C LYS C 165 11.53 6.42 -44.97
N LEU C 166 11.17 6.84 -43.75
CA LEU C 166 12.19 7.30 -42.78
C LEU C 166 12.49 6.37 -41.57
N GLY C 167 11.55 5.48 -41.25
CA GLY C 167 11.68 4.62 -40.06
C GLY C 167 11.01 5.25 -38.84
N LYS C 168 10.75 4.43 -37.83
CA LYS C 168 10.01 4.87 -36.64
C LYS C 168 10.60 6.12 -35.97
N ILE C 169 11.90 6.06 -35.67
CA ILE C 169 12.59 7.18 -35.02
C ILE C 169 12.77 8.37 -35.96
N GLY C 170 13.12 8.10 -37.21
CA GLY C 170 13.26 9.14 -38.23
C GLY C 170 11.99 9.97 -38.44
N TYR C 171 10.84 9.29 -38.50
CA TYR C 171 9.53 9.94 -38.65
C TYR C 171 9.19 10.76 -37.43
N TYR C 172 9.46 10.19 -36.26
CA TYR C 172 9.22 10.85 -34.98
C TYR C 172 10.00 12.18 -34.89
N LEU C 173 11.28 12.11 -35.25
CA LEU C 173 12.15 13.30 -35.22
C LEU C 173 11.74 14.36 -36.25
N SER C 174 11.28 13.93 -37.42
CA SER C 174 10.84 14.84 -38.48
C SER C 174 9.55 15.61 -38.13
N THR C 175 8.73 14.99 -37.29
CA THR C 175 7.40 15.55 -36.91
C THR C 175 7.28 15.99 -35.45
N ILE C 176 8.39 15.95 -34.70
CA ILE C 176 8.37 16.28 -33.25
C ILE C 176 8.12 17.77 -32.97
N ARG C 177 8.79 18.63 -33.76
CA ARG C 177 8.78 20.08 -33.55
C ARG C 177 7.41 20.73 -33.84
N THR C 178 6.49 19.97 -34.43
CA THR C 178 5.08 20.38 -34.57
C THR C 178 4.07 19.28 -34.11
N VAL C 179 4.55 18.25 -33.41
CA VAL C 179 3.70 17.15 -32.93
C VAL C 179 2.70 17.63 -31.89
N LYS C 180 1.40 17.58 -32.24
CA LYS C 180 0.29 18.00 -31.35
C LYS C 180 0.40 17.37 -29.97
N ASN C 181 0.01 18.12 -28.93
CA ASN C 181 0.41 17.79 -27.54
C ASN C 181 0.33 16.30 -27.17
N ALA C 182 1.51 15.73 -26.91
CA ALA C 182 1.66 14.28 -26.75
C ALA C 182 1.12 13.77 -25.40
N GLU C 183 0.86 12.47 -25.37
CA GLU C 183 0.28 11.78 -24.21
C GLU C 183 1.36 11.59 -23.16
N THR C 184 1.06 11.92 -21.90
CA THR C 184 2.00 11.67 -20.81
C THR C 184 1.66 10.34 -20.14
N PHE C 185 2.58 9.81 -19.36
CA PHE C 185 2.34 8.59 -18.61
C PHE C 185 3.36 8.46 -17.48
N PRO C 186 2.95 7.84 -16.35
CA PRO C 186 3.89 7.65 -15.25
C PRO C 186 4.83 6.48 -15.55
N VAL C 187 6.07 6.60 -15.08
CA VAL C 187 7.06 5.56 -15.26
C VAL C 187 7.89 5.38 -13.99
N LYS C 188 8.19 4.11 -13.68
CA LYS C 188 9.11 3.75 -12.60
C LYS C 188 10.29 2.97 -13.18
N ILE C 189 11.49 3.55 -13.09
CA ILE C 189 12.71 2.94 -13.65
C ILE C 189 13.67 2.56 -12.53
N THR C 190 13.95 1.26 -12.41
CA THR C 190 14.95 0.77 -11.47
C THR C 190 16.22 0.47 -12.21
N TYR C 191 17.28 1.20 -11.88
CA TYR C 191 18.55 1.07 -12.59
C TYR C 191 19.73 0.90 -11.62
N ASP C 192 20.33 -0.29 -11.68
CA ASP C 192 21.50 -0.64 -10.86
C ASP C 192 21.33 -0.19 -9.38
N GLY C 193 20.27 -0.68 -8.72
CA GLY C 193 20.03 -0.34 -7.31
C GLY C 193 19.42 1.03 -7.02
N GLN C 194 19.24 1.85 -8.06
CA GLN C 194 18.66 3.20 -7.90
C GLN C 194 17.27 3.24 -8.54
N VAL C 195 16.44 4.17 -8.07
CA VAL C 195 15.07 4.31 -8.57
C VAL C 195 14.81 5.71 -9.13
N TYR C 196 13.95 5.76 -10.15
CA TYR C 196 13.50 7.01 -10.75
C TYR C 196 12.03 6.89 -11.10
N GLU C 197 11.21 7.80 -10.54
CA GLU C 197 9.76 7.83 -10.78
C GLU C 197 9.28 9.24 -11.10
N ASP C 198 8.58 9.36 -12.21
CA ASP C 198 8.14 10.65 -12.73
C ASP C 198 7.09 10.47 -13.82
N GLU C 199 6.43 11.56 -14.19
CA GLU C 199 5.53 11.60 -15.34
C GLU C 199 6.35 11.90 -16.59
N ALA C 200 6.16 11.12 -17.64
CA ALA C 200 7.02 11.19 -18.84
C ALA C 200 6.23 11.24 -20.15
N VAL C 201 6.90 11.75 -21.19
CA VAL C 201 6.38 11.74 -22.56
C VAL C 201 7.12 10.73 -23.46
N LEU C 202 8.34 10.39 -23.04
CA LEU C 202 9.22 9.52 -23.81
C LEU C 202 10.24 8.83 -22.92
N VAL C 203 10.35 7.52 -23.06
CA VAL C 203 11.39 6.77 -22.36
C VAL C 203 12.20 5.96 -23.35
N MSE C 204 13.50 6.24 -23.42
CA MSE C 204 14.41 5.54 -24.33
C MSE C 204 15.48 4.81 -23.55
O MSE C 204 15.94 5.28 -22.50
CB MSE C 204 15.11 6.53 -25.28
CG MSE C 204 14.18 7.36 -26.13
SE MSE C 204 13.50 6.35 -27.62
CE MSE C 204 15.18 6.06 -28.61
N VAL C 205 15.87 3.65 -24.06
CA VAL C 205 17.09 2.98 -23.63
C VAL C 205 17.90 2.77 -24.90
N GLY C 206 19.01 3.48 -25.01
CA GLY C 206 19.80 3.50 -26.24
C GLY C 206 21.05 2.64 -26.11
N ASN C 207 21.34 1.89 -27.16
CA ASN C 207 22.59 1.16 -27.30
C ASN C 207 23.45 1.70 -28.45
N GLY C 208 22.80 2.00 -29.57
CA GLY C 208 23.47 2.45 -30.77
C GLY C 208 23.73 3.94 -30.77
N GLU C 209 24.63 4.36 -31.65
CA GLU C 209 25.16 5.74 -31.65
C GLU C 209 24.43 6.60 -32.68
N TYR C 210 23.59 5.96 -33.48
CA TYR C 210 22.73 6.68 -34.44
C TYR C 210 21.29 6.25 -34.26
N LEU C 211 20.38 7.21 -34.35
CA LEU C 211 18.95 6.91 -34.31
C LEU C 211 18.24 7.74 -35.37
N GLY C 212 17.42 7.08 -36.17
CA GLY C 212 16.70 7.74 -37.25
C GLY C 212 17.59 8.31 -38.35
N GLY C 213 18.77 7.72 -38.54
CA GLY C 213 19.66 8.13 -39.64
C GLY C 213 20.63 9.27 -39.33
N ILE C 214 20.56 9.78 -38.10
CA ILE C 214 21.45 10.85 -37.65
C ILE C 214 21.99 10.51 -36.27
N PRO C 215 23.04 11.21 -35.83
CA PRO C 215 23.61 10.86 -34.52
C PRO C 215 22.58 10.86 -33.42
N SER C 216 22.74 9.93 -32.49
CA SER C 216 21.78 9.74 -31.40
C SER C 216 21.51 11.04 -30.67
N PHE C 217 20.22 11.33 -30.49
CA PHE C 217 19.84 12.48 -29.67
C PHE C 217 20.08 12.23 -28.17
N ILE C 218 20.31 10.97 -27.80
CA ILE C 218 20.76 10.64 -26.45
C ILE C 218 22.25 10.93 -26.44
N PRO C 219 22.72 11.76 -25.50
CA PRO C 219 24.14 12.18 -25.52
C PRO C 219 25.13 11.11 -25.11
N ASN C 220 26.26 11.05 -25.83
CA ASN C 220 27.42 10.25 -25.45
C ASN C 220 27.10 8.76 -25.27
N VAL C 221 26.25 8.25 -26.16
CA VAL C 221 25.94 6.82 -26.18
C VAL C 221 27.05 6.12 -26.91
N LYS C 222 27.51 5.01 -26.36
CA LYS C 222 28.50 4.17 -27.02
C LYS C 222 27.96 2.74 -27.08
N CYS C 223 28.19 2.09 -28.20
CA CYS C 223 27.70 0.72 -28.41
C CYS C 223 28.62 -0.36 -27.83
N ASP C 224 29.79 0.05 -27.33
CA ASP C 224 30.80 -0.93 -26.89
C ASP C 224 31.42 -0.61 -25.54
N ASP C 225 30.68 0.13 -24.71
CA ASP C 225 31.19 0.60 -23.42
C ASP C 225 30.69 -0.22 -22.24
N GLY C 226 29.93 -1.25 -22.55
CA GLY C 226 29.43 -2.17 -21.51
C GLY C 226 28.25 -1.64 -20.73
N THR C 227 27.67 -0.56 -21.23
CA THR C 227 26.55 0.07 -20.53
C THR C 227 25.52 0.70 -21.50
N LEU C 228 24.27 0.78 -21.04
CA LEU C 228 23.14 1.33 -21.81
C LEU C 228 22.79 2.72 -21.32
N ASP C 229 22.17 3.51 -22.18
CA ASP C 229 21.77 4.86 -21.81
C ASP C 229 20.25 5.01 -21.67
N ILE C 230 19.81 5.28 -20.44
CA ILE C 230 18.43 5.61 -20.15
C ILE C 230 18.19 7.09 -20.41
N PHE C 231 17.07 7.43 -21.01
CA PHE C 231 16.78 8.80 -21.42
C PHE C 231 15.29 9.03 -21.36
N VAL C 232 14.86 9.88 -20.42
CA VAL C 232 13.43 10.15 -20.19
C VAL C 232 13.15 11.62 -20.41
N VAL C 233 12.19 11.93 -21.29
CA VAL C 233 11.72 13.30 -21.47
C VAL C 233 10.49 13.45 -20.60
N LYS C 234 10.48 14.50 -19.78
CA LYS C 234 9.49 14.68 -18.73
C LYS C 234 8.25 15.43 -19.23
N SER C 235 7.11 15.13 -18.61
CA SER C 235 5.86 15.84 -18.90
C SER C 235 6.07 17.35 -19.08
N THR C 236 6.87 17.94 -18.18
CA THR C 236 7.12 19.40 -18.17
C THR C 236 8.09 19.87 -19.28
N GLY C 237 8.84 18.94 -19.86
CA GLY C 237 9.93 19.29 -20.79
C GLY C 237 9.64 19.16 -22.27
N ILE C 238 8.37 19.13 -22.65
CA ILE C 238 7.99 18.95 -24.06
C ILE C 238 8.65 20.02 -24.95
N GLN C 239 8.50 21.29 -24.57
CA GLN C 239 9.04 22.40 -25.37
C GLN C 239 10.58 22.38 -25.40
N ALA C 240 11.18 22.19 -24.22
CA ALA C 240 12.64 22.12 -24.10
C ALA C 240 13.23 21.05 -25.04
N PHE C 241 12.53 19.92 -25.15
CA PHE C 241 12.98 18.81 -25.99
C PHE C 241 12.85 19.14 -27.49
N LYS C 242 11.75 19.80 -27.86
CA LYS C 242 11.55 20.26 -29.25
C LYS C 242 12.70 21.15 -29.70
N ASP C 243 13.09 22.09 -28.84
CA ASP C 243 14.20 23.02 -29.11
C ASP C 243 15.56 22.30 -29.14
N TYR C 244 15.73 21.33 -28.23
CA TYR C 244 16.95 20.51 -28.13
C TYR C 244 17.24 19.74 -29.42
N ILE C 245 16.19 19.16 -30.01
CA ILE C 245 16.28 18.45 -31.30
C ILE C 245 16.59 19.40 -32.46
N GLY C 246 15.96 20.56 -32.45
CA GLY C 246 16.18 21.59 -33.48
C GLY C 246 17.61 22.12 -33.52
N LYS C 247 18.14 22.53 -32.37
CA LYS C 247 19.47 23.16 -32.29
C LYS C 247 20.58 22.16 -32.59
N LYS C 248 20.31 20.87 -32.36
CA LYS C 248 21.19 19.74 -32.76
C LYS C 248 22.45 19.50 -31.89
N LEU C 249 22.73 20.38 -30.93
CA LEU C 249 23.74 20.08 -29.92
C LEU C 249 23.19 18.97 -29.04
N PHE C 250 23.89 17.83 -29.00
CA PHE C 250 23.46 16.68 -28.20
C PHE C 250 24.43 16.39 -27.07
N GLU C 251 24.34 17.20 -26.02
CA GLU C 251 25.17 17.07 -24.83
C GLU C 251 24.25 17.17 -23.61
N ASP C 252 24.75 16.80 -22.44
CA ASP C 252 24.00 16.96 -21.20
C ASP C 252 24.00 18.43 -20.75
N SER C 253 22.81 19.02 -20.69
CA SER C 253 22.63 20.37 -20.14
C SER C 253 21.65 20.31 -18.96
N ASN C 254 21.99 21.05 -17.91
CA ASN C 254 21.17 21.09 -16.69
C ASN C 254 19.83 21.78 -16.94
N GLU C 255 19.88 23.01 -17.47
CA GLU C 255 18.68 23.81 -17.78
C GLU C 255 17.86 23.29 -18.99
N ASN C 256 18.04 22.02 -19.34
CA ASN C 256 17.09 21.26 -20.18
C ASN C 256 16.16 20.42 -19.28
N ASP C 257 16.76 19.80 -18.27
CA ASP C 257 16.06 18.97 -17.28
C ASP C 257 15.48 17.69 -17.89
N ILE C 258 16.27 17.11 -18.80
CA ILE C 258 16.02 15.78 -19.35
C ILE C 258 16.78 14.79 -18.46
N PHE C 259 16.21 13.62 -18.22
CA PHE C 259 16.87 12.68 -17.34
C PHE C 259 17.68 11.66 -18.14
N HIS C 260 18.99 11.63 -17.90
CA HIS C 260 19.90 10.75 -18.64
C HIS C 260 20.88 10.09 -17.70
N VAL C 261 20.93 8.77 -17.76
CA VAL C 261 21.85 8.00 -16.93
C VAL C 261 22.29 6.72 -17.65
N LYS C 262 23.46 6.22 -17.29
CA LYS C 262 23.97 4.95 -17.81
C LYS C 262 23.74 3.82 -16.81
N ALA C 263 23.39 2.65 -17.32
CA ALA C 263 23.10 1.50 -16.45
C ALA C 263 23.24 0.18 -17.20
N LYS C 264 23.53 -0.86 -16.44
CA LYS C 264 23.72 -2.22 -16.97
C LYS C 264 22.45 -3.10 -16.83
N SER C 265 21.74 -2.94 -15.73
CA SER C 265 20.59 -3.76 -15.40
C SER C 265 19.40 -2.86 -15.08
N ILE C 266 18.37 -2.93 -15.92
CA ILE C 266 17.28 -1.95 -15.91
C ILE C 266 15.92 -2.64 -15.88
N HIS C 267 15.03 -2.11 -15.05
CA HIS C 267 13.63 -2.55 -15.02
C HIS C 267 12.70 -1.37 -15.22
N ILE C 268 11.84 -1.46 -16.24
CA ILE C 268 10.94 -0.36 -16.58
C ILE C 268 9.47 -0.78 -16.44
N GLU C 269 8.76 0.00 -15.64
CA GLU C 269 7.35 -0.24 -15.31
C GLU C 269 6.49 0.95 -15.67
N THR C 270 5.32 0.67 -16.25
CA THR C 270 4.30 1.68 -16.50
C THR C 270 3.00 1.32 -15.77
N GLU C 271 2.09 2.28 -15.66
CA GLU C 271 0.80 2.05 -14.96
C GLU C 271 0.00 0.93 -15.64
N GLU C 272 -0.17 1.06 -16.96
CA GLU C 272 -0.77 0.01 -17.80
C GLU C 272 0.28 -0.51 -18.78
N GLU C 273 0.11 -1.75 -19.25
CA GLU C 273 0.97 -2.34 -20.29
C GLU C 273 1.07 -1.41 -21.50
N LYS C 274 2.30 -1.03 -21.84
CA LYS C 274 2.56 -0.19 -23.01
C LYS C 274 3.37 -0.97 -24.04
N GLU C 275 3.01 -0.79 -25.31
CA GLU C 275 3.72 -1.42 -26.42
C GLU C 275 5.10 -0.77 -26.55
N VAL C 276 6.13 -1.58 -26.65
CA VAL C 276 7.52 -1.10 -26.77
C VAL C 276 7.95 -1.12 -28.24
N ASP C 277 8.67 -0.08 -28.64
CA ASP C 277 9.25 -0.03 -29.98
C ASP C 277 10.75 -0.36 -29.88
N THR C 278 11.24 -1.08 -30.88
CA THR C 278 12.64 -1.50 -30.93
C THR C 278 13.15 -1.55 -32.38
N ASP C 279 14.25 -2.25 -32.61
CA ASP C 279 14.95 -2.17 -33.92
C ASP C 279 14.05 -2.55 -35.11
N GLY C 280 13.16 -3.51 -34.88
CA GLY C 280 12.26 -3.99 -35.92
C GLY C 280 10.96 -4.51 -35.34
N GLU C 281 10.18 -5.19 -36.15
CA GLU C 281 8.86 -5.68 -35.70
C GLU C 281 9.02 -6.61 -34.50
N SER C 282 8.22 -6.36 -33.48
CA SER C 282 8.30 -7.09 -32.22
C SER C 282 7.00 -7.00 -31.46
N SER C 283 6.80 -7.93 -30.52
CA SER C 283 5.59 -7.99 -29.71
C SER C 283 5.89 -7.64 -28.24
N LEU C 284 7.02 -6.97 -28.03
CA LEU C 284 7.46 -6.62 -26.69
C LEU C 284 6.59 -5.53 -26.06
N HIS C 285 6.35 -5.66 -24.75
CA HIS C 285 5.57 -4.67 -23.99
C HIS C 285 6.03 -4.60 -22.53
N THR C 286 5.77 -3.46 -21.91
CA THR C 286 6.12 -3.28 -20.49
C THR C 286 5.21 -4.17 -19.63
N PRO C 287 5.66 -4.51 -18.41
CA PRO C 287 6.95 -4.17 -17.81
C PRO C 287 8.11 -4.95 -18.41
N CYS C 288 9.31 -4.38 -18.29
CA CYS C 288 10.50 -4.92 -18.95
C CYS C 288 11.74 -4.98 -18.07
N GLN C 289 12.36 -6.15 -18.05
CA GLN C 289 13.72 -6.31 -17.55
C GLN C 289 14.65 -6.18 -18.75
N ILE C 290 15.46 -5.13 -18.73
CA ILE C 290 16.48 -4.90 -19.76
C ILE C 290 17.87 -5.15 -19.19
N GLU C 291 18.68 -5.88 -19.96
CA GLU C 291 19.97 -6.42 -19.52
C GLU C 291 20.97 -6.25 -20.67
N LEU C 292 22.22 -5.94 -20.42
CA LEU C 292 23.21 -5.75 -21.48
C LEU C 292 24.18 -6.93 -21.55
N LEU C 293 24.47 -7.41 -22.77
CA LEU C 293 25.48 -8.46 -22.98
C LEU C 293 26.71 -7.83 -23.61
N GLN C 294 27.76 -7.70 -22.80
CA GLN C 294 28.93 -6.92 -23.17
C GLN C 294 29.71 -7.67 -24.21
N GLY C 295 30.03 -6.99 -25.31
CA GLY C 295 30.82 -7.56 -26.40
C GLY C 295 30.27 -8.86 -26.95
N HIS C 296 28.95 -8.98 -26.97
CA HIS C 296 28.29 -10.23 -27.37
C HIS C 296 28.52 -10.58 -28.85
N PHE C 297 28.55 -9.54 -29.69
CA PHE C 297 28.89 -9.69 -31.10
C PHE C 297 30.26 -9.11 -31.36
N THR C 298 30.95 -9.65 -32.35
CA THR C 298 32.09 -8.96 -32.95
C THR C 298 31.61 -8.54 -34.32
N MSE C 299 31.95 -7.33 -34.73
CA MSE C 299 31.46 -6.77 -35.98
C MSE C 299 32.50 -5.99 -36.74
O MSE C 299 33.39 -5.40 -36.16
CB MSE C 299 30.25 -5.87 -35.73
CG MSE C 299 29.10 -6.60 -35.02
SE MSE C 299 27.42 -5.57 -34.99
CE MSE C 299 27.05 -5.62 -36.91
N ILE C 300 32.37 -6.00 -38.05
CA ILE C 300 33.22 -5.19 -38.93
C ILE C 300 32.86 -3.72 -38.73
N TYR C 301 33.87 -2.88 -38.58
CA TYR C 301 33.68 -1.44 -38.43
C TYR C 301 34.73 -0.63 -39.21
N ASN C 302 34.54 0.69 -39.19
CA ASN C 302 35.41 1.61 -39.91
C ASN C 302 36.21 2.46 -38.95
N PRO C 303 37.44 2.07 -38.66
CA PRO C 303 38.26 2.83 -37.70
C PRO C 303 38.67 4.25 -38.18
N ALA C 304 38.54 4.54 -39.46
CA ALA C 304 38.81 5.91 -39.98
C ALA C 304 37.73 6.89 -39.52
N VAL C 305 36.54 6.39 -39.20
CA VAL C 305 35.39 7.23 -38.81
C VAL C 305 34.99 7.01 -37.34
N VAL C 306 35.29 5.83 -36.79
CA VAL C 306 34.69 5.37 -35.53
C VAL C 306 35.57 4.40 -34.71
N LYS D 9 48.24 35.22 48.01
CA LYS D 9 47.76 34.55 46.77
C LYS D 9 48.12 33.05 46.76
N THR D 10 47.39 32.26 47.55
CA THR D 10 47.46 30.80 47.53
C THR D 10 46.72 30.19 46.33
N LYS D 11 47.23 29.07 45.85
CA LYS D 11 46.53 28.24 44.88
C LYS D 11 45.41 27.37 45.50
N PHE D 12 45.43 27.22 46.81
CA PHE D 12 44.61 26.23 47.50
C PHE D 12 43.76 26.83 48.62
N GLU D 13 42.53 27.17 48.28
CA GLU D 13 41.57 27.71 49.23
C GLU D 13 41.23 26.69 50.31
N LYS D 14 41.04 25.42 49.92
CA LYS D 14 40.68 24.33 50.84
C LYS D 14 41.57 23.13 50.64
N VAL D 15 42.03 22.57 51.75
CA VAL D 15 42.98 21.48 51.73
C VAL D 15 42.46 20.29 52.58
N LEU D 16 42.69 19.08 52.07
CA LEU D 16 42.43 17.84 52.78
C LEU D 16 43.75 17.12 53.05
N LEU D 17 43.99 16.73 54.30
CA LEU D 17 45.12 15.88 54.63
C LEU D 17 44.58 14.51 55.06
N ILE D 18 44.94 13.48 54.29
CA ILE D 18 44.57 12.11 54.58
C ILE D 18 45.72 11.46 55.32
N VAL D 19 45.48 11.06 56.55
CA VAL D 19 46.51 10.46 57.37
C VAL D 19 46.26 8.98 57.51
N ASN D 20 47.25 8.18 57.14
CA ASN D 20 47.26 6.77 57.53
C ASN D 20 47.93 6.71 58.89
N PRO D 21 47.18 6.43 59.95
CA PRO D 21 47.75 6.43 61.31
C PRO D 21 48.90 5.42 61.50
N LYS D 22 48.87 4.33 60.75
CA LYS D 22 49.92 3.31 60.82
C LYS D 22 51.17 3.72 60.08
N ALA D 23 51.08 4.76 59.25
CA ALA D 23 52.23 5.22 58.47
C ALA D 23 53.31 5.82 59.38
N GLY D 24 54.50 6.00 58.82
CA GLY D 24 55.59 6.61 59.55
C GLY D 24 56.30 5.65 60.47
N GLN D 25 57.27 6.22 61.18
CA GLN D 25 58.22 5.45 61.99
C GLN D 25 57.84 5.40 63.44
N GLY D 26 57.69 6.55 64.07
CA GLY D 26 57.27 6.58 65.47
C GLY D 26 55.76 6.53 65.62
N ASP D 27 55.31 6.85 66.82
CA ASP D 27 53.87 7.03 67.04
C ASP D 27 53.24 8.15 66.17
N LEU D 28 51.92 8.11 66.10
CA LEU D 28 51.09 9.06 65.37
C LEU D 28 51.35 10.48 65.83
N HIS D 29 51.30 10.69 67.15
CA HIS D 29 51.46 12.01 67.75
C HIS D 29 52.74 12.66 67.28
N THR D 30 53.81 11.89 67.27
CA THR D 30 55.11 12.43 66.87
C THR D 30 55.07 12.81 65.40
N ASN D 31 54.55 11.92 64.59
CA ASN D 31 54.40 12.21 63.17
C ASN D 31 53.52 13.44 62.91
N LEU D 32 52.44 13.56 63.68
CA LEU D 32 51.53 14.68 63.51
C LEU D 32 52.19 15.98 63.98
N THR D 33 53.02 15.89 65.01
CA THR D 33 53.76 17.06 65.49
C THR D 33 54.67 17.60 64.38
N LYS D 34 55.20 16.70 63.56
CA LYS D 34 56.09 17.07 62.49
C LYS D 34 55.36 17.62 61.26
N ILE D 35 54.23 17.00 60.88
CA ILE D 35 53.62 17.34 59.61
C ILE D 35 52.46 18.33 59.68
N VAL D 36 51.71 18.37 60.78
CA VAL D 36 50.49 19.18 60.79
C VAL D 36 50.72 20.68 60.97
N PRO D 37 51.51 21.09 61.96
CA PRO D 37 51.64 22.51 62.23
C PRO D 37 52.06 23.38 61.04
N PRO D 38 53.04 22.96 60.25
CA PRO D 38 53.35 23.76 59.05
C PRO D 38 52.16 23.86 58.09
N LEU D 39 51.41 22.79 57.95
CA LEU D 39 50.26 22.79 57.06
C LEU D 39 49.13 23.64 57.63
N ALA D 40 48.90 23.51 58.92
CA ALA D 40 47.88 24.31 59.56
C ALA D 40 48.20 25.81 59.55
N ALA D 41 49.47 26.13 59.62
CA ALA D 41 49.92 27.55 59.58
C ALA D 41 49.72 28.16 58.22
N ALA D 42 50.04 27.41 57.19
CA ALA D 42 50.00 27.88 55.82
C ALA D 42 48.60 27.90 55.22
N PHE D 43 47.75 26.95 55.62
CA PHE D 43 46.46 26.75 54.96
C PHE D 43 45.30 26.97 55.95
N PRO D 44 44.61 28.10 55.80
CA PRO D 44 43.62 28.46 56.83
C PRO D 44 42.29 27.69 56.75
N ASP D 45 42.14 26.79 55.77
CA ASP D 45 41.05 25.82 55.75
C ASP D 45 41.62 24.45 55.50
N LEU D 46 41.85 23.70 56.59
CA LEU D 46 42.51 22.40 56.53
C LEU D 46 41.66 21.35 57.21
N HIS D 47 41.39 20.26 56.49
CA HIS D 47 40.58 19.16 56.98
C HIS D 47 41.46 17.91 57.05
N ILE D 48 41.52 17.28 58.22
CA ILE D 48 42.38 16.12 58.48
C ILE D 48 41.51 14.89 58.77
N LEU D 49 41.65 13.87 57.93
CA LEU D 49 40.88 12.65 58.06
C LEU D 49 41.86 11.49 58.23
N HIS D 50 41.69 10.70 59.25
CA HIS D 50 42.44 9.44 59.38
C HIS D 50 41.73 8.32 58.63
N THR D 51 42.52 7.45 58.01
CA THR D 51 41.99 6.21 57.50
C THR D 51 41.79 5.22 58.66
N LYS D 52 40.86 4.31 58.51
CA LYS D 52 40.72 3.16 59.46
C LYS D 52 40.97 1.82 58.79
N GLU D 53 40.51 1.69 57.54
CA GLU D 53 40.60 0.44 56.77
C GLU D 53 41.13 0.65 55.36
N GLN D 54 41.62 -0.43 54.77
CA GLN D 54 41.94 -0.48 53.35
C GLN D 54 40.72 0.04 52.58
N GLY D 55 40.98 0.93 51.63
CA GLY D 55 39.96 1.54 50.81
C GLY D 55 39.52 2.92 51.25
N ASP D 56 39.82 3.31 52.47
CA ASP D 56 39.31 4.58 52.98
C ASP D 56 39.90 5.76 52.21
N ALA D 57 41.21 5.76 51.97
CA ALA D 57 41.82 6.84 51.22
C ALA D 57 41.14 7.01 49.85
N THR D 58 40.85 5.89 49.19
CA THR D 58 40.12 5.93 47.93
C THR D 58 38.77 6.62 48.14
N LYS D 59 38.03 6.23 49.16
CA LYS D 59 36.73 6.83 49.42
C LYS D 59 36.80 8.31 49.74
N TYR D 60 37.76 8.70 50.55
CA TYR D 60 37.90 10.07 50.94
C TYR D 60 38.23 10.95 49.71
N CYS D 61 39.12 10.47 48.87
CA CYS D 61 39.46 11.15 47.64
C CYS D 61 38.23 11.36 46.79
N GLN D 62 37.40 10.33 46.68
CA GLN D 62 36.21 10.41 45.83
C GLN D 62 35.18 11.32 46.44
N GLU D 63 35.07 11.34 47.75
CA GLU D 63 34.11 12.26 48.35
C GLU D 63 34.55 13.72 48.26
N PHE D 64 35.84 13.98 48.40
CA PHE D 64 36.34 15.34 48.58
C PHE D 64 36.91 16.00 47.32
N ALA D 65 37.05 15.21 46.26
CA ALA D 65 37.59 15.66 45.00
C ALA D 65 36.94 16.95 44.51
N SER D 66 35.65 17.06 44.67
CA SER D 66 34.92 18.23 44.20
C SER D 66 34.75 19.32 45.26
N LYS D 67 35.31 19.13 46.44
CA LYS D 67 35.09 20.05 47.56
C LYS D 67 36.38 20.74 47.98
N VAL D 68 37.49 20.34 47.40
CA VAL D 68 38.80 20.68 47.94
C VAL D 68 39.75 20.96 46.80
N ASP D 69 40.79 21.73 47.06
CA ASP D 69 41.72 22.17 45.99
C ASP D 69 43.03 21.42 46.00
N LEU D 70 43.37 20.91 47.17
CA LEU D 70 44.59 20.13 47.35
C LEU D 70 44.28 18.95 48.26
N ILE D 71 44.76 17.77 47.89
CA ILE D 71 44.70 16.60 48.76
C ILE D 71 46.12 16.15 49.07
N ILE D 72 46.47 16.11 50.36
CA ILE D 72 47.75 15.63 50.79
C ILE D 72 47.56 14.23 51.39
N VAL D 73 48.36 13.27 50.97
CA VAL D 73 48.31 11.96 51.54
C VAL D 73 49.60 11.66 52.32
N PHE D 74 49.43 11.30 53.59
CA PHE D 74 50.52 10.85 54.43
C PHE D 74 50.43 9.35 54.56
N GLY D 75 51.27 8.67 53.79
CA GLY D 75 51.30 7.20 53.74
C GLY D 75 52.34 6.66 52.79
N GLY D 76 52.50 5.35 52.77
CA GLY D 76 53.40 4.68 51.86
C GLY D 76 52.82 4.43 50.48
N ASP D 77 53.55 3.67 49.69
CA ASP D 77 53.13 3.39 48.30
C ASP D 77 51.66 2.96 48.19
N GLY D 78 51.20 2.12 49.12
CA GLY D 78 49.83 1.61 49.11
C GLY D 78 48.79 2.69 49.30
N THR D 79 49.01 3.59 50.23
CA THR D 79 48.07 4.67 50.43
C THR D 79 48.07 5.63 49.23
N VAL D 80 49.26 5.88 48.67
CA VAL D 80 49.39 6.75 47.50
C VAL D 80 48.62 6.14 46.33
N PHE D 81 48.71 4.83 46.19
CA PHE D 81 48.01 4.08 45.15
C PHE D 81 46.49 4.14 45.32
N GLU D 82 46.03 4.13 46.57
CA GLU D 82 44.60 4.29 46.86
C GLU D 82 44.13 5.65 46.37
N CYS D 83 44.93 6.67 46.61
CA CYS D 83 44.62 8.02 46.14
C CYS D 83 44.65 8.14 44.62
N THR D 84 45.61 7.48 44.00
CA THR D 84 45.69 7.42 42.55
C THR D 84 44.42 6.83 41.96
N ASN D 85 44.02 5.68 42.47
CA ASN D 85 42.79 5.02 42.01
C ASN D 85 41.53 5.80 42.36
N GLY D 86 41.60 6.60 43.42
CA GLY D 86 40.47 7.40 43.82
C GLY D 86 40.25 8.57 42.90
N LEU D 87 41.33 9.30 42.58
CA LEU D 87 41.20 10.52 41.77
C LEU D 87 41.21 10.30 40.28
N ALA D 88 42.03 9.35 39.83
CA ALA D 88 42.26 9.16 38.39
C ALA D 88 40.99 9.09 37.54
N PRO D 89 39.97 8.33 37.99
CA PRO D 89 38.79 8.15 37.13
C PRO D 89 37.85 9.34 37.12
N LEU D 90 38.09 10.32 38.00
CA LEU D 90 37.16 11.42 38.17
C LEU D 90 37.32 12.52 37.13
N GLU D 91 36.24 13.25 36.88
CA GLU D 91 36.28 14.40 35.97
C GLU D 91 37.01 15.59 36.59
N ILE D 92 36.82 15.79 37.89
CA ILE D 92 37.48 16.86 38.61
C ILE D 92 38.51 16.28 39.58
N ARG D 93 39.75 16.70 39.43
CA ARG D 93 40.82 16.09 40.19
C ARG D 93 41.70 17.17 40.79
N PRO D 94 41.52 17.47 42.07
CA PRO D 94 42.41 18.44 42.66
C PRO D 94 43.88 18.02 42.67
N THR D 95 44.73 18.96 43.02
CA THR D 95 46.16 18.71 43.11
C THR D 95 46.46 17.73 44.25
N LEU D 96 47.42 16.87 44.02
CA LEU D 96 47.79 15.84 44.96
C LEU D 96 49.20 16.09 45.47
N ALA D 97 49.43 15.81 46.75
CA ALA D 97 50.78 15.87 47.32
C ALA D 97 51.01 14.63 48.22
N ILE D 98 52.29 14.25 48.35
CA ILE D 98 52.67 13.10 49.14
C ILE D 98 53.61 13.47 50.27
N ILE D 99 53.25 13.09 51.49
CA ILE D 99 54.19 13.08 52.59
C ILE D 99 54.56 11.62 52.76
N PRO D 100 55.83 11.27 52.54
CA PRO D 100 56.21 9.86 52.44
C PRO D 100 56.20 9.17 53.81
N GLY D 101 55.32 8.20 53.96
CA GLY D 101 55.10 7.55 55.24
C GLY D 101 55.32 6.07 55.23
N GLY D 102 55.84 5.56 54.14
CA GLY D 102 56.25 4.17 54.06
C GLY D 102 57.76 4.09 54.07
N THR D 103 58.30 2.97 53.63
CA THR D 103 59.75 2.80 53.57
C THR D 103 60.27 3.04 52.15
N CYS D 104 59.43 2.77 51.17
CA CYS D 104 59.81 2.88 49.78
C CYS D 104 59.50 4.26 49.19
N ASN D 105 58.22 4.63 49.14
CA ASN D 105 57.80 5.98 48.74
C ASN D 105 58.27 6.40 47.35
N ASP D 106 58.13 5.51 46.40
CA ASP D 106 58.70 5.70 45.06
C ASP D 106 58.28 6.99 44.40
N PHE D 107 57.00 7.27 44.33
CA PHE D 107 56.58 8.43 43.57
C PHE D 107 56.93 9.74 44.27
N SER D 108 56.99 9.73 45.60
CA SER D 108 57.40 10.92 46.33
C SER D 108 58.83 11.30 45.90
N ARG D 109 59.66 10.28 45.70
CA ARG D 109 61.03 10.49 45.24
C ARG D 109 61.10 11.01 43.80
N THR D 110 60.19 10.53 42.96
CA THR D 110 60.05 11.06 41.60
C THR D 110 59.82 12.55 41.62
N LEU D 111 59.04 13.01 42.60
CA LEU D 111 58.66 14.41 42.71
C LEU D 111 59.69 15.22 43.49
N GLY D 112 60.77 14.55 43.90
CA GLY D 112 61.84 15.19 44.66
C GLY D 112 61.48 15.53 46.10
N VAL D 113 60.46 14.88 46.63
CA VAL D 113 60.00 15.14 47.97
C VAL D 113 61.01 14.59 48.97
N PRO D 114 61.43 15.42 49.94
CA PRO D 114 62.35 14.94 50.95
C PRO D 114 61.70 13.81 51.76
N GLN D 115 62.50 12.82 52.13
CA GLN D 115 62.00 11.73 52.95
C GLN D 115 61.82 12.13 54.43
N ASN D 116 62.47 13.21 54.85
CA ASN D 116 62.15 13.84 56.12
C ASN D 116 60.72 14.42 56.09
N ILE D 117 59.82 13.87 56.92
CA ILE D 117 58.40 14.18 56.78
C ILE D 117 58.08 15.61 57.11
N ALA D 118 58.78 16.19 58.07
CA ALA D 118 58.61 17.63 58.35
C ALA D 118 58.96 18.47 57.12
N GLU D 119 60.03 18.10 56.44
CA GLU D 119 60.47 18.84 55.26
C GLU D 119 59.50 18.65 54.12
N ALA D 120 58.92 17.45 54.03
CA ALA D 120 57.91 17.15 53.01
C ALA D 120 56.69 18.02 53.19
N ALA D 121 56.30 18.17 54.45
CA ALA D 121 55.17 19.06 54.78
C ALA D 121 55.50 20.51 54.41
N LYS D 122 56.69 20.97 54.80
CA LYS D 122 57.08 22.35 54.49
C LYS D 122 57.08 22.59 52.98
N LEU D 123 57.53 21.60 52.22
CA LEU D 123 57.56 21.72 50.77
C LEU D 123 56.18 22.08 50.20
N ILE D 124 55.16 21.43 50.73
CA ILE D 124 53.80 21.62 50.23
C ILE D 124 53.40 23.09 50.34
N THR D 125 53.85 23.75 51.40
CA THR D 125 53.49 25.15 51.66
C THR D 125 54.13 26.11 50.66
N LYS D 126 55.12 25.63 49.92
CA LYS D 126 55.71 26.43 48.86
C LYS D 126 54.91 26.39 47.56
N GLU D 127 53.99 25.43 47.45
CA GLU D 127 52.99 25.38 46.37
C GLU D 127 53.56 25.27 44.95
N HIS D 128 54.69 24.60 44.79
CA HIS D 128 55.22 24.33 43.47
C HIS D 128 54.53 23.15 42.89
N VAL D 129 53.84 23.34 41.79
CA VAL D 129 52.94 22.33 41.19
C VAL D 129 53.33 22.02 39.73
N LYS D 130 53.32 20.74 39.35
CA LYS D 130 53.52 20.40 37.94
C LYS D 130 52.57 19.32 37.46
N PRO D 131 52.28 19.28 36.15
CA PRO D 131 51.50 18.17 35.60
C PRO D 131 52.28 16.88 35.69
N VAL D 132 51.57 15.79 35.97
CA VAL D 132 52.16 14.48 36.03
C VAL D 132 51.30 13.56 35.20
N ASP D 133 51.95 12.67 34.44
CA ASP D 133 51.25 11.67 33.66
C ASP D 133 50.75 10.53 34.57
N VAL D 134 49.57 10.04 34.25
CA VAL D 134 49.04 8.87 34.89
C VAL D 134 48.77 7.86 33.80
N ALA D 135 49.23 6.63 34.02
CA ALA D 135 49.01 5.53 33.11
C ALA D 135 47.66 4.87 33.48
N LYS D 136 46.97 4.32 32.49
CA LYS D 136 45.66 3.65 32.64
C LYS D 136 45.75 2.30 31.95
N ALA D 137 45.63 1.20 32.71
CA ALA D 137 45.66 -0.15 32.16
C ALA D 137 44.30 -0.79 32.41
N ASN D 138 43.60 -1.15 31.32
CA ASN D 138 42.24 -1.69 31.38
C ASN D 138 41.43 -1.01 32.46
N GLY D 139 41.47 0.30 32.57
CA GLY D 139 40.68 0.97 33.63
C GLY D 139 41.28 1.02 35.05
N GLN D 140 42.37 0.30 35.26
CA GLN D 140 43.20 0.51 36.44
C GLN D 140 44.21 1.64 36.15
N HIS D 141 44.28 2.62 37.03
CA HIS D 141 45.30 3.65 36.87
C HIS D 141 46.58 3.30 37.63
N PHE D 142 47.71 3.77 37.13
CA PHE D 142 48.96 3.69 37.92
C PHE D 142 49.89 4.87 37.70
N LEU D 143 50.73 5.12 38.71
CA LEU D 143 51.72 6.18 38.68
C LEU D 143 53.14 5.66 38.46
N ASN D 144 53.47 4.50 39.00
CA ASN D 144 54.85 4.00 38.95
C ASN D 144 55.10 3.04 37.79
N PHE D 145 54.48 1.88 37.82
CA PHE D 145 54.76 0.85 36.83
C PHE D 145 53.66 -0.19 36.68
N TRP D 146 53.80 -0.96 35.61
CA TRP D 146 52.98 -2.11 35.27
C TRP D 146 54.01 -3.15 34.90
N GLY D 147 53.82 -4.38 35.30
CA GLY D 147 54.79 -5.40 35.00
C GLY D 147 54.32 -6.84 35.13
N ILE D 148 54.87 -7.70 34.28
CA ILE D 148 54.73 -9.14 34.42
C ILE D 148 56.09 -9.77 34.55
N GLY D 149 56.14 -10.86 35.30
CA GLY D 149 57.37 -11.62 35.53
C GLY D 149 58.13 -11.20 36.79
N LEU D 150 57.51 -10.38 37.63
CA LEU D 150 58.13 -9.97 38.89
C LEU D 150 58.00 -11.04 39.97
N VAL D 151 57.08 -11.98 39.78
CA VAL D 151 57.01 -13.20 40.63
C VAL D 151 58.39 -13.77 41.01
N GLU D 153 58.23 -15.51 45.22
CA GLU D 153 58.16 -16.70 46.08
C GLU D 153 59.01 -16.56 47.35
N VAL D 154 58.36 -16.63 48.51
CA VAL D 154 59.07 -16.59 49.80
C VAL D 154 59.16 -18.01 50.38
N SER D 155 60.35 -18.37 50.88
CA SER D 155 60.58 -19.69 51.49
C SER D 155 60.86 -19.56 53.00
N ASN D 156 60.23 -18.59 53.65
CA ASN D 156 60.42 -18.36 55.08
C ASN D 156 59.51 -17.24 55.62
N ASN D 157 59.54 -17.07 56.94
CA ASN D 157 58.88 -15.93 57.59
C ASN D 157 59.70 -14.64 57.40
N ILE D 158 61.01 -14.79 57.17
CA ILE D 158 61.94 -13.67 57.01
C ILE D 158 61.85 -13.02 55.61
N ASP D 159 61.85 -13.86 54.57
CA ASP D 159 61.66 -13.39 53.18
C ASP D 159 60.29 -12.73 53.04
N ALA D 160 59.25 -13.44 53.46
CA ALA D 160 57.87 -12.94 53.44
C ALA D 160 57.75 -11.57 54.11
N GLU D 161 58.44 -11.39 55.23
CA GLU D 161 58.51 -10.10 55.92
C GLU D 161 59.28 -9.08 55.09
N GLU D 162 60.45 -9.49 54.58
CA GLU D 162 61.29 -8.59 53.82
C GLU D 162 60.63 -8.17 52.51
N LYS D 163 59.72 -9.00 52.00
CA LYS D 163 58.97 -8.65 50.79
C LYS D 163 57.96 -7.50 51.00
N ALA D 164 57.28 -7.51 52.15
CA ALA D 164 56.32 -6.45 52.49
C ALA D 164 57.06 -5.14 52.73
N LYS D 165 58.23 -5.26 53.36
CA LYS D 165 59.09 -4.11 53.69
C LYS D 165 59.60 -3.36 52.44
N LEU D 166 60.21 -4.07 51.50
CA LEU D 166 60.85 -3.39 50.37
C LEU D 166 59.87 -3.05 49.25
N GLY D 167 58.75 -3.77 49.18
CA GLY D 167 57.82 -3.62 48.08
C GLY D 167 58.08 -4.64 46.97
N LYS D 168 57.12 -4.79 46.07
CA LYS D 168 57.21 -5.80 45.00
C LYS D 168 58.46 -5.65 44.13
N ILE D 169 58.68 -4.45 43.62
CA ILE D 169 59.84 -4.19 42.75
C ILE D 169 61.15 -4.22 43.55
N GLY D 170 61.13 -3.62 44.73
CA GLY D 170 62.30 -3.61 45.61
C GLY D 170 62.81 -5.00 45.95
N TYR D 171 61.87 -5.89 46.28
CA TYR D 171 62.20 -7.28 46.62
C TYR D 171 62.74 -8.02 45.42
N TYR D 172 62.12 -7.80 44.27
CA TYR D 172 62.53 -8.42 43.01
C TYR D 172 63.97 -8.05 42.67
N LEU D 173 64.29 -6.76 42.80
CA LEU D 173 65.63 -6.26 42.52
C LEU D 173 66.68 -6.79 43.51
N SER D 174 66.29 -6.92 44.77
CA SER D 174 67.20 -7.42 45.81
C SER D 174 67.57 -8.89 45.62
N THR D 175 66.67 -9.66 45.01
CA THR D 175 66.82 -11.11 44.87
C THR D 175 67.03 -11.57 43.42
N ILE D 176 67.19 -10.63 42.50
CA ILE D 176 67.32 -10.96 41.07
C ILE D 176 68.61 -11.72 40.75
N ARG D 177 69.69 -11.40 41.46
CA ARG D 177 70.96 -12.11 41.26
C ARG D 177 70.79 -13.61 41.57
N THR D 178 70.09 -13.92 42.65
CA THR D 178 69.90 -15.32 43.10
C THR D 178 68.62 -16.02 42.60
N VAL D 179 67.84 -15.37 41.75
CA VAL D 179 66.68 -16.02 41.14
C VAL D 179 67.16 -17.13 40.19
N LYS D 180 67.40 -18.31 40.76
CA LYS D 180 68.10 -19.42 40.08
C LYS D 180 67.74 -19.56 38.59
N ASN D 181 66.45 -19.48 38.26
CA ASN D 181 66.01 -19.43 36.85
C ASN D 181 64.52 -19.12 36.72
N ALA D 182 64.20 -18.06 35.98
CA ALA D 182 62.84 -17.56 35.87
C ALA D 182 62.02 -18.26 34.78
N GLU D 183 60.71 -18.26 34.98
CA GLU D 183 59.73 -18.82 34.03
C GLU D 183 59.66 -17.90 32.81
N THR D 184 59.72 -18.46 31.60
CA THR D 184 59.56 -17.68 30.37
C THR D 184 58.12 -17.77 29.86
N PHE D 185 57.69 -16.74 29.15
CA PHE D 185 56.31 -16.68 28.65
C PHE D 185 56.27 -15.85 27.37
N PRO D 186 55.36 -16.22 26.44
CA PRO D 186 55.22 -15.41 25.23
C PRO D 186 54.42 -14.14 25.46
N VAL D 187 54.80 -13.08 24.77
CA VAL D 187 54.15 -11.78 24.91
C VAL D 187 53.98 -11.12 23.56
N LYS D 188 52.81 -10.51 23.35
CA LYS D 188 52.52 -9.70 22.18
C LYS D 188 52.26 -8.27 22.63
N ILE D 189 53.12 -7.34 22.20
CA ILE D 189 52.98 -5.93 22.58
C ILE D 189 52.70 -5.05 21.36
N THR D 190 51.53 -4.43 21.34
CA THR D 190 51.15 -3.49 20.29
C THR D 190 51.38 -2.07 20.82
N TYR D 191 52.31 -1.35 20.20
CA TYR D 191 52.68 -0.01 20.65
C TYR D 191 52.68 1.02 19.53
N ASP D 192 51.75 1.96 19.62
CA ASP D 192 51.61 3.05 18.64
C ASP D 192 51.73 2.51 17.22
N GLY D 193 50.88 1.53 16.91
CA GLY D 193 50.76 0.99 15.55
C GLY D 193 51.72 -0.14 15.22
N GLN D 194 52.75 -0.31 16.05
CA GLN D 194 53.82 -1.27 15.81
C GLN D 194 53.62 -2.48 16.71
N VAL D 195 54.16 -3.62 16.28
CA VAL D 195 53.98 -4.89 17.00
C VAL D 195 55.33 -5.49 17.41
N TYR D 196 55.34 -6.13 18.57
CA TYR D 196 56.50 -6.86 19.09
C TYR D 196 56.01 -8.19 19.71
N GLU D 197 56.54 -9.30 19.18
CA GLU D 197 56.18 -10.65 19.62
C GLU D 197 57.49 -11.36 19.93
N ASP D 198 57.58 -11.97 21.12
CA ASP D 198 58.79 -12.68 21.56
C ASP D 198 58.53 -13.48 22.87
N GLU D 199 59.41 -14.42 23.18
CA GLU D 199 59.41 -15.11 24.48
C GLU D 199 60.17 -14.26 25.50
N ALA D 200 59.56 -14.02 26.66
CA ALA D 200 60.10 -13.06 27.63
C ALA D 200 60.19 -13.62 29.07
N VAL D 201 61.04 -12.97 29.87
CA VAL D 201 61.16 -13.22 31.32
C VAL D 201 60.63 -12.07 32.21
N LEU D 202 60.83 -10.82 31.77
CA LEU D 202 60.34 -9.63 32.49
C LEU D 202 59.82 -8.62 31.46
N VAL D 203 58.61 -8.12 31.67
CA VAL D 203 58.07 -7.03 30.87
C VAL D 203 57.59 -5.91 31.78
N MSE D 204 58.17 -4.72 31.63
CA MSE D 204 57.82 -3.53 32.42
C MSE D 204 57.30 -2.43 31.53
O MSE D 204 57.75 -2.24 30.41
CB MSE D 204 59.04 -2.99 33.17
CG MSE D 204 59.70 -3.97 34.13
SE MSE D 204 58.70 -4.14 35.79
CE MSE D 204 58.99 -2.32 36.42
N VAL D 205 56.33 -1.69 32.05
CA VAL D 205 55.92 -0.42 31.47
C VAL D 205 56.07 0.56 32.61
N GLY D 206 57.02 1.46 32.47
CA GLY D 206 57.35 2.40 33.56
C GLY D 206 56.84 3.80 33.33
N ASN D 207 56.28 4.40 34.37
CA ASN D 207 55.89 5.81 34.34
C ASN D 207 56.74 6.66 35.26
N GLY D 208 57.00 6.14 36.45
CA GLY D 208 57.72 6.86 37.47
C GLY D 208 59.21 6.75 37.31
N GLU D 209 59.93 7.62 38.04
CA GLU D 209 61.36 7.77 37.87
C GLU D 209 62.13 7.02 38.93
N TYR D 210 61.42 6.45 39.89
CA TYR D 210 62.01 5.60 40.91
C TYR D 210 61.22 4.31 41.02
N LEU D 211 61.95 3.19 41.15
CA LEU D 211 61.35 1.88 41.37
C LEU D 211 62.08 1.16 42.48
N GLY D 212 61.33 0.68 43.47
CA GLY D 212 61.91 -0.03 44.62
C GLY D 212 62.79 0.82 45.53
N GLY D 213 62.55 2.12 45.55
CA GLY D 213 63.28 3.02 46.46
C GLY D 213 64.55 3.62 45.88
N ILE D 214 64.89 3.25 44.65
CA ILE D 214 66.08 3.77 43.99
C ILE D 214 65.73 4.17 42.59
N PRO D 215 66.58 4.96 41.91
CA PRO D 215 66.24 5.41 40.57
C PRO D 215 65.87 4.26 39.66
N SER D 216 64.94 4.52 38.75
CA SER D 216 64.41 3.49 37.87
C SER D 216 65.53 2.79 37.11
N PHE D 217 65.49 1.46 37.12
CA PHE D 217 66.39 0.67 36.28
C PHE D 217 66.05 0.78 34.80
N ILE D 218 64.85 1.25 34.47
CA ILE D 218 64.49 1.57 33.11
C ILE D 218 65.11 2.92 32.84
N PRO D 219 65.91 3.03 31.76
CA PRO D 219 66.65 4.27 31.53
C PRO D 219 65.81 5.43 31.05
N ASN D 220 66.10 6.61 31.57
CA ASN D 220 65.57 7.88 31.05
C ASN D 220 64.05 7.95 31.03
N VAL D 221 63.44 7.38 32.08
CA VAL D 221 62.01 7.44 32.25
C VAL D 221 61.66 8.81 32.84
N LYS D 222 60.62 9.44 32.30
CA LYS D 222 60.14 10.69 32.84
C LYS D 222 58.63 10.56 33.06
N CYS D 223 58.18 11.09 34.20
CA CYS D 223 56.78 10.99 34.60
C CYS D 223 55.90 12.08 34.03
N ASP D 224 56.50 13.01 33.27
CA ASP D 224 55.77 14.16 32.71
C ASP D 224 56.09 14.48 31.26
N ASP D 225 56.56 13.49 30.51
CA ASP D 225 56.98 13.66 29.12
C ASP D 225 55.96 13.18 28.09
N GLY D 226 54.80 12.76 28.59
CA GLY D 226 53.69 12.38 27.71
C GLY D 226 53.83 11.00 27.12
N THR D 227 54.77 10.22 27.64
CA THR D 227 55.01 8.91 27.09
C THR D 227 55.49 7.89 28.17
N LEU D 228 55.23 6.61 27.90
CA LEU D 228 55.58 5.51 28.82
C LEU D 228 56.76 4.74 28.27
N ASP D 229 57.47 4.06 29.15
CA ASP D 229 58.66 3.30 28.77
C ASP D 229 58.44 1.80 28.86
N ILE D 230 58.47 1.14 27.71
CA ILE D 230 58.39 -0.31 27.65
C ILE D 230 59.78 -0.88 27.81
N PHE D 231 59.90 -1.95 28.58
CA PHE D 231 61.21 -2.51 28.92
C PHE D 231 61.06 -4.01 29.09
N VAL D 232 61.67 -4.76 28.18
CA VAL D 232 61.54 -6.22 28.16
C VAL D 232 62.91 -6.87 28.29
N VAL D 233 63.02 -7.80 29.23
CA VAL D 233 64.18 -8.64 29.33
C VAL D 233 63.76 -9.91 28.58
N LYS D 234 64.37 -10.14 27.42
CA LYS D 234 64.03 -11.27 26.54
C LYS D 234 64.50 -12.57 27.17
N SER D 235 63.84 -13.67 26.79
CA SER D 235 64.14 -15.02 27.32
C SER D 235 65.65 -15.39 27.40
N THR D 236 66.44 -14.87 26.47
CA THR D 236 67.89 -15.12 26.36
C THR D 236 68.74 -14.23 27.28
N GLY D 237 68.15 -13.15 27.78
CA GLY D 237 68.90 -12.11 28.49
C GLY D 237 68.85 -12.13 30.01
N ILE D 238 68.50 -13.27 30.59
CA ILE D 238 68.37 -13.41 32.06
C ILE D 238 69.65 -13.00 32.78
N GLN D 239 70.77 -13.58 32.35
CA GLN D 239 72.05 -13.31 32.98
C GLN D 239 72.51 -11.87 32.76
N ALA D 240 72.38 -11.39 31.52
CA ALA D 240 72.75 -10.01 31.18
C ALA D 240 72.03 -8.99 32.07
N PHE D 241 70.75 -9.27 32.35
CA PHE D 241 69.91 -8.40 33.18
C PHE D 241 70.34 -8.41 34.65
N LYS D 242 70.67 -9.60 35.15
CA LYS D 242 71.19 -9.75 36.52
C LYS D 242 72.44 -8.87 36.73
N ASP D 243 73.34 -8.92 35.76
CA ASP D 243 74.60 -8.15 35.81
C ASP D 243 74.31 -6.66 35.66
N TYR D 244 73.36 -6.32 34.80
CA TYR D 244 72.94 -4.94 34.54
C TYR D 244 72.44 -4.23 35.82
N ILE D 245 71.62 -4.94 36.60
CA ILE D 245 71.11 -4.43 37.90
C ILE D 245 72.23 -4.29 38.94
N GLY D 246 73.13 -5.28 38.98
CA GLY D 246 74.27 -5.25 39.88
C GLY D 246 75.15 -4.03 39.69
N LYS D 247 75.44 -3.68 38.44
CA LYS D 247 76.25 -2.49 38.16
C LYS D 247 75.59 -1.19 38.68
N LYS D 248 74.26 -1.17 38.74
CA LYS D 248 73.50 0.01 39.20
C LYS D 248 73.70 1.23 38.29
N LEU D 249 73.98 0.99 37.01
CA LEU D 249 74.19 2.08 36.06
C LEU D 249 73.22 1.87 34.90
N PHE D 250 72.33 2.86 34.71
CA PHE D 250 71.15 2.69 33.87
C PHE D 250 71.10 3.63 32.65
N GLU D 251 71.80 3.24 31.58
CA GLU D 251 71.76 3.93 30.28
C GLU D 251 71.58 2.94 29.11
N ASP D 252 70.79 3.32 28.10
CA ASP D 252 70.60 2.51 26.86
C ASP D 252 69.61 3.16 25.87
N ASN D 256 71.85 -1.43 26.06
CA ASN D 256 72.05 -1.85 24.67
C ASN D 256 71.70 -3.33 24.33
N ASP D 257 71.21 -4.12 25.29
CA ASP D 257 70.93 -5.57 25.09
C ASP D 257 69.53 -6.06 25.58
N ILE D 258 68.58 -5.13 25.73
CA ILE D 258 67.20 -5.38 26.23
C ILE D 258 66.22 -4.67 25.28
N PHE D 259 64.94 -5.07 25.17
CA PHE D 259 64.05 -4.33 24.28
C PHE D 259 63.41 -3.17 25.04
N HIS D 260 63.68 -1.96 24.57
CA HIS D 260 63.24 -0.74 25.24
C HIS D 260 62.72 0.29 24.26
N VAL D 261 61.48 0.71 24.44
CA VAL D 261 60.88 1.70 23.57
C VAL D 261 59.91 2.57 24.38
N LYS D 262 59.66 3.78 23.86
CA LYS D 262 58.66 4.68 24.42
C LYS D 262 57.37 4.63 23.60
N ALA D 263 56.24 4.74 24.27
CA ALA D 263 54.95 4.69 23.60
C ALA D 263 53.84 5.30 24.44
N LYS D 264 52.81 5.78 23.76
CA LYS D 264 51.64 6.40 24.39
C LYS D 264 50.47 5.43 24.58
N SER D 265 50.28 4.57 23.60
CA SER D 265 49.13 3.68 23.56
C SER D 265 49.63 2.26 23.31
N ILE D 266 49.41 1.40 24.30
CA ILE D 266 50.04 0.07 24.37
C ILE D 266 49.00 -1.01 24.66
N HIS D 267 49.13 -2.15 23.98
CA HIS D 267 48.30 -3.32 24.23
C HIS D 267 49.21 -4.51 24.45
N ILE D 268 49.04 -5.17 25.59
CA ILE D 268 49.89 -6.30 25.95
C ILE D 268 49.08 -7.59 26.11
N GLU D 269 49.51 -8.59 25.34
CA GLU D 269 48.84 -9.89 25.28
C GLU D 269 49.80 -11.01 25.64
N THR D 270 49.30 -11.95 26.43
CA THR D 270 50.02 -13.20 26.73
C THR D 270 49.20 -14.43 26.28
N GLU D 271 49.86 -15.57 26.20
CA GLU D 271 49.20 -16.82 25.78
C GLU D 271 48.01 -17.14 26.70
N GLU D 272 48.29 -17.20 27.98
CA GLU D 272 47.26 -17.35 29.01
C GLU D 272 47.20 -16.06 29.82
N GLU D 273 46.04 -15.80 30.44
CA GLU D 273 45.88 -14.70 31.39
C GLU D 273 46.95 -14.72 32.48
N LYS D 274 47.71 -13.63 32.58
CA LYS D 274 48.79 -13.48 33.56
C LYS D 274 48.43 -12.35 34.53
N GLU D 275 48.70 -12.61 35.81
CA GLU D 275 48.48 -11.61 36.86
C GLU D 275 49.49 -10.49 36.65
N VAL D 276 49.01 -9.25 36.72
CA VAL D 276 49.87 -8.07 36.56
C VAL D 276 50.21 -7.48 37.93
N ASP D 277 51.45 -7.02 38.08
CA ASP D 277 51.88 -6.29 39.26
C ASP D 277 51.93 -4.79 38.96
N THR D 278 51.53 -3.99 39.95
CA THR D 278 51.51 -2.54 39.80
C THR D 278 51.79 -1.86 41.14
N ASP D 279 51.46 -0.58 41.27
CA ASP D 279 51.90 0.23 42.44
C ASP D 279 51.47 -0.37 43.80
N GLY D 280 50.29 -0.98 43.83
CA GLY D 280 49.75 -1.56 45.05
C GLY D 280 48.84 -2.72 44.75
N GLU D 281 48.08 -3.16 45.75
CA GLU D 281 47.21 -4.33 45.58
C GLU D 281 46.16 -4.06 44.50
N SER D 282 46.05 -5.02 43.59
CA SER D 282 45.20 -4.90 42.42
C SER D 282 44.80 -6.29 41.88
N SER D 283 43.72 -6.32 41.12
CA SER D 283 43.23 -7.57 40.53
C SER D 283 43.44 -7.57 39.01
N LEU D 284 44.30 -6.69 38.53
CA LEU D 284 44.56 -6.53 37.11
C LEU D 284 45.23 -7.78 36.53
N HIS D 285 44.88 -8.13 35.29
CA HIS D 285 45.50 -9.23 34.56
C HIS D 285 45.47 -8.98 33.04
N THR D 286 46.39 -9.63 32.33
CA THR D 286 46.42 -9.54 30.87
C THR D 286 45.18 -10.22 30.30
N PRO D 287 44.77 -9.85 29.07
CA PRO D 287 45.37 -8.81 28.24
C PRO D 287 45.04 -7.39 28.71
N CYS D 288 45.89 -6.45 28.32
CA CYS D 288 45.80 -5.09 28.80
C CYS D 288 45.95 -4.02 27.72
N GLN D 289 45.00 -3.10 27.74
CA GLN D 289 45.14 -1.83 27.05
C GLN D 289 45.72 -0.84 28.05
N ILE D 290 46.95 -0.39 27.79
CA ILE D 290 47.59 0.65 28.62
C ILE D 290 47.65 1.97 27.85
N GLU D 291 47.26 3.04 28.52
CA GLU D 291 47.03 4.31 27.91
C GLU D 291 47.67 5.37 28.77
N LEU D 292 48.43 6.25 28.13
CA LEU D 292 49.03 7.34 28.88
C LEU D 292 48.15 8.55 28.85
N LEU D 293 47.81 9.05 30.04
CA LEU D 293 47.01 10.25 30.20
C LEU D 293 47.95 11.39 30.59
N GLN D 294 48.20 12.25 29.62
CA GLN D 294 49.23 13.28 29.76
C GLN D 294 48.75 14.33 30.73
N GLY D 295 49.57 14.61 31.73
CA GLY D 295 49.29 15.65 32.72
C GLY D 295 47.95 15.48 33.41
N HIS D 296 47.55 14.24 33.60
CA HIS D 296 46.25 13.93 34.19
C HIS D 296 46.12 14.38 35.65
N PHE D 297 47.23 14.34 36.39
CA PHE D 297 47.29 14.92 37.73
C PHE D 297 48.12 16.18 37.73
N THR D 298 47.83 17.07 38.68
CA THR D 298 48.82 18.08 39.04
C THR D 298 49.29 17.71 40.45
N MSE D 299 50.60 17.83 40.69
CA MSE D 299 51.17 17.42 41.97
C MSE D 299 52.22 18.36 42.51
O MSE D 299 52.87 19.06 41.78
CB MSE D 299 51.75 16.02 41.85
CG MSE D 299 50.73 14.99 41.34
SE MSE D 299 51.35 13.17 41.55
CE MSE D 299 51.45 13.06 43.48
N ILE D 300 52.33 18.41 43.82
CA ILE D 300 53.33 19.19 44.49
C ILE D 300 54.64 18.51 44.25
N TYR D 301 55.67 19.29 43.89
CA TYR D 301 57.01 18.76 43.67
C TYR D 301 58.09 19.68 44.27
N ASN D 302 59.32 19.23 44.18
CA ASN D 302 60.48 19.98 44.66
C ASN D 302 61.36 20.42 43.50
N PRO D 303 61.25 21.68 43.08
CA PRO D 303 62.04 22.13 41.93
C PRO D 303 63.54 22.27 42.22
N ALA D 304 63.93 22.29 43.50
CA ALA D 304 65.35 22.31 43.90
C ALA D 304 66.07 21.00 43.52
N VAL D 305 65.30 19.92 43.40
CA VAL D 305 65.82 18.57 43.12
C VAL D 305 65.31 18.04 41.76
N LYS E 9 11.13 -20.69 -61.70
CA LYS E 9 11.04 -21.96 -62.51
C LYS E 9 12.43 -22.49 -62.86
N THR E 10 13.34 -22.53 -61.88
CA THR E 10 14.74 -22.93 -62.14
C THR E 10 15.00 -24.44 -62.06
N LYS E 11 15.95 -24.91 -62.87
CA LYS E 11 16.47 -26.27 -62.77
C LYS E 11 17.45 -26.44 -61.60
N PHE E 12 17.99 -25.33 -61.09
CA PHE E 12 19.17 -25.35 -60.21
C PHE E 12 18.96 -24.63 -58.88
N GLU E 13 18.57 -25.40 -57.87
CA GLU E 13 18.31 -24.88 -56.54
C GLU E 13 19.62 -24.35 -55.92
N LYS E 14 20.71 -25.08 -56.11
CA LYS E 14 22.03 -24.73 -55.55
C LYS E 14 23.10 -24.78 -56.61
N VAL E 15 23.93 -23.75 -56.65
CA VAL E 15 24.97 -23.62 -57.66
C VAL E 15 26.36 -23.40 -57.02
N LEU E 16 27.37 -24.05 -57.59
CA LEU E 16 28.76 -23.87 -57.19
C LEU E 16 29.53 -23.26 -58.37
N LEU E 17 30.24 -22.15 -58.11
CA LEU E 17 31.12 -21.53 -59.12
C LEU E 17 32.55 -21.74 -58.67
N ILE E 18 33.32 -22.48 -59.45
CA ILE E 18 34.72 -22.73 -59.14
C ILE E 18 35.51 -21.72 -59.95
N VAL E 19 36.29 -20.89 -59.27
CA VAL E 19 37.06 -19.85 -59.93
C VAL E 19 38.52 -20.14 -59.84
N ASN E 20 39.18 -20.22 -61.00
CA ASN E 20 40.63 -20.27 -61.03
C ASN E 20 41.09 -18.83 -61.08
N PRO E 21 41.67 -18.33 -59.98
CA PRO E 21 42.04 -16.91 -59.93
C PRO E 21 43.05 -16.48 -61.00
N LYS E 22 43.87 -17.42 -61.46
CA LYS E 22 44.86 -17.16 -62.52
C LYS E 22 44.22 -17.12 -63.92
N ALA E 23 43.00 -17.64 -64.04
CA ALA E 23 42.30 -17.66 -65.31
C ALA E 23 41.97 -16.24 -65.79
N GLY E 24 41.63 -16.14 -67.07
CA GLY E 24 41.21 -14.88 -67.65
C GLY E 24 42.37 -14.00 -67.96
N GLN E 25 42.04 -12.76 -68.33
CA GLN E 25 43.03 -11.75 -68.63
C GLN E 25 42.93 -10.62 -67.60
N GLY E 26 44.04 -10.40 -66.88
CA GLY E 26 44.12 -9.33 -65.88
C GLY E 26 43.39 -9.59 -64.58
N ASP E 27 42.96 -8.51 -63.94
CA ASP E 27 42.52 -8.54 -62.56
C ASP E 27 41.51 -9.69 -62.33
N LEU E 28 41.73 -10.44 -61.26
CA LEU E 28 40.67 -11.23 -60.67
C LEU E 28 39.42 -10.35 -60.48
N HIS E 29 39.58 -9.19 -59.85
CA HIS E 29 38.47 -8.28 -59.61
C HIS E 29 37.67 -8.03 -60.89
N THR E 30 38.38 -7.75 -61.99
CA THR E 30 37.73 -7.41 -63.26
C THR E 30 36.94 -8.59 -63.78
N ASN E 31 37.58 -9.75 -63.80
CA ASN E 31 36.90 -10.96 -64.24
C ASN E 31 35.67 -11.26 -63.38
N LEU E 32 35.79 -11.06 -62.08
CA LEU E 32 34.68 -11.34 -61.18
C LEU E 32 33.56 -10.32 -61.35
N THR E 33 33.92 -9.09 -61.69
CA THR E 33 32.92 -8.06 -62.00
C THR E 33 32.09 -8.45 -63.23
N LYS E 34 32.71 -9.17 -64.15
CA LYS E 34 32.02 -9.58 -65.36
C LYS E 34 31.16 -10.81 -65.15
N ILE E 35 31.64 -11.79 -64.39
CA ILE E 35 30.95 -13.09 -64.32
C ILE E 35 30.06 -13.34 -63.09
N VAL E 36 30.36 -12.70 -61.96
CA VAL E 36 29.62 -13.05 -60.75
C VAL E 36 28.22 -12.41 -60.65
N PRO E 37 28.11 -11.10 -60.92
CA PRO E 37 26.80 -10.47 -60.72
C PRO E 37 25.63 -11.11 -61.47
N PRO E 38 25.81 -11.47 -62.74
CA PRO E 38 24.70 -12.13 -63.43
C PRO E 38 24.32 -13.44 -62.75
N LEU E 39 25.33 -14.19 -62.34
CA LEU E 39 25.10 -15.46 -61.67
C LEU E 39 24.41 -15.25 -60.34
N ALA E 40 24.93 -14.31 -59.56
CA ALA E 40 24.36 -14.01 -58.24
C ALA E 40 22.93 -13.50 -58.33
N ALA E 41 22.63 -12.77 -59.37
CA ALA E 41 21.27 -12.25 -59.60
C ALA E 41 20.31 -13.37 -59.89
N ALA E 42 20.75 -14.30 -60.74
CA ALA E 42 19.87 -15.37 -61.25
C ALA E 42 19.70 -16.51 -60.24
N PHE E 43 20.75 -16.77 -59.45
CA PHE E 43 20.77 -17.99 -58.59
C PHE E 43 20.86 -17.60 -57.13
N PRO E 44 19.76 -17.76 -56.41
CA PRO E 44 19.73 -17.25 -55.03
C PRO E 44 20.48 -18.09 -53.98
N ASP E 45 21.08 -19.21 -54.39
CA ASP E 45 22.01 -19.99 -53.54
C ASP E 45 23.27 -20.30 -54.36
N LEU E 46 24.26 -19.44 -54.20
CA LEU E 46 25.50 -19.49 -55.02
C LEU E 46 26.72 -19.55 -54.11
N HIS E 47 27.57 -20.54 -54.36
CA HIS E 47 28.78 -20.76 -53.58
C HIS E 47 29.98 -20.57 -54.51
N ILE E 48 30.89 -19.71 -54.13
CA ILE E 48 32.06 -19.39 -54.98
C ILE E 48 33.30 -19.85 -54.27
N LEU E 49 34.04 -20.76 -54.89
CA LEU E 49 35.28 -21.31 -54.30
C LEU E 49 36.42 -21.02 -55.27
N HIS E 50 37.50 -20.42 -54.77
CA HIS E 50 38.70 -20.26 -55.55
C HIS E 50 39.58 -21.47 -55.43
N THR E 51 40.20 -21.88 -56.53
CA THR E 51 41.27 -22.88 -56.47
C THR E 51 42.54 -22.22 -55.98
N LYS E 52 43.39 -22.99 -55.33
CA LYS E 52 44.75 -22.51 -54.91
C LYS E 52 45.85 -23.31 -55.62
N GLU E 53 45.63 -24.60 -55.80
CA GLU E 53 46.62 -25.52 -56.38
C GLU E 53 46.03 -26.42 -57.45
N GLN E 54 46.91 -27.00 -58.26
CA GLN E 54 46.52 -28.07 -59.16
C GLN E 54 45.84 -29.14 -58.31
N GLY E 55 44.70 -29.62 -58.82
CA GLY E 55 43.91 -30.66 -58.15
C GLY E 55 42.70 -30.16 -57.37
N ASP E 56 42.67 -28.87 -57.06
CA ASP E 56 41.60 -28.32 -56.24
C ASP E 56 40.25 -28.42 -56.89
N ALA E 57 40.15 -28.07 -58.16
CA ALA E 57 38.87 -28.18 -58.89
C ALA E 57 38.37 -29.64 -58.83
N THR E 58 39.26 -30.59 -59.02
CA THR E 58 38.87 -31.99 -58.93
C THR E 58 38.30 -32.25 -57.54
N LYS E 59 39.00 -31.80 -56.49
CA LYS E 59 38.52 -32.01 -55.12
C LYS E 59 37.16 -31.35 -54.82
N TYR E 60 36.99 -30.13 -55.30
CA TYR E 60 35.77 -29.38 -55.06
C TYR E 60 34.60 -30.08 -55.77
N CYS E 61 34.81 -30.49 -57.01
CA CYS E 61 33.78 -31.23 -57.72
C CYS E 61 33.39 -32.48 -56.94
N GLN E 62 34.35 -33.21 -56.41
CA GLN E 62 34.04 -34.45 -55.72
C GLN E 62 33.35 -34.17 -54.38
N GLU E 63 33.70 -33.09 -53.71
CA GLU E 63 33.04 -32.79 -52.44
C GLU E 63 31.60 -32.31 -52.64
N PHE E 64 31.36 -31.53 -53.68
CA PHE E 64 30.08 -30.82 -53.88
C PHE E 64 29.12 -31.51 -54.85
N ALA E 65 29.60 -32.54 -55.55
CA ALA E 65 28.79 -33.29 -56.51
C ALA E 65 27.42 -33.69 -55.95
N SER E 66 27.37 -34.07 -54.70
CA SER E 66 26.12 -34.52 -54.09
C SER E 66 25.38 -33.38 -53.36
N LYS E 67 25.94 -32.18 -53.37
CA LYS E 67 25.37 -31.10 -52.56
C LYS E 67 24.78 -30.00 -53.42
N VAL E 68 24.96 -30.11 -54.72
CA VAL E 68 24.78 -28.99 -55.61
C VAL E 68 24.16 -29.48 -56.91
N ASP E 69 23.46 -28.59 -57.61
CA ASP E 69 22.72 -28.98 -58.84
C ASP E 69 23.42 -28.52 -60.10
N LEU E 70 24.26 -27.50 -59.96
CA LEU E 70 25.03 -26.98 -61.09
C LEU E 70 26.41 -26.62 -60.61
N ILE E 71 27.43 -27.02 -61.37
CA ILE E 71 28.82 -26.61 -61.09
C ILE E 71 29.31 -25.83 -62.28
N ILE E 72 29.70 -24.58 -62.06
CA ILE E 72 30.25 -23.73 -63.09
C ILE E 72 31.76 -23.64 -62.88
N VAL E 73 32.54 -23.87 -63.93
CA VAL E 73 34.00 -23.73 -63.84
C VAL E 73 34.49 -22.56 -64.70
N PHE E 74 35.16 -21.61 -64.04
CA PHE E 74 35.81 -20.51 -64.72
C PHE E 74 37.30 -20.80 -64.83
N GLY E 75 37.71 -21.23 -66.01
CA GLY E 75 39.09 -21.62 -66.24
C GLY E 75 39.29 -22.11 -67.66
N GLY E 76 40.54 -22.38 -68.00
CA GLY E 76 40.91 -22.90 -69.31
C GLY E 76 40.72 -24.41 -69.39
N ASP E 77 41.28 -24.99 -70.45
CA ASP E 77 41.18 -26.43 -70.74
C ASP E 77 41.59 -27.30 -69.56
N GLY E 78 42.68 -26.92 -68.88
CA GLY E 78 43.19 -27.65 -67.71
C GLY E 78 42.21 -27.71 -66.54
N THR E 79 41.59 -26.59 -66.23
CA THR E 79 40.62 -26.58 -65.13
C THR E 79 39.36 -27.36 -65.51
N VAL E 80 38.93 -27.24 -66.76
CA VAL E 80 37.77 -27.99 -67.23
C VAL E 80 38.06 -29.49 -67.10
N PHE E 81 39.30 -29.88 -67.44
CA PHE E 81 39.70 -31.29 -67.38
C PHE E 81 39.71 -31.81 -65.96
N GLU E 82 40.08 -30.95 -65.02
CA GLU E 82 40.04 -31.31 -63.60
C GLU E 82 38.61 -31.59 -63.22
N CYS E 83 37.68 -30.76 -63.67
CA CYS E 83 36.26 -30.98 -63.40
C CYS E 83 35.74 -32.25 -64.05
N THR E 84 36.16 -32.49 -65.29
CA THR E 84 35.84 -33.74 -65.98
C THR E 84 36.26 -34.96 -65.18
N ASN E 85 37.52 -34.97 -64.78
CA ASN E 85 38.05 -36.08 -63.96
C ASN E 85 37.39 -36.17 -62.59
N GLY E 86 36.93 -35.04 -62.09
CA GLY E 86 36.29 -35.02 -60.79
C GLY E 86 34.91 -35.64 -60.81
N LEU E 87 34.11 -35.26 -61.80
CA LEU E 87 32.72 -35.68 -61.86
C LEU E 87 32.53 -37.02 -62.53
N ALA E 88 33.27 -37.25 -63.61
CA ALA E 88 33.05 -38.43 -64.47
C ALA E 88 32.92 -39.76 -63.70
N PRO E 89 33.79 -40.02 -62.72
CA PRO E 89 33.71 -41.32 -62.03
C PRO E 89 32.58 -41.46 -61.03
N LEU E 90 31.90 -40.36 -60.70
CA LEU E 90 30.93 -40.37 -59.61
C LEU E 90 29.59 -40.92 -60.07
N GLU E 91 28.83 -41.47 -59.11
CA GLU E 91 27.47 -41.91 -59.36
C GLU E 91 26.50 -40.77 -59.56
N ILE E 92 26.69 -39.67 -58.83
CA ILE E 92 25.83 -38.51 -58.96
C ILE E 92 26.64 -37.35 -59.53
N ARG E 93 26.18 -36.82 -60.66
CA ARG E 93 26.93 -35.83 -61.39
C ARG E 93 26.04 -34.64 -61.78
N PRO E 94 26.15 -33.53 -61.05
CA PRO E 94 25.33 -32.40 -61.42
C PRO E 94 25.72 -31.82 -62.78
N THR E 95 24.89 -30.93 -63.26
CA THR E 95 25.12 -30.28 -64.55
C THR E 95 26.38 -29.45 -64.46
N LEU E 96 27.14 -29.42 -65.55
CA LEU E 96 28.40 -28.68 -65.60
C LEU E 96 28.31 -27.56 -66.63
N ALA E 97 28.90 -26.43 -66.32
CA ALA E 97 28.95 -25.28 -67.23
C ALA E 97 30.34 -24.68 -67.23
N ILE E 98 30.75 -24.11 -68.36
CA ILE E 98 32.09 -23.57 -68.51
C ILE E 98 31.98 -22.09 -68.82
N ILE E 99 32.71 -21.29 -68.05
CA ILE E 99 33.05 -19.92 -68.46
C ILE E 99 34.50 -19.97 -68.94
N PRO E 100 34.75 -19.67 -70.21
CA PRO E 100 36.07 -19.93 -70.77
C PRO E 100 37.11 -18.96 -70.25
N GLY E 101 38.09 -19.47 -69.53
CA GLY E 101 39.10 -18.61 -68.89
C GLY E 101 40.53 -18.83 -69.34
N GLY E 102 40.69 -19.66 -70.35
CA GLY E 102 41.99 -19.88 -70.96
C GLY E 102 42.02 -19.19 -72.32
N THR E 103 42.96 -19.61 -73.17
CA THR E 103 43.06 -19.03 -74.51
C THR E 103 42.42 -19.96 -75.55
N CYS E 104 42.40 -21.26 -75.23
CA CYS E 104 41.91 -22.27 -76.14
C CYS E 104 40.42 -22.58 -75.92
N ASN E 105 40.09 -23.10 -74.74
CA ASN E 105 38.71 -23.32 -74.34
C ASN E 105 37.92 -24.19 -75.31
N ASP E 106 38.51 -25.32 -75.70
CA ASP E 106 37.94 -26.15 -76.75
C ASP E 106 36.50 -26.56 -76.48
N PHE E 107 36.25 -27.16 -75.33
CA PHE E 107 34.92 -27.71 -75.10
C PHE E 107 33.86 -26.64 -74.88
N SER E 108 34.25 -25.48 -74.39
CA SER E 108 33.31 -24.37 -74.30
C SER E 108 32.80 -24.02 -75.70
N ARG E 109 33.70 -24.04 -76.67
CA ARG E 109 33.34 -23.76 -78.08
C ARG E 109 32.43 -24.85 -78.66
N THR E 110 32.65 -26.10 -78.25
CA THR E 110 31.78 -27.21 -78.65
C THR E 110 30.35 -26.97 -78.18
N LEU E 111 30.22 -26.38 -77.00
CA LEU E 111 28.90 -26.07 -76.45
C LEU E 111 28.34 -24.74 -76.93
N GLY E 112 29.10 -24.06 -77.79
CA GLY E 112 28.66 -22.76 -78.37
C GLY E 112 28.73 -21.60 -77.39
N VAL E 113 29.53 -21.77 -76.33
CA VAL E 113 29.66 -20.75 -75.31
C VAL E 113 30.45 -19.58 -75.87
N PRO E 114 29.93 -18.35 -75.73
CA PRO E 114 30.66 -17.20 -76.18
C PRO E 114 31.96 -17.05 -75.41
N GLN E 115 33.01 -16.62 -76.11
CA GLN E 115 34.31 -16.41 -75.46
C GLN E 115 34.36 -15.13 -74.62
N ASN E 116 33.43 -14.22 -74.86
CA ASN E 116 33.21 -13.11 -73.93
C ASN E 116 32.67 -13.65 -72.59
N ILE E 117 33.45 -13.52 -71.53
CA ILE E 117 33.11 -14.19 -70.25
C ILE E 117 31.84 -13.66 -69.62
N ALA E 118 31.56 -12.37 -69.78
CA ALA E 118 30.26 -11.81 -69.33
C ALA E 118 29.09 -12.53 -70.02
N GLU E 119 29.21 -12.71 -71.33
CA GLU E 119 28.14 -13.36 -72.09
C GLU E 119 28.05 -14.85 -71.72
N ALA E 120 29.19 -15.46 -71.44
CA ALA E 120 29.22 -16.88 -71.02
C ALA E 120 28.43 -17.05 -69.73
N ALA E 121 28.66 -16.13 -68.80
CA ALA E 121 27.94 -16.10 -67.55
C ALA E 121 26.45 -15.92 -67.81
N LYS E 122 26.10 -14.94 -68.63
CA LYS E 122 24.68 -14.68 -68.92
C LYS E 122 23.99 -15.91 -69.53
N LEU E 123 24.68 -16.61 -70.41
CA LEU E 123 24.15 -17.82 -71.02
C LEU E 123 23.71 -18.84 -69.96
N ILE E 124 24.52 -19.00 -68.92
CA ILE E 124 24.24 -20.01 -67.90
C ILE E 124 22.86 -19.74 -67.30
N THR E 125 22.53 -18.45 -67.15
CA THR E 125 21.28 -18.06 -66.49
C THR E 125 20.06 -18.45 -67.32
N LYS E 126 20.28 -18.75 -68.60
CA LYS E 126 19.20 -19.19 -69.48
C LYS E 126 18.86 -20.65 -69.34
N GLU E 127 19.77 -21.40 -68.73
CA GLU E 127 19.51 -22.80 -68.29
C GLU E 127 19.18 -23.78 -69.40
N HIS E 128 19.77 -23.55 -70.57
CA HIS E 128 19.65 -24.54 -71.64
C HIS E 128 20.66 -25.64 -71.40
N VAL E 129 20.17 -26.85 -71.25
CA VAL E 129 20.98 -28.00 -70.86
C VAL E 129 20.84 -29.16 -71.84
N LYS E 130 21.95 -29.79 -72.23
CA LYS E 130 21.87 -31.01 -73.07
C LYS E 130 22.80 -32.10 -72.59
N PRO E 131 22.49 -33.36 -72.91
CA PRO E 131 23.41 -34.45 -72.58
C PRO E 131 24.66 -34.33 -73.41
N VAL E 132 25.77 -34.74 -72.82
CA VAL E 132 27.05 -34.74 -73.50
C VAL E 132 27.70 -36.07 -73.24
N ASP E 133 28.36 -36.61 -74.26
CA ASP E 133 29.12 -37.84 -74.12
C ASP E 133 30.47 -37.58 -73.47
N VAL E 134 30.87 -38.49 -72.60
CA VAL E 134 32.19 -38.46 -72.00
C VAL E 134 32.87 -39.75 -72.38
N ALA E 135 34.09 -39.63 -72.90
CA ALA E 135 34.90 -40.79 -73.28
C ALA E 135 35.70 -41.27 -72.07
N LYS E 136 35.98 -42.57 -72.09
CA LYS E 136 36.70 -43.22 -71.01
C LYS E 136 37.80 -44.05 -71.66
N ALA E 137 39.04 -43.72 -71.37
CA ALA E 137 40.19 -44.48 -71.88
C ALA E 137 40.96 -45.04 -70.68
N ASN E 138 41.00 -46.37 -70.57
CA ASN E 138 41.60 -47.07 -69.42
C ASN E 138 41.30 -46.37 -68.10
N GLY E 139 40.05 -45.97 -67.89
CA GLY E 139 39.69 -45.32 -66.62
C GLY E 139 39.96 -43.83 -66.52
N GLN E 140 40.66 -43.28 -67.50
CA GLN E 140 40.78 -41.84 -67.68
C GLN E 140 39.61 -41.36 -68.53
N HIS E 141 38.88 -40.35 -68.04
CA HIS E 141 37.79 -39.79 -68.83
C HIS E 141 38.30 -38.62 -69.65
N PHE E 142 37.68 -38.39 -70.80
CA PHE E 142 37.93 -37.16 -71.56
C PHE E 142 36.73 -36.64 -72.32
N LEU E 143 36.71 -35.33 -72.52
CA LEU E 143 35.66 -34.65 -73.27
C LEU E 143 36.06 -34.32 -74.70
N ASN E 144 37.31 -33.91 -74.92
CA ASN E 144 37.74 -33.42 -76.26
C ASN E 144 38.34 -34.51 -77.15
N PHE E 145 39.48 -35.06 -76.74
CA PHE E 145 40.18 -35.99 -77.59
C PHE E 145 41.17 -36.85 -76.87
N TRP E 146 41.61 -37.87 -77.59
CA TRP E 146 42.66 -38.78 -77.20
C TRP E 146 43.54 -38.84 -78.43
N GLY E 147 44.86 -38.83 -78.25
CA GLY E 147 45.74 -38.87 -79.41
C GLY E 147 47.17 -39.29 -79.17
N ILE E 148 47.75 -39.95 -80.17
CA ILE E 148 49.19 -40.21 -80.20
C ILE E 148 49.79 -39.60 -81.44
N GLY E 149 51.04 -39.18 -81.32
CA GLY E 149 51.78 -38.57 -82.42
C GLY E 149 51.65 -37.06 -82.48
N LEU E 150 51.12 -36.45 -81.43
CA LEU E 150 51.07 -34.98 -81.36
C LEU E 150 52.44 -34.29 -81.09
N VAL E 151 53.56 -34.93 -81.42
CA VAL E 151 54.88 -34.32 -81.25
C VAL E 151 55.16 -33.02 -82.07
N SER E 152 55.28 -31.92 -81.34
CA SER E 152 55.59 -30.59 -81.86
C SER E 152 56.91 -30.08 -81.26
N GLU E 153 57.69 -29.34 -82.03
CA GLU E 153 59.02 -28.84 -81.58
C GLU E 153 58.92 -27.53 -80.73
N VAL E 154 59.65 -27.50 -79.60
CA VAL E 154 59.80 -26.29 -78.77
C VAL E 154 61.28 -25.85 -78.71
N SER E 155 61.67 -24.93 -79.59
CA SER E 155 63.09 -24.58 -79.75
C SER E 155 63.59 -23.45 -78.83
N ASN E 156 62.69 -22.61 -78.32
CA ASN E 156 63.10 -21.47 -77.47
C ASN E 156 62.00 -21.06 -76.48
N ASN E 157 62.27 -20.01 -75.70
CA ASN E 157 61.36 -19.49 -74.65
C ASN E 157 60.01 -18.99 -75.19
N ILE E 158 60.04 -18.36 -76.36
CA ILE E 158 58.83 -17.84 -77.01
C ILE E 158 57.85 -18.99 -77.32
N ASP E 159 58.37 -20.07 -77.89
CA ASP E 159 57.61 -21.30 -78.19
C ASP E 159 57.01 -21.94 -76.95
N ALA E 160 57.77 -22.02 -75.87
CA ALA E 160 57.30 -22.66 -74.63
C ALA E 160 56.17 -21.86 -73.98
N GLU E 161 56.20 -20.53 -74.14
CA GLU E 161 55.07 -19.67 -73.78
C GLU E 161 53.88 -19.82 -74.75
N GLU E 162 54.16 -20.09 -76.03
CA GLU E 162 53.10 -20.36 -77.01
C GLU E 162 52.38 -21.65 -76.68
N LYS E 163 53.14 -22.73 -76.59
CA LYS E 163 52.61 -24.05 -76.21
C LYS E 163 51.83 -24.01 -74.89
N ALA E 164 52.38 -23.34 -73.89
CA ALA E 164 51.70 -23.13 -72.62
C ALA E 164 50.41 -22.32 -72.85
N LYS E 165 50.50 -21.29 -73.68
CA LYS E 165 49.33 -20.48 -74.04
C LYS E 165 48.32 -21.33 -74.80
N LEU E 166 48.73 -21.90 -75.93
CA LEU E 166 47.74 -22.38 -76.91
C LEU E 166 47.15 -23.74 -76.56
N GLY E 167 47.86 -24.52 -75.75
CA GLY E 167 47.46 -25.90 -75.44
C GLY E 167 48.15 -26.90 -76.38
N LYS E 168 48.09 -28.19 -76.02
CA LYS E 168 48.75 -29.25 -76.79
C LYS E 168 48.31 -29.32 -78.27
N ILE E 169 47.01 -29.36 -78.52
CA ILE E 169 46.48 -29.43 -79.90
C ILE E 169 46.66 -28.11 -80.63
N GLY E 170 46.42 -26.99 -79.93
CA GLY E 170 46.61 -25.65 -80.51
C GLY E 170 48.03 -25.42 -81.01
N TYR E 171 49.01 -25.80 -80.21
CA TYR E 171 50.41 -25.64 -80.55
C TYR E 171 50.79 -26.52 -81.73
N TYR E 172 50.30 -27.76 -81.70
CA TYR E 172 50.52 -28.73 -82.77
C TYR E 172 50.01 -28.20 -84.10
N LEU E 173 48.80 -27.65 -84.10
CA LEU E 173 48.19 -27.08 -85.31
C LEU E 173 48.90 -25.83 -85.84
N SER E 174 49.39 -25.00 -84.92
CA SER E 174 50.14 -23.78 -85.26
C SER E 174 51.49 -24.07 -85.91
N THR E 175 52.09 -25.21 -85.55
CA THR E 175 53.44 -25.57 -85.99
C THR E 175 53.47 -26.77 -86.94
N ILE E 176 52.31 -27.24 -87.39
CA ILE E 176 52.25 -28.42 -88.26
C ILE E 176 52.98 -28.18 -89.59
N ARG E 177 53.20 -26.92 -89.96
CA ARG E 177 54.11 -26.59 -91.09
C ARG E 177 55.59 -26.85 -90.77
N THR E 178 55.95 -26.70 -89.50
CA THR E 178 57.33 -26.94 -89.03
C THR E 178 57.60 -28.41 -88.62
N VAL E 179 56.57 -29.27 -88.60
CA VAL E 179 56.72 -30.70 -88.26
C VAL E 179 57.55 -31.44 -89.33
N LYS E 180 58.81 -31.75 -88.99
CA LYS E 180 59.86 -32.05 -89.99
C LYS E 180 59.94 -33.51 -90.46
N ASN E 181 60.55 -34.37 -89.64
CA ASN E 181 60.62 -35.81 -89.92
C ASN E 181 59.61 -36.52 -89.03
N ALA E 182 58.32 -36.28 -89.29
CA ALA E 182 57.27 -36.81 -88.43
C ALA E 182 57.57 -38.27 -88.11
N GLU E 183 57.77 -38.57 -86.83
CA GLU E 183 58.12 -39.95 -86.47
C GLU E 183 56.91 -40.86 -86.79
N THR E 184 57.15 -42.14 -87.10
CA THR E 184 56.06 -43.10 -87.46
C THR E 184 55.99 -44.31 -86.49
N PHE E 185 54.84 -45.00 -86.44
CA PHE E 185 54.64 -46.10 -85.47
C PHE E 185 53.49 -47.03 -85.88
N PRO E 186 53.58 -48.33 -85.52
CA PRO E 186 52.49 -49.24 -85.86
C PRO E 186 51.36 -49.13 -84.86
N VAL E 187 50.15 -49.30 -85.35
CA VAL E 187 48.96 -49.21 -84.52
C VAL E 187 47.96 -50.29 -84.88
N LYS E 188 47.37 -50.90 -83.86
CA LYS E 188 46.27 -51.85 -84.01
C LYS E 188 45.02 -51.27 -83.33
N ILE E 189 43.99 -51.01 -84.13
CA ILE E 189 42.73 -50.43 -83.62
C ILE E 189 41.58 -51.40 -83.79
N THR E 190 41.00 -51.81 -82.66
CA THR E 190 39.81 -52.67 -82.65
C THR E 190 38.58 -51.80 -82.39
N TYR E 191 37.70 -51.73 -83.39
CA TYR E 191 36.52 -50.87 -83.30
C TYR E 191 35.23 -51.62 -83.65
N ASP E 192 34.38 -51.78 -82.64
CA ASP E 192 33.06 -52.42 -82.78
C ASP E 192 33.16 -53.73 -83.58
N GLY E 193 34.04 -54.62 -83.12
CA GLY E 193 34.23 -55.95 -83.75
C GLY E 193 35.15 -55.99 -84.97
N GLN E 194 35.54 -54.82 -85.47
CA GLN E 194 36.37 -54.73 -86.67
C GLN E 194 37.80 -54.34 -86.29
N VAL E 195 38.75 -54.69 -87.14
CA VAL E 195 40.17 -54.46 -86.85
C VAL E 195 40.83 -53.61 -87.95
N TYR E 196 41.78 -52.80 -87.52
CA TYR E 196 42.59 -51.97 -88.43
C TYR E 196 44.04 -51.98 -87.92
N GLU E 197 44.96 -52.48 -88.75
CA GLU E 197 46.38 -52.53 -88.43
C GLU E 197 47.15 -51.84 -89.56
N ASP E 198 48.01 -50.87 -89.21
CA ASP E 198 48.78 -50.09 -90.21
C ASP E 198 49.90 -49.29 -89.53
N GLU E 199 50.84 -48.78 -90.34
CA GLU E 199 51.86 -47.84 -89.87
C GLU E 199 51.32 -46.42 -89.97
N ALA E 200 51.44 -45.67 -88.86
CA ALA E 200 50.78 -44.37 -88.74
C ALA E 200 51.70 -43.24 -88.26
N VAL E 201 51.29 -42.01 -88.53
CA VAL E 201 51.96 -40.79 -88.02
C VAL E 201 51.11 -40.05 -86.95
N LEU E 202 49.81 -40.20 -87.02
CA LEU E 202 48.90 -39.56 -86.09
C LEU E 202 47.68 -40.45 -85.92
N VAL E 203 47.31 -40.72 -84.68
CA VAL E 203 46.06 -41.42 -84.37
C VAL E 203 45.25 -40.59 -83.39
N MSE E 204 44.05 -40.19 -83.79
CA MSE E 204 43.15 -39.40 -82.94
C MSE E 204 41.87 -40.17 -82.68
O MSE E 204 41.37 -40.90 -83.56
CB MSE E 204 42.78 -38.07 -83.61
CG MSE E 204 43.97 -37.17 -83.95
SE MSE E 204 44.65 -36.17 -82.42
CE MSE E 204 43.04 -35.14 -82.04
N VAL E 205 41.33 -39.99 -81.47
CA VAL E 205 39.95 -40.35 -81.17
C VAL E 205 39.28 -39.09 -80.64
N GLY E 206 38.34 -38.57 -81.42
CA GLY E 206 37.74 -37.30 -81.11
C GLY E 206 36.34 -37.43 -80.52
N ASN E 207 36.08 -36.63 -79.48
CA ASN E 207 34.75 -36.52 -78.93
C ASN E 207 34.15 -35.13 -79.13
N GLY E 208 34.99 -34.11 -78.93
CA GLY E 208 34.56 -32.72 -79.03
C GLY E 208 34.58 -32.19 -80.45
N GLU E 209 33.91 -31.07 -80.66
CA GLU E 209 33.68 -30.54 -81.99
C GLU E 209 34.66 -29.42 -82.34
N TYR E 210 35.49 -29.05 -81.36
CA TYR E 210 36.58 -28.08 -81.57
C TYR E 210 37.87 -28.68 -81.06
N LEU E 211 38.96 -28.44 -81.76
CA LEU E 211 40.29 -28.85 -81.31
C LEU E 211 41.28 -27.72 -81.60
N GLY E 212 42.06 -27.35 -80.58
CA GLY E 212 43.03 -26.27 -80.71
C GLY E 212 42.41 -24.91 -80.98
N GLY E 213 41.17 -24.69 -80.52
CA GLY E 213 40.53 -23.38 -80.61
C GLY E 213 39.75 -23.12 -81.88
N ILE E 214 39.75 -24.10 -82.77
CA ILE E 214 39.06 -24.01 -84.06
C ILE E 214 38.29 -25.30 -84.31
N PRO E 215 37.33 -25.27 -85.26
CA PRO E 215 36.54 -26.49 -85.47
C PRO E 215 37.41 -27.71 -85.72
N SER E 216 36.94 -28.83 -85.23
CA SER E 216 37.69 -30.08 -85.30
C SER E 216 38.12 -30.38 -86.73
N PHE E 217 39.40 -30.70 -86.90
CA PHE E 217 39.89 -31.17 -88.19
C PHE E 217 39.42 -32.59 -88.51
N ILE E 218 38.90 -33.30 -87.51
CA ILE E 218 38.22 -34.56 -87.76
C ILE E 218 36.81 -34.22 -88.21
N PRO E 219 36.41 -34.68 -89.40
CA PRO E 219 35.12 -34.27 -89.94
C PRO E 219 33.90 -34.82 -89.19
N ASN E 220 32.90 -33.96 -89.07
CA ASN E 220 31.56 -34.37 -88.64
C ASN E 220 31.56 -35.09 -87.30
N VAL E 221 32.39 -34.59 -86.38
CA VAL E 221 32.40 -35.09 -85.02
C VAL E 221 31.25 -34.42 -84.27
N LYS E 222 30.54 -35.23 -83.50
CA LYS E 222 29.50 -34.69 -82.60
C LYS E 222 29.75 -35.21 -81.19
N CYS E 223 29.57 -34.32 -80.20
CA CYS E 223 29.81 -34.67 -78.80
C CYS E 223 28.65 -35.36 -78.14
N ASP E 224 27.52 -35.48 -78.85
CA ASP E 224 26.29 -36.02 -78.24
C ASP E 224 25.58 -37.05 -79.09
N ASP E 225 26.29 -37.69 -80.00
CA ASP E 225 25.71 -38.65 -80.97
C ASP E 225 25.91 -40.12 -80.55
N GLY E 226 26.48 -40.33 -79.37
CA GLY E 226 26.64 -41.68 -78.84
C GLY E 226 27.81 -42.44 -79.45
N THR E 227 28.67 -41.73 -80.18
CA THR E 227 29.79 -42.38 -80.86
C THR E 227 31.04 -41.49 -80.96
N LEU E 228 32.20 -42.14 -81.04
CA LEU E 228 33.50 -41.44 -81.12
C LEU E 228 34.03 -41.55 -82.54
N ASP E 229 34.90 -40.60 -82.89
CA ASP E 229 35.51 -40.56 -84.22
C ASP E 229 36.98 -40.94 -84.19
N ILE E 230 37.31 -42.06 -84.82
CA ILE E 230 38.70 -42.48 -85.02
C ILE E 230 39.24 -41.82 -86.28
N PHE E 231 40.48 -41.35 -86.22
CA PHE E 231 41.07 -40.57 -87.31
C PHE E 231 42.57 -40.84 -87.34
N VAL E 232 43.02 -41.50 -88.40
CA VAL E 232 44.42 -41.90 -88.53
C VAL E 232 45.03 -41.29 -89.79
N VAL E 233 46.16 -40.61 -89.66
CA VAL E 233 46.96 -40.19 -90.80
C VAL E 233 48.04 -41.25 -90.99
N LYS E 234 48.06 -41.92 -92.14
CA LYS E 234 49.00 -43.03 -92.39
C LYS E 234 50.41 -42.46 -92.64
N SER E 235 51.42 -43.33 -92.77
CA SER E 235 52.83 -42.86 -92.96
C SER E 235 53.09 -42.05 -94.25
N THR E 236 52.31 -42.35 -95.29
CA THR E 236 52.46 -41.73 -96.61
C THR E 236 51.80 -40.34 -96.73
N GLY E 237 50.90 -40.01 -95.81
CA GLY E 237 50.06 -38.81 -95.95
C GLY E 237 50.48 -37.60 -95.16
N ILE E 238 51.74 -37.54 -94.73
CA ILE E 238 52.22 -36.42 -93.90
C ILE E 238 51.99 -35.06 -94.58
N GLN E 239 52.41 -34.95 -95.84
CA GLN E 239 52.30 -33.71 -96.60
C GLN E 239 50.84 -33.35 -96.88
N ALA E 240 50.06 -34.33 -97.33
CA ALA E 240 48.62 -34.16 -97.59
C ALA E 240 47.89 -33.59 -96.37
N PHE E 241 48.27 -34.08 -95.19
CA PHE E 241 47.64 -33.66 -93.94
C PHE E 241 48.02 -32.23 -93.57
N LYS E 242 49.29 -31.86 -93.78
CA LYS E 242 49.75 -30.49 -93.54
C LYS E 242 48.95 -29.48 -94.38
N ASP E 243 48.72 -29.83 -95.65
CA ASP E 243 47.95 -28.98 -96.59
C ASP E 243 46.48 -28.93 -96.18
N TYR E 244 45.95 -30.08 -95.76
CA TYR E 244 44.56 -30.23 -95.32
C TYR E 244 44.22 -29.29 -94.16
N ILE E 245 45.11 -29.23 -93.16
CA ILE E 245 44.96 -28.32 -92.01
C ILE E 245 45.06 -26.85 -92.43
N GLY E 246 45.99 -26.55 -93.33
CA GLY E 246 46.16 -25.19 -93.86
C GLY E 246 44.93 -24.64 -94.55
N LYS E 247 44.34 -25.39 -95.49
CA LYS E 247 43.17 -24.91 -96.26
C LYS E 247 41.87 -24.82 -95.43
N LYS E 248 41.80 -25.58 -94.34
CA LYS E 248 40.70 -25.51 -93.32
C LYS E 248 39.31 -26.03 -93.76
N LEU E 249 39.25 -26.72 -94.90
CA LEU E 249 38.02 -27.41 -95.31
C LEU E 249 38.08 -28.83 -94.79
N PHE E 250 37.33 -29.11 -93.73
CA PHE E 250 37.41 -30.41 -93.02
C PHE E 250 36.34 -31.44 -93.40
N GLU E 251 36.57 -32.13 -94.53
CA GLU E 251 35.69 -33.19 -95.03
C GLU E 251 36.51 -34.43 -95.44
N ASP E 252 35.80 -35.50 -95.82
CA ASP E 252 36.46 -36.72 -96.29
C ASP E 252 36.69 -36.64 -97.81
N ASN E 256 41.10 -39.01 -99.19
CA ASN E 256 42.13 -39.84 -99.84
C ASN E 256 43.26 -40.24 -98.86
N ASP E 257 43.32 -41.53 -98.51
CA ASP E 257 44.43 -42.15 -97.74
C ASP E 257 44.50 -41.84 -96.21
N ILE E 258 43.62 -40.96 -95.73
CA ILE E 258 43.38 -40.80 -94.28
C ILE E 258 42.20 -41.70 -93.86
N PHE E 259 42.35 -42.38 -92.74
CA PHE E 259 41.34 -43.34 -92.27
C PHE E 259 40.47 -42.74 -91.17
N HIS E 260 39.16 -42.75 -91.40
CA HIS E 260 38.18 -42.13 -90.51
C HIS E 260 36.95 -43.01 -90.34
N VAL E 261 36.64 -43.35 -89.11
CA VAL E 261 35.47 -44.16 -88.81
C VAL E 261 34.89 -43.78 -87.44
N LYS E 262 33.61 -44.04 -87.27
CA LYS E 262 32.92 -43.83 -86.01
C LYS E 262 32.79 -45.16 -85.25
N ALA E 263 32.96 -45.12 -83.93
CA ALA E 263 32.89 -46.33 -83.11
C ALA E 263 32.58 -46.02 -81.66
N LYS E 264 31.97 -46.98 -80.99
CA LYS E 264 31.58 -46.84 -79.58
C LYS E 264 32.60 -47.47 -78.61
N SER E 265 33.18 -48.59 -79.03
CA SER E 265 34.07 -49.36 -78.19
C SER E 265 35.35 -49.65 -78.96
N ILE E 266 36.44 -49.09 -78.47
CA ILE E 266 37.71 -49.03 -79.23
C ILE E 266 38.88 -49.53 -78.38
N HIS E 267 39.75 -50.32 -79.00
CA HIS E 267 41.00 -50.75 -78.36
C HIS E 267 42.17 -50.38 -79.24
N ILE E 268 43.13 -49.63 -78.69
CA ILE E 268 44.27 -49.15 -79.47
C ILE E 268 45.59 -49.70 -78.93
N GLU E 269 46.34 -50.35 -79.80
CA GLU E 269 47.59 -51.02 -79.47
C GLU E 269 48.74 -50.50 -80.32
N THR E 270 49.88 -50.27 -79.68
CA THR E 270 51.12 -49.94 -80.39
C THR E 270 52.21 -50.99 -80.10
N GLU E 271 53.26 -51.00 -80.91
CA GLU E 271 54.34 -51.98 -80.73
C GLU E 271 54.96 -51.81 -79.33
N GLU E 272 55.36 -50.58 -78.99
CA GLU E 272 55.85 -50.25 -77.65
C GLU E 272 54.86 -49.28 -77.00
N GLU E 273 54.83 -49.26 -75.67
CA GLU E 273 54.01 -48.29 -74.91
C GLU E 273 54.29 -46.85 -75.38
N LYS E 274 53.24 -46.18 -75.83
CA LYS E 274 53.33 -44.76 -76.25
C LYS E 274 52.52 -43.87 -75.31
N GLU E 275 53.09 -42.71 -74.99
CA GLU E 275 52.41 -41.74 -74.15
C GLU E 275 51.25 -41.17 -74.94
N VAL E 276 50.09 -41.09 -74.30
CA VAL E 276 48.88 -40.55 -74.92
C VAL E 276 48.67 -39.11 -74.50
N ASP E 277 48.23 -38.28 -75.44
CA ASP E 277 47.83 -36.90 -75.14
C ASP E 277 46.30 -36.82 -75.06
N THR E 278 45.81 -35.98 -74.16
CA THR E 278 44.38 -35.81 -73.95
C THR E 278 44.09 -34.38 -73.48
N ASP E 279 42.90 -34.13 -72.94
CA ASP E 279 42.43 -32.77 -72.66
C ASP E 279 43.37 -31.94 -71.80
N GLY E 280 44.00 -32.60 -70.82
CA GLY E 280 44.94 -31.96 -69.90
C GLY E 280 46.03 -32.91 -69.43
N GLU E 281 46.76 -32.51 -68.39
CA GLU E 281 47.87 -33.34 -67.87
C GLU E 281 47.35 -34.71 -67.38
N SER E 282 48.02 -35.76 -67.86
CA SER E 282 47.61 -37.15 -67.62
C SER E 282 48.81 -38.09 -67.74
N SER E 283 48.66 -39.28 -67.18
CA SER E 283 49.70 -40.30 -67.21
C SER E 283 49.29 -41.50 -68.07
N LEU E 284 48.32 -41.26 -68.93
CA LEU E 284 47.75 -42.31 -69.79
C LEU E 284 48.75 -42.75 -70.86
N HIS E 285 48.76 -44.05 -71.15
CA HIS E 285 49.61 -44.61 -72.21
C HIS E 285 48.97 -45.82 -72.85
N THR E 286 49.38 -46.14 -74.07
CA THR E 286 48.90 -47.35 -74.73
C THR E 286 49.46 -48.62 -74.04
N PRO E 287 48.78 -49.76 -74.21
CA PRO E 287 47.53 -49.96 -74.92
C PRO E 287 46.32 -49.41 -74.17
N CYS E 288 45.25 -49.12 -74.92
CA CYS E 288 44.08 -48.43 -74.39
C CYS E 288 42.75 -49.01 -74.81
N GLN E 289 41.90 -49.27 -73.82
CA GLN E 289 40.49 -49.52 -74.05
C GLN E 289 39.78 -48.17 -73.92
N ILE E 290 39.21 -47.72 -75.03
CA ILE E 290 38.43 -46.48 -75.04
C ILE E 290 36.95 -46.82 -75.20
N GLU E 291 36.13 -46.17 -74.39
CA GLU E 291 34.72 -46.50 -74.25
C GLU E 291 33.92 -45.22 -74.23
N LEU E 292 32.78 -45.22 -74.89
CA LEU E 292 31.93 -44.04 -74.86
C LEU E 292 30.77 -44.20 -73.88
N LEU E 293 30.61 -43.20 -73.02
CA LEU E 293 29.52 -43.14 -72.06
C LEU E 293 28.53 -42.12 -72.56
N GLN E 294 27.42 -42.61 -73.09
CA GLN E 294 26.46 -41.77 -73.80
C GLN E 294 25.73 -40.90 -72.80
N GLY E 295 25.71 -39.59 -73.06
CA GLY E 295 25.00 -38.61 -72.23
C GLY E 295 25.40 -38.64 -70.78
N HIS E 296 26.68 -38.93 -70.52
CA HIS E 296 27.17 -39.14 -69.16
C HIS E 296 27.13 -37.84 -68.32
N PHE E 297 27.35 -36.71 -69.01
CA PHE E 297 27.21 -35.41 -68.39
C PHE E 297 26.01 -34.71 -68.95
N THR E 298 25.42 -33.81 -68.18
CA THR E 298 24.51 -32.81 -68.73
C THR E 298 25.23 -31.48 -68.61
N MSE E 299 25.19 -30.66 -69.65
CA MSE E 299 25.94 -29.41 -69.67
C MSE E 299 25.17 -28.24 -70.24
O MSE E 299 24.27 -28.40 -71.05
CB MSE E 299 27.23 -29.59 -70.44
CG MSE E 299 28.12 -30.70 -69.88
SE MSE E 299 29.93 -30.71 -70.63
CE MSE E 299 30.59 -29.07 -69.84
N ILE E 300 25.51 -27.05 -69.76
CA ILE E 300 24.93 -25.82 -70.22
C ILE E 300 25.47 -25.58 -71.63
N TYR E 301 24.59 -25.22 -72.55
CA TYR E 301 25.02 -24.93 -73.93
C TYR E 301 24.28 -23.73 -74.51
N ASN E 302 24.67 -23.35 -75.72
CA ASN E 302 24.08 -22.23 -76.41
C ASN E 302 23.32 -22.73 -77.62
N PRO E 303 21.98 -22.82 -77.52
CA PRO E 303 21.18 -23.31 -78.65
C PRO E 303 21.09 -22.33 -79.83
N ALA E 304 21.45 -21.06 -79.62
CA ALA E 304 21.53 -20.07 -80.71
C ALA E 304 22.67 -20.37 -81.70
N VAL E 305 23.69 -21.09 -81.23
CA VAL E 305 24.88 -21.43 -82.03
C VAL E 305 24.96 -22.92 -82.37
N VAL E 306 24.38 -23.80 -81.56
CA VAL E 306 24.29 -25.22 -81.90
C VAL E 306 22.84 -25.74 -81.74
N LYS F 9 -76.60 -7.66 -5.72
CA LYS F 9 -75.35 -8.42 -5.41
C LYS F 9 -74.29 -8.35 -6.55
N THR F 10 -74.19 -7.18 -7.20
CA THR F 10 -73.54 -7.00 -8.53
C THR F 10 -72.08 -7.41 -8.55
N LYS F 11 -71.61 -7.90 -9.69
CA LYS F 11 -70.19 -8.13 -9.91
C LYS F 11 -69.40 -6.85 -10.20
N PHE F 12 -70.10 -5.77 -10.55
CA PHE F 12 -69.49 -4.56 -11.12
C PHE F 12 -69.83 -3.28 -10.35
N GLU F 13 -68.99 -2.94 -9.41
CA GLU F 13 -69.20 -1.75 -8.60
C GLU F 13 -69.12 -0.49 -9.48
N LYS F 14 -68.17 -0.46 -10.42
CA LYS F 14 -67.94 0.71 -11.31
C LYS F 14 -67.87 0.27 -12.75
N VAL F 15 -68.59 0.98 -13.62
CA VAL F 15 -68.67 0.64 -15.03
C VAL F 15 -68.26 1.82 -15.93
N LEU F 16 -67.54 1.51 -17.01
CA LEU F 16 -67.19 2.49 -18.05
C LEU F 16 -67.86 2.09 -19.36
N LEU F 17 -68.56 3.03 -19.98
CA LEU F 17 -69.12 2.82 -21.32
C LEU F 17 -68.37 3.69 -22.28
N ILE F 18 -67.69 3.06 -23.24
CA ILE F 18 -66.98 3.79 -24.27
C ILE F 18 -67.86 3.81 -25.49
N VAL F 19 -68.24 5.02 -25.92
CA VAL F 19 -69.13 5.21 -27.06
C VAL F 19 -68.35 5.76 -28.24
N ASN F 20 -68.37 5.03 -29.34
CA ASN F 20 -67.97 5.61 -30.62
C ASN F 20 -69.19 6.32 -31.17
N PRO F 21 -69.16 7.67 -31.27
CA PRO F 21 -70.34 8.42 -31.71
C PRO F 21 -70.76 8.11 -33.15
N LYS F 22 -69.79 7.72 -33.98
CA LYS F 22 -70.02 7.39 -35.39
C LYS F 22 -70.61 5.98 -35.54
N ALA F 23 -70.54 5.18 -34.48
CA ALA F 23 -71.09 3.82 -34.50
C ALA F 23 -72.60 3.83 -34.61
N GLY F 24 -73.15 2.67 -34.96
CA GLY F 24 -74.59 2.51 -35.07
C GLY F 24 -75.14 2.92 -36.41
N GLN F 25 -76.42 2.57 -36.58
CA GLN F 25 -77.10 2.56 -37.87
C GLN F 25 -77.97 3.81 -38.05
N GLY F 26 -78.25 4.52 -36.94
CA GLY F 26 -78.91 5.82 -36.98
C GLY F 26 -78.26 6.82 -36.04
N ASP F 27 -78.96 7.94 -35.85
CA ASP F 27 -78.54 9.04 -34.97
C ASP F 27 -78.03 8.59 -33.58
N LEU F 28 -76.97 9.24 -33.11
CA LEU F 28 -76.37 9.01 -31.78
C LEU F 28 -77.39 9.10 -30.65
N HIS F 29 -78.14 10.19 -30.59
CA HIS F 29 -79.22 10.32 -29.62
C HIS F 29 -80.11 9.07 -29.60
N THR F 30 -80.47 8.60 -30.78
CA THR F 30 -81.32 7.40 -30.89
C THR F 30 -80.60 6.19 -30.33
N ASN F 31 -79.33 6.04 -30.69
CA ASN F 31 -78.54 4.92 -30.18
C ASN F 31 -78.39 4.96 -28.65
N LEU F 32 -78.18 6.17 -28.12
CA LEU F 32 -78.00 6.34 -26.69
C LEU F 32 -79.32 6.07 -25.98
N THR F 33 -80.43 6.44 -26.61
CA THR F 33 -81.77 6.16 -26.03
C THR F 33 -81.98 4.66 -25.88
N LYS F 34 -81.38 3.89 -26.79
CA LYS F 34 -81.50 2.43 -26.74
C LYS F 34 -80.58 1.77 -25.75
N ILE F 35 -79.33 2.21 -25.66
CA ILE F 35 -78.33 1.50 -24.86
C ILE F 35 -78.07 2.04 -23.46
N VAL F 36 -78.23 3.33 -23.23
CA VAL F 36 -77.82 3.89 -21.93
C VAL F 36 -78.79 3.62 -20.77
N PRO F 37 -80.10 3.84 -20.97
CA PRO F 37 -81.01 3.69 -19.84
C PRO F 37 -81.00 2.35 -19.12
N PRO F 38 -80.98 1.24 -19.86
CA PRO F 38 -80.84 -0.05 -19.16
C PRO F 38 -79.55 -0.17 -18.36
N LEU F 39 -78.45 0.35 -18.90
CA LEU F 39 -77.17 0.32 -18.20
C LEU F 39 -77.20 1.23 -16.98
N ALA F 40 -77.73 2.43 -17.15
CA ALA F 40 -77.80 3.40 -16.07
C ALA F 40 -78.70 2.92 -14.95
N ALA F 41 -79.75 2.18 -15.27
CA ALA F 41 -80.68 1.63 -14.29
C ALA F 41 -80.03 0.53 -13.49
N ALA F 42 -79.27 -0.32 -14.16
CA ALA F 42 -78.67 -1.49 -13.55
C ALA F 42 -77.41 -1.17 -12.74
N PHE F 43 -76.66 -0.15 -13.18
CA PHE F 43 -75.30 0.12 -12.64
C PHE F 43 -75.22 1.49 -12.02
N PRO F 44 -75.21 1.56 -10.71
CA PRO F 44 -75.30 2.86 -10.07
C PRO F 44 -74.04 3.73 -10.11
N ASP F 45 -72.96 3.22 -10.67
CA ASP F 45 -71.76 4.02 -10.94
C ASP F 45 -71.33 3.79 -12.37
N LEU F 46 -71.80 4.66 -13.27
CA LEU F 46 -71.60 4.51 -14.71
C LEU F 46 -70.96 5.74 -15.30
N HIS F 47 -69.84 5.54 -15.99
CA HIS F 47 -69.08 6.62 -16.60
C HIS F 47 -69.15 6.41 -18.09
N ILE F 48 -69.56 7.45 -18.84
CA ILE F 48 -69.73 7.38 -20.29
C ILE F 48 -68.78 8.33 -20.98
N LEU F 49 -67.89 7.78 -21.80
CA LEU F 49 -66.89 8.56 -22.51
C LEU F 49 -67.10 8.35 -24.00
N HIS F 50 -67.17 9.46 -24.74
CA HIS F 50 -67.17 9.38 -26.19
C HIS F 50 -65.75 9.41 -26.69
N THR F 51 -65.49 8.65 -27.73
CA THR F 51 -64.24 8.77 -28.48
C THR F 51 -64.37 9.98 -29.42
N LYS F 52 -63.24 10.61 -29.75
CA LYS F 52 -63.18 11.67 -30.76
C LYS F 52 -62.29 11.27 -31.94
N GLU F 53 -61.20 10.56 -31.65
CA GLU F 53 -60.22 10.16 -32.68
C GLU F 53 -59.85 8.70 -32.58
N GLN F 54 -59.27 8.19 -33.67
CA GLN F 54 -58.61 6.88 -33.67
C GLN F 54 -57.61 6.85 -32.51
N GLY F 55 -57.63 5.77 -31.74
CA GLY F 55 -56.73 5.63 -30.60
C GLY F 55 -57.35 5.97 -29.26
N ASP F 56 -58.49 6.64 -29.24
CA ASP F 56 -59.07 7.10 -27.97
C ASP F 56 -59.56 5.94 -27.09
N ALA F 57 -60.26 4.99 -27.69
CA ALA F 57 -60.70 3.80 -26.98
C ALA F 57 -59.52 3.08 -26.33
N THR F 58 -58.42 2.98 -27.05
CA THR F 58 -57.22 2.37 -26.49
C THR F 58 -56.77 3.17 -25.29
N LYS F 59 -56.72 4.48 -25.42
CA LYS F 59 -56.28 5.32 -24.29
C LYS F 59 -57.21 5.24 -23.09
N TYR F 60 -58.51 5.23 -23.34
CA TYR F 60 -59.50 5.16 -22.27
C TYR F 60 -59.36 3.83 -21.53
N CYS F 61 -59.26 2.74 -22.28
CA CYS F 61 -59.07 1.44 -21.64
C CYS F 61 -57.83 1.45 -20.75
N GLN F 62 -56.75 2.05 -21.24
CA GLN F 62 -55.51 2.05 -20.47
C GLN F 62 -55.59 2.93 -19.22
N GLU F 63 -56.29 4.04 -19.33
CA GLU F 63 -56.45 4.90 -18.18
C GLU F 63 -57.37 4.29 -17.12
N PHE F 64 -58.43 3.61 -17.54
CA PHE F 64 -59.49 3.19 -16.63
C PHE F 64 -59.40 1.72 -16.18
N ALA F 65 -58.52 0.96 -16.79
CA ALA F 65 -58.35 -0.44 -16.48
C ALA F 65 -58.22 -0.71 -14.96
N SER F 66 -57.56 0.17 -14.26
CA SER F 66 -57.35 -0.04 -12.84
C SER F 66 -58.38 0.67 -11.98
N LYS F 67 -59.34 1.34 -12.58
CA LYS F 67 -60.29 2.15 -11.82
C LYS F 67 -61.70 1.60 -11.90
N VAL F 68 -61.91 0.58 -12.72
CA VAL F 68 -63.24 0.19 -13.14
C VAL F 68 -63.33 -1.34 -13.20
N ASP F 69 -64.52 -1.86 -13.09
CA ASP F 69 -64.70 -3.35 -13.02
C ASP F 69 -65.24 -3.94 -14.31
N LEU F 70 -65.91 -3.10 -15.08
CA LEU F 70 -66.47 -3.49 -16.36
C LEU F 70 -66.24 -2.36 -17.33
N ILE F 71 -65.80 -2.70 -18.54
CA ILE F 71 -65.68 -1.75 -19.64
C ILE F 71 -66.58 -2.25 -20.76
N ILE F 72 -67.57 -1.45 -21.14
CA ILE F 72 -68.45 -1.74 -22.26
C ILE F 72 -68.03 -0.88 -23.45
N VAL F 73 -67.85 -1.50 -24.62
CA VAL F 73 -67.54 -0.75 -25.83
C VAL F 73 -68.71 -0.80 -26.82
N PHE F 74 -69.18 0.38 -27.20
CA PHE F 74 -70.19 0.51 -28.25
C PHE F 74 -69.49 0.96 -29.51
N GLY F 75 -69.31 0.02 -30.42
CA GLY F 75 -68.59 0.25 -31.66
C GLY F 75 -68.43 -1.01 -32.48
N GLY F 76 -67.91 -0.84 -33.69
CA GLY F 76 -67.64 -1.97 -34.58
C GLY F 76 -66.34 -2.71 -34.27
N ASP F 77 -65.97 -3.58 -35.19
CA ASP F 77 -64.75 -4.38 -35.06
C ASP F 77 -63.52 -3.51 -34.73
N GLY F 78 -63.40 -2.35 -35.38
CA GLY F 78 -62.26 -1.43 -35.16
C GLY F 78 -62.18 -0.89 -33.75
N THR F 79 -63.31 -0.49 -33.20
CA THR F 79 -63.32 -0.01 -31.82
C THR F 79 -63.05 -1.14 -30.84
N VAL F 80 -63.61 -2.33 -31.10
CA VAL F 80 -63.38 -3.50 -30.23
C VAL F 80 -61.91 -3.84 -30.22
N PHE F 81 -61.28 -3.75 -31.38
CA PHE F 81 -59.83 -4.02 -31.54
C PHE F 81 -58.98 -3.02 -30.78
N GLU F 82 -59.42 -1.78 -30.74
CA GLU F 82 -58.73 -0.77 -29.95
C GLU F 82 -58.76 -1.16 -28.47
N CYS F 83 -59.93 -1.61 -28.02
CA CYS F 83 -60.07 -2.08 -26.64
C CYS F 83 -59.20 -3.30 -26.37
N THR F 84 -59.16 -4.22 -27.32
CA THR F 84 -58.34 -5.43 -27.20
C THR F 84 -56.90 -5.03 -26.99
N ASN F 85 -56.39 -4.18 -27.88
CA ASN F 85 -55.01 -3.71 -27.79
C ASN F 85 -54.74 -2.85 -26.56
N GLY F 86 -55.78 -2.19 -26.03
CA GLY F 86 -55.65 -1.39 -24.84
C GLY F 86 -55.48 -2.24 -23.59
N LEU F 87 -56.34 -3.25 -23.43
CA LEU F 87 -56.37 -4.06 -22.20
C LEU F 87 -55.40 -5.23 -22.19
N ALA F 88 -55.25 -5.89 -23.34
CA ALA F 88 -54.45 -7.12 -23.42
C ALA F 88 -53.04 -7.05 -22.79
N PRO F 89 -52.28 -5.96 -23.01
CA PRO F 89 -50.95 -5.89 -22.43
C PRO F 89 -50.89 -5.60 -20.96
N LEU F 90 -52.02 -5.21 -20.38
CA LEU F 90 -52.04 -4.75 -18.97
C LEU F 90 -52.05 -5.91 -17.96
N GLU F 91 -51.53 -5.63 -16.78
CA GLU F 91 -51.54 -6.61 -15.68
C GLU F 91 -52.95 -6.77 -15.11
N ILE F 92 -53.69 -5.67 -15.01
CA ILE F 92 -55.04 -5.66 -14.50
C ILE F 92 -56.04 -5.35 -15.60
N ARG F 93 -56.95 -6.28 -15.85
CA ARG F 93 -57.83 -6.21 -17.01
C ARG F 93 -59.24 -6.46 -16.59
N PRO F 94 -60.04 -5.41 -16.42
CA PRO F 94 -61.42 -5.64 -16.09
C PRO F 94 -62.18 -6.37 -17.17
N THR F 95 -63.39 -6.77 -16.84
CA THR F 95 -64.26 -7.49 -17.76
C THR F 95 -64.66 -6.57 -18.88
N LEU F 96 -64.74 -7.12 -20.09
CA LEU F 96 -65.05 -6.36 -21.31
C LEU F 96 -66.39 -6.84 -21.88
N ALA F 97 -67.18 -5.92 -22.40
CA ALA F 97 -68.45 -6.25 -23.05
C ALA F 97 -68.63 -5.43 -24.31
N ILE F 98 -69.31 -6.02 -25.29
CA ILE F 98 -69.49 -5.37 -26.58
C ILE F 98 -70.94 -5.08 -26.85
N ILE F 99 -71.24 -3.85 -27.20
CA ILE F 99 -72.51 -3.53 -27.84
C ILE F 99 -72.17 -3.31 -29.32
N PRO F 100 -72.70 -4.17 -30.19
CA PRO F 100 -72.24 -4.16 -31.57
C PRO F 100 -72.72 -2.93 -32.33
N GLY F 101 -71.77 -2.10 -32.77
CA GLY F 101 -72.11 -0.82 -33.42
C GLY F 101 -71.56 -0.65 -34.82
N GLY F 102 -71.02 -1.74 -35.37
CA GLY F 102 -70.59 -1.76 -36.75
C GLY F 102 -71.58 -2.57 -37.56
N THR F 103 -71.16 -3.05 -38.71
CA THR F 103 -72.00 -3.90 -39.57
C THR F 103 -71.58 -5.37 -39.43
N CYS F 104 -70.32 -5.60 -39.07
CA CYS F 104 -69.77 -6.93 -38.98
C CYS F 104 -69.86 -7.52 -37.56
N ASN F 105 -69.16 -6.87 -36.61
CA ASN F 105 -69.27 -7.21 -35.17
C ASN F 105 -68.95 -8.68 -34.87
N ASP F 106 -67.85 -9.15 -35.42
CA ASP F 106 -67.54 -10.57 -35.36
C ASP F 106 -67.49 -11.11 -33.97
N PHE F 107 -66.71 -10.50 -33.09
CA PHE F 107 -66.56 -11.10 -31.77
C PHE F 107 -67.82 -11.03 -30.92
N SER F 108 -68.63 -10.00 -31.13
CA SER F 108 -69.91 -9.91 -30.40
C SER F 108 -70.74 -11.13 -30.71
N ARG F 109 -70.70 -11.56 -31.97
CA ARG F 109 -71.43 -12.76 -32.40
C ARG F 109 -70.84 -14.05 -31.78
N THR F 110 -69.52 -14.12 -31.66
CA THR F 110 -68.88 -15.22 -30.97
C THR F 110 -69.41 -15.36 -29.54
N LEU F 111 -69.66 -14.22 -28.89
CA LEU F 111 -70.18 -14.19 -27.50
C LEU F 111 -71.69 -14.34 -27.44
N GLY F 112 -72.33 -14.48 -28.60
CA GLY F 112 -73.79 -14.63 -28.66
C GLY F 112 -74.56 -13.35 -28.42
N VAL F 113 -73.89 -12.21 -28.54
CA VAL F 113 -74.53 -10.92 -28.27
C VAL F 113 -75.55 -10.61 -29.38
N PRO F 114 -76.78 -10.29 -29.00
CA PRO F 114 -77.74 -9.90 -30.00
C PRO F 114 -77.28 -8.65 -30.74
N GLN F 115 -77.57 -8.60 -32.03
CA GLN F 115 -77.19 -7.45 -32.86
C GLN F 115 -78.13 -6.28 -32.65
N ASN F 116 -79.32 -6.53 -32.10
CA ASN F 116 -80.16 -5.46 -31.58
C ASN F 116 -79.47 -4.77 -30.38
N ILE F 117 -79.11 -3.50 -30.54
CA ILE F 117 -78.26 -2.84 -29.54
C ILE F 117 -78.92 -2.69 -28.17
N ALA F 118 -80.23 -2.48 -28.15
CA ALA F 118 -80.97 -2.42 -26.88
C ALA F 118 -80.86 -3.77 -26.17
N GLU F 119 -81.00 -4.85 -26.92
CA GLU F 119 -80.92 -6.17 -26.32
C GLU F 119 -79.49 -6.48 -25.87
N ALA F 120 -78.51 -5.97 -26.61
CA ALA F 120 -77.10 -6.15 -26.24
C ALA F 120 -76.82 -5.48 -24.90
N ALA F 121 -77.37 -4.29 -24.73
CA ALA F 121 -77.25 -3.54 -23.48
C ALA F 121 -77.93 -4.31 -22.34
N LYS F 122 -79.15 -4.77 -22.58
CA LYS F 122 -79.87 -5.53 -21.56
C LYS F 122 -79.06 -6.77 -21.13
N LEU F 123 -78.47 -7.46 -22.09
CA LEU F 123 -77.68 -8.66 -21.77
C LEU F 123 -76.61 -8.36 -20.72
N ILE F 124 -75.94 -7.22 -20.87
CA ILE F 124 -74.84 -6.87 -19.99
C ILE F 124 -75.34 -6.82 -18.55
N THR F 125 -76.58 -6.38 -18.35
CA THR F 125 -77.15 -6.23 -17.00
C THR F 125 -77.38 -7.58 -16.34
N LYS F 126 -77.37 -8.66 -17.11
CA LYS F 126 -77.52 -9.99 -16.55
C LYS F 126 -76.19 -10.52 -16.00
N GLU F 127 -75.09 -9.92 -16.41
CA GLU F 127 -73.77 -10.17 -15.80
C GLU F 127 -73.21 -11.59 -15.98
N HIS F 128 -73.55 -12.26 -17.06
CA HIS F 128 -72.97 -13.56 -17.34
C HIS F 128 -71.62 -13.36 -17.97
N VAL F 129 -70.61 -13.91 -17.32
CA VAL F 129 -69.23 -13.64 -17.69
C VAL F 129 -68.52 -14.96 -17.94
N LYS F 130 -67.69 -15.03 -18.98
CA LYS F 130 -66.81 -16.21 -19.17
C LYS F 130 -65.40 -15.81 -19.58
N PRO F 131 -64.41 -16.67 -19.29
CA PRO F 131 -63.06 -16.42 -19.80
C PRO F 131 -63.00 -16.53 -21.31
N VAL F 132 -62.19 -15.69 -21.91
CA VAL F 132 -61.99 -15.74 -23.34
C VAL F 132 -60.51 -15.72 -23.63
N ASP F 133 -60.09 -16.50 -24.61
CA ASP F 133 -58.68 -16.52 -25.01
C ASP F 133 -58.37 -15.28 -25.85
N VAL F 134 -57.18 -14.76 -25.67
CA VAL F 134 -56.67 -13.69 -26.52
C VAL F 134 -55.38 -14.18 -27.15
N ALA F 135 -55.26 -13.99 -28.46
CA ALA F 135 -54.05 -14.37 -29.19
C ALA F 135 -53.11 -13.19 -29.21
N LYS F 136 -51.83 -13.45 -29.43
CA LYS F 136 -50.77 -12.45 -29.42
C LYS F 136 -49.84 -12.76 -30.58
N ALA F 137 -49.71 -11.85 -31.53
CA ALA F 137 -48.82 -12.02 -32.66
C ALA F 137 -47.78 -10.91 -32.58
N ASN F 138 -46.50 -11.29 -32.46
CA ASN F 138 -45.39 -10.33 -32.29
C ASN F 138 -45.78 -9.11 -31.42
N GLY F 139 -46.44 -9.35 -30.30
CA GLY F 139 -46.84 -8.23 -29.42
C GLY F 139 -48.12 -7.49 -29.80
N GLN F 140 -48.66 -7.78 -30.98
CA GLN F 140 -50.01 -7.35 -31.34
C GLN F 140 -50.99 -8.39 -30.83
N HIS F 141 -52.02 -7.97 -30.11
CA HIS F 141 -53.07 -8.89 -29.67
C HIS F 141 -54.23 -8.92 -30.65
N PHE F 142 -54.90 -10.06 -30.75
CA PHE F 142 -56.15 -10.13 -31.52
C PHE F 142 -57.16 -11.09 -30.93
N LEU F 143 -58.43 -10.82 -31.23
CA LEU F 143 -59.55 -11.66 -30.80
C LEU F 143 -60.13 -12.53 -31.90
N ASN F 144 -60.17 -12.02 -33.13
CA ASN F 144 -60.83 -12.76 -34.23
C ASN F 144 -59.85 -13.62 -35.03
N PHE F 145 -58.95 -12.96 -35.75
CA PHE F 145 -58.09 -13.68 -36.67
C PHE F 145 -56.83 -12.92 -37.05
N TRP F 146 -55.93 -13.70 -37.66
CA TRP F 146 -54.67 -13.25 -38.23
C TRP F 146 -54.67 -13.90 -39.61
N GLY F 147 -54.25 -13.17 -40.63
CA GLY F 147 -54.27 -13.74 -41.96
C GLY F 147 -53.39 -13.07 -43.01
N ILE F 148 -52.87 -13.88 -43.92
CA ILE F 148 -52.22 -13.37 -45.11
C ILE F 148 -52.95 -13.88 -46.34
N GLY F 149 -52.94 -13.06 -47.39
CA GLY F 149 -53.54 -13.41 -48.67
C GLY F 149 -54.98 -12.95 -48.81
N LEU F 150 -55.44 -12.12 -47.87
CA LEU F 150 -56.79 -11.57 -47.95
C LEU F 150 -56.80 -10.38 -48.91
N ALA F 164 -67.39 1.05 -50.45
CA ALA F 164 -66.97 0.68 -49.10
C ALA F 164 -66.33 -0.73 -49.03
N LYS F 165 -65.99 -1.13 -47.80
CA LYS F 165 -65.34 -2.42 -47.51
C LYS F 165 -66.35 -3.55 -47.17
N LEU F 166 -67.13 -3.36 -46.08
CA LEU F 166 -67.72 -4.50 -45.35
C LEU F 166 -66.68 -5.12 -44.41
N GLY F 167 -65.50 -4.49 -44.34
CA GLY F 167 -64.36 -5.03 -43.59
C GLY F 167 -63.47 -5.90 -44.49
N LYS F 168 -62.26 -6.18 -44.03
CA LYS F 168 -61.26 -6.93 -44.80
C LYS F 168 -61.78 -8.31 -45.28
N ILE F 169 -62.31 -9.10 -44.35
CA ILE F 169 -62.82 -10.45 -44.68
C ILE F 169 -64.13 -10.38 -45.46
N GLY F 170 -65.00 -9.46 -45.05
CA GLY F 170 -66.28 -9.23 -45.75
C GLY F 170 -66.11 -8.89 -47.22
N TYR F 171 -65.16 -7.99 -47.51
CA TYR F 171 -64.86 -7.58 -48.90
C TYR F 171 -64.25 -8.74 -49.69
N TYR F 172 -63.35 -9.47 -49.06
CA TYR F 172 -62.70 -10.64 -49.64
C TYR F 172 -63.72 -11.68 -50.07
N LEU F 173 -64.66 -11.99 -49.18
CA LEU F 173 -65.73 -12.97 -49.45
C LEU F 173 -66.72 -12.51 -50.54
N SER F 174 -67.01 -11.21 -50.58
CA SER F 174 -67.91 -10.62 -51.58
C SER F 174 -67.32 -10.64 -53.00
N THR F 175 -65.99 -10.59 -53.09
CA THR F 175 -65.28 -10.52 -54.38
C THR F 175 -64.48 -11.78 -54.74
N ILE F 176 -64.59 -12.83 -53.92
CA ILE F 176 -63.82 -14.07 -54.13
C ILE F 176 -64.18 -14.75 -55.46
N ARG F 177 -65.43 -14.59 -55.91
CA ARG F 177 -65.87 -15.12 -57.23
C ARG F 177 -64.80 -14.89 -58.32
N THR F 178 -64.21 -13.69 -58.33
CA THR F 178 -63.11 -13.34 -59.24
C THR F 178 -61.80 -13.19 -58.47
N ALA F 182 -55.13 -15.63 -58.63
CA ALA F 182 -54.60 -15.00 -57.42
C ALA F 182 -53.15 -15.41 -57.20
N GLU F 183 -52.45 -14.73 -56.27
CA GLU F 183 -51.02 -14.96 -56.06
C GLU F 183 -50.76 -16.13 -55.09
N THR F 184 -49.66 -16.83 -55.31
CA THR F 184 -49.18 -17.82 -54.34
C THR F 184 -47.87 -17.34 -53.70
N PHE F 185 -47.56 -17.86 -52.51
CA PHE F 185 -46.36 -17.51 -51.75
C PHE F 185 -45.95 -18.68 -50.86
N PRO F 186 -44.64 -18.85 -50.59
CA PRO F 186 -44.22 -19.95 -49.71
C PRO F 186 -44.40 -19.55 -48.25
N VAL F 187 -44.73 -20.55 -47.44
CA VAL F 187 -44.96 -20.33 -46.00
C VAL F 187 -44.36 -21.47 -45.19
N LYS F 188 -43.74 -21.12 -44.07
CA LYS F 188 -43.24 -22.08 -43.09
C LYS F 188 -43.97 -21.84 -41.77
N ILE F 189 -44.74 -22.84 -41.34
CA ILE F 189 -45.52 -22.74 -40.09
C ILE F 189 -45.01 -23.73 -39.05
N THR F 190 -44.51 -23.21 -37.93
CA THR F 190 -44.10 -24.04 -36.80
C THR F 190 -45.20 -24.03 -35.75
N TYR F 191 -45.80 -25.19 -35.51
CA TYR F 191 -46.92 -25.29 -34.58
C TYR F 191 -46.73 -26.42 -33.55
N ASP F 192 -46.57 -26.01 -32.29
CA ASP F 192 -46.41 -26.92 -31.16
C ASP F 192 -45.42 -28.03 -31.48
N GLY F 193 -44.21 -27.62 -31.86
CA GLY F 193 -43.12 -28.57 -32.15
C GLY F 193 -43.27 -29.41 -33.41
N GLN F 194 -44.20 -29.02 -34.29
CA GLN F 194 -44.34 -29.62 -35.63
C GLN F 194 -44.15 -28.52 -36.68
N VAL F 195 -43.76 -28.94 -37.89
CA VAL F 195 -43.48 -28.00 -38.98
C VAL F 195 -44.36 -28.30 -40.21
N TYR F 196 -44.72 -27.23 -40.92
CA TYR F 196 -45.46 -27.33 -42.17
C TYR F 196 -44.87 -26.31 -43.17
N GLU F 197 -44.31 -26.80 -44.27
CA GLU F 197 -43.80 -25.96 -45.37
C GLU F 197 -44.57 -26.27 -46.64
N ASP F 198 -45.00 -25.24 -47.37
CA ASP F 198 -45.75 -25.42 -48.64
C ASP F 198 -45.94 -24.07 -49.35
N GLU F 199 -46.34 -24.13 -50.62
CA GLU F 199 -46.76 -22.95 -51.38
C GLU F 199 -48.25 -22.72 -51.13
N ALA F 200 -48.62 -21.48 -50.78
CA ALA F 200 -49.99 -21.18 -50.33
C ALA F 200 -50.61 -19.97 -51.02
N VAL F 201 -51.94 -19.90 -50.95
CA VAL F 201 -52.74 -18.74 -51.42
C VAL F 201 -53.41 -17.96 -50.28
N LEU F 202 -53.76 -18.68 -49.20
CA LEU F 202 -54.39 -18.09 -48.00
C LEU F 202 -53.90 -18.81 -46.74
N VAL F 203 -53.44 -18.06 -45.76
CA VAL F 203 -53.08 -18.62 -44.46
C VAL F 203 -53.83 -17.87 -43.39
N MSE F 204 -54.65 -18.58 -42.62
CA MSE F 204 -55.42 -18.00 -41.50
C MSE F 204 -55.03 -18.62 -40.18
O MSE F 204 -54.73 -19.81 -40.11
CB MSE F 204 -56.93 -18.21 -41.70
CG MSE F 204 -57.49 -17.61 -42.98
SE MSE F 204 -57.75 -15.64 -42.88
CE MSE F 204 -59.15 -15.66 -41.49
N VAL F 205 -55.03 -17.81 -39.13
CA VAL F 205 -55.01 -18.32 -37.78
C VAL F 205 -56.23 -17.71 -37.11
N GLY F 206 -57.19 -18.57 -36.76
CA GLY F 206 -58.48 -18.11 -36.25
C GLY F 206 -58.62 -18.31 -34.75
N ASN F 207 -59.17 -17.30 -34.08
CA ASN F 207 -59.53 -17.42 -32.67
C ASN F 207 -61.04 -17.34 -32.47
N GLY F 208 -61.66 -16.43 -33.19
CA GLY F 208 -63.10 -16.18 -33.05
C GLY F 208 -63.94 -17.15 -33.86
N GLU F 209 -65.22 -17.18 -33.55
CA GLU F 209 -66.13 -18.17 -34.11
C GLU F 209 -66.93 -17.59 -35.29
N TYR F 210 -66.78 -16.30 -35.52
CA TYR F 210 -67.40 -15.63 -36.65
C TYR F 210 -66.36 -14.82 -37.40
N LEU F 211 -66.42 -14.87 -38.73
CA LEU F 211 -65.56 -14.07 -39.59
C LEU F 211 -66.39 -13.45 -40.70
N GLY F 212 -66.24 -12.14 -40.88
CA GLY F 212 -67.00 -11.40 -41.90
C GLY F 212 -68.51 -11.36 -41.69
N GLY F 213 -68.95 -11.46 -40.44
CA GLY F 213 -70.38 -11.36 -40.11
C GLY F 213 -71.16 -12.68 -40.13
N ILE F 214 -70.47 -13.77 -40.49
CA ILE F 214 -71.10 -15.10 -40.56
C ILE F 214 -70.20 -16.10 -39.86
N PRO F 215 -70.73 -17.30 -39.54
CA PRO F 215 -69.91 -18.26 -38.83
C PRO F 215 -68.61 -18.54 -39.55
N SER F 216 -67.56 -18.77 -38.77
CA SER F 216 -66.20 -18.94 -39.29
C SER F 216 -66.17 -20.02 -40.35
N PHE F 217 -65.55 -19.71 -41.48
CA PHE F 217 -65.30 -20.72 -42.52
C PHE F 217 -64.22 -21.72 -42.09
N ILE F 218 -63.45 -21.39 -41.05
CA ILE F 218 -62.55 -22.35 -40.43
C ILE F 218 -63.41 -23.23 -39.54
N PRO F 219 -63.36 -24.56 -39.73
CA PRO F 219 -64.26 -25.42 -38.99
C PRO F 219 -63.93 -25.58 -37.49
N ASN F 220 -64.99 -25.59 -36.68
CA ASN F 220 -64.90 -25.98 -35.26
C ASN F 220 -63.90 -25.12 -34.47
N VAL F 221 -63.86 -23.84 -34.80
CA VAL F 221 -63.05 -22.90 -34.06
C VAL F 221 -63.81 -22.57 -32.79
N LYS F 222 -63.08 -22.53 -31.68
CA LYS F 222 -63.65 -22.11 -30.41
C LYS F 222 -62.73 -21.02 -29.78
N CYS F 223 -63.36 -19.96 -29.24
CA CYS F 223 -62.62 -18.82 -28.68
C CYS F 223 -62.16 -19.04 -27.24
N ASP F 224 -62.53 -20.16 -26.64
CA ASP F 224 -62.24 -20.42 -25.23
C ASP F 224 -61.74 -21.83 -24.92
N ASP F 225 -61.18 -22.48 -25.95
CA ASP F 225 -60.72 -23.87 -25.84
C ASP F 225 -59.19 -23.99 -25.62
N GLY F 226 -58.53 -22.86 -25.46
CA GLY F 226 -57.10 -22.82 -25.14
C GLY F 226 -56.21 -23.04 -26.35
N THR F 227 -56.80 -23.02 -27.54
CA THR F 227 -56.04 -23.31 -28.75
C THR F 227 -56.54 -22.53 -29.97
N LEU F 228 -55.63 -22.31 -30.91
CA LEU F 228 -55.91 -21.54 -32.14
C LEU F 228 -56.03 -22.49 -33.33
N ASP F 229 -56.72 -22.04 -34.36
CA ASP F 229 -56.91 -22.84 -35.57
C ASP F 229 -56.13 -22.31 -36.78
N ILE F 230 -55.16 -23.10 -37.24
CA ILE F 230 -54.41 -22.81 -38.44
C ILE F 230 -55.19 -23.34 -39.63
N PHE F 231 -55.22 -22.57 -40.70
CA PHE F 231 -56.04 -22.93 -41.86
C PHE F 231 -55.38 -22.36 -43.11
N VAL F 232 -54.89 -23.27 -43.96
CA VAL F 232 -54.14 -22.91 -45.17
C VAL F 232 -54.77 -23.47 -46.44
N VAL F 233 -54.75 -22.70 -47.52
CA VAL F 233 -55.20 -23.21 -48.83
C VAL F 233 -54.15 -23.01 -49.94
N THR F 236 -52.75 -24.55 -55.29
CA THR F 236 -53.55 -25.55 -55.99
C THR F 236 -55.05 -25.60 -55.64
N GLY F 237 -55.43 -25.02 -54.51
CA GLY F 237 -56.80 -25.17 -54.00
C GLY F 237 -57.76 -24.01 -54.22
N ILE F 238 -57.45 -23.13 -55.18
CA ILE F 238 -58.27 -21.92 -55.45
C ILE F 238 -59.74 -22.30 -55.74
N GLN F 239 -59.93 -23.23 -56.67
CA GLN F 239 -61.28 -23.67 -57.08
C GLN F 239 -62.01 -24.40 -55.95
N ALA F 240 -61.31 -25.33 -55.29
CA ALA F 240 -61.86 -26.06 -54.14
C ALA F 240 -62.39 -25.12 -53.04
N PHE F 241 -61.65 -24.03 -52.82
CA PHE F 241 -62.01 -23.02 -51.80
C PHE F 241 -63.24 -22.20 -52.20
N LYS F 242 -63.32 -21.82 -53.47
CA LYS F 242 -64.48 -21.11 -54.01
C LYS F 242 -65.77 -21.92 -53.82
N ASP F 243 -65.69 -23.22 -54.10
CA ASP F 243 -66.82 -24.14 -53.93
C ASP F 243 -67.17 -24.34 -52.45
N TYR F 244 -66.13 -24.42 -51.62
CA TYR F 244 -66.28 -24.59 -50.17
C TYR F 244 -67.06 -23.45 -49.50
N ILE F 245 -66.76 -22.22 -49.91
CA ILE F 245 -67.47 -21.01 -49.43
C ILE F 245 -68.92 -20.99 -49.92
N GLY F 246 -69.13 -21.36 -51.18
CA GLY F 246 -70.47 -21.43 -51.78
C GLY F 246 -71.36 -22.44 -51.10
N LYS F 247 -70.86 -23.69 -51.05
CA LYS F 247 -71.49 -24.82 -50.36
C LYS F 247 -70.87 -24.96 -48.96
N LYS F 248 -71.48 -24.29 -47.99
CA LYS F 248 -70.88 -24.01 -46.69
C LYS F 248 -70.99 -25.22 -45.77
N LEU F 249 -70.14 -26.22 -46.01
CA LEU F 249 -70.20 -27.50 -45.29
C LEU F 249 -69.64 -27.40 -43.85
N PHE F 250 -68.47 -26.80 -43.71
CA PHE F 250 -67.81 -26.53 -42.41
C PHE F 250 -67.72 -27.72 -41.43
N GLU F 251 -67.05 -28.79 -41.86
CA GLU F 251 -66.58 -29.86 -40.96
C GLU F 251 -65.46 -30.70 -41.63
N PHE F 259 -55.46 -27.58 -45.45
CA PHE F 259 -54.73 -27.95 -44.23
C PHE F 259 -55.26 -27.20 -43.02
N HIS F 260 -55.72 -27.96 -42.03
CA HIS F 260 -56.35 -27.42 -40.83
C HIS F 260 -55.86 -28.15 -39.58
N VAL F 261 -55.32 -27.39 -38.63
CA VAL F 261 -54.86 -27.97 -37.38
C VAL F 261 -55.02 -26.96 -36.25
N LYS F 262 -55.12 -27.48 -35.03
CA LYS F 262 -55.20 -26.65 -33.83
C LYS F 262 -53.83 -26.60 -33.15
N ALA F 263 -53.49 -25.42 -32.62
CA ALA F 263 -52.20 -25.20 -31.97
C ALA F 263 -52.23 -24.03 -30.98
N LYS F 264 -51.34 -24.10 -29.99
CA LYS F 264 -51.21 -23.06 -28.96
C LYS F 264 -50.08 -22.05 -29.24
N SER F 265 -48.98 -22.55 -29.78
CA SER F 265 -47.79 -21.76 -30.02
C SER F 265 -47.34 -21.93 -31.47
N ILE F 266 -47.40 -20.83 -32.23
CA ILE F 266 -47.27 -20.88 -33.68
C ILE F 266 -46.26 -19.86 -34.16
N HIS F 267 -45.44 -20.27 -35.12
CA HIS F 267 -44.49 -19.36 -35.79
C HIS F 267 -44.69 -19.46 -37.30
N ILE F 268 -44.96 -18.31 -37.92
CA ILE F 268 -45.26 -18.27 -39.35
C ILE F 268 -44.23 -17.44 -40.10
N GLU F 269 -43.62 -18.08 -41.10
CA GLU F 269 -42.55 -17.50 -41.91
C GLU F 269 -42.90 -17.51 -43.39
N THR F 270 -42.61 -16.40 -44.07
CA THR F 270 -42.73 -16.31 -45.52
C THR F 270 -41.37 -15.98 -46.14
N GLU F 271 -41.24 -16.18 -47.45
CA GLU F 271 -39.97 -15.90 -48.16
C GLU F 271 -39.57 -14.43 -47.99
N GLU F 272 -40.49 -13.53 -48.32
CA GLU F 272 -40.32 -12.10 -48.08
C GLU F 272 -41.34 -11.64 -47.06
N GLU F 273 -41.03 -10.54 -46.36
CA GLU F 273 -41.98 -9.93 -45.40
C GLU F 273 -43.34 -9.68 -46.06
N LYS F 274 -44.39 -10.26 -45.49
CA LYS F 274 -45.77 -10.06 -45.97
C LYS F 274 -46.58 -9.30 -44.93
N GLU F 275 -47.41 -8.37 -45.40
CA GLU F 275 -48.32 -7.61 -44.53
C GLU F 275 -49.39 -8.56 -44.01
N VAL F 276 -49.63 -8.52 -42.70
CA VAL F 276 -50.65 -9.37 -42.06
C VAL F 276 -51.93 -8.57 -41.86
N ASP F 277 -53.07 -9.22 -42.08
CA ASP F 277 -54.36 -8.63 -41.80
C ASP F 277 -54.89 -9.21 -40.49
N THR F 278 -55.57 -8.37 -39.71
CA THR F 278 -56.13 -8.79 -38.42
C THR F 278 -57.43 -8.02 -38.12
N ASP F 279 -57.86 -8.00 -36.87
CA ASP F 279 -59.19 -7.48 -36.51
C ASP F 279 -59.43 -6.05 -36.99
N GLY F 280 -58.38 -5.22 -36.95
CA GLY F 280 -58.48 -3.81 -37.32
C GLY F 280 -57.16 -3.31 -37.85
N GLU F 281 -57.03 -1.99 -38.00
CA GLU F 281 -55.81 -1.42 -38.58
C GLU F 281 -54.59 -1.75 -37.71
N SER F 282 -53.54 -2.21 -38.37
CA SER F 282 -52.34 -2.69 -37.72
C SER F 282 -51.14 -2.65 -38.67
N SER F 283 -49.95 -2.64 -38.09
CA SER F 283 -48.69 -2.58 -38.84
C SER F 283 -47.94 -3.90 -38.79
N LEU F 284 -48.66 -4.96 -38.43
CA LEU F 284 -48.07 -6.28 -38.25
C LEU F 284 -47.62 -6.88 -39.58
N HIS F 285 -46.50 -7.59 -39.57
CA HIS F 285 -45.99 -8.29 -40.75
C HIS F 285 -45.21 -9.54 -40.37
N THR F 286 -45.12 -10.49 -41.31
CA THR F 286 -44.33 -11.69 -41.08
C THR F 286 -42.85 -11.33 -41.03
N PRO F 287 -42.02 -12.18 -40.39
CA PRO F 287 -42.39 -13.40 -39.66
C PRO F 287 -43.07 -13.11 -38.33
N CYS F 288 -43.86 -14.08 -37.86
CA CYS F 288 -44.71 -13.91 -36.68
C CYS F 288 -44.65 -15.06 -35.69
N GLN F 289 -44.42 -14.71 -34.42
CA GLN F 289 -44.68 -15.61 -33.31
C GLN F 289 -46.10 -15.32 -32.83
N ILE F 290 -46.98 -16.31 -32.97
CA ILE F 290 -48.35 -16.21 -32.48
C ILE F 290 -48.52 -17.12 -31.26
N GLU F 291 -49.15 -16.56 -30.24
CA GLU F 291 -49.22 -17.18 -28.93
C GLU F 291 -50.63 -17.06 -28.41
N LEU F 292 -51.09 -18.10 -27.75
CA LEU F 292 -52.41 -18.05 -27.16
C LEU F 292 -52.34 -17.81 -25.67
N LEU F 293 -53.07 -16.80 -25.22
CA LEU F 293 -53.20 -16.47 -23.81
C LEU F 293 -54.57 -16.96 -23.35
N GLN F 294 -54.56 -18.06 -22.61
CA GLN F 294 -55.80 -18.76 -22.22
C GLN F 294 -56.57 -17.94 -21.20
N GLY F 295 -57.84 -17.69 -21.49
CA GLY F 295 -58.72 -16.94 -20.58
C GLY F 295 -58.17 -15.58 -20.15
N HIS F 296 -57.50 -14.93 -21.08
CA HIS F 296 -56.82 -13.65 -20.79
C HIS F 296 -57.83 -12.54 -20.47
N PHE F 297 -58.96 -12.57 -21.15
CA PHE F 297 -60.07 -11.65 -20.85
C PHE F 297 -61.19 -12.41 -20.21
N THR F 298 -62.00 -11.70 -19.43
CA THR F 298 -63.30 -12.15 -19.05
C THR F 298 -64.30 -11.23 -19.74
N MSE F 299 -65.35 -11.81 -20.29
CA MSE F 299 -66.29 -11.04 -21.11
C MSE F 299 -67.74 -11.44 -20.92
O MSE F 299 -68.06 -12.57 -20.61
CB MSE F 299 -65.93 -11.19 -22.59
CG MSE F 299 -64.51 -10.75 -22.95
SE MSE F 299 -64.25 -10.51 -24.85
CE MSE F 299 -65.46 -9.05 -25.17
N ILE F 300 -68.61 -10.46 -21.08
CA ILE F 300 -70.03 -10.67 -21.00
C ILE F 300 -70.47 -11.46 -22.22
N TYR F 301 -71.26 -12.50 -21.99
CA TYR F 301 -71.76 -13.33 -23.07
C TYR F 301 -73.23 -13.69 -22.85
N ASN F 302 -73.79 -14.38 -23.85
CA ASN F 302 -75.18 -14.78 -23.86
C ASN F 302 -75.28 -16.28 -23.76
N PRO F 303 -75.55 -16.82 -22.57
CA PRO F 303 -75.63 -18.26 -22.42
C PRO F 303 -76.88 -18.91 -23.03
N ALA F 304 -77.87 -18.11 -23.42
CA ALA F 304 -79.02 -18.64 -24.16
C ALA F 304 -78.66 -19.06 -25.60
N VAL F 305 -77.57 -18.49 -26.14
CA VAL F 305 -77.14 -18.76 -27.51
C VAL F 305 -75.80 -19.47 -27.62
N VAL F 306 -74.85 -19.14 -26.75
CA VAL F 306 -73.52 -19.75 -26.79
C VAL F 306 -73.41 -20.88 -25.78
N LYS G 9 21.16 36.05 34.16
CA LYS G 9 21.65 36.78 35.38
C LYS G 9 20.72 36.61 36.59
N THR G 10 20.43 35.36 37.00
CA THR G 10 19.60 35.09 38.19
C THR G 10 20.29 35.64 39.44
N LYS G 11 19.48 36.07 40.40
CA LYS G 11 19.99 36.38 41.74
C LYS G 11 20.27 35.14 42.60
N PHE G 12 19.74 33.99 42.19
CA PHE G 12 19.67 32.79 43.05
C PHE G 12 20.25 31.54 42.41
N GLU G 13 21.53 31.31 42.68
CA GLU G 13 22.22 30.14 42.16
C GLU G 13 21.64 28.82 42.74
N LYS G 14 21.32 28.86 44.03
CA LYS G 14 20.78 27.69 44.73
C LYS G 14 19.56 28.04 45.51
N VAL G 15 18.53 27.21 45.37
CA VAL G 15 17.24 27.46 46.02
C VAL G 15 16.80 26.25 46.86
N LEU G 16 16.19 26.54 48.00
CA LEU G 16 15.56 25.55 48.86
C LEU G 16 14.09 25.81 48.91
N LEU G 17 13.27 24.79 48.71
CA LEU G 17 11.83 24.88 48.91
C LEU G 17 11.46 24.01 50.09
N ILE G 18 10.92 24.62 51.13
CA ILE G 18 10.45 23.90 52.29
C ILE G 18 8.94 23.68 52.12
N VAL G 19 8.52 22.44 52.09
CA VAL G 19 7.11 22.12 51.93
C VAL G 19 6.54 21.60 53.23
N ASN G 20 5.48 22.23 53.71
CA ASN G 20 4.68 21.61 54.76
C ASN G 20 3.63 20.76 54.06
N PRO G 21 3.75 19.42 54.14
CA PRO G 21 2.83 18.56 53.40
C PRO G 21 1.37 18.71 53.80
N LYS G 22 1.12 19.16 55.02
CA LYS G 22 -0.24 19.41 55.51
C LYS G 22 -0.81 20.74 55.02
N ALA G 23 0.04 21.61 54.51
CA ALA G 23 -0.38 22.89 54.02
C ALA G 23 -1.25 22.74 52.77
N GLY G 24 -1.93 23.83 52.40
CA GLY G 24 -2.80 23.85 51.24
C GLY G 24 -4.02 23.06 51.66
N GLN G 25 -4.52 22.10 50.93
CA GLN G 25 -5.57 21.33 51.64
C GLN G 25 -5.07 20.05 52.37
N GLY G 26 -3.76 19.85 52.36
CA GLY G 26 -3.22 18.52 52.49
C GLY G 26 -3.34 17.75 51.17
N ASP G 27 -3.82 18.40 50.09
CA ASP G 27 -3.89 17.72 48.78
C ASP G 27 -2.52 17.85 48.11
N LEU G 28 -1.62 16.98 48.53
CA LEU G 28 -0.19 17.14 48.30
C LEU G 28 0.17 17.06 46.83
N HIS G 29 -0.26 15.99 46.18
CA HIS G 29 0.05 15.77 44.75
C HIS G 29 -0.38 16.99 43.96
N THR G 30 -1.56 17.45 44.30
CA THR G 30 -2.12 18.56 43.59
C THR G 30 -1.38 19.87 43.88
N ASN G 31 -1.08 20.12 45.14
CA ASN G 31 -0.32 21.30 45.50
C ASN G 31 1.07 21.33 44.87
N LEU G 32 1.73 20.17 44.85
CA LEU G 32 3.07 20.11 44.27
C LEU G 32 3.04 20.27 42.76
N THR G 33 1.96 19.78 42.14
CA THR G 33 1.79 19.94 40.71
C THR G 33 1.67 21.42 40.35
N LYS G 34 1.05 22.21 41.23
CA LYS G 34 0.88 23.65 41.01
C LYS G 34 2.16 24.45 41.28
N ILE G 35 2.92 24.10 42.32
CA ILE G 35 4.03 24.97 42.74
C ILE G 35 5.44 24.54 42.32
N VAL G 36 5.68 23.26 42.13
CA VAL G 36 7.04 22.82 41.87
C VAL G 36 7.50 23.05 40.42
N PRO G 37 6.74 22.62 39.42
CA PRO G 37 7.23 22.76 38.03
C PRO G 37 7.72 24.16 37.61
N PRO G 38 6.99 25.22 37.94
CA PRO G 38 7.50 26.54 37.60
C PRO G 38 8.84 26.85 38.28
N LEU G 39 8.97 26.43 39.52
CA LEU G 39 10.21 26.64 40.27
C LEU G 39 11.34 25.81 39.69
N ALA G 40 11.04 24.55 39.40
CA ALA G 40 12.04 23.65 38.85
C ALA G 40 12.48 24.09 37.46
N ALA G 41 11.56 24.67 36.70
CA ALA G 41 11.89 25.22 35.35
C ALA G 41 12.82 26.40 35.44
N ALA G 42 12.54 27.29 36.38
CA ALA G 42 13.28 28.54 36.51
C ALA G 42 14.63 28.38 37.20
N PHE G 43 14.72 27.45 38.16
CA PHE G 43 15.88 27.39 39.03
C PHE G 43 16.56 26.07 38.84
N PRO G 44 17.72 26.04 38.18
CA PRO G 44 18.36 24.77 37.84
C PRO G 44 19.04 24.03 39.01
N ASP G 45 19.06 24.63 40.21
CA ASP G 45 19.52 23.95 41.43
C ASP G 45 18.49 24.18 42.51
N LEU G 46 17.56 23.22 42.62
CA LEU G 46 16.41 23.31 43.53
C LEU G 46 16.35 22.10 44.48
N HIS G 47 16.29 22.40 45.77
CA HIS G 47 16.26 21.39 46.81
C HIS G 47 14.92 21.48 47.53
N ILE G 48 14.19 20.38 47.58
CA ILE G 48 12.85 20.36 48.18
C ILE G 48 12.86 19.46 49.44
N LEU G 49 12.53 20.08 50.56
CA LEU G 49 12.51 19.36 51.84
C LEU G 49 11.10 19.45 52.41
N HIS G 50 10.53 18.31 52.78
CA HIS G 50 9.28 18.31 53.54
C HIS G 50 9.54 18.44 55.02
N THR G 51 8.69 19.18 55.70
CA THR G 51 8.68 19.14 57.15
C THR G 51 7.95 17.88 57.61
N LYS G 52 8.31 17.36 58.77
CA LYS G 52 7.56 16.26 59.43
C LYS G 52 6.93 16.71 60.75
N GLU G 53 7.65 17.53 61.50
CA GLU G 53 7.24 18.00 62.84
C GLU G 53 7.37 19.50 63.00
N GLN G 54 6.67 20.03 64.00
CA GLN G 54 6.86 21.39 64.46
C GLN G 54 8.37 21.57 64.73
N GLY G 55 8.92 22.68 64.23
CA GLY G 55 10.33 23.00 64.42
C GLY G 55 11.23 22.67 63.25
N ASP G 56 10.75 21.84 62.33
CA ASP G 56 11.59 21.40 61.22
C ASP G 56 11.97 22.56 60.29
N ALA G 57 10.99 23.37 59.92
CA ALA G 57 11.28 24.53 59.09
C ALA G 57 12.36 25.41 59.75
N THR G 58 12.25 25.61 61.07
CA THR G 58 13.29 26.36 61.77
C THR G 58 14.65 25.68 61.58
N LYS G 59 14.69 24.37 61.74
CA LYS G 59 15.96 23.65 61.60
C LYS G 59 16.51 23.69 60.20
N TYR G 60 15.65 23.50 59.21
CA TYR G 60 16.07 23.54 57.80
C TYR G 60 16.61 24.91 57.43
N CYS G 61 15.93 25.97 57.84
CA CYS G 61 16.44 27.34 57.59
C CYS G 61 17.80 27.54 58.22
N GLN G 62 18.01 27.02 59.42
CA GLN G 62 19.30 27.22 60.08
C GLN G 62 20.40 26.40 59.44
N GLU G 63 20.07 25.22 58.94
CA GLU G 63 21.09 24.40 58.31
C GLU G 63 21.49 24.97 56.94
N PHE G 64 20.51 25.45 56.19
CA PHE G 64 20.69 25.83 54.78
C PHE G 64 20.98 27.33 54.54
N ALA G 65 20.81 28.15 55.56
CA ALA G 65 21.03 29.59 55.46
C ALA G 65 22.35 29.95 54.78
N SER G 66 23.39 29.21 55.07
CA SER G 66 24.71 29.49 54.52
C SER G 66 25.01 28.73 53.22
N LYS G 67 24.06 27.95 52.72
CA LYS G 67 24.31 27.06 51.60
C LYS G 67 23.46 27.44 50.41
N VAL G 68 22.57 28.38 50.59
CA VAL G 68 21.48 28.58 49.63
C VAL G 68 21.20 30.07 49.50
N ASP G 69 20.68 30.49 48.36
CA ASP G 69 20.52 31.94 48.09
C ASP G 69 19.09 32.39 48.23
N LEU G 70 18.17 31.45 48.12
CA LEU G 70 16.74 31.72 48.26
C LEU G 70 16.12 30.57 49.03
N ILE G 71 15.27 30.88 50.01
CA ILE G 71 14.49 29.88 50.72
C ILE G 71 13.03 30.17 50.52
N ILE G 72 12.31 29.24 49.90
CA ILE G 72 10.88 29.38 49.69
C ILE G 72 10.15 28.51 50.69
N VAL G 73 9.17 29.09 51.39
CA VAL G 73 8.36 28.32 52.33
C VAL G 73 6.92 28.21 51.84
N PHE G 74 6.45 26.98 51.70
CA PHE G 74 5.07 26.68 51.39
C PHE G 74 4.36 26.24 52.66
N GLY G 75 3.60 27.16 53.21
CA GLY G 75 2.90 26.93 54.47
C GLY G 75 2.12 28.15 54.91
N GLY G 76 1.41 28.01 56.01
CA GLY G 76 0.66 29.10 56.60
C GLY G 76 1.48 29.94 57.55
N ASP G 77 0.78 30.80 58.28
CA ASP G 77 1.42 31.73 59.19
C ASP G 77 2.45 31.06 60.13
N GLY G 78 2.09 29.88 60.66
CA GLY G 78 2.96 29.15 61.58
C GLY G 78 4.27 28.68 60.96
N THR G 79 4.20 28.16 59.74
CA THR G 79 5.41 27.75 59.06
C THR G 79 6.26 28.96 58.68
N VAL G 80 5.63 30.07 58.28
CA VAL G 80 6.35 31.29 57.96
C VAL G 80 7.10 31.80 59.18
N PHE G 81 6.44 31.72 60.33
CA PHE G 81 7.01 32.17 61.62
C PHE G 81 8.20 31.30 62.03
N GLU G 82 8.11 30.01 61.72
CA GLU G 82 9.24 29.12 61.99
C GLU G 82 10.47 29.56 61.19
N CYS G 83 10.26 29.94 59.94
CA CYS G 83 11.33 30.46 59.09
C CYS G 83 11.86 31.81 59.56
N THR G 84 10.96 32.69 59.99
CA THR G 84 11.32 33.96 60.58
C THR G 84 12.24 33.78 61.76
N ASN G 85 11.83 32.92 62.70
CA ASN G 85 12.65 32.58 63.86
C ASN G 85 13.94 31.83 63.54
N GLY G 86 13.94 31.10 62.45
CA GLY G 86 15.14 30.40 62.01
C GLY G 86 16.19 31.35 61.46
N LEU G 87 15.79 32.25 60.58
CA LEU G 87 16.75 33.11 59.87
C LEU G 87 17.13 34.35 60.65
N ALA G 88 16.16 34.96 61.30
CA ALA G 88 16.36 36.28 61.94
C ALA G 88 17.59 36.39 62.81
N PRO G 89 17.92 35.35 63.61
CA PRO G 89 19.10 35.48 64.49
C PRO G 89 20.42 35.24 63.80
N LEU G 90 20.40 34.80 62.55
CA LEU G 90 21.63 34.42 61.87
C LEU G 90 22.39 35.61 61.28
N GLU G 91 23.70 35.46 61.13
CA GLU G 91 24.52 36.47 60.49
C GLU G 91 24.33 36.51 58.99
N ILE G 92 24.10 35.36 58.39
CA ILE G 92 23.86 35.25 56.95
C ILE G 92 22.42 34.81 56.73
N ARG G 93 21.67 35.60 55.99
CA ARG G 93 20.24 35.34 55.83
C ARG G 93 19.79 35.42 54.39
N PRO G 94 19.68 34.31 53.71
CA PRO G 94 19.26 34.42 52.32
C PRO G 94 17.87 35.00 52.15
N THR G 95 17.51 35.25 50.91
CA THR G 95 16.22 35.83 50.60
C THR G 95 15.13 34.82 50.92
N LEU G 96 14.03 35.31 51.42
CA LEU G 96 12.90 34.49 51.79
C LEU G 96 11.67 34.76 50.92
N ALA G 97 10.95 33.70 50.55
CA ALA G 97 9.73 33.84 49.77
C ALA G 97 8.64 32.98 50.37
N ILE G 98 7.40 33.41 50.21
CA ILE G 98 6.26 32.67 50.76
C ILE G 98 5.30 32.24 49.67
N ILE G 99 4.99 30.95 49.65
CA ILE G 99 3.84 30.46 48.90
C ILE G 99 2.77 30.18 49.95
N PRO G 100 1.67 30.91 49.90
CA PRO G 100 0.70 30.88 50.99
C PRO G 100 -0.06 29.58 51.04
N GLY G 101 0.13 28.84 52.13
CA GLY G 101 -0.46 27.51 52.28
C GLY G 101 -1.38 27.35 53.47
N GLY G 102 -1.71 28.44 54.12
CA GLY G 102 -2.67 28.45 55.21
C GLY G 102 -3.93 29.12 54.72
N THR G 103 -4.76 29.54 55.66
CA THR G 103 -6.00 30.27 55.32
C THR G 103 -5.84 31.79 55.51
N CYS G 104 -4.92 32.17 56.38
CA CYS G 104 -4.67 33.57 56.70
C CYS G 104 -3.53 34.21 55.88
N ASN G 105 -2.32 33.68 56.03
CA ASN G 105 -1.19 34.10 55.19
C ASN G 105 -0.90 35.63 55.21
N ASP G 106 -0.90 36.19 56.41
CA ASP G 106 -0.83 37.62 56.53
C ASP G 106 0.36 38.21 55.81
N PHE G 107 1.55 37.71 56.07
CA PHE G 107 2.71 38.38 55.51
C PHE G 107 2.86 38.21 54.00
N SER G 108 2.32 37.12 53.47
CA SER G 108 2.31 36.94 52.03
C SER G 108 1.50 38.05 51.38
N ARG G 109 0.39 38.41 52.03
CA ARG G 109 -0.45 39.51 51.57
C ARG G 109 0.26 40.86 51.65
N THR G 110 1.02 41.08 52.70
CA THR G 110 1.84 42.28 52.83
C THR G 110 2.79 42.44 51.65
N LEU G 111 3.30 41.31 51.16
CA LEU G 111 4.23 41.30 50.04
C LEU G 111 3.53 41.27 48.69
N GLY G 112 2.20 41.31 48.71
CA GLY G 112 1.40 41.32 47.49
C GLY G 112 1.39 40.00 46.77
N VAL G 113 1.69 38.92 47.49
CA VAL G 113 1.72 37.59 46.90
C VAL G 113 0.28 37.13 46.61
N PRO G 114 0.03 36.68 45.38
CA PRO G 114 -1.28 36.12 45.10
C PRO G 114 -1.56 34.89 45.95
N GLN G 115 -2.81 34.76 46.39
CA GLN G 115 -3.22 33.60 47.17
C GLN G 115 -3.35 32.32 46.35
N ASN G 116 -3.47 32.48 45.04
CA ASN G 116 -3.38 31.35 44.11
C ASN G 116 -1.94 30.82 44.16
N ILE G 117 -1.76 29.59 44.65
CA ILE G 117 -0.41 29.07 44.90
C ILE G 117 0.43 28.90 43.64
N ALA G 118 -0.21 28.56 42.52
CA ALA G 118 0.51 28.51 41.22
C ALA G 118 1.08 29.89 40.84
N GLU G 119 0.27 30.91 41.06
CA GLU G 119 0.68 32.28 40.74
C GLU G 119 1.75 32.76 41.72
N ALA G 120 1.65 32.31 42.97
CA ALA G 120 2.66 32.66 43.97
C ALA G 120 4.01 32.08 43.55
N ALA G 121 3.98 30.83 43.11
CA ALA G 121 5.19 30.19 42.61
C ALA G 121 5.76 30.96 41.42
N LYS G 122 4.91 31.26 40.43
CA LYS G 122 5.34 32.00 39.24
C LYS G 122 5.98 33.35 39.62
N LEU G 123 5.38 34.04 40.58
CA LEU G 123 5.93 35.30 41.03
C LEU G 123 7.41 35.19 41.42
N ILE G 124 7.74 34.10 42.13
CA ILE G 124 9.08 33.93 42.66
C ILE G 124 10.08 33.90 41.52
N THR G 125 9.67 33.32 40.40
CA THR G 125 10.56 33.22 39.24
C THR G 125 10.85 34.59 38.60
N LYS G 126 10.09 35.62 38.95
CA LYS G 126 10.36 36.96 38.44
C LYS G 126 11.45 37.66 39.24
N GLU G 127 11.73 37.16 40.45
CA GLU G 127 12.89 37.61 41.25
C GLU G 127 12.88 39.08 41.68
N HIS G 128 11.69 39.62 41.92
CA HIS G 128 11.57 40.96 42.50
C HIS G 128 11.74 40.86 43.99
N VAL G 129 12.77 41.53 44.48
CA VAL G 129 13.20 41.42 45.88
C VAL G 129 13.26 42.78 46.56
N LYS G 130 12.74 42.87 47.78
CA LYS G 130 12.87 44.11 48.57
C LYS G 130 13.27 43.87 50.02
N PRO G 131 13.89 44.88 50.64
CA PRO G 131 14.19 44.77 52.07
C PRO G 131 12.92 44.81 52.89
N VAL G 132 12.90 44.04 53.96
CA VAL G 132 11.78 43.99 54.86
C VAL G 132 12.28 44.11 56.30
N ASP G 133 11.59 44.90 57.09
CA ASP G 133 11.92 45.07 58.49
C ASP G 133 11.42 43.86 59.31
N VAL G 134 12.27 43.46 60.25
CA VAL G 134 11.95 42.39 61.20
C VAL G 134 12.02 43.01 62.57
N ALA G 135 10.95 42.81 63.35
CA ALA G 135 10.89 43.32 64.70
C ALA G 135 11.49 42.35 65.70
N LYS G 136 11.91 42.97 66.82
CA LYS G 136 12.57 42.29 67.91
C LYS G 136 11.99 42.78 69.25
N ALA G 137 11.35 41.88 69.98
CA ALA G 137 10.80 42.19 71.32
C ALA G 137 11.44 41.28 72.33
N ASN G 138 12.20 41.86 73.25
CA ASN G 138 13.02 41.09 74.20
C ASN G 138 13.70 39.85 73.59
N GLY G 139 14.30 40.00 72.40
CA GLY G 139 14.99 38.87 71.76
C GLY G 139 14.12 37.93 70.94
N GLN G 140 12.80 38.09 71.06
CA GLN G 140 11.86 37.41 70.17
C GLN G 140 11.67 38.28 68.92
N HIS G 141 11.85 37.68 67.75
CA HIS G 141 11.62 38.40 66.52
C HIS G 141 10.19 38.23 66.07
N PHE G 142 9.63 39.23 65.39
CA PHE G 142 8.35 39.06 64.69
C PHE G 142 8.24 39.85 63.39
N LEU G 143 7.39 39.37 62.50
CA LEU G 143 7.11 40.03 61.22
C LEU G 143 5.78 40.77 61.22
N ASN G 144 4.76 40.21 61.86
CA ASN G 144 3.40 40.78 61.77
C ASN G 144 3.08 41.76 62.89
N PHE G 145 3.02 41.25 64.12
CA PHE G 145 2.57 42.07 65.23
C PHE G 145 2.95 41.54 66.59
N TRP G 146 2.81 42.43 67.56
CA TRP G 146 3.00 42.19 68.98
C TRP G 146 1.77 42.80 69.60
N GLY G 147 1.18 42.15 70.60
CA GLY G 147 -0.06 42.68 71.17
C GLY G 147 -0.43 42.16 72.54
N ILE G 148 -1.05 43.01 73.33
CA ILE G 148 -1.71 42.58 74.56
C ILE G 148 -3.17 42.93 74.52
N GLY G 149 -3.99 42.09 75.15
CA GLY G 149 -5.42 42.29 75.23
C GLY G 149 -6.22 41.60 74.14
N LEU G 150 -5.57 40.74 73.36
CA LEU G 150 -6.25 39.95 72.34
C LEU G 150 -6.94 38.75 72.97
N VAL G 151 -6.40 38.31 74.12
CA VAL G 151 -6.99 37.25 74.97
C VAL G 151 -8.23 37.77 75.73
N ASN G 157 -9.51 31.86 79.31
CA ASN G 157 -9.65 30.73 78.40
C ASN G 157 -11.10 30.53 77.91
N ILE G 158 -11.26 29.64 76.92
CA ILE G 158 -12.57 29.28 76.36
C ILE G 158 -12.52 27.86 75.77
N ASP G 159 -13.52 27.50 74.96
CA ASP G 159 -13.52 26.22 74.22
C ASP G 159 -13.98 26.41 72.76
N ALA G 160 -13.78 27.61 72.21
CA ALA G 160 -14.24 27.95 70.86
C ALA G 160 -13.31 27.36 69.77
N GLU G 161 -13.86 26.46 68.97
CA GLU G 161 -13.09 25.59 68.06
C GLU G 161 -12.35 26.34 66.95
N GLU G 162 -12.97 27.38 66.41
CA GLU G 162 -12.43 28.14 65.27
C GLU G 162 -11.29 29.13 65.63
N LYS G 163 -10.86 29.14 66.90
CA LYS G 163 -9.69 29.92 67.32
C LYS G 163 -8.45 29.52 66.52
N ALA G 164 -8.28 28.21 66.34
CA ALA G 164 -7.17 27.64 65.55
C ALA G 164 -7.23 28.02 64.06
N LYS G 165 -8.38 27.80 63.43
CA LYS G 165 -8.54 28.00 61.98
C LYS G 165 -8.19 29.43 61.48
N LEU G 166 -8.64 30.46 62.21
CA LEU G 166 -8.45 31.84 61.74
C LEU G 166 -7.16 32.53 62.22
N GLY G 167 -6.58 32.03 63.31
CA GLY G 167 -5.42 32.68 63.93
C GLY G 167 -5.84 33.63 65.03
N LYS G 168 -4.89 34.04 65.87
CA LYS G 168 -5.17 34.90 67.04
C LYS G 168 -5.89 36.21 66.69
N ILE G 169 -5.33 36.96 65.74
CA ILE G 169 -5.91 38.22 65.31
C ILE G 169 -7.21 38.03 64.54
N GLY G 170 -7.23 37.05 63.65
CA GLY G 170 -8.41 36.73 62.85
C GLY G 170 -9.62 36.38 63.71
N TYR G 171 -9.40 35.60 64.76
CA TYR G 171 -10.46 35.21 65.68
C TYR G 171 -10.94 36.41 66.48
N TYR G 172 -10.00 37.21 66.94
CA TYR G 172 -10.29 38.43 67.70
C TYR G 172 -11.19 39.36 66.89
N LEU G 173 -10.82 39.57 65.64
CA LEU G 173 -11.60 40.45 64.74
C LEU G 173 -12.98 39.89 64.39
N SER G 174 -13.09 38.58 64.26
CA SER G 174 -14.38 37.92 63.96
C SER G 174 -15.37 38.01 65.15
N THR G 175 -14.85 38.09 66.37
CA THR G 175 -15.68 38.08 67.59
C THR G 175 -15.68 39.40 68.36
N ILE G 176 -15.06 40.44 67.79
CA ILE G 176 -14.94 41.72 68.50
C ILE G 176 -16.30 42.43 68.65
N ARG G 177 -17.17 42.28 67.64
CA ARG G 177 -18.51 42.93 67.61
C ARG G 177 -19.60 42.19 68.43
N THR G 178 -19.20 41.23 69.28
CA THR G 178 -20.14 40.53 70.18
C THR G 178 -19.43 39.91 71.41
N VAL G 179 -18.69 40.72 72.16
CA VAL G 179 -17.83 40.24 73.27
C VAL G 179 -18.23 40.80 74.66
N LYS G 180 -18.44 39.90 75.63
CA LYS G 180 -18.68 40.29 77.03
C LYS G 180 -17.61 41.29 77.48
N ASN G 181 -18.03 42.50 77.84
CA ASN G 181 -17.15 43.68 77.78
C ASN G 181 -15.74 43.51 78.39
N ALA G 182 -14.74 43.85 77.58
CA ALA G 182 -13.35 43.46 77.79
C ALA G 182 -12.72 44.06 79.05
N GLU G 183 -11.61 43.44 79.44
CA GLU G 183 -10.85 43.84 80.61
C GLU G 183 -10.01 45.07 80.28
N THR G 184 -10.05 46.08 81.16
CA THR G 184 -9.18 47.24 81.02
C THR G 184 -7.98 47.14 81.96
N PHE G 185 -6.94 47.86 81.58
CA PHE G 185 -5.72 47.87 82.34
C PHE G 185 -4.91 49.12 82.04
N PRO G 186 -4.17 49.63 83.03
CA PRO G 186 -3.34 50.79 82.79
C PRO G 186 -2.06 50.40 82.05
N VAL G 187 -1.60 51.31 81.20
CA VAL G 187 -0.39 51.07 80.42
C VAL G 187 0.46 52.35 80.35
N LYS G 188 1.78 52.17 80.45
CA LYS G 188 2.73 53.25 80.25
C LYS G 188 3.66 52.88 79.09
N ILE G 189 3.60 53.66 78.01
CA ILE G 189 4.39 53.39 76.82
C ILE G 189 5.42 54.49 76.59
N THR G 190 6.69 54.14 76.63
CA THR G 190 7.77 55.06 76.33
C THR G 190 8.23 54.80 74.91
N TYR G 191 8.06 55.81 74.05
CA TYR G 191 8.42 55.67 72.64
C TYR G 191 9.28 56.83 72.13
N ASP G 192 10.54 56.49 71.79
CA ASP G 192 11.51 57.45 71.23
C ASP G 192 11.52 58.75 72.03
N GLY G 193 11.78 58.63 73.33
CA GLY G 193 11.82 59.79 74.23
C GLY G 193 10.49 60.31 74.75
N GLN G 194 9.38 59.89 74.13
CA GLN G 194 8.04 60.41 74.46
C GLN G 194 7.30 59.39 75.34
N VAL G 195 6.34 59.87 76.12
CA VAL G 195 5.60 59.03 77.06
C VAL G 195 4.10 59.08 76.79
N TYR G 196 3.43 57.94 77.01
CA TYR G 196 1.98 57.82 76.90
C TYR G 196 1.49 56.94 78.04
N GLU G 197 0.65 57.51 78.90
CA GLU G 197 -0.04 56.75 79.95
C GLU G 197 -1.54 56.85 79.71
N ASP G 198 -2.25 55.76 79.98
CA ASP G 198 -3.71 55.74 79.88
C ASP G 198 -4.25 54.38 80.31
N GLU G 199 -5.57 54.32 80.50
CA GLU G 199 -6.29 53.07 80.70
C GLU G 199 -6.67 52.49 79.35
N ALA G 200 -6.33 51.22 79.12
CA ALA G 200 -6.48 50.58 77.78
C ALA G 200 -7.20 49.23 77.80
N VAL G 201 -7.74 48.86 76.65
CA VAL G 201 -8.34 47.54 76.39
C VAL G 201 -7.48 46.65 75.45
N LEU G 202 -6.69 47.28 74.58
CA LEU G 202 -5.88 46.62 73.54
C LEU G 202 -4.62 47.44 73.25
N VAL G 203 -3.47 46.78 73.24
CA VAL G 203 -2.21 47.44 72.82
C VAL G 203 -1.55 46.63 71.73
N MSE G 204 -1.39 47.23 70.57
CA MSE G 204 -0.74 46.56 69.42
C MSE G 204 0.53 47.29 69.04
O MSE G 204 0.62 48.52 69.17
CB MSE G 204 -1.67 46.58 68.20
CG MSE G 204 -3.01 45.91 68.41
SE MSE G 204 -2.87 44.03 68.33
CE MSE G 204 -2.27 43.78 66.48
N VAL G 205 1.52 46.53 68.59
CA VAL G 205 2.65 47.08 67.87
C VAL G 205 2.70 46.33 66.55
N GLY G 206 2.42 47.04 65.46
CA GLY G 206 2.30 46.40 64.16
C GLY G 206 3.52 46.61 63.27
N ASN G 207 3.92 45.56 62.57
CA ASN G 207 4.95 45.66 61.55
C ASN G 207 4.40 45.37 60.15
N GLY G 208 3.55 44.36 60.06
CA GLY G 208 3.02 43.91 58.80
C GLY G 208 1.81 44.69 58.40
N GLU G 209 1.44 44.58 57.13
CA GLU G 209 0.42 45.41 56.50
C GLU G 209 -0.94 44.70 56.43
N TYR G 210 -0.95 43.44 56.82
CA TYR G 210 -2.19 42.65 56.92
C TYR G 210 -2.25 41.98 58.27
N LEU G 211 -3.43 41.97 58.87
CA LEU G 211 -3.66 41.28 60.14
C LEU G 211 -4.98 40.52 60.07
N GLY G 212 -4.94 39.26 60.46
CA GLY G 212 -6.11 38.39 60.39
C GLY G 212 -6.66 38.13 59.00
N GLY G 213 -5.81 38.23 57.98
CA GLY G 213 -6.24 37.93 56.60
C GLY G 213 -6.79 39.11 55.78
N ILE G 214 -6.84 40.27 56.41
CA ILE G 214 -7.34 41.49 55.76
C ILE G 214 -6.38 42.64 56.09
N PRO G 215 -6.48 43.75 55.36
CA PRO G 215 -5.56 44.85 55.61
C PRO G 215 -5.56 45.29 57.06
N SER G 216 -4.40 45.67 57.54
CA SER G 216 -4.19 46.02 58.93
C SER G 216 -5.16 47.08 59.38
N PHE G 217 -5.82 46.81 60.51
CA PHE G 217 -6.69 47.81 61.13
C PHE G 217 -5.89 48.96 61.75
N ILE G 218 -4.58 48.77 61.91
CA ILE G 218 -3.69 49.85 62.27
C ILE G 218 -3.40 50.63 60.99
N PRO G 219 -3.72 51.93 60.96
CA PRO G 219 -3.59 52.69 59.73
C PRO G 219 -2.16 52.90 59.24
N ASN G 220 -1.98 52.79 57.93
CA ASN G 220 -0.75 53.25 57.27
C ASN G 220 0.50 52.58 57.81
N VAL G 221 0.36 51.30 58.14
CA VAL G 221 1.51 50.52 58.58
C VAL G 221 2.30 50.10 57.33
N LYS G 222 3.62 50.22 57.43
CA LYS G 222 4.48 49.75 56.36
C LYS G 222 5.57 48.85 56.94
N CYS G 223 5.84 47.75 56.24
CA CYS G 223 6.77 46.73 56.74
C CYS G 223 8.21 47.03 56.43
N ASP G 224 8.44 48.11 55.66
CA ASP G 224 9.79 48.45 55.19
C ASP G 224 10.16 49.93 55.34
N ASP G 225 9.50 50.63 56.25
CA ASP G 225 9.69 52.07 56.43
C ASP G 225 10.63 52.41 57.59
N GLY G 226 11.21 51.40 58.19
CA GLY G 226 12.16 51.60 59.28
C GLY G 226 11.52 51.96 60.61
N THR G 227 10.20 51.79 60.72
CA THR G 227 9.49 52.15 61.93
C THR G 227 8.25 51.27 62.21
N LEU G 228 7.92 51.13 63.49
CA LEU G 228 6.79 50.29 63.97
C LEU G 228 5.61 51.15 64.41
N ASP G 229 4.41 50.59 64.34
CA ASP G 229 3.21 51.33 64.66
C ASP G 229 2.61 50.88 65.98
N ILE G 230 2.61 51.80 66.95
CA ILE G 230 1.95 51.59 68.23
C ILE G 230 0.48 51.98 68.10
N PHE G 231 -0.39 51.15 68.67
CA PHE G 231 -1.84 51.34 68.51
C PHE G 231 -2.55 50.86 69.76
N VAL G 232 -3.14 51.80 70.49
CA VAL G 232 -3.80 51.51 71.77
C VAL G 232 -5.27 51.90 71.66
N VAL G 233 -6.17 50.98 71.98
CA VAL G 233 -7.60 51.29 72.05
C VAL G 233 -7.93 51.56 73.52
N LYS G 234 -8.33 52.81 73.80
CA LYS G 234 -8.61 53.26 75.17
C LYS G 234 -9.83 52.55 75.80
N SER G 235 -9.87 52.52 77.13
CA SER G 235 -10.95 51.88 77.90
C SER G 235 -12.34 52.43 77.53
N THR G 236 -12.38 53.72 77.24
CA THR G 236 -13.61 54.42 76.85
C THR G 236 -14.04 54.14 75.41
N GLY G 237 -13.13 53.62 74.59
CA GLY G 237 -13.37 53.48 73.14
C GLY G 237 -13.77 52.12 72.62
N ILE G 238 -14.29 51.26 73.49
CA ILE G 238 -14.67 49.90 73.11
C ILE G 238 -15.67 49.92 71.96
N GLN G 239 -16.75 50.68 72.12
CA GLN G 239 -17.81 50.74 71.11
C GLN G 239 -17.34 51.39 69.80
N ALA G 240 -16.61 52.49 69.92
CA ALA G 240 -16.02 53.18 68.75
C ALA G 240 -15.15 52.25 67.90
N PHE G 241 -14.40 51.38 68.58
CA PHE G 241 -13.50 50.42 67.93
C PHE G 241 -14.28 49.32 67.21
N LYS G 242 -15.33 48.83 67.84
CA LYS G 242 -16.21 47.82 67.23
C LYS G 242 -16.79 48.33 65.91
N ASP G 243 -17.25 49.58 65.91
CA ASP G 243 -17.82 50.22 64.72
C ASP G 243 -16.74 50.49 63.64
N TYR G 244 -15.55 50.89 64.12
CA TYR G 244 -14.38 51.15 63.26
C TYR G 244 -13.98 49.92 62.42
N ILE G 245 -13.94 48.76 63.06
CA ILE G 245 -13.67 47.47 62.42
C ILE G 245 -14.76 47.08 61.41
N GLY G 246 -16.02 47.28 61.81
CA GLY G 246 -17.16 47.00 60.95
C GLY G 246 -17.11 47.80 59.66
N LYS G 247 -16.78 49.09 59.77
CA LYS G 247 -16.70 50.03 58.62
C LYS G 247 -15.55 49.74 57.64
N LYS G 248 -14.51 49.02 58.08
CA LYS G 248 -13.39 48.60 57.22
C LYS G 248 -12.50 49.73 56.66
N LEU G 249 -12.76 50.98 57.07
CA LEU G 249 -12.01 52.13 56.60
C LEU G 249 -10.96 52.44 57.64
N PHE G 250 -9.70 52.16 57.31
CA PHE G 250 -8.63 52.19 58.29
C PHE G 250 -7.69 53.36 58.04
N GLU G 251 -8.23 54.55 58.26
CA GLU G 251 -7.43 55.77 58.38
C GLU G 251 -7.56 56.23 59.83
N ASP G 252 -6.66 57.11 60.26
CA ASP G 252 -6.49 57.44 61.69
C ASP G 252 -7.81 57.59 62.44
N ASN G 254 -9.97 59.89 63.39
CA ASN G 254 -10.36 61.29 63.51
C ASN G 254 -11.45 61.42 64.58
N GLU G 255 -12.70 61.11 64.21
CA GLU G 255 -13.83 61.05 65.17
C GLU G 255 -13.70 59.83 66.11
N ASN G 256 -12.97 58.80 65.69
CA ASN G 256 -12.63 57.63 66.54
C ASN G 256 -11.57 58.02 67.59
N ASP G 257 -11.73 57.50 68.82
CA ASP G 257 -10.80 57.84 69.92
C ASP G 257 -9.77 56.72 70.17
N ILE G 258 -8.76 56.72 69.31
CA ILE G 258 -7.70 55.72 69.29
C ILE G 258 -6.37 56.45 69.25
N PHE G 259 -5.40 55.92 69.97
CA PHE G 259 -4.08 56.50 69.94
C PHE G 259 -3.18 55.71 68.98
N HIS G 260 -2.63 56.42 68.01
CA HIS G 260 -1.80 55.81 66.96
C HIS G 260 -0.58 56.67 66.69
N VAL G 261 0.60 56.07 66.82
CA VAL G 261 1.86 56.76 66.55
C VAL G 261 2.91 55.80 65.99
N LYS G 262 3.83 56.33 65.20
CA LYS G 262 4.95 55.55 64.67
C LYS G 262 6.20 55.77 65.51
N ALA G 263 6.95 54.70 65.73
CA ALA G 263 8.14 54.74 66.58
C ALA G 263 9.12 53.60 66.29
N LYS G 264 10.42 53.87 66.53
CA LYS G 264 11.50 52.91 66.30
C LYS G 264 11.89 52.12 67.54
N SER G 265 11.85 52.79 68.68
CA SER G 265 12.30 52.23 69.94
C SER G 265 11.24 52.44 71.02
N ILE G 266 10.66 51.33 71.47
CA ILE G 266 9.44 51.34 72.27
C ILE G 266 9.60 50.50 73.53
N HIS G 267 9.11 51.02 74.65
CA HIS G 267 9.08 50.32 75.93
C HIS G 267 7.66 50.30 76.48
N ILE G 268 7.13 49.10 76.70
CA ILE G 268 5.75 48.96 77.14
C ILE G 268 5.67 48.32 78.53
N GLU G 269 5.00 49.03 79.42
CA GLU G 269 4.86 48.63 80.82
C GLU G 269 3.40 48.52 81.23
N THR G 270 3.09 47.47 81.97
CA THR G 270 1.77 47.32 82.59
C THR G 270 1.92 47.21 84.10
N GLU G 271 0.80 47.36 84.82
CA GLU G 271 0.79 47.30 86.29
C GLU G 271 1.26 45.92 86.81
N GLU G 272 0.66 44.86 86.27
CA GLU G 272 1.12 43.48 86.49
C GLU G 272 1.59 42.87 85.16
N GLU G 273 2.51 41.89 85.25
CA GLU G 273 2.97 41.15 84.07
C GLU G 273 1.77 40.65 83.26
N LYS G 274 1.72 41.04 81.99
CA LYS G 274 0.69 40.56 81.06
C LYS G 274 1.31 39.70 79.96
N GLU G 275 0.63 38.63 79.61
CA GLU G 275 1.07 37.74 78.53
C GLU G 275 0.89 38.47 77.21
N VAL G 276 1.93 38.44 76.38
CA VAL G 276 1.93 39.08 75.06
C VAL G 276 1.63 38.08 73.98
N ASP G 277 0.82 38.50 73.00
CA ASP G 277 0.54 37.70 71.82
C ASP G 277 1.35 38.25 70.64
N THR G 278 1.81 37.33 69.80
CA THR G 278 2.60 37.67 68.64
C THR G 278 2.34 36.68 67.49
N ASP G 279 3.25 36.61 66.52
CA ASP G 279 2.99 35.86 65.27
C ASP G 279 2.65 34.41 65.48
N GLY G 280 3.28 33.78 66.47
CA GLY G 280 3.08 32.36 66.79
C GLY G 280 3.27 32.10 68.27
N GLU G 281 3.36 30.81 68.63
CA GLU G 281 3.51 30.43 70.05
C GLU G 281 4.80 31.05 70.63
N SER G 282 4.65 31.65 71.81
CA SER G 282 5.73 32.39 72.46
C SER G 282 5.45 32.53 73.96
N SER G 283 6.52 32.78 74.70
CA SER G 283 6.45 32.91 76.16
C SER G 283 6.71 34.35 76.60
N LEU G 284 6.54 35.27 75.67
CA LEU G 284 6.82 36.69 75.91
C LEU G 284 5.79 37.31 76.86
N HIS G 285 6.25 38.25 77.69
CA HIS G 285 5.36 38.98 78.61
C HIS G 285 5.92 40.34 78.94
N THR G 286 5.03 41.26 79.33
CA THR G 286 5.44 42.61 79.72
C THR G 286 6.19 42.57 81.06
N PRO G 287 7.04 43.57 81.33
CA PRO G 287 7.39 44.70 80.46
C PRO G 287 8.28 44.32 79.27
N CYS G 288 8.20 45.14 78.23
CA CYS G 288 8.87 44.86 76.95
C CYS G 288 9.61 46.03 76.37
N GLN G 289 10.86 45.77 75.99
CA GLN G 289 11.61 46.63 75.09
C GLN G 289 11.39 46.11 73.67
N ILE G 290 10.75 46.92 72.84
CA ILE G 290 10.56 46.59 71.44
C ILE G 290 11.42 47.48 70.55
N GLU G 291 12.09 46.84 69.59
CA GLU G 291 13.12 47.47 68.77
C GLU G 291 12.96 46.97 67.30
N LEU G 292 13.38 47.76 66.33
CA LEU G 292 13.25 47.41 64.90
C LEU G 292 14.59 47.21 64.20
N LEU G 293 14.68 46.13 63.41
CA LEU G 293 15.87 45.85 62.59
C LEU G 293 15.55 46.18 61.14
N GLN G 294 16.08 47.29 60.68
CA GLN G 294 15.72 47.84 59.37
C GLN G 294 16.31 46.99 58.23
N GLY G 295 15.44 46.59 57.31
CA GLY G 295 15.84 45.78 56.15
C GLY G 295 16.58 44.49 56.50
N HIS G 296 16.21 43.90 57.65
CA HIS G 296 16.90 42.74 58.20
C HIS G 296 16.76 41.51 57.29
N PHE G 297 15.60 41.39 56.65
CA PHE G 297 15.38 40.35 55.64
C PHE G 297 15.28 40.98 54.28
N THR G 298 15.63 40.20 53.25
CA THR G 298 15.25 40.53 51.89
C THR G 298 14.23 39.46 51.53
N MSE G 299 13.15 39.87 50.85
CA MSE G 299 12.05 38.97 50.52
C MSE G 299 11.47 39.20 49.13
O MSE G 299 11.47 40.31 48.63
CB MSE G 299 10.94 39.11 51.53
CG MSE G 299 11.39 38.84 52.96
SE MSE G 299 9.88 38.66 54.19
CE MSE G 299 9.17 36.99 53.51
N ILE G 300 10.97 38.14 48.54
CA ILE G 300 10.31 38.19 47.25
C ILE G 300 8.98 38.86 47.43
N TYR G 301 8.70 39.81 46.56
CA TYR G 301 7.43 40.55 46.60
C TYR G 301 6.85 40.73 45.22
N ASN G 302 5.65 41.30 45.19
CA ASN G 302 4.91 41.57 43.96
C ASN G 302 4.85 43.07 43.74
N PRO G 303 5.69 43.61 42.86
CA PRO G 303 5.63 45.03 42.57
C PRO G 303 4.40 45.51 41.74
N ALA G 304 3.64 44.59 41.15
CA ALA G 304 2.37 44.94 40.49
C ALA G 304 1.27 45.30 41.49
N VAL G 305 1.42 44.87 42.74
CA VAL G 305 0.41 45.16 43.79
C VAL G 305 1.01 45.99 44.93
N THR H 8 -38.61 28.27 -11.91
CA THR H 8 -40.08 27.98 -11.87
C THR H 8 -40.51 26.96 -12.98
N LYS H 9 -39.80 26.99 -14.13
CA LYS H 9 -40.18 26.20 -15.33
C LYS H 9 -39.68 24.73 -15.34
N THR H 10 -40.28 23.89 -14.49
CA THR H 10 -40.03 22.44 -14.48
C THR H 10 -40.70 21.75 -15.66
N LYS H 11 -40.10 20.66 -16.13
CA LYS H 11 -40.76 19.75 -17.09
C LYS H 11 -41.81 18.81 -16.43
N PHE H 12 -41.76 18.68 -15.11
CA PHE H 12 -42.50 17.64 -14.41
C PHE H 12 -43.43 18.16 -13.33
N GLU H 13 -44.68 18.40 -13.68
CA GLU H 13 -45.67 18.90 -12.73
C GLU H 13 -45.94 17.87 -11.61
N LYS H 14 -46.03 16.59 -11.98
CA LYS H 14 -46.31 15.49 -11.05
C LYS H 14 -45.32 14.38 -11.22
N VAL H 15 -44.79 13.89 -10.10
CA VAL H 15 -43.77 12.85 -10.11
C VAL H 15 -44.17 11.66 -9.24
N LEU H 16 -43.84 10.46 -9.72
CA LEU H 16 -44.02 9.22 -8.97
C LEU H 16 -42.66 8.60 -8.68
N LEU H 17 -42.38 8.28 -7.42
CA LEU H 17 -41.18 7.53 -7.06
C LEU H 17 -41.59 6.14 -6.62
N ILE H 18 -41.16 5.13 -7.38
CA ILE H 18 -41.44 3.74 -7.04
C ILE H 18 -40.22 3.22 -6.29
N VAL H 19 -40.44 2.76 -5.04
CA VAL H 19 -39.36 2.27 -4.20
C VAL H 19 -39.47 0.78 -3.98
N ASN H 20 -38.43 0.06 -4.35
CA ASN H 20 -38.32 -1.33 -3.94
C ASN H 20 -37.65 -1.32 -2.58
N PRO H 21 -38.39 -1.67 -1.52
CA PRO H 21 -37.83 -1.58 -0.17
C PRO H 21 -36.63 -2.49 0.07
N LYS H 22 -36.57 -3.62 -0.66
CA LYS H 22 -35.44 -4.55 -0.59
C LYS H 22 -34.20 -4.05 -1.37
N ALA H 23 -34.37 -3.03 -2.20
CA ALA H 23 -33.27 -2.48 -2.97
C ALA H 23 -32.26 -1.77 -2.07
N GLY H 24 -31.09 -1.52 -2.62
CA GLY H 24 -30.05 -0.80 -1.90
C GLY H 24 -29.26 -1.65 -0.93
N GLN H 25 -28.39 -0.95 -0.20
CA GLN H 25 -27.40 -1.53 0.71
C GLN H 25 -27.99 -2.10 1.99
N GLY H 26 -28.95 -1.41 2.60
CA GLY H 26 -29.52 -1.90 3.86
C GLY H 26 -30.73 -1.14 4.31
N ASP H 27 -30.55 -0.35 5.36
CA ASP H 27 -31.62 0.43 5.94
C ASP H 27 -32.44 1.09 4.81
N LEU H 28 -33.75 0.88 4.85
CA LEU H 28 -34.67 1.60 4.02
C LEU H 28 -34.58 3.05 4.42
N HIS H 29 -34.63 3.30 5.71
CA HIS H 29 -34.56 4.65 6.22
C HIS H 29 -33.33 5.35 5.64
N THR H 30 -32.19 4.69 5.72
CA THR H 30 -30.94 5.32 5.27
C THR H 30 -31.04 5.65 3.79
N ASN H 31 -31.49 4.68 3.00
CA ASN H 31 -31.65 4.90 1.57
C ASN H 31 -32.61 6.06 1.29
N LEU H 32 -33.72 6.11 2.02
CA LEU H 32 -34.73 7.15 1.81
C LEU H 32 -34.22 8.52 2.26
N THR H 33 -33.38 8.52 3.29
CA THR H 33 -32.72 9.75 3.74
C THR H 33 -31.84 10.33 2.62
N LYS H 34 -31.26 9.45 1.83
CA LYS H 34 -30.39 9.87 0.73
C LYS H 34 -31.14 10.32 -0.51
N ILE H 35 -32.23 9.63 -0.85
CA ILE H 35 -32.88 9.88 -2.15
C ILE H 35 -34.13 10.76 -2.08
N VAL H 36 -34.86 10.77 -0.98
CA VAL H 36 -36.17 11.46 -1.00
C VAL H 36 -36.09 12.98 -0.85
N PRO H 37 -35.33 13.47 0.14
CA PRO H 37 -35.31 14.92 0.36
C PRO H 37 -34.95 15.78 -0.85
N PRO H 38 -33.93 15.40 -1.64
CA PRO H 38 -33.69 16.20 -2.84
C PRO H 38 -34.88 16.19 -3.80
N LEU H 39 -35.52 15.04 -3.95
CA LEU H 39 -36.67 14.92 -4.84
C LEU H 39 -37.84 15.72 -4.30
N ALA H 40 -38.12 15.58 -3.01
CA ALA H 40 -39.22 16.33 -2.37
C ALA H 40 -38.99 17.84 -2.43
N ALA H 41 -37.75 18.27 -2.33
CA ALA H 41 -37.42 19.70 -2.40
C ALA H 41 -37.67 20.26 -3.80
N ALA H 42 -37.28 19.49 -4.81
CA ALA H 42 -37.36 19.93 -6.19
C ALA H 42 -38.79 19.82 -6.77
N PHE H 43 -39.53 18.79 -6.38
CA PHE H 43 -40.82 18.47 -7.02
C PHE H 43 -41.97 18.63 -6.05
N PRO H 44 -42.77 19.67 -6.22
CA PRO H 44 -43.79 19.96 -5.22
C PRO H 44 -45.04 19.05 -5.24
N ASP H 45 -45.10 18.11 -6.19
CA ASP H 45 -46.14 17.08 -6.22
C ASP H 45 -45.46 15.74 -6.44
N LEU H 46 -45.15 15.06 -5.33
CA LEU H 46 -44.36 13.82 -5.33
C LEU H 46 -45.11 12.73 -4.61
N HIS H 47 -45.28 11.60 -5.29
CA HIS H 47 -45.99 10.45 -4.79
C HIS H 47 -44.98 9.30 -4.67
N ILE H 48 -44.88 8.70 -3.48
CA ILE H 48 -43.94 7.63 -3.20
C ILE H 48 -44.70 6.33 -2.88
N LEU H 49 -44.45 5.30 -3.68
CA LEU H 49 -45.11 4.01 -3.54
C LEU H 49 -44.05 2.94 -3.35
N HIS H 50 -44.18 2.14 -2.31
CA HIS H 50 -43.32 0.99 -2.14
C HIS H 50 -43.90 -0.20 -2.87
N THR H 51 -43.04 -0.99 -3.47
CA THR H 51 -43.47 -2.30 -3.96
C THR H 51 -43.54 -3.28 -2.78
N LYS H 52 -44.38 -4.29 -2.89
CA LYS H 52 -44.44 -5.37 -1.89
C LYS H 52 -44.09 -6.72 -2.53
N GLU H 53 -44.53 -6.93 -3.77
CA GLU H 53 -44.32 -8.18 -4.49
C GLU H 53 -43.82 -7.99 -5.91
N GLN H 54 -43.26 -9.06 -6.47
CA GLN H 54 -42.91 -9.11 -7.88
C GLN H 54 -44.15 -8.73 -8.69
N GLY H 55 -43.97 -7.82 -9.63
CA GLY H 55 -45.07 -7.31 -10.47
C GLY H 55 -45.65 -5.95 -10.08
N ASP H 56 -45.40 -5.52 -8.85
CA ASP H 56 -46.01 -4.28 -8.37
C ASP H 56 -45.53 -3.07 -9.20
N ALA H 57 -44.24 -2.97 -9.44
CA ALA H 57 -43.71 -1.88 -10.23
C ALA H 57 -44.39 -1.81 -11.58
N THR H 58 -44.54 -2.96 -12.21
CA THR H 58 -45.26 -3.00 -13.46
C THR H 58 -46.67 -2.42 -13.28
N LYS H 59 -47.38 -2.85 -12.25
CA LYS H 59 -48.75 -2.38 -12.01
C LYS H 59 -48.82 -0.86 -11.74
N TYR H 60 -47.90 -0.37 -10.93
CA TYR H 60 -47.86 1.03 -10.59
C TYR H 60 -47.60 1.89 -11.85
N CYS H 61 -46.65 1.45 -12.66
CA CYS H 61 -46.38 2.15 -13.90
C CYS H 61 -47.64 2.20 -14.75
N GLN H 62 -48.38 1.09 -14.82
CA GLN H 62 -49.55 1.05 -15.68
C GLN H 62 -50.65 1.90 -15.11
N GLU H 63 -50.78 1.94 -13.80
CA GLU H 63 -51.83 2.76 -13.21
C GLU H 63 -51.55 4.24 -13.33
N PHE H 64 -50.29 4.63 -13.20
CA PHE H 64 -49.91 6.03 -13.07
C PHE H 64 -49.40 6.68 -14.36
N ALA H 65 -49.18 5.87 -15.40
CA ALA H 65 -48.68 6.34 -16.70
C ALA H 65 -49.41 7.56 -17.23
N SER H 66 -50.72 7.57 -17.08
CA SER H 66 -51.55 8.66 -17.57
C SER H 66 -51.81 9.76 -16.54
N LYS H 67 -51.26 9.65 -15.34
CA LYS H 67 -51.55 10.58 -14.23
C LYS H 67 -50.32 11.38 -13.80
N VAL H 68 -49.18 11.08 -14.39
CA VAL H 68 -47.92 11.55 -13.86
C VAL H 68 -47.02 11.90 -15.03
N ASP H 69 -46.04 12.76 -14.80
CA ASP H 69 -45.15 13.24 -15.89
C ASP H 69 -43.75 12.63 -15.84
N LEU H 70 -43.37 12.19 -14.65
CA LEU H 70 -42.08 11.51 -14.43
C LEU H 70 -42.31 10.34 -13.49
N ILE H 71 -41.71 9.20 -13.83
CA ILE H 71 -41.69 8.03 -12.94
C ILE H 71 -40.23 7.72 -12.64
N ILE H 72 -39.88 7.75 -11.36
CA ILE H 72 -38.55 7.40 -10.90
C ILE H 72 -38.61 6.02 -10.28
N VAL H 73 -37.72 5.12 -10.67
CA VAL H 73 -37.65 3.80 -10.06
C VAL H 73 -36.35 3.65 -9.29
N PHE H 74 -36.48 3.33 -8.00
CA PHE H 74 -35.35 2.99 -7.13
C PHE H 74 -35.32 1.49 -6.96
N GLY H 75 -34.41 0.87 -7.71
CA GLY H 75 -34.26 -0.58 -7.72
C GLY H 75 -33.19 -1.04 -8.67
N GLY H 76 -32.94 -2.34 -8.66
CA GLY H 76 -31.95 -2.94 -9.55
C GLY H 76 -32.50 -3.23 -10.93
N ASP H 77 -31.73 -4.01 -11.68
CA ASP H 77 -32.10 -4.38 -13.05
C ASP H 77 -33.52 -4.97 -13.15
N GLY H 78 -33.87 -5.82 -12.19
CA GLY H 78 -35.20 -6.46 -12.16
C GLY H 78 -36.34 -5.48 -12.03
N THR H 79 -36.20 -4.50 -11.14
CA THR H 79 -37.22 -3.48 -10.97
C THR H 79 -37.31 -2.58 -12.19
N VAL H 80 -36.15 -2.24 -12.77
CA VAL H 80 -36.13 -1.40 -13.96
C VAL H 80 -36.83 -2.10 -15.11
N PHE H 81 -36.62 -3.41 -15.20
CA PHE H 81 -37.25 -4.26 -16.23
C PHE H 81 -38.78 -4.34 -16.04
N GLU H 82 -39.22 -4.35 -14.79
CA GLU H 82 -40.65 -4.30 -14.52
C GLU H 82 -41.24 -3.00 -15.04
N CYS H 83 -40.54 -1.90 -14.79
CA CYS H 83 -40.97 -0.59 -15.33
C CYS H 83 -40.97 -0.57 -16.85
N THR H 84 -39.93 -1.13 -17.44
CA THR H 84 -39.85 -1.22 -18.90
C THR H 84 -41.07 -1.94 -19.47
N ASN H 85 -41.36 -3.11 -18.93
CA ASN H 85 -42.52 -3.87 -19.34
C ASN H 85 -43.85 -3.20 -19.02
N GLY H 86 -43.86 -2.36 -18.00
CA GLY H 86 -45.07 -1.66 -17.64
C GLY H 86 -45.40 -0.55 -18.62
N LEU H 87 -44.41 0.29 -18.94
CA LEU H 87 -44.63 1.48 -19.78
C LEU H 87 -44.59 1.18 -21.28
N ALA H 88 -43.66 0.33 -21.71
CA ALA H 88 -43.43 0.11 -23.15
C ALA H 88 -44.69 -0.14 -23.97
N PRO H 89 -45.63 -0.94 -23.46
CA PRO H 89 -46.79 -1.24 -24.33
C PRO H 89 -47.84 -0.15 -24.35
N LEU H 90 -47.71 0.86 -23.50
CA LEU H 90 -48.73 1.89 -23.37
C LEU H 90 -48.65 2.97 -24.45
N GLU H 91 -49.78 3.60 -24.72
CA GLU H 91 -49.84 4.71 -25.65
C GLU H 91 -49.25 5.97 -25.05
N ILE H 92 -49.45 6.18 -23.76
CA ILE H 92 -48.90 7.33 -23.08
C ILE H 92 -47.82 6.90 -22.08
N ARG H 93 -46.61 7.42 -22.26
CA ARG H 93 -45.47 6.93 -21.50
C ARG H 93 -44.70 8.10 -20.95
N PRO H 94 -44.85 8.38 -19.65
CA PRO H 94 -44.09 9.48 -19.10
C PRO H 94 -42.60 9.18 -19.07
N THR H 95 -41.83 10.19 -18.71
CA THR H 95 -40.39 10.09 -18.65
C THR H 95 -40.03 9.18 -17.49
N LEU H 96 -38.99 8.38 -17.71
CA LEU H 96 -38.55 7.41 -16.73
C LEU H 96 -37.14 7.77 -16.23
N ALA H 97 -36.91 7.60 -14.94
CA ALA H 97 -35.58 7.84 -14.35
C ALA H 97 -35.24 6.69 -13.43
N ILE H 98 -33.94 6.40 -13.30
CA ILE H 98 -33.46 5.29 -12.49
C ILE H 98 -32.57 5.80 -11.37
N ILE H 99 -32.87 5.40 -10.15
CA ILE H 99 -31.93 5.48 -9.05
C ILE H 99 -31.43 4.06 -8.85
N PRO H 100 -30.12 3.83 -9.03
CA PRO H 100 -29.62 2.46 -9.07
C PRO H 100 -29.59 1.82 -7.69
N GLY H 101 -30.40 0.78 -7.50
CA GLY H 101 -30.55 0.13 -6.20
C GLY H 101 -30.17 -1.34 -6.17
N GLY H 102 -29.60 -1.82 -7.26
CA GLY H 102 -29.05 -3.17 -7.32
C GLY H 102 -27.54 -3.09 -7.28
N THR H 103 -26.89 -4.17 -7.69
CA THR H 103 -25.44 -4.21 -7.75
C THR H 103 -24.93 -3.98 -9.18
N CYS H 104 -25.78 -4.31 -10.16
CA CYS H 104 -25.40 -4.23 -11.56
C CYS H 104 -25.83 -2.89 -12.20
N ASN H 105 -27.14 -2.65 -12.25
CA ASN H 105 -27.70 -1.36 -12.69
C ASN H 105 -27.24 -0.94 -14.10
N ASP H 106 -27.32 -1.89 -15.02
CA ASP H 106 -26.75 -1.68 -16.34
C ASP H 106 -27.28 -0.44 -17.03
N PHE H 107 -28.59 -0.29 -17.12
CA PHE H 107 -29.11 0.82 -17.91
C PHE H 107 -28.90 2.17 -17.25
N SER H 108 -28.84 2.21 -15.93
CA SER H 108 -28.51 3.46 -15.25
C SER H 108 -27.15 3.93 -15.73
N ARG H 109 -26.22 2.99 -15.86
CA ARG H 109 -24.87 3.32 -16.31
C ARG H 109 -24.87 3.81 -17.75
N THR H 110 -25.71 3.21 -18.59
CA THR H 110 -25.86 3.68 -19.98
C THR H 110 -26.26 5.15 -19.99
N LEU H 111 -27.11 5.55 -19.05
CA LEU H 111 -27.58 6.93 -18.97
C LEU H 111 -26.60 7.84 -18.22
N GLY H 112 -25.49 7.26 -17.78
CA GLY H 112 -24.47 8.03 -17.05
C GLY H 112 -24.85 8.39 -15.62
N VAL H 113 -25.83 7.67 -15.07
CA VAL H 113 -26.30 7.93 -13.72
C VAL H 113 -25.25 7.50 -12.70
N PRO H 114 -24.89 8.40 -11.78
CA PRO H 114 -23.94 8.02 -10.74
C PRO H 114 -24.50 6.89 -9.90
N GLN H 115 -23.64 5.97 -9.51
CA GLN H 115 -24.04 4.85 -8.66
C GLN H 115 -24.24 5.26 -7.21
N ASN H 116 -23.71 6.41 -6.83
CA ASN H 116 -24.07 7.03 -5.55
C ASN H 116 -25.54 7.47 -5.60
N ILE H 117 -26.39 6.85 -4.77
CA ILE H 117 -27.85 7.06 -4.92
C ILE H 117 -28.27 8.50 -4.61
N ALA H 118 -27.61 9.15 -3.67
CA ALA H 118 -27.89 10.56 -3.39
C ALA H 118 -27.63 11.41 -4.62
N GLU H 119 -26.52 11.13 -5.30
CA GLU H 119 -26.18 11.87 -6.52
C GLU H 119 -27.17 11.53 -7.66
N ALA H 120 -27.59 10.28 -7.72
CA ALA H 120 -28.55 9.87 -8.72
C ALA H 120 -29.83 10.65 -8.56
N ALA H 121 -30.25 10.81 -7.31
CA ALA H 121 -31.45 11.60 -7.01
C ALA H 121 -31.23 13.04 -7.45
N LYS H 122 -30.11 13.63 -7.05
CA LYS H 122 -29.81 15.02 -7.37
C LYS H 122 -29.86 15.24 -8.89
N LEU H 123 -29.33 14.27 -9.64
CA LEU H 123 -29.31 14.35 -11.10
C LEU H 123 -30.70 14.59 -11.66
N ILE H 124 -31.68 13.85 -11.13
CA ILE H 124 -33.04 13.89 -11.63
C ILE H 124 -33.57 15.30 -11.56
N THR H 125 -33.23 16.00 -10.49
CA THR H 125 -33.68 17.39 -10.29
C THR H 125 -33.13 18.35 -11.34
N LYS H 126 -32.10 17.96 -12.06
CA LYS H 126 -31.55 18.79 -13.16
C LYS H 126 -32.36 18.66 -14.46
N GLU H 127 -33.17 17.60 -14.55
CA GLU H 127 -34.19 17.46 -15.62
C GLU H 127 -33.61 17.39 -17.04
N HIS H 128 -32.42 16.79 -17.18
CA HIS H 128 -31.88 16.51 -18.49
C HIS H 128 -32.47 15.23 -19.01
N VAL H 129 -33.17 15.33 -20.14
CA VAL H 129 -33.97 14.24 -20.69
C VAL H 129 -33.60 13.96 -22.12
N LYS H 130 -33.48 12.68 -22.49
CA LYS H 130 -33.24 12.31 -23.89
C LYS H 130 -34.09 11.13 -24.34
N PRO H 131 -34.35 11.01 -25.65
CA PRO H 131 -35.02 9.84 -26.15
C PRO H 131 -34.15 8.62 -26.01
N VAL H 132 -34.77 7.49 -25.76
CA VAL H 132 -34.07 6.22 -25.65
C VAL H 132 -34.84 5.19 -26.48
N ASP H 133 -34.09 4.34 -27.18
CA ASP H 133 -34.70 3.27 -27.95
C ASP H 133 -35.08 2.13 -26.99
N VAL H 134 -36.22 1.50 -27.29
CA VAL H 134 -36.65 0.31 -26.59
C VAL H 134 -36.83 -0.80 -27.61
N ALA H 135 -36.22 -1.95 -27.34
CA ALA H 135 -36.34 -3.10 -28.22
C ALA H 135 -37.56 -3.94 -27.85
N LYS H 136 -37.99 -4.76 -28.79
CA LYS H 136 -39.15 -5.60 -28.65
C LYS H 136 -38.80 -6.94 -29.28
N ALA H 137 -38.82 -8.00 -28.47
CA ALA H 137 -38.58 -9.37 -28.95
C ALA H 137 -39.82 -10.21 -28.69
N ASN H 138 -40.47 -10.69 -29.75
CA ASN H 138 -41.75 -11.41 -29.66
C ASN H 138 -42.71 -10.80 -28.62
N GLY H 139 -42.83 -9.47 -28.60
CA GLY H 139 -43.72 -8.82 -27.63
C GLY H 139 -43.17 -8.56 -26.24
N GLN H 140 -42.00 -9.13 -25.95
CA GLN H 140 -41.25 -8.77 -24.74
C GLN H 140 -40.39 -7.56 -25.07
N HIS H 141 -40.49 -6.53 -24.26
CA HIS H 141 -39.62 -5.36 -24.45
C HIS H 141 -38.34 -5.51 -23.66
N PHE H 142 -37.25 -4.93 -24.14
CA PHE H 142 -36.03 -4.81 -23.33
C PHE H 142 -35.25 -3.54 -23.60
N LEU H 143 -34.47 -3.12 -22.60
CA LEU H 143 -33.61 -1.94 -22.67
C LEU H 143 -32.12 -2.25 -22.86
N ASN H 144 -31.64 -3.33 -22.23
CA ASN H 144 -30.22 -3.65 -22.24
C ASN H 144 -29.84 -4.63 -23.35
N PHE H 145 -30.33 -5.85 -23.26
CA PHE H 145 -29.89 -6.88 -24.17
C PHE H 145 -30.82 -8.06 -24.27
N TRP H 146 -30.55 -8.86 -25.29
CA TRP H 146 -31.20 -10.13 -25.56
C TRP H 146 -30.04 -11.07 -25.86
N GLY H 147 -30.07 -12.28 -25.35
CA GLY H 147 -28.95 -13.19 -25.57
C GLY H 147 -29.21 -14.66 -25.36
N ILE H 148 -28.52 -15.47 -26.15
CA ILE H 148 -28.47 -16.91 -25.93
C ILE H 148 -27.04 -17.33 -25.70
N GLY H 149 -26.87 -18.37 -24.90
CA GLY H 149 -25.56 -18.95 -24.61
C GLY H 149 -24.88 -18.36 -23.38
N LEU H 150 -25.63 -17.57 -22.61
CA LEU H 150 -25.11 -17.01 -21.37
C LEU H 150 -25.20 -18.02 -20.22
N VAL H 151 -26.09 -19.02 -20.38
CA VAL H 151 -26.42 -19.98 -19.31
C VAL H 151 -26.77 -21.34 -19.90
N LYS H 165 -26.62 -11.99 -6.62
CA LYS H 165 -25.54 -12.26 -7.56
C LYS H 165 -25.18 -11.01 -8.39
N LEU H 166 -24.40 -11.26 -9.43
CA LEU H 166 -23.94 -10.29 -10.46
C LEU H 166 -24.91 -10.13 -11.65
N GLY H 167 -25.86 -11.06 -11.77
CA GLY H 167 -26.78 -11.08 -12.91
C GLY H 167 -26.28 -12.00 -14.01
N LYS H 168 -27.18 -12.36 -14.93
CA LYS H 168 -26.86 -13.33 -16.00
C LYS H 168 -25.64 -12.94 -16.84
N ILE H 169 -25.62 -11.71 -17.33
CA ILE H 169 -24.52 -11.19 -18.16
C ILE H 169 -23.25 -10.95 -17.34
N GLY H 170 -23.43 -10.39 -16.15
CA GLY H 170 -22.31 -10.16 -15.22
C GLY H 170 -21.54 -11.43 -14.85
N TYR H 171 -22.29 -12.50 -14.56
CA TYR H 171 -21.69 -13.80 -14.21
C TYR H 171 -20.97 -14.42 -15.40
N TYR H 172 -21.60 -14.33 -16.57
CA TYR H 172 -21.04 -14.83 -17.82
C TYR H 172 -19.69 -14.16 -18.12
N LEU H 173 -19.65 -12.82 -17.99
CA LEU H 173 -18.43 -12.04 -18.23
C LEU H 173 -17.32 -12.33 -17.20
N SER H 174 -17.71 -12.56 -15.95
CA SER H 174 -16.74 -12.88 -14.87
C SER H 174 -16.10 -14.27 -15.06
N THR H 175 -16.83 -15.18 -15.70
CA THR H 175 -16.38 -16.59 -15.86
C THR H 175 -16.03 -16.98 -17.30
N ILE H 176 -16.04 -16.01 -18.23
CA ILE H 176 -15.80 -16.30 -19.65
C ILE H 176 -14.36 -16.76 -19.90
N GLU H 183 -20.53 -24.88 -25.91
CA GLU H 183 -21.44 -25.51 -26.86
C GLU H 183 -21.71 -24.70 -28.12
N THR H 184 -21.87 -25.47 -29.20
CA THR H 184 -22.24 -25.01 -30.54
C THR H 184 -23.73 -25.17 -30.81
N PHE H 185 -24.25 -24.33 -31.70
CA PHE H 185 -25.58 -24.51 -32.29
C PHE H 185 -25.70 -23.72 -33.58
N PRO H 186 -26.48 -24.23 -34.55
CA PRO H 186 -26.67 -23.46 -35.78
C PRO H 186 -27.69 -22.35 -35.59
N VAL H 187 -27.47 -21.24 -36.28
CA VAL H 187 -28.34 -20.09 -36.19
C VAL H 187 -28.56 -19.48 -37.57
N LYS H 188 -29.80 -19.07 -37.84
CA LYS H 188 -30.17 -18.33 -39.05
C LYS H 188 -30.74 -16.97 -38.62
N ILE H 189 -30.04 -15.90 -38.99
CA ILE H 189 -30.44 -14.53 -38.63
C ILE H 189 -30.83 -13.73 -39.88
N THR H 190 -32.09 -13.32 -39.94
CA THR H 190 -32.57 -12.45 -41.01
C THR H 190 -32.63 -11.01 -40.52
N TYR H 191 -31.81 -10.15 -41.10
CA TYR H 191 -31.71 -8.78 -40.64
C TYR H 191 -31.85 -7.77 -41.78
N ASP H 192 -32.95 -7.02 -41.75
CA ASP H 192 -33.23 -5.97 -42.75
C ASP H 192 -32.97 -6.43 -44.19
N GLY H 193 -33.60 -7.52 -44.60
CA GLY H 193 -33.48 -8.05 -45.96
C GLY H 193 -32.24 -8.88 -46.25
N GLN H 194 -31.35 -9.02 -45.26
CA GLN H 194 -30.12 -9.80 -45.42
C GLN H 194 -30.13 -11.00 -44.49
N VAL H 195 -29.37 -12.02 -44.88
CA VAL H 195 -29.35 -13.30 -44.15
C VAL H 195 -27.94 -13.64 -43.67
N TYR H 196 -27.88 -14.32 -42.53
CA TYR H 196 -26.63 -14.83 -41.96
C TYR H 196 -26.88 -16.22 -41.37
N ASP H 198 -24.77 -19.67 -39.84
CA ASP H 198 -23.50 -20.16 -39.32
C ASP H 198 -23.68 -20.98 -38.03
N GLU H 199 -22.64 -21.72 -37.65
CA GLU H 199 -22.58 -22.40 -36.34
C GLU H 199 -22.04 -21.43 -35.29
N ALA H 200 -22.74 -21.30 -34.16
CA ALA H 200 -22.44 -20.27 -33.15
C ALA H 200 -22.34 -20.80 -31.72
N VAL H 201 -21.66 -20.03 -30.86
CA VAL H 201 -21.58 -20.28 -29.42
C VAL H 201 -22.35 -19.25 -28.55
N LEU H 202 -22.37 -18.00 -29.00
CA LEU H 202 -23.03 -16.88 -28.31
C LEU H 202 -23.68 -15.98 -29.35
N VAL H 203 -24.94 -15.65 -29.13
CA VAL H 203 -25.64 -14.68 -29.99
C VAL H 203 -26.24 -13.60 -29.10
N MSE H 204 -25.82 -12.36 -29.32
CA MSE H 204 -26.32 -11.21 -28.58
C MSE H 204 -27.01 -10.24 -29.52
O MSE H 204 -26.59 -10.07 -30.66
CB MSE H 204 -25.17 -10.46 -27.88
CG MSE H 204 -24.38 -11.30 -26.88
SE MSE H 204 -25.23 -11.56 -25.10
CE MSE H 204 -25.29 -9.68 -24.58
N VAL H 205 -28.07 -9.62 -29.01
CA VAL H 205 -28.62 -8.43 -29.63
C VAL H 205 -28.60 -7.37 -28.54
N GLY H 206 -27.77 -6.35 -28.72
CA GLY H 206 -27.56 -5.33 -27.69
C GLY H 206 -28.28 -4.04 -28.00
N ASN H 207 -28.89 -3.45 -26.97
CA ASN H 207 -29.45 -2.10 -27.06
C ASN H 207 -28.72 -1.12 -26.17
N GLY H 208 -28.39 -1.56 -24.96
CA GLY H 208 -27.73 -0.70 -23.98
C GLY H 208 -26.22 -0.61 -24.18
N GLU H 209 -25.63 0.36 -23.52
CA GLU H 209 -24.22 0.68 -23.72
C GLU H 209 -23.34 0.07 -22.63
N TYR H 210 -23.98 -0.53 -21.62
CA TYR H 210 -23.27 -1.24 -20.56
C TYR H 210 -23.88 -2.62 -20.41
N LEU H 211 -23.02 -3.61 -20.20
CA LEU H 211 -23.46 -4.99 -19.91
C LEU H 211 -22.62 -5.58 -18.79
N GLY H 212 -23.29 -6.13 -17.78
CA GLY H 212 -22.62 -6.69 -16.62
C GLY H 212 -21.85 -5.69 -15.76
N GLY H 213 -22.27 -4.43 -15.79
CA GLY H 213 -21.66 -3.39 -14.94
C GLY H 213 -20.46 -2.66 -15.54
N ILE H 214 -20.09 -3.03 -16.76
CA ILE H 214 -18.96 -2.40 -17.46
C ILE H 214 -19.38 -2.11 -18.90
N PRO H 215 -18.64 -1.23 -19.61
CA PRO H 215 -19.05 -0.90 -20.97
C PRO H 215 -19.27 -2.14 -21.82
N SER H 216 -20.24 -2.05 -22.72
CA SER H 216 -20.65 -3.17 -23.55
C SER H 216 -19.48 -3.75 -24.31
N PHE H 217 -19.33 -5.08 -24.24
CA PHE H 217 -18.34 -5.77 -25.04
C PHE H 217 -18.70 -5.79 -26.53
N ILE H 218 -19.96 -5.48 -26.84
CA ILE H 218 -20.37 -5.27 -28.22
C ILE H 218 -19.93 -3.84 -28.60
N PRO H 219 -19.14 -3.69 -29.68
CA PRO H 219 -18.58 -2.37 -29.97
C PRO H 219 -19.56 -1.34 -30.51
N ASN H 220 -19.41 -0.11 -30.02
CA ASN H 220 -20.11 1.04 -30.59
C ASN H 220 -21.62 0.88 -30.59
N VAL H 221 -22.15 0.31 -29.50
CA VAL H 221 -23.58 0.21 -29.31
C VAL H 221 -24.07 1.55 -28.80
N LYS H 222 -25.19 2.00 -29.34
CA LYS H 222 -25.84 3.21 -28.85
C LYS H 222 -27.31 2.94 -28.58
N CYS H 223 -27.81 3.44 -27.46
CA CYS H 223 -29.20 3.17 -27.02
C CYS H 223 -30.21 4.08 -27.67
N ASP H 224 -29.75 5.05 -28.45
CA ASP H 224 -30.64 6.08 -29.03
C ASP H 224 -30.38 6.37 -30.51
N ASP H 225 -29.80 5.40 -31.21
CA ASP H 225 -29.40 5.58 -32.62
C ASP H 225 -30.40 4.95 -33.60
N GLY H 226 -31.50 4.42 -33.09
CA GLY H 226 -32.56 3.86 -33.93
C GLY H 226 -32.23 2.49 -34.48
N THR H 227 -31.19 1.86 -33.94
CA THR H 227 -30.75 0.56 -34.41
C THR H 227 -30.11 -0.32 -33.30
N LEU H 228 -30.25 -1.63 -33.48
CA LEU H 228 -29.75 -2.66 -32.54
C LEU H 228 -28.50 -3.32 -33.06
N ASP H 229 -27.68 -3.84 -32.15
CA ASP H 229 -26.41 -4.46 -32.53
C ASP H 229 -26.43 -5.97 -32.35
N ILE H 230 -26.34 -6.68 -33.49
CA ILE H 230 -26.21 -8.13 -33.51
C ILE H 230 -24.76 -8.50 -33.33
N PHE H 231 -24.50 -9.51 -32.53
CA PHE H 231 -23.13 -9.89 -32.17
C PHE H 231 -23.07 -11.38 -31.93
N VAL H 232 -22.39 -12.09 -32.83
CA VAL H 232 -22.30 -13.54 -32.78
C VAL H 232 -20.85 -13.98 -32.59
N VAL H 233 -20.59 -14.80 -31.58
CA VAL H 233 -19.29 -15.48 -31.46
C VAL H 233 -19.41 -16.82 -32.18
N LYS H 234 -18.61 -17.03 -33.22
CA LYS H 234 -18.70 -18.23 -34.07
C LYS H 234 -18.20 -19.51 -33.36
N SER H 235 -18.33 -20.65 -34.04
CA SER H 235 -17.82 -21.94 -33.54
C SER H 235 -16.28 -22.00 -33.53
N THR H 236 -15.68 -21.44 -34.57
CA THR H 236 -14.22 -21.38 -34.72
C THR H 236 -13.56 -20.28 -33.86
N GLY H 237 -14.36 -19.33 -33.38
CA GLY H 237 -13.83 -18.13 -32.71
C GLY H 237 -13.87 -18.11 -31.19
N ILE H 238 -13.96 -19.28 -30.55
CA ILE H 238 -14.04 -19.37 -29.09
C ILE H 238 -12.84 -18.69 -28.40
N GLN H 239 -11.63 -19.05 -28.84
CA GLN H 239 -10.40 -18.50 -28.26
C GLN H 239 -10.25 -16.99 -28.53
N ALA H 240 -10.50 -16.59 -29.79
CA ALA H 240 -10.46 -15.18 -30.21
C ALA H 240 -11.37 -14.30 -29.35
N PHE H 241 -12.55 -14.84 -29.00
CA PHE H 241 -13.53 -14.13 -28.18
C PHE H 241 -13.08 -14.00 -26.72
N LYS H 242 -12.49 -15.06 -26.18
CA LYS H 242 -11.93 -15.03 -24.82
C LYS H 242 -10.87 -13.94 -24.66
N ASP H 243 -9.98 -13.84 -25.66
CA ASP H 243 -8.93 -12.82 -25.69
C ASP H 243 -9.51 -11.41 -25.88
N TYR H 244 -10.53 -11.32 -26.74
CA TYR H 244 -11.24 -10.05 -27.02
C TYR H 244 -11.86 -9.43 -25.77
N ILE H 245 -12.49 -10.26 -24.94
CA ILE H 245 -13.06 -9.83 -23.65
C ILE H 245 -11.98 -9.43 -22.63
N GLY H 246 -10.89 -10.19 -22.59
CA GLY H 246 -9.76 -9.88 -21.70
C GLY H 246 -9.08 -8.55 -21.98
N LYS H 247 -8.62 -8.35 -23.22
CA LYS H 247 -7.98 -7.08 -23.64
C LYS H 247 -8.92 -5.88 -23.43
N LYS H 248 -10.23 -6.13 -23.53
CA LYS H 248 -11.26 -5.17 -23.15
C LYS H 248 -11.21 -3.85 -23.95
N LEU H 249 -10.74 -3.91 -25.20
CA LEU H 249 -10.70 -2.73 -26.10
C LEU H 249 -11.30 -3.09 -27.47
N PHE H 250 -12.52 -2.61 -27.72
CA PHE H 250 -13.35 -3.07 -28.85
C PHE H 250 -13.38 -2.09 -30.04
N GLU H 251 -13.72 -2.59 -31.23
CA GLU H 251 -13.87 -1.75 -32.43
C GLU H 251 -14.37 -2.53 -33.65
N ILE H 258 -15.61 -12.85 -34.36
CA ILE H 258 -16.76 -12.03 -34.02
C ILE H 258 -17.42 -11.44 -35.26
N PHE H 259 -18.71 -11.78 -35.45
CA PHE H 259 -19.59 -11.16 -36.44
C PHE H 259 -20.41 -10.08 -35.75
N HIS H 260 -20.34 -8.86 -36.26
CA HIS H 260 -21.01 -7.71 -35.66
C HIS H 260 -21.65 -6.84 -36.73
N VAL H 261 -22.96 -6.60 -36.59
CA VAL H 261 -23.69 -5.75 -37.52
C VAL H 261 -24.83 -5.02 -36.82
N LYS H 262 -25.21 -3.88 -37.37
CA LYS H 262 -26.35 -3.11 -36.87
C LYS H 262 -27.58 -3.38 -37.72
N ALA H 263 -28.74 -3.45 -37.08
CA ALA H 263 -29.99 -3.74 -37.78
C ALA H 263 -31.22 -3.29 -36.99
N LYS H 264 -32.29 -2.99 -37.72
CA LYS H 264 -33.55 -2.53 -37.15
C LYS H 264 -34.57 -3.65 -36.95
N SER H 265 -34.60 -4.59 -37.89
CA SER H 265 -35.60 -5.67 -37.91
C SER H 265 -34.88 -7.00 -38.08
N ILE H 266 -34.97 -7.83 -37.04
CA ILE H 266 -34.13 -9.03 -36.91
C ILE H 266 -34.98 -10.25 -36.61
N HIS H 267 -34.66 -11.37 -37.28
CA HIS H 267 -35.30 -12.67 -36.99
C HIS H 267 -34.21 -13.69 -36.69
N ILE H 268 -34.30 -14.32 -35.52
CA ILE H 268 -33.27 -15.28 -35.07
C ILE H 268 -33.85 -16.68 -34.88
N GLU H 269 -33.26 -17.63 -35.59
CA GLU H 269 -33.72 -19.03 -35.61
C GLU H 269 -32.62 -19.97 -35.17
N THR H 270 -32.98 -20.94 -34.35
CA THR H 270 -32.06 -22.03 -33.97
C THR H 270 -32.66 -23.38 -34.40
N GLU H 271 -31.83 -24.42 -34.42
CA GLU H 271 -32.27 -25.77 -34.82
C GLU H 271 -33.40 -26.27 -33.90
N GLU H 272 -33.17 -26.20 -32.59
CA GLU H 272 -34.20 -26.47 -31.57
C GLU H 272 -34.49 -25.20 -30.79
N GLU H 273 -35.69 -25.11 -30.22
CA GLU H 273 -36.06 -24.00 -29.33
C GLU H 273 -35.01 -23.81 -28.24
N LYS H 274 -34.44 -22.60 -28.18
CA LYS H 274 -33.47 -22.25 -27.14
C LYS H 274 -34.05 -21.16 -26.23
N GLU H 275 -33.81 -21.31 -24.92
CA GLU H 275 -34.23 -20.30 -23.95
C GLU H 275 -33.40 -19.02 -24.13
N VAL H 276 -34.07 -17.88 -24.19
CA VAL H 276 -33.41 -16.58 -24.37
C VAL H 276 -33.24 -15.88 -23.03
N ASP H 277 -32.09 -15.25 -22.85
CA ASP H 277 -31.83 -14.42 -21.68
C ASP H 277 -32.00 -12.96 -22.06
N THR H 278 -32.54 -12.18 -21.13
CA THR H 278 -32.78 -10.75 -21.33
C THR H 278 -32.63 -9.98 -20.01
N ASP H 279 -33.16 -8.76 -19.96
CA ASP H 279 -32.89 -7.85 -18.82
C ASP H 279 -33.26 -8.44 -17.46
N GLY H 280 -34.33 -9.22 -17.43
CA GLY H 280 -34.83 -9.84 -16.19
C GLY H 280 -35.55 -11.15 -16.46
N GLU H 281 -36.25 -11.66 -15.45
CA GLU H 281 -36.93 -12.95 -15.60
C GLU H 281 -37.96 -12.90 -16.74
N SER H 282 -37.91 -13.91 -17.60
CA SER H 282 -38.73 -13.96 -18.81
C SER H 282 -38.87 -15.39 -19.31
N SER H 283 -39.92 -15.62 -20.09
CA SER H 283 -40.21 -16.95 -20.64
C SER H 283 -39.97 -17.00 -22.15
N LEU H 284 -39.18 -16.05 -22.64
CA LEU H 284 -38.90 -15.90 -24.06
C LEU H 284 -38.00 -17.02 -24.59
N HIS H 285 -38.28 -17.48 -25.81
CA HIS H 285 -37.47 -18.52 -26.46
C HIS H 285 -37.49 -18.37 -27.98
N THR H 286 -36.46 -18.89 -28.63
CA THR H 286 -36.37 -18.85 -30.09
C THR H 286 -37.42 -19.76 -30.69
N PRO H 287 -37.82 -19.52 -31.95
CA PRO H 287 -37.41 -18.43 -32.81
C PRO H 287 -37.99 -17.07 -32.39
N CYS H 288 -37.30 -16.00 -32.79
CA CYS H 288 -37.61 -14.64 -32.35
C CYS H 288 -37.61 -13.61 -33.48
N GLN H 289 -38.69 -12.83 -33.53
CA GLN H 289 -38.72 -11.59 -34.29
C GLN H 289 -38.36 -10.48 -33.31
N ILE H 290 -37.23 -9.84 -33.57
CA ILE H 290 -36.80 -8.69 -32.77
C ILE H 290 -36.93 -7.39 -33.60
N GLU H 291 -37.48 -6.37 -32.95
CA GLU H 291 -37.88 -5.12 -33.61
C GLU H 291 -37.46 -3.92 -32.73
N LEU H 292 -36.98 -2.82 -33.31
CA LEU H 292 -36.55 -1.64 -32.51
C LEU H 292 -37.56 -0.50 -32.57
N LEU H 293 -37.91 0.04 -31.40
CA LEU H 293 -38.83 1.17 -31.29
C LEU H 293 -37.98 2.41 -30.97
N GLN H 294 -37.84 3.27 -31.97
CA GLN H 294 -36.94 4.41 -31.90
C GLN H 294 -37.52 5.47 -30.97
N GLY H 295 -36.68 5.91 -30.02
CA GLY H 295 -37.08 6.94 -29.06
C GLY H 295 -38.38 6.66 -28.30
N HIS H 296 -38.64 5.38 -28.03
CA HIS H 296 -39.91 4.95 -27.46
C HIS H 296 -40.09 5.49 -26.04
N PHE H 297 -39.00 5.56 -25.29
CA PHE H 297 -38.99 6.17 -23.97
C PHE H 297 -38.27 7.50 -24.04
N THR H 298 -38.63 8.40 -23.13
CA THR H 298 -37.78 9.54 -22.81
C THR H 298 -37.28 9.28 -21.39
N MSE H 299 -36.00 9.53 -21.14
CA MSE H 299 -35.38 9.21 -19.87
C MSE H 299 -34.42 10.28 -19.39
O MSE H 299 -33.78 10.96 -20.18
CB MSE H 299 -34.64 7.89 -19.97
CG MSE H 299 -35.53 6.73 -20.37
SE MSE H 299 -34.72 4.96 -20.04
CE MSE H 299 -34.64 5.06 -18.12
N ILE H 300 -34.32 10.40 -18.07
CA ILE H 300 -33.38 11.31 -17.43
C ILE H 300 -31.98 10.76 -17.63
N TYR H 301 -31.07 11.63 -18.06
CA TYR H 301 -29.66 11.24 -18.29
C TYR H 301 -28.69 12.29 -17.79
N ASN H 302 -27.41 11.95 -17.84
CA ASN H 302 -26.33 12.82 -17.39
C ASN H 302 -25.50 13.31 -18.56
N PRO H 303 -25.76 14.53 -19.03
CA PRO H 303 -25.02 15.03 -20.18
C PRO H 303 -23.54 15.35 -19.91
N ALA H 304 -23.14 15.43 -18.63
CA ALA H 304 -21.73 15.61 -18.26
C ALA H 304 -20.88 14.37 -18.57
N VAL H 305 -21.54 13.22 -18.65
CA VAL H 305 -20.89 11.92 -18.88
C VAL H 305 -21.29 11.32 -20.24
N LYS I 9 9.94 -48.12 -42.37
CA LYS I 9 9.69 -46.74 -42.90
C LYS I 9 9.29 -45.82 -41.74
N THR I 10 9.12 -44.51 -41.99
CA THR I 10 9.34 -43.56 -40.90
C THR I 10 9.07 -42.03 -40.99
N LYS I 11 8.81 -41.43 -39.83
CA LYS I 11 8.73 -39.97 -39.72
C LYS I 11 10.14 -39.34 -39.84
N PHE I 12 11.18 -40.13 -39.58
CA PHE I 12 12.50 -39.58 -39.27
C PHE I 12 13.58 -40.07 -40.23
N GLU I 13 13.80 -39.30 -41.28
CA GLU I 13 14.81 -39.67 -42.28
C GLU I 13 16.22 -39.67 -41.68
N LYS I 14 16.52 -38.66 -40.85
CA LYS I 14 17.82 -38.51 -40.21
C LYS I 14 17.68 -38.31 -38.73
N VAL I 15 18.50 -39.02 -37.96
CA VAL I 15 18.43 -38.99 -36.50
C VAL I 15 19.78 -38.66 -35.87
N LEU I 16 19.76 -37.84 -34.83
CA LEU I 16 20.96 -37.51 -34.03
C LEU I 16 20.77 -38.04 -32.63
N LEU I 17 21.74 -38.80 -32.13
CA LEU I 17 21.76 -39.26 -30.74
C LEU I 17 22.90 -38.54 -30.04
N ILE I 18 22.55 -37.72 -29.05
CA ILE I 18 23.54 -37.03 -28.26
C ILE I 18 23.75 -37.87 -27.01
N VAL I 19 24.98 -38.30 -26.80
CA VAL I 19 25.31 -39.13 -25.64
C VAL I 19 26.18 -38.35 -24.65
N ASN I 20 25.70 -38.25 -23.42
CA ASN I 20 26.52 -37.79 -22.32
C ASN I 20 27.22 -39.03 -21.79
N PRO I 21 28.52 -39.17 -22.05
CA PRO I 21 29.27 -40.37 -21.61
C PRO I 21 29.25 -40.63 -20.09
N LYS I 22 29.12 -39.57 -19.30
CA LYS I 22 29.04 -39.68 -17.83
C LYS I 22 27.65 -40.12 -17.36
N ALA I 23 26.66 -40.06 -18.25
CA ALA I 23 25.30 -40.45 -17.93
C ALA I 23 25.19 -41.94 -17.65
N GLY I 24 24.08 -42.33 -17.06
CA GLY I 24 23.84 -43.74 -16.78
C GLY I 24 24.52 -44.23 -15.52
N GLN I 25 24.17 -45.46 -15.16
CA GLN I 25 24.59 -46.04 -13.88
C GLN I 25 25.56 -47.20 -14.07
N GLY I 26 26.03 -47.41 -15.31
CA GLY I 26 27.09 -48.39 -15.59
C GLY I 26 28.16 -47.94 -16.60
N ASP I 27 28.80 -48.94 -17.19
CA ASP I 27 29.73 -48.75 -18.32
C ASP I 27 29.05 -47.88 -19.40
N LEU I 28 29.79 -46.97 -20.01
CA LEU I 28 29.39 -46.36 -21.28
C LEU I 28 29.08 -47.44 -22.32
N HIS I 29 29.98 -48.40 -22.48
CA HIS I 29 29.73 -49.58 -23.31
C HIS I 29 28.42 -50.29 -22.98
N THR I 30 28.15 -50.54 -21.70
CA THR I 30 26.93 -51.26 -21.28
C THR I 30 25.71 -50.44 -21.65
N ASN I 31 25.76 -49.15 -21.34
CA ASN I 31 24.65 -48.26 -21.69
C ASN I 31 24.40 -48.22 -23.20
N LEU I 32 25.47 -48.19 -23.98
CA LEU I 32 25.35 -48.13 -25.42
C LEU I 32 24.82 -49.44 -25.98
N THR I 33 25.18 -50.55 -25.33
CA THR I 33 24.65 -51.86 -25.70
C THR I 33 23.13 -51.90 -25.54
N LYS I 34 22.64 -51.18 -24.54
CA LYS I 34 21.21 -51.14 -24.28
C LYS I 34 20.44 -50.20 -25.19
N ILE I 35 21.02 -49.04 -25.51
CA ILE I 35 20.26 -48.01 -26.23
C ILE I 35 20.50 -47.89 -27.74
N VAL I 36 21.69 -48.23 -28.21
CA VAL I 36 22.01 -47.95 -29.60
C VAL I 36 21.39 -48.96 -30.58
N PRO I 37 21.55 -50.28 -30.35
CA PRO I 37 21.07 -51.24 -31.35
C PRO I 37 19.59 -51.08 -31.77
N PRO I 38 18.68 -50.90 -30.81
CA PRO I 38 17.28 -50.67 -31.23
C PRO I 38 17.12 -49.45 -32.11
N LEU I 39 17.86 -48.39 -31.79
CA LEU I 39 17.82 -47.16 -32.57
C LEU I 39 18.43 -47.37 -33.93
N ALA I 40 19.60 -48.00 -33.97
CA ALA I 40 20.31 -48.26 -35.23
C ALA I 40 19.47 -49.17 -36.15
N ALA I 41 18.73 -50.10 -35.56
CA ALA I 41 17.89 -51.03 -36.33
C ALA I 41 16.73 -50.29 -36.96
N ALA I 42 16.14 -49.37 -36.21
CA ALA I 42 14.94 -48.68 -36.64
C ALA I 42 15.22 -47.54 -37.58
N PHE I 43 16.35 -46.87 -37.39
CA PHE I 43 16.64 -45.62 -38.10
C PHE I 43 17.85 -45.77 -38.99
N PRO I 44 17.65 -45.78 -40.31
CA PRO I 44 18.77 -46.09 -41.20
C PRO I 44 19.73 -44.94 -41.49
N ASP I 45 19.49 -43.79 -40.88
CA ASP I 45 20.46 -42.70 -40.89
C ASP I 45 20.60 -42.12 -39.48
N LEU I 46 21.56 -42.65 -38.73
CA LEU I 46 21.71 -42.36 -37.31
C LEU I 46 23.11 -41.81 -37.04
N HIS I 47 23.15 -40.64 -36.39
CA HIS I 47 24.40 -39.97 -36.07
C HIS I 47 24.54 -39.94 -34.55
N ILE I 48 25.64 -40.45 -34.03
CA ILE I 48 25.88 -40.49 -32.59
C ILE I 48 27.05 -39.59 -32.21
N LEU I 49 26.76 -38.59 -31.37
CA LEU I 49 27.78 -37.63 -30.94
C LEU I 49 27.89 -37.70 -29.44
N HIS I 50 29.11 -37.81 -28.93
CA HIS I 50 29.33 -37.73 -27.49
C HIS I 50 29.59 -36.30 -27.09
N THR I 51 29.04 -35.90 -25.95
CA THR I 51 29.47 -34.64 -25.33
C THR I 51 30.82 -34.85 -24.63
N LYS I 52 31.61 -33.79 -24.58
CA LYS I 52 32.87 -33.80 -23.78
C LYS I 52 32.83 -32.77 -22.63
N GLU I 53 32.21 -31.62 -22.86
CA GLU I 53 32.12 -30.55 -21.86
C GLU I 53 30.73 -30.02 -21.71
N GLN I 54 30.51 -29.29 -20.62
CA GLN I 54 29.29 -28.52 -20.43
C GLN I 54 29.13 -27.62 -21.63
N GLY I 55 27.91 -27.59 -22.17
CA GLY I 55 27.60 -26.74 -23.32
C GLY I 55 27.59 -27.45 -24.66
N ASP I 56 28.15 -28.66 -24.72
CA ASP I 56 28.26 -29.36 -25.99
C ASP I 56 26.89 -29.73 -26.55
N ALA I 57 26.05 -30.31 -25.71
CA ALA I 57 24.70 -30.64 -26.12
C ALA I 57 24.02 -29.44 -26.72
N THR I 58 24.13 -28.28 -26.10
CA THR I 58 23.54 -27.06 -26.63
C THR I 58 24.11 -26.77 -28.02
N LYS I 59 25.42 -26.89 -28.17
CA LYS I 59 26.06 -26.63 -29.47
C LYS I 59 25.64 -27.61 -30.57
N TYR I 60 25.54 -28.88 -30.21
CA TYR I 60 25.16 -29.93 -31.15
C TYR I 60 23.72 -29.70 -31.60
N CYS I 61 22.83 -29.43 -30.66
CA CYS I 61 21.44 -29.12 -31.02
C CYS I 61 21.37 -27.95 -31.99
N GLN I 62 22.17 -26.92 -31.74
CA GLN I 62 22.12 -25.74 -32.60
C GLN I 62 22.73 -25.99 -33.96
N GLU I 63 23.71 -26.86 -34.04
CA GLU I 63 24.32 -27.16 -35.34
C GLU I 63 23.42 -28.08 -36.19
N PHE I 64 22.75 -29.02 -35.53
CA PHE I 64 22.04 -30.09 -36.23
C PHE I 64 20.53 -29.88 -36.37
N ALA I 65 20.02 -28.87 -35.70
CA ALA I 65 18.59 -28.53 -35.73
C ALA I 65 18.03 -28.49 -37.16
N SER I 66 18.77 -27.91 -38.09
CA SER I 66 18.31 -27.77 -39.47
C SER I 66 18.72 -28.93 -40.36
N LYS I 67 19.40 -29.94 -39.83
CA LYS I 67 19.94 -31.04 -40.64
C LYS I 67 19.29 -32.38 -40.29
N VAL I 68 18.44 -32.39 -39.28
CA VAL I 68 18.01 -33.65 -38.67
C VAL I 68 16.52 -33.55 -38.32
N ASP I 69 15.85 -34.68 -38.23
CA ASP I 69 14.40 -34.67 -38.01
C ASP I 69 14.03 -35.10 -36.60
N LEU I 70 14.96 -35.80 -35.94
CA LEU I 70 14.79 -36.20 -34.55
C LEU I 70 16.14 -36.03 -33.82
N ILE I 71 16.10 -35.47 -32.61
CA ILE I 71 17.27 -35.41 -31.76
C ILE I 71 16.93 -36.17 -30.46
N ILE I 72 17.70 -37.22 -30.17
CA ILE I 72 17.54 -38.00 -28.94
C ILE I 72 18.68 -37.63 -27.99
N VAL I 73 18.35 -37.28 -26.76
CA VAL I 73 19.36 -36.97 -25.76
C VAL I 73 19.38 -38.05 -24.68
N PHE I 74 20.56 -38.66 -24.51
CA PHE I 74 20.79 -39.60 -23.42
C PHE I 74 21.56 -38.89 -22.32
N GLY I 75 20.83 -38.51 -21.27
CA GLY I 75 21.39 -37.77 -20.17
C GLY I 75 20.34 -37.42 -19.13
N GLY I 76 20.80 -36.86 -18.00
CA GLY I 76 19.94 -36.41 -16.94
C GLY I 76 19.35 -35.04 -17.19
N ASP I 77 18.72 -34.50 -16.17
CA ASP I 77 18.03 -33.21 -16.25
C ASP I 77 18.90 -32.11 -16.89
N GLY I 78 20.18 -32.06 -16.48
CA GLY I 78 21.11 -31.05 -16.99
C GLY I 78 21.32 -31.15 -18.50
N THR I 79 21.53 -32.35 -19.00
CA THR I 79 21.73 -32.50 -20.43
C THR I 79 20.45 -32.17 -21.19
N VAL I 80 19.29 -32.59 -20.65
CA VAL I 80 18.00 -32.27 -21.27
C VAL I 80 17.82 -30.75 -21.35
N PHE I 81 18.22 -30.05 -20.28
CA PHE I 81 18.10 -28.59 -20.21
C PHE I 81 18.98 -27.91 -21.24
N GLU I 82 20.16 -28.48 -21.46
CA GLU I 82 21.05 -27.97 -22.50
C GLU I 82 20.38 -28.06 -23.86
N CYS I 83 19.70 -29.17 -24.10
CA CYS I 83 18.95 -29.36 -25.35
C CYS I 83 17.77 -28.38 -25.45
N THR I 84 17.07 -28.21 -24.34
CA THR I 84 15.97 -27.26 -24.29
C THR I 84 16.45 -25.86 -24.69
N ASN I 85 17.54 -25.41 -24.04
CA ASN I 85 18.13 -24.11 -24.36
C ASN I 85 18.73 -24.02 -25.76
N GLY I 86 19.17 -25.16 -26.29
CA GLY I 86 19.70 -25.19 -27.64
C GLY I 86 18.61 -24.99 -28.68
N LEU I 87 17.52 -25.76 -28.57
CA LEU I 87 16.47 -25.77 -29.60
C LEU I 87 15.46 -24.66 -29.46
N ALA I 88 15.06 -24.37 -28.23
CA ALA I 88 13.96 -23.43 -27.97
C ALA I 88 14.05 -22.09 -28.74
N PRO I 89 15.23 -21.49 -28.83
CA PRO I 89 15.30 -20.17 -29.50
C PRO I 89 15.30 -20.23 -31.01
N LEU I 90 15.42 -21.43 -31.56
CA LEU I 90 15.57 -21.57 -33.00
C LEU I 90 14.23 -21.49 -33.73
N GLU I 91 14.30 -21.09 -34.99
CA GLU I 91 13.13 -21.09 -35.89
C GLU I 91 12.73 -22.51 -36.30
N ILE I 92 13.71 -23.37 -36.54
CA ILE I 92 13.45 -24.76 -36.92
C ILE I 92 13.88 -25.67 -35.78
N ARG I 93 12.94 -26.47 -35.30
CA ARG I 93 13.17 -27.27 -34.12
C ARG I 93 12.69 -28.68 -34.36
N PRO I 94 13.59 -29.62 -34.63
CA PRO I 94 13.14 -30.98 -34.81
C PRO I 94 12.56 -31.59 -33.54
N THR I 95 11.99 -32.76 -33.68
CA THR I 95 11.41 -33.47 -32.56
C THR I 95 12.50 -33.88 -31.61
N LEU I 96 12.21 -33.84 -30.33
CA LEU I 96 13.16 -34.16 -29.28
C LEU I 96 12.69 -35.41 -28.50
N ALA I 97 13.63 -36.27 -28.13
CA ALA I 97 13.31 -37.45 -27.32
C ALA I 97 14.36 -37.59 -26.24
N ILE I 98 13.96 -38.16 -25.11
CA ILE I 98 14.81 -38.32 -23.97
C ILE I 98 14.98 -39.79 -23.62
N ILE I 99 16.23 -40.21 -23.50
CA ILE I 99 16.55 -41.46 -22.81
C ILE I 99 17.10 -41.05 -21.45
N PRO I 100 16.43 -41.45 -20.37
CA PRO I 100 16.77 -40.91 -19.06
C PRO I 100 18.09 -41.47 -18.52
N GLY I 101 19.06 -40.59 -18.36
CA GLY I 101 20.40 -41.00 -17.96
C GLY I 101 20.90 -40.40 -16.67
N GLY I 102 20.02 -39.69 -15.96
CA GLY I 102 20.31 -39.18 -14.63
C GLY I 102 19.57 -40.02 -13.59
N THR I 103 19.40 -39.46 -12.40
CA THR I 103 18.68 -40.16 -11.33
C THR I 103 17.25 -39.60 -11.22
N CYS I 104 17.10 -38.34 -11.62
CA CYS I 104 15.82 -37.64 -11.49
C CYS I 104 14.97 -37.77 -12.75
N ASN I 105 15.46 -37.20 -13.86
CA ASN I 105 14.82 -37.34 -15.17
C ASN I 105 13.36 -36.90 -15.17
N ASP I 106 13.10 -35.72 -14.63
CA ASP I 106 11.74 -35.23 -14.46
C ASP I 106 10.93 -35.23 -15.74
N PHE I 107 11.43 -34.60 -16.80
CA PHE I 107 10.61 -34.43 -17.98
C PHE I 107 10.41 -35.71 -18.74
N SER I 108 11.35 -36.64 -18.64
CA SER I 108 11.15 -37.95 -19.26
C SER I 108 9.91 -38.61 -18.62
N ARG I 109 9.78 -38.46 -17.30
CA ARG I 109 8.62 -39.02 -16.58
C ARG I 109 7.30 -38.33 -16.96
N THR I 110 7.38 -37.04 -17.25
CA THR I 110 6.22 -36.30 -17.78
C THR I 110 5.72 -36.90 -19.08
N LEU I 111 6.66 -37.35 -19.91
CA LEU I 111 6.34 -37.94 -21.22
C LEU I 111 6.06 -39.45 -21.13
N GLY I 112 6.11 -39.97 -19.90
CA GLY I 112 5.81 -41.38 -19.65
C GLY I 112 6.91 -42.34 -20.08
N VAL I 113 8.11 -41.82 -20.25
CA VAL I 113 9.23 -42.61 -20.74
C VAL I 113 9.66 -43.55 -19.64
N PRO I 114 9.77 -44.84 -19.94
CA PRO I 114 10.26 -45.77 -18.95
C PRO I 114 11.68 -45.42 -18.51
N GLN I 115 11.96 -45.58 -17.23
CA GLN I 115 13.29 -45.32 -16.69
C GLN I 115 14.31 -46.40 -17.06
N ASN I 116 13.83 -47.58 -17.44
CA ASN I 116 14.69 -48.59 -18.07
C ASN I 116 15.19 -48.06 -19.44
N ILE I 117 16.49 -47.83 -19.57
CA ILE I 117 16.99 -47.12 -20.76
C ILE I 117 16.77 -47.91 -22.05
N ALA I 118 16.84 -49.23 -21.98
CA ALA I 118 16.57 -50.08 -23.16
C ALA I 118 15.12 -49.88 -23.64
N GLU I 119 14.20 -49.83 -22.66
CA GLU I 119 12.79 -49.62 -22.99
C GLU I 119 12.54 -48.21 -23.49
N ALA I 120 13.29 -47.24 -22.98
CA ALA I 120 13.17 -45.85 -23.44
C ALA I 120 13.62 -45.73 -24.90
N ALA I 121 14.68 -46.43 -25.24
CA ALA I 121 15.16 -46.48 -26.61
C ALA I 121 14.12 -47.11 -27.51
N LYS I 122 13.58 -48.24 -27.09
CA LYS I 122 12.53 -48.94 -27.85
C LYS I 122 11.30 -48.07 -28.10
N LEU I 123 10.88 -47.33 -27.08
CA LEU I 123 9.77 -46.42 -27.23
C LEU I 123 9.97 -45.46 -28.40
N ILE I 124 11.15 -44.90 -28.55
CA ILE I 124 11.43 -43.91 -29.59
C ILE I 124 11.12 -44.51 -30.95
N THR I 125 11.42 -45.80 -31.13
CA THR I 125 11.21 -46.45 -32.42
C THR I 125 9.73 -46.59 -32.77
N LYS I 126 8.84 -46.39 -31.80
CA LYS I 126 7.39 -46.41 -32.04
C LYS I 126 6.87 -45.08 -32.60
N GLU I 127 7.65 -44.03 -32.44
CA GLU I 127 7.40 -42.74 -33.11
C GLU I 127 6.09 -42.05 -32.74
N HIS I 128 5.67 -42.22 -31.50
CA HIS I 128 4.52 -41.47 -30.99
C HIS I 128 4.98 -40.11 -30.53
N VAL I 129 4.45 -39.07 -31.16
CA VAL I 129 4.91 -37.71 -30.97
C VAL I 129 3.75 -36.78 -30.58
N LYS I 130 3.97 -35.91 -29.61
CA LYS I 130 2.98 -34.89 -29.26
C LYS I 130 3.60 -33.51 -29.10
N PRO I 131 2.79 -32.46 -29.29
CA PRO I 131 3.27 -31.13 -28.94
C PRO I 131 3.48 -30.98 -27.44
N VAL I 132 4.50 -30.21 -27.07
CA VAL I 132 4.81 -29.90 -25.68
C VAL I 132 5.01 -28.41 -25.57
N ASP I 133 4.48 -27.82 -24.50
CA ASP I 133 4.69 -26.41 -24.19
C ASP I 133 6.09 -26.21 -23.63
N VAL I 134 6.69 -25.09 -24.03
CA VAL I 134 7.96 -24.65 -23.47
C VAL I 134 7.74 -23.27 -22.91
N ALA I 135 8.16 -23.08 -21.66
CA ALA I 135 8.09 -21.77 -20.99
C ALA I 135 9.36 -20.97 -21.30
N LYS I 136 9.21 -19.64 -21.30
CA LYS I 136 10.27 -18.69 -21.59
C LYS I 136 10.26 -17.66 -20.45
N ALA I 137 11.36 -17.56 -19.72
CA ALA I 137 11.50 -16.57 -18.63
C ALA I 137 12.67 -15.67 -19.00
N ASN I 138 12.39 -14.37 -19.17
CA ASN I 138 13.40 -13.39 -19.62
C ASN I 138 14.37 -13.96 -20.64
N GLY I 139 13.87 -14.68 -21.64
CA GLY I 139 14.75 -15.24 -22.68
C GLY I 139 15.41 -16.58 -22.35
N GLN I 140 15.35 -16.99 -21.09
CA GLN I 140 15.69 -18.36 -20.72
C GLN I 140 14.48 -19.27 -20.95
N HIS I 141 14.67 -20.37 -21.64
CA HIS I 141 13.59 -21.35 -21.82
C HIS I 141 13.62 -22.40 -20.72
N PHE I 142 12.46 -22.95 -20.37
CA PHE I 142 12.41 -24.14 -19.52
C PHE I 142 11.26 -25.07 -19.79
N LEU I 143 11.46 -26.33 -19.46
CA LEU I 143 10.46 -27.38 -19.67
C LEU I 143 9.77 -27.77 -18.35
N ASN I 144 10.52 -27.83 -17.27
CA ASN I 144 9.96 -28.33 -16.00
C ASN I 144 9.38 -27.24 -15.11
N PHE I 145 10.23 -26.34 -14.65
CA PHE I 145 9.78 -25.35 -13.66
C PHE I 145 10.68 -24.15 -13.56
N TRP I 146 10.12 -23.15 -12.89
CA TRP I 146 10.80 -21.92 -12.53
C TRP I 146 10.44 -21.78 -11.06
N GLY I 147 11.39 -21.38 -10.22
CA GLY I 147 11.11 -21.24 -8.79
C GLY I 147 12.06 -20.39 -7.98
N ILE I 148 11.50 -19.74 -6.96
CA ILE I 148 12.29 -19.06 -5.93
C ILE I 148 11.95 -19.67 -4.59
N GLY I 149 12.94 -19.67 -3.70
CA GLY I 149 12.78 -20.17 -2.35
C GLY I 149 13.10 -21.64 -2.19
N LEU I 150 13.72 -22.23 -3.21
CA LEU I 150 14.17 -23.63 -3.13
C LEU I 150 15.52 -23.72 -2.43
N ALA I 160 25.59 -31.80 -0.27
CA ALA I 160 26.02 -31.97 -1.65
C ALA I 160 25.92 -33.43 -2.14
N GLU I 161 26.16 -34.38 -1.24
CA GLU I 161 26.05 -35.82 -1.55
C GLU I 161 24.60 -36.25 -1.90
N GLU I 162 23.65 -35.94 -1.01
CA GLU I 162 22.22 -36.20 -1.26
C GLU I 162 21.63 -35.20 -2.25
N LYS I 163 22.15 -33.96 -2.25
CA LYS I 163 21.60 -32.88 -3.10
C LYS I 163 21.85 -33.08 -4.59
N ALA I 164 23.08 -33.46 -4.93
CA ALA I 164 23.44 -33.79 -6.32
C ALA I 164 22.77 -35.10 -6.74
N LYS I 165 22.74 -36.07 -5.82
CA LYS I 165 22.11 -37.38 -6.04
C LYS I 165 20.60 -37.27 -6.36
N LEU I 166 19.87 -36.46 -5.58
CA LEU I 166 18.40 -36.35 -5.79
C LEU I 166 17.95 -35.20 -6.70
N GLY I 167 18.80 -34.20 -6.88
CA GLY I 167 18.45 -33.01 -7.66
C GLY I 167 17.91 -31.92 -6.75
N LYS I 168 17.84 -30.70 -7.28
CA LYS I 168 17.42 -29.52 -6.49
C LYS I 168 16.04 -29.69 -5.83
N ILE I 169 15.04 -30.05 -6.63
CA ILE I 169 13.67 -30.22 -6.13
C ILE I 169 13.53 -31.48 -5.26
N GLY I 170 14.19 -32.56 -5.67
CA GLY I 170 14.19 -33.82 -4.91
C GLY I 170 14.73 -33.65 -3.51
N TYR I 171 15.84 -32.91 -3.39
CA TYR I 171 16.48 -32.63 -2.10
C TYR I 171 15.59 -31.75 -1.23
N TYR I 172 15.01 -30.73 -1.87
CA TYR I 172 14.10 -29.80 -1.20
C TYR I 172 12.92 -30.55 -0.58
N LEU I 173 12.31 -31.44 -1.36
CA LEU I 173 11.17 -32.25 -0.92
C LEU I 173 11.53 -33.24 0.18
N SER I 174 12.73 -33.82 0.10
CA SER I 174 13.20 -34.78 1.12
C SER I 174 13.49 -34.12 2.49
N THR I 175 13.84 -32.83 2.47
CA THR I 175 14.21 -32.08 3.69
C THR I 175 13.21 -30.99 4.11
N ILE I 176 12.06 -30.91 3.43
CA ILE I 176 11.08 -29.86 3.73
C ILE I 176 10.43 -29.98 5.14
N ARG I 177 10.24 -31.20 5.63
CA ARG I 177 9.55 -31.43 6.92
C ARG I 177 10.36 -30.95 8.13
N THR I 178 11.69 -31.04 8.03
CA THR I 178 12.59 -30.71 9.14
C THR I 178 13.24 -29.33 9.00
N VAL I 179 13.37 -28.83 7.77
CA VAL I 179 13.90 -27.48 7.54
C VAL I 179 13.06 -26.44 8.30
N LYS I 180 13.64 -25.82 9.32
CA LYS I 180 12.87 -25.08 10.32
C LYS I 180 12.58 -23.59 10.00
N ASN I 181 13.54 -22.87 9.44
CA ASN I 181 13.46 -21.41 9.36
C ASN I 181 13.55 -20.90 7.92
N ALA I 182 12.47 -21.09 7.18
CA ALA I 182 12.41 -20.68 5.78
C ALA I 182 12.26 -19.16 5.64
N GLU I 183 13.15 -18.57 4.84
CA GLU I 183 13.22 -17.13 4.60
C GLU I 183 12.03 -16.67 3.79
N THR I 184 11.51 -15.50 4.12
CA THR I 184 10.39 -14.91 3.39
C THR I 184 10.87 -13.76 2.50
N PHE I 185 10.06 -13.44 1.48
CA PHE I 185 10.39 -12.35 0.54
C PHE I 185 9.13 -11.81 -0.15
N PRO I 186 9.12 -10.51 -0.49
CA PRO I 186 7.96 -9.97 -1.19
C PRO I 186 8.03 -10.31 -2.67
N VAL I 187 6.85 -10.53 -3.26
CA VAL I 187 6.75 -10.86 -4.67
C VAL I 187 5.58 -10.13 -5.33
N LYS I 188 5.82 -9.62 -6.52
CA LYS I 188 4.77 -9.02 -7.34
C LYS I 188 4.64 -9.83 -8.64
N ILE I 189 3.47 -10.47 -8.82
CA ILE I 189 3.22 -11.31 -10.00
C ILE I 189 2.14 -10.72 -10.90
N THR I 190 2.51 -10.35 -12.11
CA THR I 190 1.56 -9.85 -13.11
C THR I 190 1.20 -10.97 -14.06
N TYR I 191 -0.06 -11.40 -14.04
CA TYR I 191 -0.50 -12.54 -14.83
C TYR I 191 -1.75 -12.22 -15.67
N ASP I 192 -1.56 -12.20 -16.99
CA ASP I 192 -2.64 -11.96 -17.94
C ASP I 192 -3.51 -10.76 -17.52
N GLN I 194 -3.82 -9.27 -14.69
CA GLN I 194 -4.09 -9.25 -13.25
C GLN I 194 -2.79 -9.17 -12.43
N VAL I 195 -2.93 -8.67 -11.21
CA VAL I 195 -1.79 -8.46 -10.31
C VAL I 195 -1.96 -9.24 -8.99
N TYR I 196 -0.86 -9.73 -8.46
CA TYR I 196 -0.82 -10.39 -7.15
C TYR I 196 0.44 -9.93 -6.39
N GLU I 197 0.24 -9.25 -5.25
CA GLU I 197 1.31 -8.77 -4.36
C GLU I 197 1.17 -9.36 -2.96
N ASP I 198 2.23 -10.01 -2.46
CA ASP I 198 2.22 -10.64 -1.13
C ASP I 198 3.63 -10.99 -0.65
N GLU I 199 3.76 -11.31 0.63
CA GLU I 199 4.98 -11.90 1.19
C GLU I 199 4.94 -13.42 1.03
N ALA I 200 6.02 -13.99 0.49
CA ALA I 200 6.04 -15.42 0.10
C ALA I 200 7.27 -16.19 0.62
N VAL I 201 7.11 -17.51 0.71
CA VAL I 201 8.19 -18.44 1.05
C VAL I 201 8.62 -19.26 -0.16
N LEU I 202 7.65 -19.54 -1.02
CA LEU I 202 7.90 -20.33 -2.20
C LEU I 202 7.02 -19.87 -3.33
N VAL I 203 7.64 -19.55 -4.46
CA VAL I 203 6.89 -19.22 -5.66
C VAL I 203 7.34 -20.15 -6.78
N MSE I 204 6.41 -20.92 -7.32
CA MSE I 204 6.69 -21.84 -8.44
C MSE I 204 5.88 -21.45 -9.66
O MSE I 204 4.74 -20.98 -9.57
CB MSE I 204 6.32 -23.28 -8.04
CG MSE I 204 7.04 -23.82 -6.83
SE MSE I 204 8.85 -24.32 -7.29
CE MSE I 204 8.47 -25.82 -8.50
N VAL I 205 6.47 -21.65 -10.83
CA VAL I 205 5.73 -21.66 -12.07
C VAL I 205 6.05 -22.99 -12.72
N GLY I 206 5.05 -23.87 -12.78
CA GLY I 206 5.27 -25.23 -13.26
C GLY I 206 4.79 -25.43 -14.69
N ASN I 207 5.58 -26.17 -15.46
CA ASN I 207 5.18 -26.63 -16.79
C ASN I 207 5.04 -28.15 -16.84
N GLY I 208 5.99 -28.84 -16.23
CA GLY I 208 6.03 -30.29 -16.27
C GLY I 208 5.15 -30.92 -15.23
N GLU I 209 4.92 -32.21 -15.39
CA GLU I 209 3.95 -32.94 -14.58
C GLU I 209 4.63 -33.74 -13.47
N TYR I 210 5.97 -33.75 -13.50
CA TYR I 210 6.76 -34.36 -12.44
C TYR I 210 7.76 -33.36 -11.91
N LEU I 211 7.95 -33.34 -10.60
CA LEU I 211 9.00 -32.52 -9.98
C LEU I 211 9.71 -33.34 -8.90
N GLY I 212 11.04 -33.34 -8.98
CA GLY I 212 11.88 -34.12 -8.05
C GLY I 212 11.70 -35.62 -8.12
N GLY I 213 11.32 -36.14 -9.28
CA GLY I 213 11.22 -37.58 -9.48
C GLY I 213 9.87 -38.19 -9.12
N ILE I 214 8.93 -37.35 -8.68
CA ILE I 214 7.58 -37.79 -8.30
C ILE I 214 6.56 -36.82 -8.89
N PRO I 215 5.27 -37.24 -8.96
CA PRO I 215 4.29 -36.33 -9.57
C PRO I 215 4.30 -34.94 -8.95
N SER I 216 4.07 -33.95 -9.78
CA SER I 216 4.14 -32.56 -9.39
C SER I 216 3.27 -32.29 -8.18
N PHE I 217 3.84 -31.64 -7.18
CA PHE I 217 3.08 -31.19 -6.02
C PHE I 217 2.15 -30.03 -6.37
N ILE I 218 2.37 -29.40 -7.52
CA ILE I 218 1.44 -28.41 -8.04
C ILE I 218 0.31 -29.20 -8.70
N PRO I 219 -0.95 -28.96 -8.29
CA PRO I 219 -2.04 -29.82 -8.76
C PRO I 219 -2.44 -29.58 -10.20
N ASN I 220 -2.73 -30.68 -10.89
CA ASN I 220 -3.34 -30.66 -12.23
C ASN I 220 -2.54 -29.87 -13.25
N VAL I 221 -1.22 -29.98 -13.17
CA VAL I 221 -0.35 -29.34 -14.15
C VAL I 221 -0.35 -30.22 -15.39
N LYS I 222 -0.43 -29.59 -16.55
CA LYS I 222 -0.28 -30.31 -17.81
C LYS I 222 0.76 -29.59 -18.66
N CYS I 223 1.62 -30.38 -19.32
CA CYS I 223 2.71 -29.85 -20.13
C CYS I 223 2.31 -29.47 -21.55
N ASP I 224 1.05 -29.74 -21.91
CA ASP I 224 0.58 -29.52 -23.29
C ASP I 224 -0.80 -28.86 -23.36
N ASP I 225 -1.17 -28.13 -22.33
CA ASP I 225 -2.50 -27.48 -22.25
C ASP I 225 -2.47 -25.99 -22.58
N GLY I 226 -1.32 -25.49 -23.01
CA GLY I 226 -1.19 -24.12 -23.46
C GLY I 226 -1.13 -23.11 -22.34
N THR I 227 -0.96 -23.61 -21.11
CA THR I 227 -0.94 -22.74 -19.95
C THR I 227 0.00 -23.26 -18.84
N LEU I 228 0.53 -22.31 -18.04
CA LEU I 228 1.46 -22.57 -16.93
C LEU I 228 0.76 -22.46 -15.60
N ASP I 229 1.28 -23.15 -14.61
CA ASP I 229 0.70 -23.14 -13.27
C ASP I 229 1.53 -22.34 -12.27
N ILE I 230 0.95 -21.24 -11.79
CA ILE I 230 1.55 -20.44 -10.71
C ILE I 230 1.15 -21.05 -9.37
N PHE I 231 2.10 -21.11 -8.45
CA PHE I 231 1.87 -21.79 -7.18
C PHE I 231 2.71 -21.10 -6.13
N VAL I 232 2.03 -20.46 -5.17
CA VAL I 232 2.69 -19.68 -4.14
C VAL I 232 2.32 -20.22 -2.75
N VAL I 233 3.32 -20.38 -1.89
CA VAL I 233 3.10 -20.63 -0.46
C VAL I 233 3.38 -19.32 0.32
N LYS I 234 2.32 -18.74 0.91
CA LYS I 234 2.41 -17.45 1.64
C LYS I 234 3.24 -17.55 2.91
N SER I 235 3.76 -16.41 3.38
CA SER I 235 4.49 -16.31 4.66
C SER I 235 3.88 -17.20 5.73
N THR I 236 2.56 -17.28 5.69
CA THR I 236 1.77 -17.89 6.75
C THR I 236 1.58 -19.41 6.63
N GLY I 237 1.80 -19.95 5.43
CA GLY I 237 1.44 -21.35 5.14
C GLY I 237 2.55 -22.37 5.18
N ILE I 238 3.66 -22.05 5.86
CA ILE I 238 4.83 -22.96 5.94
C ILE I 238 4.45 -24.34 6.51
N GLN I 239 3.76 -24.34 7.64
CA GLN I 239 3.37 -25.60 8.30
C GLN I 239 2.34 -26.37 7.47
N ALA I 240 1.33 -25.66 6.97
CA ALA I 240 0.28 -26.25 6.11
C ALA I 240 0.87 -26.99 4.90
N PHE I 241 1.90 -26.38 4.32
CA PHE I 241 2.60 -26.93 3.15
C PHE I 241 3.43 -28.18 3.49
N LYS I 242 4.10 -28.16 4.64
CA LYS I 242 4.84 -29.34 5.14
C LYS I 242 3.91 -30.56 5.29
N ASP I 243 2.74 -30.33 5.87
CA ASP I 243 1.73 -31.38 6.07
C ASP I 243 1.14 -31.85 4.73
N TYR I 244 0.92 -30.89 3.83
CA TYR I 244 0.37 -31.15 2.49
C TYR I 244 1.24 -32.14 1.68
N ILE I 245 2.56 -31.90 1.72
CA ILE I 245 3.55 -32.80 1.07
C ILE I 245 3.59 -34.18 1.74
N GLY I 246 3.52 -34.21 3.06
CA GLY I 246 3.51 -35.47 3.83
C GLY I 246 2.31 -36.35 3.49
N ILE I 258 -2.11 -21.82 0.29
CA ILE I 258 -1.42 -21.90 -0.98
C ILE I 258 -2.28 -21.31 -2.12
N PHE I 259 -1.74 -20.28 -2.80
CA PHE I 259 -2.36 -19.58 -3.98
C PHE I 259 -1.91 -20.25 -5.26
N HIS I 260 -2.90 -20.67 -6.07
CA HIS I 260 -2.66 -21.45 -7.29
C HIS I 260 -3.54 -20.97 -8.43
N VAL I 261 -2.92 -20.56 -9.53
CA VAL I 261 -3.65 -20.09 -10.70
C VAL I 261 -2.91 -20.48 -12.00
N LYS I 262 -3.67 -20.57 -13.09
CA LYS I 262 -3.11 -20.85 -14.41
C LYS I 262 -3.03 -19.57 -15.25
N ALA I 263 -1.96 -19.45 -16.02
CA ALA I 263 -1.72 -18.23 -16.80
C ALA I 263 -0.74 -18.46 -17.95
N LYS I 264 -0.90 -17.65 -18.98
CA LYS I 264 -0.08 -17.74 -20.20
C LYS I 264 1.09 -16.75 -20.19
N SER I 265 0.83 -15.56 -19.66
CA SER I 265 1.80 -14.46 -19.69
C SER I 265 1.96 -13.89 -18.28
N ILE I 266 3.15 -14.04 -17.73
CA ILE I 266 3.41 -13.80 -16.31
C ILE I 266 4.62 -12.89 -16.13
N HIS I 267 4.50 -11.94 -15.20
CA HIS I 267 5.66 -11.10 -14.79
C HIS I 267 5.82 -11.18 -13.28
N ILE I 268 7.01 -11.56 -12.83
CA ILE I 268 7.27 -11.75 -11.40
C ILE I 268 8.36 -10.80 -10.93
N GLU I 269 8.00 -10.04 -9.90
CA GLU I 269 8.85 -9.00 -9.30
C GLU I 269 9.08 -9.26 -7.81
N THR I 270 10.31 -9.05 -7.38
CA THR I 270 10.64 -9.08 -5.96
C THR I 270 11.24 -7.73 -5.52
N GLU I 271 11.31 -7.50 -4.21
CA GLU I 271 11.85 -6.22 -3.69
C GLU I 271 13.31 -6.03 -4.16
N GLU I 272 14.14 -7.05 -3.92
CA GLU I 272 15.52 -7.09 -4.42
C GLU I 272 15.65 -8.24 -5.42
N GLU I 273 16.60 -8.13 -6.34
CA GLU I 273 16.93 -9.21 -7.29
C GLU I 273 17.16 -10.54 -6.56
N LYS I 274 16.36 -11.55 -6.91
CA LYS I 274 16.47 -12.90 -6.34
C LYS I 274 16.94 -13.85 -7.42
N GLU I 275 17.83 -14.77 -7.05
CA GLU I 275 18.28 -15.82 -7.96
C GLU I 275 17.14 -16.82 -8.18
N VAL I 276 16.89 -17.14 -9.44
CA VAL I 276 15.83 -18.08 -9.83
C VAL I 276 16.40 -19.47 -10.04
N ASP I 277 15.67 -20.48 -9.58
CA ASP I 277 16.01 -21.87 -9.87
C ASP I 277 15.14 -22.41 -11.01
N THR I 278 15.75 -23.23 -11.86
CA THR I 278 15.06 -23.83 -13.00
C THR I 278 15.61 -25.23 -13.29
N ASP I 279 15.36 -25.75 -14.49
CA ASP I 279 15.63 -27.16 -14.81
C ASP I 279 17.09 -27.57 -14.61
N GLY I 280 18.00 -26.64 -14.89
CA GLY I 280 19.43 -26.89 -14.74
C GLY I 280 20.18 -25.62 -14.41
N GLU I 281 21.50 -25.66 -14.53
CA GLU I 281 22.32 -24.49 -14.19
C GLU I 281 21.98 -23.30 -15.09
N SER I 282 21.80 -22.16 -14.45
CA SER I 282 21.35 -20.95 -15.11
C SER I 282 21.72 -19.71 -14.30
N SER I 283 21.73 -18.57 -14.97
CA SER I 283 22.09 -17.28 -14.34
C SER I 283 20.87 -16.35 -14.25
N LEU I 284 19.68 -16.93 -14.37
CA LEU I 284 18.43 -16.20 -14.36
C LEU I 284 18.14 -15.59 -12.99
N HIS I 285 17.58 -14.39 -12.98
CA HIS I 285 17.18 -13.72 -11.73
C HIS I 285 15.99 -12.80 -11.97
N THR I 286 15.24 -12.53 -10.91
CA THR I 286 14.11 -11.61 -10.98
C THR I 286 14.63 -10.19 -11.23
N PRO I 287 13.79 -9.31 -11.80
CA PRO I 287 12.41 -9.56 -12.24
C PRO I 287 12.37 -10.35 -13.53
N CYS I 288 11.24 -11.03 -13.75
CA CYS I 288 11.08 -11.98 -14.85
C CYS I 288 9.78 -11.85 -15.61
N GLN I 289 9.91 -11.76 -16.93
CA GLN I 289 8.79 -11.98 -17.84
C GLN I 289 8.82 -13.44 -18.21
N ILE I 290 7.78 -14.17 -17.83
CA ILE I 290 7.61 -15.57 -18.19
C ILE I 290 6.48 -15.71 -19.21
N GLU I 291 6.74 -16.48 -20.25
CA GLU I 291 5.86 -16.55 -21.42
C GLU I 291 5.70 -18.01 -21.79
N LEU I 292 4.46 -18.43 -22.01
CA LEU I 292 4.24 -19.80 -22.43
C LEU I 292 4.17 -19.83 -23.96
N LEU I 293 4.96 -20.73 -24.54
CA LEU I 293 4.95 -20.99 -25.97
C LEU I 293 4.25 -22.32 -26.20
N GLN I 294 3.02 -22.25 -26.70
CA GLN I 294 2.17 -23.43 -26.81
C GLN I 294 2.67 -24.35 -27.90
N GLY I 295 2.87 -25.62 -27.56
CA GLY I 295 3.31 -26.64 -28.52
C GLY I 295 4.61 -26.33 -29.24
N HIS I 296 5.50 -25.63 -28.55
CA HIS I 296 6.74 -25.12 -29.15
C HIS I 296 7.70 -26.26 -29.59
N PHE I 297 7.72 -27.32 -28.81
CA PHE I 297 8.42 -28.54 -29.16
C PHE I 297 7.43 -29.64 -29.55
N THR I 298 7.88 -30.55 -30.38
CA THR I 298 7.22 -31.84 -30.52
C THR I 298 8.16 -32.86 -29.93
N MSE I 299 7.64 -33.81 -29.17
CA MSE I 299 8.48 -34.75 -28.44
C MSE I 299 7.92 -36.16 -28.46
O MSE I 299 6.73 -36.36 -28.53
CB MSE I 299 8.68 -34.29 -27.00
CG MSE I 299 9.28 -32.90 -26.89
SE MSE I 299 9.84 -32.50 -25.04
CE MSE I 299 11.37 -33.75 -24.96
N ILE I 300 8.82 -37.13 -28.42
CA ILE I 300 8.45 -38.52 -28.29
C ILE I 300 7.88 -38.75 -26.90
N TYR I 301 6.76 -39.45 -26.84
CA TYR I 301 6.16 -39.79 -25.56
C TYR I 301 5.63 -41.22 -25.55
N ASN I 302 5.14 -41.63 -24.38
CA ASN I 302 4.62 -42.97 -24.18
C ASN I 302 3.12 -42.95 -23.94
N PRO I 303 2.31 -43.20 -24.98
CA PRO I 303 0.86 -43.13 -24.82
C PRO I 303 0.27 -44.23 -23.94
N ALA I 304 1.03 -45.29 -23.65
CA ALA I 304 0.61 -46.32 -22.70
C ALA I 304 0.57 -45.83 -21.25
N VAL I 305 1.29 -44.77 -20.97
CA VAL I 305 1.38 -44.21 -19.63
C VAL I 305 0.80 -42.80 -19.53
N VAL I 306 0.87 -41.99 -20.59
CA VAL I 306 0.36 -40.60 -20.52
C VAL I 306 -0.37 -40.13 -21.79
N LYS J 9 -66.94 26.08 -27.99
CA LYS J 9 -67.87 24.95 -27.71
C LYS J 9 -68.47 25.07 -26.30
N THR J 10 -68.28 24.00 -25.51
CA THR J 10 -68.96 23.78 -24.23
C THR J 10 -68.29 24.46 -23.04
N LYS J 11 -69.09 24.86 -22.06
CA LYS J 11 -68.59 25.29 -20.76
C LYS J 11 -68.17 24.13 -19.83
N PHE J 12 -68.61 22.93 -20.14
CA PHE J 12 -68.52 21.80 -19.23
C PHE J 12 -67.79 20.60 -19.84
N GLU J 13 -66.51 20.51 -19.57
CA GLU J 13 -65.71 19.38 -20.04
C GLU J 13 -66.17 18.04 -19.41
N LYS J 14 -66.44 18.09 -18.10
CA LYS J 14 -66.84 16.90 -17.33
C LYS J 14 -68.09 17.16 -16.55
N VAL J 15 -69.03 16.24 -16.61
CA VAL J 15 -70.33 16.39 -15.97
C VAL J 15 -70.64 15.20 -15.04
N LEU J 16 -71.26 15.49 -13.91
CA LEU J 16 -71.75 14.48 -12.97
C LEU J 16 -73.26 14.59 -12.88
N LEU J 17 -73.96 13.48 -13.08
CA LEU J 17 -75.39 13.42 -12.84
C LEU J 17 -75.65 12.55 -11.61
N ILE J 18 -76.24 13.15 -10.57
CA ILE J 18 -76.57 12.45 -9.34
C ILE J 18 -78.04 12.10 -9.45
N VAL J 19 -78.34 10.82 -9.37
CA VAL J 19 -79.70 10.35 -9.51
C VAL J 19 -80.20 9.82 -8.18
N ASN J 20 -81.30 10.36 -7.71
CA ASN J 20 -82.03 9.73 -6.62
C ASN J 20 -82.98 8.74 -7.26
N PRO J 21 -82.75 7.44 -7.07
CA PRO J 21 -83.56 6.44 -7.76
C PRO J 21 -85.04 6.47 -7.35
N LYS J 22 -85.30 6.93 -6.14
CA LYS J 22 -86.67 7.04 -5.62
C LYS J 22 -87.40 8.29 -6.15
N ALA J 23 -86.65 9.20 -6.76
CA ALA J 23 -87.21 10.43 -7.31
C ALA J 23 -88.08 10.13 -8.52
N GLY J 24 -88.89 11.12 -8.90
CA GLY J 24 -89.75 10.99 -10.07
C GLY J 24 -91.05 10.31 -9.74
N GLN J 25 -92.02 10.45 -10.64
CA GLN J 25 -93.38 9.93 -10.41
C GLN J 25 -93.60 8.87 -11.48
N GLY J 26 -92.69 7.89 -11.51
CA GLY J 26 -92.60 6.82 -12.53
C GLY J 26 -91.31 6.07 -12.22
N ASP J 27 -91.19 4.83 -12.68
CA ASP J 27 -90.01 4.03 -12.27
C ASP J 27 -88.66 4.61 -12.75
N LEU J 28 -87.60 4.01 -12.26
CA LEU J 28 -86.24 4.48 -12.51
C LEU J 28 -85.91 4.40 -13.99
N HIS J 29 -86.19 3.27 -14.60
CA HIS J 29 -85.85 3.04 -15.98
C HIS J 29 -86.53 4.07 -16.89
N THR J 30 -87.82 4.32 -16.66
CA THR J 30 -88.56 5.30 -17.46
C THR J 30 -87.99 6.70 -17.27
N ASN J 31 -87.72 7.05 -16.03
CA ASN J 31 -87.11 8.34 -15.74
C ASN J 31 -85.77 8.50 -16.44
N LEU J 32 -84.95 7.46 -16.41
CA LEU J 32 -83.63 7.51 -17.01
C LEU J 32 -83.70 7.57 -18.53
N THR J 33 -84.72 6.93 -19.10
CA THR J 33 -84.98 7.00 -20.54
C THR J 33 -85.27 8.45 -20.95
N LYS J 34 -85.93 9.19 -20.08
CA LYS J 34 -86.25 10.58 -20.37
C LYS J 34 -85.07 11.54 -20.17
N ILE J 35 -84.26 11.33 -19.13
CA ILE J 35 -83.22 12.32 -18.79
C ILE J 35 -81.81 12.01 -19.24
N VAL J 36 -81.46 10.75 -19.40
CA VAL J 36 -80.05 10.45 -19.66
C VAL J 36 -79.60 10.68 -21.12
N PRO J 37 -80.33 10.11 -22.09
CA PRO J 37 -79.91 10.24 -23.49
C PRO J 37 -79.59 11.67 -23.98
N PRO J 38 -80.43 12.66 -23.65
CA PRO J 38 -80.05 14.00 -24.07
C PRO J 38 -78.76 14.46 -23.44
N LEU J 39 -78.54 14.10 -22.20
CA LEU J 39 -77.32 14.49 -21.48
C LEU J 39 -76.12 13.75 -22.04
N ALA J 40 -76.29 12.47 -22.27
CA ALA J 40 -75.21 11.65 -22.83
C ALA J 40 -74.82 12.08 -24.25
N ALA J 41 -75.82 12.49 -25.04
CA ALA J 41 -75.58 12.99 -26.42
C ALA J 41 -74.79 14.31 -26.39
N ALA J 42 -75.16 15.20 -25.49
CA ALA J 42 -74.55 16.53 -25.41
C ALA J 42 -73.16 16.54 -24.75
N PHE J 43 -72.95 15.67 -23.78
CA PHE J 43 -71.77 15.75 -22.92
C PHE J 43 -70.93 14.49 -23.04
N PRO J 44 -69.80 14.58 -23.72
CA PRO J 44 -69.03 13.36 -24.02
C PRO J 44 -68.23 12.78 -22.86
N ASP J 45 -68.27 13.43 -21.69
CA ASP J 45 -67.73 12.86 -20.46
C ASP J 45 -68.76 13.01 -19.35
N LEU J 46 -69.57 11.98 -19.16
CA LEU J 46 -70.70 12.01 -18.23
C LEU J 46 -70.62 10.84 -17.23
N HIS J 47 -70.70 11.17 -15.95
CA HIS J 47 -70.61 10.23 -14.90
C HIS J 47 -71.94 10.24 -14.18
N ILE J 48 -72.55 9.07 -14.03
CA ILE J 48 -73.84 8.93 -13.38
C ILE J 48 -73.70 8.10 -12.08
N LEU J 49 -74.06 8.71 -10.95
CA LEU J 49 -74.02 8.08 -9.66
C LEU J 49 -75.42 8.04 -9.07
N HIS J 50 -75.87 6.86 -8.66
CA HIS J 50 -77.10 6.78 -7.86
C HIS J 50 -76.81 6.96 -6.37
N THR J 51 -77.70 7.68 -5.69
CA THR J 51 -77.67 7.73 -4.25
C THR J 51 -78.29 6.44 -3.71
N LYS J 52 -77.83 6.00 -2.54
CA LYS J 52 -78.41 4.85 -1.83
C LYS J 52 -79.05 5.28 -0.50
N GLU J 53 -78.42 6.21 0.20
CA GLU J 53 -78.88 6.66 1.52
C GLU J 53 -78.89 8.16 1.64
N GLN J 54 -79.62 8.66 2.63
CA GLN J 54 -79.56 10.07 3.02
C GLN J 54 -78.09 10.42 3.24
N GLY J 55 -77.67 11.56 2.68
CA GLY J 55 -76.30 12.05 2.81
C GLY J 55 -75.41 11.79 1.58
N ASP J 56 -75.80 10.86 0.72
CA ASP J 56 -74.96 10.44 -0.38
C ASP J 56 -74.73 11.57 -1.37
N ALA J 57 -75.79 12.29 -1.72
CA ALA J 57 -75.65 13.41 -2.62
C ALA J 57 -74.66 14.44 -2.06
N THR J 58 -74.73 14.69 -0.77
CA THR J 58 -73.77 15.58 -0.12
C THR J 58 -72.36 15.07 -0.32
N LYS J 59 -72.16 13.78 -0.08
CA LYS J 59 -70.84 13.16 -0.21
C LYS J 59 -70.33 13.20 -1.63
N TYR J 60 -71.19 12.90 -2.58
CA TYR J 60 -70.81 12.88 -3.98
C TYR J 60 -70.41 14.31 -4.48
N CYS J 61 -71.18 15.31 -4.08
CA CYS J 61 -70.82 16.68 -4.39
C CYS J 61 -69.45 17.02 -3.84
N GLN J 62 -69.17 16.60 -2.60
CA GLN J 62 -67.90 16.95 -1.97
C GLN J 62 -66.74 16.21 -2.60
N GLU J 63 -66.97 14.99 -3.03
CA GLU J 63 -65.88 14.25 -3.67
C GLU J 63 -65.57 14.77 -5.09
N PHE J 64 -66.62 15.14 -5.82
CA PHE J 64 -66.50 15.47 -7.23
C PHE J 64 -66.37 16.97 -7.53
N ALA J 65 -66.59 17.81 -6.55
CA ALA J 65 -66.52 19.25 -6.71
C ALA J 65 -65.28 19.71 -7.45
N SER J 66 -64.15 19.09 -7.14
CA SER J 66 -62.88 19.49 -7.76
C SER J 66 -62.54 18.70 -9.03
N LYS J 67 -63.40 17.79 -9.45
CA LYS J 67 -63.09 16.89 -10.56
C LYS J 67 -63.99 17.10 -11.76
N VAL J 68 -64.97 17.98 -11.62
CA VAL J 68 -66.10 18.04 -12.53
C VAL J 68 -66.51 19.49 -12.71
N ASP J 69 -67.13 19.80 -13.84
CA ASP J 69 -67.43 21.21 -14.18
C ASP J 69 -68.89 21.52 -14.01
N LEU J 70 -69.72 20.50 -14.11
CA LEU J 70 -71.16 20.62 -13.91
C LEU J 70 -71.64 19.45 -13.06
N ILE J 71 -72.51 19.73 -12.10
CA ILE J 71 -73.19 18.70 -11.32
C ILE J 71 -74.68 18.84 -11.51
N ILE J 72 -75.31 17.80 -12.02
CA ILE J 72 -76.75 17.79 -12.21
C ILE J 72 -77.38 16.93 -11.14
N VAL J 73 -78.38 17.43 -10.44
CA VAL J 73 -79.09 16.62 -9.46
C VAL J 73 -80.52 16.29 -9.90
N PHE J 74 -80.83 15.00 -10.01
CA PHE J 74 -82.18 14.55 -10.25
C PHE J 74 -82.81 14.12 -8.94
N GLY J 75 -83.63 14.99 -8.39
CA GLY J 75 -84.29 14.74 -7.14
C GLY J 75 -85.17 15.89 -6.71
N GLY J 76 -85.87 15.69 -5.60
CA GLY J 76 -86.74 16.73 -5.04
C GLY J 76 -85.98 17.72 -4.19
N ASP J 77 -86.73 18.54 -3.48
CA ASP J 77 -86.17 19.58 -2.60
C ASP J 77 -85.10 19.05 -1.64
N GLY J 78 -85.33 17.87 -1.09
CA GLY J 78 -84.38 17.24 -0.16
C GLY J 78 -83.04 16.90 -0.78
N THR J 79 -83.06 16.33 -1.97
CA THR J 79 -81.81 16.03 -2.67
C THR J 79 -81.09 17.30 -3.09
N VAL J 80 -81.84 18.32 -3.51
CA VAL J 80 -81.26 19.60 -3.94
C VAL J 80 -80.58 20.26 -2.76
N PHE J 81 -81.19 20.14 -1.60
CA PHE J 81 -80.65 20.68 -0.32
C PHE J 81 -79.36 19.95 0.12
N GLU J 82 -79.30 18.65 -0.15
CA GLU J 82 -78.07 17.90 0.11
C GLU J 82 -76.94 18.41 -0.76
N CYS J 83 -77.24 18.72 -2.02
CA CYS J 83 -76.25 19.32 -2.93
C CYS J 83 -75.86 20.73 -2.50
N THR J 84 -76.83 21.49 -2.03
CA THR J 84 -76.55 22.83 -1.53
C THR J 84 -75.58 22.80 -0.35
N ASN J 85 -75.89 21.94 0.61
CA ASN J 85 -75.01 21.74 1.77
C ASN J 85 -73.68 21.08 1.45
N GLY J 86 -73.63 20.32 0.36
CA GLY J 86 -72.38 19.77 -0.08
C GLY J 86 -71.42 20.77 -0.72
N LEU J 87 -71.94 21.57 -1.64
CA LEU J 87 -71.09 22.51 -2.39
C LEU J 87 -70.82 23.82 -1.66
N ALA J 88 -71.84 24.36 -1.02
CA ALA J 88 -71.76 25.71 -0.43
C ALA J 88 -70.49 25.97 0.39
N PRO J 89 -70.07 25.03 1.22
CA PRO J 89 -68.89 25.31 2.08
C PRO J 89 -67.56 25.20 1.39
N LEU J 90 -67.55 24.64 0.19
CA LEU J 90 -66.28 24.39 -0.52
C LEU J 90 -65.70 25.63 -1.16
N GLU J 91 -64.39 25.62 -1.37
CA GLU J 91 -63.69 26.70 -2.09
C GLU J 91 -63.94 26.63 -3.58
N ILE J 92 -64.03 25.43 -4.13
CA ILE J 92 -64.28 25.23 -5.55
C ILE J 92 -65.65 24.62 -5.73
N ARG J 93 -66.51 25.30 -6.47
CA ARG J 93 -67.91 24.92 -6.60
C ARG J 93 -68.35 24.91 -8.06
N PRO J 94 -68.44 23.75 -8.68
CA PRO J 94 -68.88 23.75 -10.06
C PRO J 94 -70.32 24.20 -10.22
N THR J 95 -70.73 24.37 -11.46
CA THR J 95 -72.08 24.77 -11.75
C THR J 95 -73.08 23.68 -11.38
N LEU J 96 -74.21 24.08 -10.86
CA LEU J 96 -75.22 23.15 -10.42
C LEU J 96 -76.46 23.25 -11.29
N ALA J 97 -77.10 22.12 -11.60
CA ALA J 97 -78.36 22.11 -12.36
C ALA J 97 -79.33 21.15 -11.71
N ILE J 98 -80.62 21.43 -11.83
CA ILE J 98 -81.65 20.60 -11.21
C ILE J 98 -82.57 20.01 -12.25
N ILE J 99 -82.75 18.70 -12.19
CA ILE J 99 -83.86 18.05 -12.88
C ILE J 99 -84.88 17.73 -11.78
N PRO J 100 -86.08 18.31 -11.87
CA PRO J 100 -87.01 18.24 -10.74
C PRO J 100 -87.63 16.88 -10.58
N GLY J 101 -87.33 16.22 -9.46
CA GLY J 101 -87.77 14.85 -9.26
C GLY J 101 -88.63 14.65 -8.05
N GLY J 102 -89.02 15.73 -7.42
CA GLY J 102 -89.99 15.68 -6.33
C GLY J 102 -91.32 16.20 -6.81
N THR J 103 -92.19 16.57 -5.86
CA THR J 103 -93.50 17.15 -6.22
C THR J 103 -93.48 18.68 -6.13
N CYS J 104 -92.60 19.19 -5.26
CA CYS J 104 -92.52 20.62 -5.01
C CYS J 104 -91.48 21.32 -5.90
N ASN J 105 -90.20 20.95 -5.76
CA ASN J 105 -89.13 21.43 -6.64
C ASN J 105 -89.02 22.95 -6.70
N ASP J 106 -89.04 23.58 -5.55
CA ASP J 106 -89.12 25.04 -5.47
C ASP J 106 -88.02 25.76 -6.25
N PHE J 107 -86.78 25.41 -6.01
CA PHE J 107 -85.71 26.18 -6.62
C PHE J 107 -85.58 25.91 -8.12
N SER J 108 -85.99 24.73 -8.57
CA SER J 108 -86.01 24.48 -10.01
C SER J 108 -86.94 25.47 -10.69
N ARG J 109 -88.07 25.74 -10.03
CA ARG J 109 -89.04 26.71 -10.53
C ARG J 109 -88.48 28.13 -10.52
N THR J 110 -87.68 28.47 -9.50
CA THR J 110 -87.01 29.76 -9.45
C THR J 110 -86.13 29.97 -10.68
N LEU J 111 -85.50 28.89 -11.12
CA LEU J 111 -84.59 28.95 -12.26
C LEU J 111 -85.32 28.80 -13.59
N GLY J 112 -86.64 28.65 -13.52
CA GLY J 112 -87.48 28.51 -14.72
C GLY J 112 -87.40 27.15 -15.37
N VAL J 113 -86.93 26.16 -14.63
CA VAL J 113 -86.78 24.80 -15.17
C VAL J 113 -88.15 24.15 -15.39
N PRO J 114 -88.35 23.60 -16.57
CA PRO J 114 -89.62 22.93 -16.80
C PRO J 114 -89.78 21.73 -15.90
N GLN J 115 -90.99 21.50 -15.43
CA GLN J 115 -91.25 20.36 -14.57
C GLN J 115 -91.28 19.03 -15.34
N ASN J 116 -91.45 19.11 -16.65
CA ASN J 116 -91.24 17.95 -17.52
C ASN J 116 -89.76 17.56 -17.51
N ILE J 117 -89.44 16.40 -16.98
CA ILE J 117 -88.03 16.05 -16.72
C ILE J 117 -87.19 15.90 -17.98
N ALA J 118 -87.81 15.41 -19.06
CA ALA J 118 -87.14 15.37 -20.39
C ALA J 118 -86.75 16.79 -20.87
N GLU J 119 -87.67 17.74 -20.69
CA GLU J 119 -87.38 19.12 -21.05
C GLU J 119 -86.36 19.75 -20.11
N ALA J 120 -86.37 19.37 -18.84
CA ALA J 120 -85.39 19.87 -17.87
C ALA J 120 -84.00 19.43 -18.28
N ALA J 121 -83.89 18.18 -18.72
CA ALA J 121 -82.63 17.64 -19.19
C ALA J 121 -82.18 18.38 -20.43
N LYS J 122 -83.09 18.56 -21.39
CA LYS J 122 -82.77 19.27 -22.64
C LYS J 122 -82.25 20.69 -22.34
N LEU J 123 -82.88 21.37 -21.38
CA LEU J 123 -82.46 22.71 -21.00
C LEU J 123 -80.99 22.78 -20.63
N ILE J 124 -80.53 21.78 -19.89
CA ILE J 124 -79.15 21.75 -19.40
C ILE J 124 -78.19 21.76 -20.57
N THR J 125 -78.56 21.08 -21.64
CA THR J 125 -77.69 21.02 -22.82
C THR J 125 -77.56 22.38 -23.53
N LYS J 126 -78.42 23.34 -23.20
CA LYS J 126 -78.31 24.71 -23.79
C LYS J 126 -77.29 25.56 -23.04
N GLU J 127 -76.92 25.14 -21.83
CA GLU J 127 -75.80 25.72 -21.08
C GLU J 127 -75.95 27.19 -20.72
N HIS J 128 -77.19 27.61 -20.47
CA HIS J 128 -77.43 28.96 -19.96
C HIS J 128 -77.22 28.97 -18.46
N VAL J 129 -76.25 29.77 -18.03
CA VAL J 129 -75.79 29.77 -16.65
C VAL J 129 -75.86 31.18 -16.03
N LYS J 130 -76.34 31.28 -14.80
CA LYS J 130 -76.30 32.55 -14.07
C LYS J 130 -75.86 32.41 -12.62
N PRO J 131 -75.30 33.50 -12.04
CA PRO J 131 -74.97 33.48 -10.62
C PRO J 131 -76.23 33.40 -9.78
N VAL J 132 -76.15 32.68 -8.68
CA VAL J 132 -77.26 32.56 -7.76
C VAL J 132 -76.75 32.81 -6.34
N ASP J 133 -77.53 33.56 -5.57
CA ASP J 133 -77.17 33.84 -4.19
C ASP J 133 -77.48 32.62 -3.33
N VAL J 134 -76.59 32.36 -2.38
CA VAL J 134 -76.82 31.33 -1.38
C VAL J 134 -76.79 32.00 -0.03
N ALA J 135 -77.80 31.71 0.79
CA ALA J 135 -77.89 32.25 2.14
C ALA J 135 -77.12 31.39 3.12
N LYS J 136 -76.65 32.05 4.18
CA LYS J 136 -75.90 31.41 5.25
C LYS J 136 -76.50 31.86 6.57
N ALA J 137 -77.05 30.92 7.34
CA ALA J 137 -77.60 31.20 8.67
C ALA J 137 -76.84 30.37 9.68
N ASN J 138 -76.15 31.05 10.61
CA ASN J 138 -75.26 30.40 11.58
C ASN J 138 -74.47 29.22 10.99
N GLY J 139 -73.93 29.39 9.79
CA GLY J 139 -73.15 28.30 9.14
C GLY J 139 -73.93 27.25 8.38
N GLN J 140 -75.26 27.27 8.51
CA GLN J 140 -76.15 26.50 7.65
C GLN J 140 -76.44 27.32 6.40
N HIS J 141 -76.22 26.73 5.23
CA HIS J 141 -76.54 27.41 3.99
C HIS J 141 -77.96 27.08 3.57
N PHE J 142 -78.60 28.00 2.85
CA PHE J 142 -79.90 27.71 2.19
C PHE J 142 -80.10 28.46 0.89
N LEU J 143 -80.93 27.88 0.03
CA LEU J 143 -81.26 28.46 -1.26
C LEU J 143 -82.64 29.09 -1.29
N ASN J 144 -83.62 28.47 -0.62
CA ASN J 144 -85.02 28.93 -0.71
C ASN J 144 -85.42 29.90 0.41
N PHE J 145 -85.42 29.42 1.64
CA PHE J 145 -85.91 30.23 2.73
C PHE J 145 -85.44 29.78 4.12
N TRP J 146 -85.66 30.67 5.05
CA TRP J 146 -85.45 30.48 6.47
C TRP J 146 -86.72 31.00 7.10
N GLY J 147 -87.25 30.30 8.09
CA GLY J 147 -88.50 30.72 8.70
C GLY J 147 -88.81 30.19 10.08
N ILE J 148 -89.50 31.02 10.86
CA ILE J 148 -90.10 30.57 12.12
C ILE J 148 -91.60 30.78 12.05
N GLY J 149 -92.31 29.90 12.75
CA GLY J 149 -93.77 29.98 12.86
C GLY J 149 -94.49 29.19 11.79
N LEU J 150 -93.76 28.35 11.05
CA LEU J 150 -94.40 27.46 10.06
C LEU J 150 -95.06 26.23 10.69
N VAL J 151 -94.82 25.96 11.99
CA VAL J 151 -95.50 24.86 12.75
C VAL J 151 -96.88 24.45 12.20
N LYS J 163 -100.03 12.89 6.96
CA LYS J 163 -98.79 12.50 6.29
C LYS J 163 -98.63 13.24 4.97
N ALA J 164 -98.18 14.50 5.07
CA ALA J 164 -98.07 15.41 3.93
C ALA J 164 -96.68 15.39 3.27
N LYS J 165 -96.64 14.94 2.01
CA LYS J 165 -95.44 15.01 1.17
C LYS J 165 -95.39 16.33 0.38
N LEU J 166 -96.27 17.28 0.72
CA LEU J 166 -96.35 18.59 0.06
C LEU J 166 -95.17 19.52 0.44
N GLY J 167 -94.48 19.15 1.51
CA GLY J 167 -93.37 19.95 2.02
C GLY J 167 -93.85 20.90 3.10
N LYS J 168 -92.89 21.45 3.85
CA LYS J 168 -93.21 22.31 5.00
C LYS J 168 -94.09 23.51 4.64
N ILE J 169 -93.68 24.26 3.61
CA ILE J 169 -94.45 25.45 3.17
C ILE J 169 -95.75 25.05 2.48
N GLY J 170 -95.69 24.02 1.65
CA GLY J 170 -96.87 23.51 0.93
C GLY J 170 -97.99 23.10 1.87
N TYR J 171 -97.62 22.39 2.95
CA TYR J 171 -98.58 21.92 3.96
C TYR J 171 -99.16 23.08 4.76
N TYR J 172 -98.30 24.03 5.09
CA TYR J 172 -98.69 25.26 5.79
C TYR J 172 -99.74 26.05 4.99
N LEU J 173 -99.48 26.23 3.69
CA LEU J 173 -100.39 26.96 2.80
C LEU J 173 -101.73 26.24 2.56
N SER J 174 -101.69 24.91 2.51
CA SER J 174 -102.90 24.09 2.34
C SER J 174 -103.84 24.12 3.56
N THR J 175 -103.25 24.31 4.75
CA THR J 175 -104.00 24.28 6.01
C THR J 175 -104.12 25.64 6.73
N ILE J 176 -103.63 26.71 6.09
CA ILE J 176 -103.66 28.04 6.73
C ILE J 176 -105.08 28.54 6.94
N ARG J 177 -105.96 28.14 6.02
CA ARG J 177 -107.39 28.39 6.09
C ARG J 177 -107.83 28.37 7.56
N THR J 178 -107.56 27.26 8.23
CA THR J 178 -107.74 27.14 9.69
C THR J 178 -106.44 26.65 10.32
N ALA J 182 -103.31 30.89 15.72
CA ALA J 182 -101.90 30.50 15.80
C ALA J 182 -101.20 31.24 16.95
N GLU J 183 -100.01 30.74 17.32
CA GLU J 183 -99.22 31.28 18.44
C GLU J 183 -98.50 32.57 18.03
N THR J 184 -98.40 33.49 18.99
CA THR J 184 -97.64 34.72 18.82
C THR J 184 -96.33 34.62 19.61
N PHE J 185 -95.32 35.36 19.18
CA PHE J 185 -94.03 35.43 19.88
C PHE J 185 -93.31 36.75 19.55
N PRO J 186 -92.54 37.28 20.52
CA PRO J 186 -91.82 38.53 20.24
C PRO J 186 -90.58 38.25 19.42
N VAL J 187 -90.22 39.19 18.57
CA VAL J 187 -89.04 39.06 17.73
C VAL J 187 -88.31 40.38 17.63
N LYS J 188 -86.98 40.32 17.67
CA LYS J 188 -86.11 41.47 17.44
C LYS J 188 -85.23 41.16 16.22
N ILE J 189 -85.40 41.94 15.16
CA ILE J 189 -84.66 41.76 13.91
C ILE J 189 -83.74 42.95 13.65
N THR J 190 -82.43 42.70 13.63
CA THR J 190 -81.44 43.72 13.27
C THR J 190 -81.03 43.50 11.82
N TYR J 191 -81.33 44.48 10.98
CA TYR J 191 -81.04 44.37 9.55
C TYR J 191 -80.31 45.60 9.01
N ASP J 192 -79.06 45.37 8.60
CA ASP J 192 -78.20 46.40 8.01
C ASP J 192 -78.26 47.69 8.81
N GLY J 193 -77.95 47.58 10.11
CA GLY J 193 -77.92 48.73 11.01
C GLY J 193 -79.27 49.39 11.32
N GLN J 194 -80.37 48.70 11.02
CA GLN J 194 -81.71 49.11 11.44
C GLN J 194 -82.31 48.02 12.32
N VAL J 195 -83.27 48.40 13.15
CA VAL J 195 -83.89 47.47 14.10
C VAL J 195 -85.40 47.39 13.90
N TYR J 196 -85.95 46.21 14.15
CA TYR J 196 -87.39 45.99 14.12
C TYR J 196 -87.77 45.07 15.26
N GLU J 197 -88.59 45.56 16.19
CA GLU J 197 -89.15 44.73 17.24
C GLU J 197 -90.67 44.75 17.11
N ASP J 198 -91.31 43.61 17.38
CA ASP J 198 -92.77 43.47 17.40
C ASP J 198 -93.17 42.07 17.82
N GLU J 199 -94.45 41.89 18.11
CA GLU J 199 -95.03 40.56 18.33
C GLU J 199 -95.43 39.98 16.97
N ALA J 200 -95.04 38.72 16.72
CA ALA J 200 -95.22 38.09 15.40
C ALA J 200 -95.85 36.70 15.45
N VAL J 201 -96.38 36.27 14.31
CA VAL J 201 -96.93 34.90 14.11
C VAL J 201 -96.10 34.04 13.15
N LEU J 202 -95.49 34.72 12.20
CA LEU J 202 -94.70 34.09 11.16
C LEU J 202 -93.55 35.02 10.80
N VAL J 203 -92.34 34.49 10.80
CA VAL J 203 -91.17 35.25 10.34
C VAL J 203 -90.47 34.44 9.26
N MSE J 204 -90.37 35.02 8.07
CA MSE J 204 -89.72 34.39 6.92
C MSE J 204 -88.54 35.23 6.46
O MSE J 204 -88.60 36.45 6.50
CB MSE J 204 -90.68 34.25 5.74
CG MSE J 204 -91.92 33.43 6.02
SE MSE J 204 -91.67 31.48 5.99
CE MSE J 204 -91.13 31.33 4.11
N VAL J 205 -87.50 34.56 6.02
CA VAL J 205 -86.43 35.19 5.27
C VAL J 205 -86.32 34.40 3.99
N GLY J 206 -86.67 35.04 2.89
CA GLY J 206 -86.78 34.37 1.60
C GLY J 206 -85.59 34.66 0.68
N ASN J 207 -85.13 33.63 0.00
CA ASN J 207 -84.13 33.80 -1.07
C ASN J 207 -84.67 33.39 -2.42
N GLY J 208 -85.43 32.29 -2.44
CA GLY J 208 -85.98 31.76 -3.68
C GLY J 208 -87.28 32.43 -4.11
N GLU J 209 -87.66 32.22 -5.37
CA GLU J 209 -88.76 32.92 -5.97
C GLU J 209 -90.05 32.09 -5.94
N TYR J 210 -89.92 30.84 -5.51
CA TYR J 210 -91.07 29.94 -5.35
C TYR J 210 -91.02 29.31 -3.98
N LEU J 211 -92.18 29.20 -3.35
CA LEU J 211 -92.31 28.52 -2.06
C LEU J 211 -93.54 27.64 -2.07
N GLY J 212 -93.37 26.39 -1.68
CA GLY J 212 -94.46 25.41 -1.68
C GLY J 212 -95.02 25.08 -3.05
N GLY J 213 -94.21 25.20 -4.08
CA GLY J 213 -94.61 24.80 -5.44
C GLY J 213 -95.31 25.89 -6.26
N ILE J 214 -95.45 27.08 -5.67
CA ILE J 214 -96.08 28.22 -6.35
C ILE J 214 -95.25 29.48 -6.10
N PRO J 215 -95.48 30.54 -6.88
CA PRO J 215 -94.66 31.72 -6.69
C PRO J 215 -94.69 32.22 -5.27
N SER J 216 -93.53 32.72 -4.82
CA SER J 216 -93.35 33.14 -3.44
C SER J 216 -94.45 34.10 -3.00
N PHE J 217 -95.04 33.82 -1.84
CA PHE J 217 -95.98 34.75 -1.22
C PHE J 217 -95.29 36.00 -0.66
N ILE J 218 -93.97 35.96 -0.54
CA ILE J 218 -93.20 37.15 -0.23
C ILE J 218 -93.05 37.89 -1.55
N PRO J 219 -93.45 39.17 -1.59
CA PRO J 219 -93.43 39.88 -2.86
C PRO J 219 -92.04 40.24 -3.40
N ASN J 220 -91.87 40.11 -4.70
CA ASN J 220 -90.70 40.65 -5.40
C ASN J 220 -89.39 40.13 -4.86
N VAL J 221 -89.38 38.86 -4.47
CA VAL J 221 -88.15 38.20 -4.07
C VAL J 221 -87.37 37.82 -5.32
N LYS J 222 -86.06 38.06 -5.29
CA LYS J 222 -85.19 37.65 -6.36
C LYS J 222 -84.01 36.88 -5.77
N CYS J 223 -83.64 35.76 -6.43
CA CYS J 223 -82.59 34.86 -5.94
C CYS J 223 -81.20 35.31 -6.34
N ASP J 224 -81.10 36.38 -7.14
CA ASP J 224 -79.81 36.83 -7.67
C ASP J 224 -79.58 38.33 -7.58
N ASP J 225 -80.28 38.99 -6.66
CA ASP J 225 -80.24 40.45 -6.53
C ASP J 225 -79.33 40.93 -5.40
N GLY J 226 -78.61 40.00 -4.78
CA GLY J 226 -77.65 40.33 -3.72
C GLY J 226 -78.28 40.67 -2.38
N THR J 227 -79.57 40.36 -2.24
CA THR J 227 -80.28 40.69 -1.01
C THR J 227 -81.42 39.71 -0.67
N LEU J 228 -81.72 39.60 0.62
CA LEU J 228 -82.73 38.68 1.15
C LEU J 228 -83.98 39.42 1.57
N ASP J 229 -85.11 38.74 1.57
CA ASP J 229 -86.39 39.35 1.91
C ASP J 229 -86.91 38.89 3.27
N ILE J 230 -86.98 39.84 4.21
CA ILE J 230 -87.58 39.60 5.51
C ILE J 230 -89.07 39.83 5.41
N PHE J 231 -89.85 38.97 6.03
CA PHE J 231 -91.29 39.00 5.91
C PHE J 231 -91.93 38.51 7.20
N VAL J 232 -92.59 39.41 7.92
CA VAL J 232 -93.18 39.11 9.20
C VAL J 232 -94.69 39.35 9.20
N VAL J 233 -95.44 38.35 9.67
CA VAL J 233 -96.88 38.41 9.85
C VAL J 233 -97.19 38.61 11.33
N LYS J 234 -97.66 39.82 11.67
CA LYS J 234 -97.90 40.21 13.07
C LYS J 234 -99.05 39.43 13.71
N SER J 235 -99.10 39.47 15.04
CA SER J 235 -100.14 38.80 15.82
C SER J 235 -101.54 39.34 15.53
N THR J 236 -101.61 40.61 15.09
CA THR J 236 -102.88 41.24 14.71
C THR J 236 -103.35 40.91 13.29
N GLY J 237 -102.46 40.41 12.45
CA GLY J 237 -102.74 40.23 11.02
C GLY J 237 -103.07 38.82 10.57
N ILE J 238 -103.51 37.96 11.49
CA ILE J 238 -103.81 36.55 11.17
C ILE J 238 -104.89 36.44 10.07
N GLN J 239 -106.00 37.16 10.24
CA GLN J 239 -107.12 37.13 9.28
C GLN J 239 -106.74 37.76 7.94
N ALA J 240 -106.07 38.91 7.99
CA ALA J 240 -105.57 39.60 6.78
C ALA J 240 -104.67 38.69 5.91
N PHE J 241 -103.83 37.90 6.59
CA PHE J 241 -102.92 36.98 5.92
C PHE J 241 -103.65 35.81 5.27
N LYS J 242 -104.65 35.26 5.97
CA LYS J 242 -105.48 34.18 5.43
C LYS J 242 -106.17 34.61 4.11
N ASP J 243 -106.70 35.84 4.11
CA ASP J 243 -107.36 36.41 2.91
C ASP J 243 -106.35 36.69 1.79
N TYR J 244 -105.17 37.19 2.19
CA TYR J 244 -104.08 37.48 1.25
C TYR J 244 -103.62 36.26 0.45
N ILE J 245 -103.49 35.12 1.13
CA ILE J 245 -103.14 33.84 0.49
C ILE J 245 -104.26 33.33 -0.42
N GLY J 246 -105.51 33.47 0.03
CA GLY J 246 -106.67 33.08 -0.76
C GLY J 246 -106.71 33.84 -2.07
N LYS J 247 -106.41 35.14 -2.01
CA LYS J 247 -106.41 36.01 -3.18
C LYS J 247 -105.26 35.67 -4.15
N LYS J 248 -104.15 35.17 -3.61
CA LYS J 248 -102.97 34.82 -4.42
C LYS J 248 -102.45 36.00 -5.27
N LEU J 249 -102.61 37.23 -4.74
CA LEU J 249 -102.21 38.46 -5.43
C LEU J 249 -100.72 38.75 -5.25
N PHE J 250 -100.22 38.51 -4.03
CA PHE J 250 -98.76 38.54 -3.71
C PHE J 250 -98.00 39.81 -4.13
N GLU J 251 -98.56 40.97 -3.78
CA GLU J 251 -97.94 42.27 -4.06
C GLU J 251 -97.66 43.11 -2.79
N ASP J 252 -96.83 44.12 -2.97
CA ASP J 252 -96.35 44.95 -1.85
C ASP J 252 -97.39 46.01 -1.49
N ILE J 258 -98.41 43.47 7.48
CA ILE J 258 -97.26 42.73 6.97
C ILE J 258 -96.07 43.66 6.78
N PHE J 259 -95.00 43.32 7.48
CA PHE J 259 -93.73 44.05 7.40
C PHE J 259 -92.79 43.33 6.44
N HIS J 260 -92.31 44.06 5.45
CA HIS J 260 -91.48 43.50 4.37
C HIS J 260 -90.34 44.44 4.02
N VAL J 261 -89.12 43.93 4.11
CA VAL J 261 -87.94 44.73 3.76
C VAL J 261 -86.85 43.83 3.21
N LYS J 262 -85.97 44.43 2.41
CA LYS J 262 -84.80 43.74 1.85
C LYS J 262 -83.56 44.08 2.67
N ALA J 263 -82.70 43.09 2.86
CA ALA J 263 -81.49 43.23 3.68
C ALA J 263 -80.43 42.19 3.35
N LYS J 264 -79.16 42.58 3.57
CA LYS J 264 -78.01 41.71 3.30
C LYS J 264 -77.53 40.97 4.56
N SER J 265 -77.56 41.65 5.70
CA SER J 265 -77.02 41.13 6.95
C SER J 265 -78.06 41.26 8.03
N ILE J 266 -78.54 40.12 8.52
CA ILE J 266 -79.72 40.07 9.36
C ILE J 266 -79.45 39.27 10.63
N HIS J 267 -79.97 39.76 11.75
CA HIS J 267 -79.89 39.04 13.03
C HIS J 267 -81.28 38.92 13.63
N ILE J 268 -81.71 37.69 13.91
CA ILE J 268 -83.06 37.44 14.38
C ILE J 268 -83.05 36.83 15.77
N GLU J 269 -83.74 37.48 16.70
CA GLU J 269 -83.79 37.08 18.11
C GLU J 269 -85.22 36.87 18.56
N THR J 270 -85.43 35.81 19.33
CA THR J 270 -86.72 35.55 19.99
C THR J 270 -86.54 35.48 21.51
N GLU J 271 -87.64 35.56 22.25
CA GLU J 271 -87.59 35.52 23.72
C GLU J 271 -86.96 34.22 24.19
N GLU J 272 -87.50 33.10 23.71
CA GLU J 272 -86.92 31.77 23.94
C GLU J 272 -86.43 31.18 22.61
N GLU J 273 -85.46 30.28 22.70
CA GLU J 273 -84.98 29.56 21.51
C GLU J 273 -86.16 28.94 20.75
N LYS J 274 -86.27 29.30 19.48
CA LYS J 274 -87.28 28.73 18.57
C LYS J 274 -86.62 27.91 17.47
N GLU J 275 -87.22 26.75 17.17
CA GLU J 275 -86.76 25.92 16.07
C GLU J 275 -87.04 26.62 14.75
N VAL J 276 -86.03 26.66 13.89
CA VAL J 276 -86.13 27.29 12.57
C VAL J 276 -86.40 26.24 11.50
N ASP J 277 -87.27 26.59 10.55
CA ASP J 277 -87.53 25.75 9.38
C ASP J 277 -86.79 26.33 8.18
N THR J 278 -86.28 25.44 7.33
CA THR J 278 -85.53 25.81 6.15
C THR J 278 -85.74 24.77 5.03
N ASP J 279 -84.86 24.78 4.02
CA ASP J 279 -85.09 24.01 2.80
C ASP J 279 -85.31 22.52 3.05
N GLY J 280 -84.62 21.96 4.04
CA GLY J 280 -84.71 20.54 4.38
C GLY J 280 -84.46 20.31 5.86
N GLU J 281 -84.20 19.05 6.23
CA GLU J 281 -83.98 18.70 7.63
C GLU J 281 -82.76 19.43 8.16
N SER J 282 -82.91 20.05 9.33
CA SER J 282 -81.87 20.87 9.94
C SER J 282 -82.10 21.02 11.44
N SER J 283 -81.03 21.35 12.16
CA SER J 283 -81.08 21.50 13.61
C SER J 283 -80.93 22.98 14.03
N LEU J 284 -81.17 23.86 13.09
CA LEU J 284 -81.02 25.29 13.29
C LEU J 284 -82.07 25.85 14.27
N HIS J 285 -81.66 26.81 15.08
CA HIS J 285 -82.57 27.49 16.00
C HIS J 285 -82.14 28.93 16.27
N THR J 286 -83.08 29.77 16.68
CA THR J 286 -82.76 31.15 17.05
C THR J 286 -81.94 31.17 18.35
N PRO J 287 -81.18 32.24 18.58
CA PRO J 287 -80.97 33.38 17.71
C PRO J 287 -80.09 33.08 16.50
N CYS J 288 -80.26 33.89 15.44
CA CYS J 288 -79.62 33.64 14.15
C CYS J 288 -78.99 34.87 13.52
N GLN J 289 -77.75 34.70 13.11
CA GLN J 289 -77.11 35.61 12.19
C GLN J 289 -77.32 35.04 10.79
N ILE J 290 -78.04 35.78 9.97
CA ILE J 290 -78.25 35.41 8.57
C ILE J 290 -77.47 36.35 7.67
N GLU J 291 -76.80 35.78 6.69
CA GLU J 291 -75.86 36.48 5.85
C GLU J 291 -76.02 36.00 4.41
N LEU J 292 -75.74 36.87 3.45
CA LEU J 292 -75.89 36.52 2.04
C LEU J 292 -74.56 36.45 1.32
N LEU J 293 -74.37 35.35 0.58
CA LEU J 293 -73.18 35.16 -0.25
C LEU J 293 -73.59 35.39 -1.72
N GLN J 294 -73.17 36.54 -2.24
CA GLN J 294 -73.63 37.00 -3.54
C GLN J 294 -72.99 36.17 -4.65
N GLY J 295 -73.83 35.63 -5.53
CA GLY J 295 -73.36 34.83 -6.65
C GLY J 295 -72.47 33.65 -6.27
N HIS J 296 -72.76 33.04 -5.13
CA HIS J 296 -71.93 31.98 -4.57
C HIS J 296 -71.97 30.72 -5.43
N PHE J 297 -73.12 30.45 -6.02
CA PHE J 297 -73.27 29.36 -6.97
C PHE J 297 -73.46 29.91 -8.36
N THR J 298 -73.03 29.16 -9.36
CA THR J 298 -73.50 29.38 -10.71
C THR J 298 -74.43 28.21 -11.04
N MSE J 299 -75.55 28.49 -11.69
CA MSE J 299 -76.55 27.47 -11.94
C MSE J 299 -77.18 27.57 -13.33
O MSE J 299 -77.28 28.62 -13.91
CB MSE J 299 -77.65 27.51 -10.88
CG MSE J 299 -77.13 27.36 -9.46
SE MSE J 299 -78.59 27.04 -8.17
CE MSE J 299 -79.15 25.30 -8.78
N ILE J 300 -77.58 26.42 -13.85
CA ILE J 300 -78.28 26.33 -15.12
C ILE J 300 -79.66 26.87 -14.90
N TYR J 301 -80.09 27.73 -15.82
CA TYR J 301 -81.43 28.33 -15.76
C TYR J 301 -82.08 28.40 -17.14
N ASN J 302 -83.33 28.82 -17.14
CA ASN J 302 -84.11 28.96 -18.37
C ASN J 302 -84.38 30.43 -18.65
N PRO J 303 -83.62 31.02 -19.58
CA PRO J 303 -83.81 32.43 -19.91
C PRO J 303 -85.12 32.75 -20.68
N ALA J 304 -85.78 31.73 -21.24
CA ALA J 304 -87.09 31.91 -21.87
C ALA J 304 -88.19 32.20 -20.85
N VAL J 305 -87.96 31.81 -19.60
CA VAL J 305 -88.94 32.00 -18.52
C VAL J 305 -88.43 32.94 -17.44
N LYS K 9 44.41 -40.62 -27.28
CA LYS K 9 43.85 -39.95 -28.50
C LYS K 9 43.77 -40.92 -29.71
N THR K 10 42.80 -40.62 -30.56
CA THR K 10 42.37 -41.43 -31.73
C THR K 10 42.84 -40.91 -33.09
N LYS K 11 43.05 -41.83 -34.02
CA LYS K 11 43.36 -41.46 -35.41
C LYS K 11 42.12 -40.90 -36.11
N PHE K 12 40.94 -41.20 -35.58
CA PHE K 12 39.69 -41.04 -36.33
C PHE K 12 38.69 -40.16 -35.62
N GLU K 13 38.68 -38.88 -35.99
CA GLU K 13 37.77 -37.90 -35.40
C GLU K 13 36.31 -38.23 -35.78
N LYS K 14 36.11 -38.59 -37.04
CA LYS K 14 34.78 -38.87 -37.57
C LYS K 14 34.73 -40.21 -38.26
N VAL K 15 33.71 -40.99 -37.95
CA VAL K 15 33.60 -42.34 -38.50
C VAL K 15 32.24 -42.54 -39.19
N LEU K 16 32.26 -43.27 -40.29
CA LEU K 16 31.02 -43.69 -41.00
C LEU K 16 30.95 -45.20 -40.95
N LEU K 17 29.80 -45.74 -40.54
CA LEU K 17 29.53 -47.16 -40.63
C LEU K 17 28.42 -47.36 -41.67
N ILE K 18 28.78 -48.09 -42.74
CA ILE K 18 27.83 -48.43 -43.79
C ILE K 18 27.34 -49.81 -43.49
N VAL K 19 26.04 -49.96 -43.26
CA VAL K 19 25.45 -51.25 -42.92
C VAL K 19 24.63 -51.75 -44.07
N ASN K 20 24.94 -52.96 -44.56
CA ASN K 20 24.01 -53.67 -45.46
C ASN K 20 23.05 -54.44 -44.59
N PRO K 21 21.79 -54.01 -44.51
CA PRO K 21 20.83 -54.67 -43.61
C PRO K 21 20.63 -56.15 -43.88
N LYS K 22 20.79 -56.57 -45.12
CA LYS K 22 20.65 -57.99 -45.50
C LYS K 22 21.87 -58.82 -45.11
N ALA K 23 22.98 -58.16 -44.80
CA ALA K 23 24.22 -58.85 -44.41
C ALA K 23 24.03 -59.63 -43.12
N GLY K 24 24.97 -60.51 -42.83
CA GLY K 24 24.96 -61.28 -41.60
C GLY K 24 24.08 -62.52 -41.69
N GLN K 25 24.27 -63.43 -40.73
CA GLN K 25 23.50 -64.68 -40.66
C GLN K 25 22.21 -64.41 -39.88
N GLY K 26 22.35 -63.69 -38.76
CA GLY K 26 21.19 -63.28 -37.95
C GLY K 26 20.42 -62.05 -38.44
N ASP K 27 19.38 -61.70 -37.69
CA ASP K 27 18.65 -60.48 -37.98
C ASP K 27 19.51 -59.23 -37.76
N LEU K 28 19.01 -58.13 -38.28
CA LEU K 28 19.65 -56.84 -38.19
C LEU K 28 19.95 -56.40 -36.73
N HIS K 29 18.95 -56.50 -35.87
CA HIS K 29 19.07 -56.09 -34.47
C HIS K 29 20.20 -56.86 -33.81
N THR K 30 20.25 -58.17 -34.00
CA THR K 30 21.29 -59.01 -33.38
C THR K 30 22.66 -58.64 -33.89
N ASN K 31 22.77 -58.47 -35.20
CA ASN K 31 24.03 -58.05 -35.79
C ASN K 31 24.47 -56.69 -35.26
N LEU K 32 23.52 -55.76 -35.12
CA LEU K 32 23.84 -54.42 -34.66
C LEU K 32 24.21 -54.42 -33.18
N THR K 33 23.61 -55.32 -32.42
CA THR K 33 23.99 -55.51 -31.00
C THR K 33 25.45 -55.95 -30.87
N LYS K 34 25.91 -56.71 -31.85
CA LYS K 34 27.28 -57.22 -31.82
C LYS K 34 28.29 -56.19 -32.29
N ILE K 35 27.98 -55.43 -33.34
CA ILE K 35 28.99 -54.55 -33.96
C ILE K 35 28.92 -53.06 -33.58
N VAL K 36 27.77 -52.54 -33.18
CA VAL K 36 27.68 -51.09 -32.97
C VAL K 36 28.21 -50.60 -31.62
N PRO K 37 27.81 -51.21 -30.52
CA PRO K 37 28.29 -50.72 -29.22
C PRO K 37 29.83 -50.52 -29.08
N PRO K 38 30.65 -51.49 -29.52
CA PRO K 38 32.10 -51.28 -29.40
C PRO K 38 32.58 -50.08 -30.21
N LEU K 39 31.98 -49.89 -31.36
CA LEU K 39 32.31 -48.78 -32.23
C LEU K 39 31.84 -47.49 -31.62
N ALA K 40 30.62 -47.49 -31.11
CA ALA K 40 30.06 -46.27 -30.50
C ALA K 40 30.81 -45.87 -29.24
N ALA K 41 31.29 -46.85 -28.49
CA ALA K 41 32.09 -46.58 -27.29
C ALA K 41 33.45 -45.96 -27.62
N ALA K 42 34.06 -46.46 -28.68
CA ALA K 42 35.40 -46.05 -29.06
C ALA K 42 35.42 -44.70 -29.82
N PHE K 43 34.39 -44.45 -30.63
CA PHE K 43 34.41 -43.33 -31.57
C PHE K 43 33.31 -42.35 -31.25
N PRO K 44 33.67 -41.18 -30.73
CA PRO K 44 32.63 -40.28 -30.23
C PRO K 44 31.90 -39.46 -31.30
N ASP K 45 32.27 -39.64 -32.57
CA ASP K 45 31.50 -39.11 -33.68
C ASP K 45 31.29 -40.20 -34.69
N LEU K 46 30.15 -40.89 -34.60
CA LEU K 46 29.86 -42.09 -35.42
C LEU K 46 28.55 -41.92 -36.20
N HIS K 47 28.62 -42.16 -37.48
CA HIS K 47 27.47 -41.99 -38.35
C HIS K 47 27.16 -43.34 -38.95
N ILE K 48 25.92 -43.78 -38.82
CA ILE K 48 25.50 -45.10 -39.29
C ILE K 48 24.47 -44.93 -40.41
N LEU K 49 24.79 -45.43 -41.59
CA LEU K 49 23.89 -45.36 -42.74
C LEU K 49 23.58 -46.75 -43.22
N HIS K 50 22.28 -47.08 -43.37
CA HIS K 50 21.88 -48.35 -43.97
C HIS K 50 21.81 -48.20 -45.47
N THR K 51 22.26 -49.21 -46.19
CA THR K 51 21.99 -49.26 -47.62
C THR K 51 20.56 -49.74 -47.84
N LYS K 52 19.93 -49.29 -48.93
CA LYS K 52 18.57 -49.80 -49.33
C LYS K 52 18.66 -50.54 -50.67
N GLU K 53 19.46 -50.04 -51.60
CA GLU K 53 19.59 -50.62 -52.94
C GLU K 53 21.03 -50.82 -53.36
N GLN K 54 21.22 -51.65 -54.38
CA GLN K 54 22.51 -51.79 -55.06
C GLN K 54 22.95 -50.39 -55.47
N GLY K 55 24.21 -50.10 -55.19
CA GLY K 55 24.79 -48.80 -55.52
C GLY K 55 24.86 -47.81 -54.36
N ASP K 56 24.15 -48.08 -53.26
CA ASP K 56 24.07 -47.11 -52.18
C ASP K 56 25.41 -46.95 -51.49
N ALA K 57 26.05 -48.06 -51.16
CA ALA K 57 27.37 -48.02 -50.55
C ALA K 57 28.35 -47.19 -51.39
N THR K 58 28.35 -47.39 -52.71
CA THR K 58 29.17 -46.58 -53.58
C THR K 58 28.84 -45.10 -53.39
N LYS K 59 27.54 -44.76 -53.41
CA LYS K 59 27.14 -43.35 -53.26
C LYS K 59 27.57 -42.77 -51.91
N TYR K 60 27.39 -43.56 -50.84
CA TYR K 60 27.69 -43.10 -49.50
C TYR K 60 29.17 -42.82 -49.37
N CYS K 61 29.99 -43.74 -49.89
CA CYS K 61 31.45 -43.56 -49.90
C CYS K 61 31.80 -42.25 -50.64
N GLN K 62 31.17 -42.00 -51.76
CA GLN K 62 31.52 -40.83 -52.53
C GLN K 62 31.07 -39.56 -51.84
N GLU K 63 29.94 -39.61 -51.18
CA GLU K 63 29.47 -38.41 -50.48
C GLU K 63 30.29 -38.10 -49.22
N PHE K 64 30.73 -39.13 -48.52
CA PHE K 64 31.36 -38.97 -47.22
C PHE K 64 32.89 -39.04 -47.21
N ALA K 65 33.48 -39.38 -48.35
CA ALA K 65 34.94 -39.49 -48.47
C ALA K 65 35.65 -38.26 -47.90
N SER K 66 35.11 -37.07 -48.18
CA SER K 66 35.77 -35.83 -47.80
C SER K 66 35.31 -35.31 -46.43
N LYS K 67 34.42 -36.04 -45.77
CA LYS K 67 33.83 -35.56 -44.52
C LYS K 67 34.20 -36.44 -43.33
N VAL K 68 34.91 -37.51 -43.59
CA VAL K 68 35.05 -38.57 -42.61
C VAL K 68 36.48 -39.13 -42.68
N ASP K 69 36.93 -39.71 -41.59
CA ASP K 69 38.32 -40.19 -41.50
C ASP K 69 38.41 -41.69 -41.61
N LEU K 70 37.31 -42.38 -41.30
CA LEU K 70 37.26 -43.84 -41.39
C LEU K 70 35.92 -44.23 -41.91
N ILE K 71 35.88 -45.16 -42.85
CA ILE K 71 34.62 -45.74 -43.35
C ILE K 71 34.66 -47.23 -43.08
N ILE K 72 33.68 -47.70 -42.32
CA ILE K 72 33.55 -49.13 -42.00
C ILE K 72 32.39 -49.68 -42.80
N VAL K 73 32.62 -50.79 -43.48
CA VAL K 73 31.54 -51.43 -44.24
C VAL K 73 31.22 -52.77 -43.62
N PHE K 74 29.94 -52.96 -43.29
CA PHE K 74 29.42 -54.21 -42.82
C PHE K 74 28.65 -54.86 -43.94
N GLY K 75 29.30 -55.83 -44.59
CA GLY K 75 28.71 -56.51 -45.73
C GLY K 75 29.64 -57.55 -46.32
N GLY K 76 29.14 -58.29 -47.29
CA GLY K 76 29.92 -59.29 -47.98
C GLY K 76 30.75 -58.70 -49.11
N ASP K 77 31.34 -59.60 -49.91
CA ASP K 77 32.23 -59.20 -51.01
C ASP K 77 31.63 -58.09 -51.91
N GLY K 78 30.33 -58.20 -52.20
CA GLY K 78 29.64 -57.25 -53.07
C GLY K 78 29.61 -55.85 -52.48
N THR K 79 29.30 -55.74 -51.20
CA THR K 79 29.28 -54.45 -50.55
C THR K 79 30.70 -53.86 -50.45
N VAL K 80 31.68 -54.72 -50.17
CA VAL K 80 33.06 -54.27 -50.09
C VAL K 80 33.48 -53.71 -51.45
N PHE K 81 33.07 -54.39 -52.52
CA PHE K 81 33.39 -53.98 -53.89
C PHE K 81 32.76 -52.63 -54.26
N GLU K 82 31.55 -52.41 -53.79
CA GLU K 82 30.91 -51.13 -53.98
C GLU K 82 31.75 -50.02 -53.34
N CYS K 83 32.24 -50.28 -52.13
CA CYS K 83 33.10 -49.32 -51.45
C CYS K 83 34.41 -49.13 -52.21
N THR K 84 34.99 -50.21 -52.68
CA THR K 84 36.21 -50.14 -53.49
C THR K 84 36.00 -49.21 -54.70
N ASN K 85 34.93 -49.44 -55.43
CA ASN K 85 34.60 -48.64 -56.59
C ASN K 85 34.19 -47.21 -56.24
N GLY K 86 33.67 -47.01 -55.03
CA GLY K 86 33.33 -45.69 -54.57
C GLY K 86 34.53 -44.83 -54.25
N LEU K 87 35.49 -45.39 -53.49
CA LEU K 87 36.64 -44.62 -53.00
C LEU K 87 37.77 -44.55 -53.99
N ALA K 88 38.03 -45.66 -54.67
CA ALA K 88 39.23 -45.79 -55.54
C ALA K 88 39.47 -44.64 -56.50
N PRO K 89 38.44 -44.14 -57.15
CA PRO K 89 38.68 -43.06 -58.11
C PRO K 89 38.87 -41.67 -57.50
N LEU K 90 38.64 -41.54 -56.20
CA LEU K 90 38.62 -40.22 -55.57
C LEU K 90 40.02 -39.74 -55.20
N GLU K 91 40.18 -38.41 -55.16
CA GLU K 91 41.46 -37.80 -54.74
C GLU K 91 41.69 -37.95 -53.24
N ILE K 92 40.62 -37.91 -52.45
CA ILE K 92 40.72 -38.06 -51.01
C ILE K 92 40.02 -39.34 -50.56
N ARG K 93 40.76 -40.21 -49.92
CA ARG K 93 40.25 -41.54 -49.65
C ARG K 93 40.49 -41.92 -48.20
N PRO K 94 39.48 -41.80 -47.35
CA PRO K 94 39.75 -42.16 -45.99
C PRO K 94 40.08 -43.63 -45.81
N THR K 95 40.47 -43.97 -44.60
CA THR K 95 40.76 -45.36 -44.26
C THR K 95 39.50 -46.20 -44.31
N LEU K 96 39.65 -47.41 -44.81
CA LEU K 96 38.50 -48.32 -44.99
C LEU K 96 38.65 -49.52 -44.09
N ALA K 97 37.56 -49.99 -43.50
CA ALA K 97 37.57 -51.22 -42.66
C ALA K 97 36.41 -52.13 -43.03
N ILE K 98 36.60 -53.43 -42.85
CA ILE K 98 35.58 -54.39 -43.18
C ILE K 98 35.12 -55.15 -41.95
N ILE K 99 33.81 -55.17 -41.74
CA ILE K 99 33.19 -56.15 -40.85
C ILE K 99 32.55 -57.15 -41.77
N PRO K 100 33.02 -58.42 -41.74
CA PRO K 100 32.61 -59.40 -42.74
C PRO K 100 31.16 -59.85 -42.54
N GLY K 101 30.31 -59.51 -43.50
CA GLY K 101 28.89 -59.81 -43.39
C GLY K 101 28.33 -60.70 -44.49
N GLY K 102 29.20 -61.29 -45.29
CA GLY K 102 28.81 -62.30 -46.27
C GLY K 102 29.25 -63.65 -45.79
N THR K 103 29.37 -64.60 -46.71
CA THR K 103 29.84 -65.95 -46.39
C THR K 103 31.30 -66.11 -46.79
N CYS K 104 31.71 -65.34 -47.80
CA CYS K 104 33.05 -65.45 -48.34
C CYS K 104 34.05 -64.47 -47.69
N ASN K 105 33.81 -63.18 -47.89
CA ASN K 105 34.57 -62.15 -47.20
C ASN K 105 36.08 -62.25 -47.46
N ASP K 106 36.44 -62.38 -48.72
CA ASP K 106 37.83 -62.64 -49.09
C ASP K 106 38.80 -61.57 -48.56
N PHE K 107 38.53 -60.32 -48.85
CA PHE K 107 39.51 -59.32 -48.49
C PHE K 107 39.63 -59.09 -46.99
N SER K 108 38.54 -59.32 -46.26
CA SER K 108 38.60 -59.23 -44.81
C SER K 108 39.61 -60.23 -44.27
N ARG K 109 39.63 -61.41 -44.87
CA ARG K 109 40.57 -62.48 -44.49
C ARG K 109 42.00 -62.11 -44.83
N THR K 110 42.19 -61.44 -45.97
CA THR K 110 43.50 -60.90 -46.35
C THR K 110 44.05 -59.98 -45.26
N LEU K 111 43.17 -59.19 -44.65
CA LEU K 111 43.54 -58.24 -43.61
C LEU K 111 43.58 -58.89 -42.21
N GLY K 112 43.32 -60.20 -42.16
CA GLY K 112 43.34 -60.92 -40.91
C GLY K 112 42.18 -60.62 -39.99
N VAL K 113 41.10 -60.10 -40.54
CA VAL K 113 39.92 -59.73 -39.76
C VAL K 113 39.20 -60.99 -39.31
N PRO K 114 38.89 -61.10 -38.02
CA PRO K 114 38.15 -62.25 -37.55
C PRO K 114 36.77 -62.29 -38.17
N GLN K 115 36.31 -63.50 -38.50
CA GLN K 115 34.99 -63.66 -39.09
C GLN K 115 33.86 -63.49 -38.06
N ASN K 116 34.18 -63.61 -36.78
CA ASN K 116 33.26 -63.23 -35.72
C ASN K 116 33.06 -61.72 -35.77
N ILE K 117 31.84 -61.28 -36.04
CA ILE K 117 31.61 -59.84 -36.36
C ILE K 117 31.83 -58.93 -35.14
N ALA K 118 31.54 -59.43 -33.94
CA ALA K 118 31.86 -58.66 -32.72
C ALA K 118 33.37 -58.40 -32.62
N GLU K 119 34.16 -59.43 -32.89
CA GLU K 119 35.60 -59.32 -32.82
C GLU K 119 36.12 -58.44 -33.94
N ALA K 120 35.47 -58.48 -35.10
CA ALA K 120 35.87 -57.62 -36.22
C ALA K 120 35.66 -56.19 -35.84
N ALA K 121 34.55 -55.91 -35.17
CA ALA K 121 34.25 -54.55 -34.69
C ALA K 121 35.31 -54.10 -33.69
N LYS K 122 35.58 -54.96 -32.70
CA LYS K 122 36.60 -54.67 -31.68
C LYS K 122 37.95 -54.36 -32.30
N LEU K 123 38.32 -55.13 -33.31
CA LEU K 123 39.61 -54.92 -33.99
C LEU K 123 39.73 -53.49 -34.50
N ILE K 124 38.64 -52.94 -35.03
CA ILE K 124 38.67 -51.60 -35.60
C ILE K 124 39.11 -50.58 -34.56
N THR K 125 38.68 -50.81 -33.32
CA THR K 125 38.93 -49.87 -32.23
C THR K 125 40.39 -49.84 -31.80
N LYS K 126 41.15 -50.84 -32.27
CA LYS K 126 42.60 -50.88 -32.03
C LYS K 126 43.40 -50.02 -33.02
N GLU K 127 42.76 -49.65 -34.13
CA GLU K 127 43.31 -48.66 -35.06
C GLU K 127 44.65 -49.02 -35.69
N HIS K 128 44.87 -50.30 -35.92
CA HIS K 128 46.03 -50.72 -36.68
C HIS K 128 45.70 -50.59 -38.16
N VAL K 129 46.47 -49.76 -38.85
CA VAL K 129 46.20 -49.37 -40.23
C VAL K 129 47.43 -49.64 -41.10
N LYS K 130 47.25 -50.21 -42.29
CA LYS K 130 48.36 -50.37 -43.24
C LYS K 130 47.95 -49.97 -44.66
N PRO K 131 48.91 -49.58 -45.50
CA PRO K 131 48.63 -49.35 -46.91
C PRO K 131 48.28 -50.65 -47.63
N VAL K 132 47.33 -50.55 -48.56
CA VAL K 132 46.91 -51.69 -49.35
C VAL K 132 46.91 -51.28 -50.81
N ASP K 133 47.36 -52.19 -51.67
CA ASP K 133 47.36 -51.95 -53.11
C ASP K 133 45.96 -52.17 -53.67
N VAL K 134 45.59 -51.33 -54.63
CA VAL K 134 44.34 -51.47 -55.36
C VAL K 134 44.67 -51.57 -56.83
N ALA K 135 44.11 -52.58 -57.48
CA ALA K 135 44.35 -52.81 -58.89
C ALA K 135 43.32 -52.09 -59.71
N LYS K 136 43.63 -51.86 -60.97
CA LYS K 136 42.77 -51.12 -61.90
C LYS K 136 42.80 -51.84 -63.24
N ALA K 137 41.65 -52.33 -63.70
CA ALA K 137 41.55 -52.99 -65.01
C ALA K 137 40.60 -52.20 -65.90
N ASN K 138 41.13 -51.65 -67.00
CA ASN K 138 40.34 -50.75 -67.87
C ASN K 138 39.43 -49.79 -67.08
N GLY K 139 39.96 -49.18 -66.03
CA GLY K 139 39.15 -48.23 -65.24
C GLY K 139 38.26 -48.86 -64.16
N GLN K 140 38.08 -50.17 -64.21
CA GLN K 140 37.46 -50.90 -63.11
C GLN K 140 38.51 -51.20 -62.04
N HIS K 141 38.23 -50.82 -60.80
CA HIS K 141 39.13 -51.15 -59.71
C HIS K 141 38.75 -52.48 -59.10
N PHE K 142 39.74 -53.19 -58.57
CA PHE K 142 39.48 -54.39 -57.74
C PHE K 142 40.52 -54.60 -56.64
N LEU K 143 40.10 -55.30 -55.59
CA LEU K 143 40.92 -55.63 -54.43
C LEU K 143 41.36 -57.08 -54.41
N ASN K 144 40.50 -58.00 -54.85
CA ASN K 144 40.79 -59.43 -54.74
C ASN K 144 41.44 -59.98 -56.01
N PHE K 145 40.68 -60.02 -57.10
CA PHE K 145 41.14 -60.70 -58.31
C PHE K 145 40.44 -60.26 -59.59
N TRP K 146 41.07 -60.68 -60.67
CA TRP K 146 40.56 -60.53 -62.01
C TRP K 146 40.78 -61.90 -62.61
N GLY K 147 39.80 -62.39 -63.37
CA GLY K 147 39.91 -63.71 -63.96
C GLY K 147 39.02 -64.01 -65.14
N ILE K 148 39.53 -64.86 -66.03
CA ILE K 148 38.74 -65.47 -67.10
C ILE K 148 38.81 -66.98 -66.96
N GLY K 149 37.71 -67.62 -67.36
CA GLY K 149 37.60 -69.09 -67.35
C GLY K 149 37.01 -69.64 -66.07
N LEU K 150 36.47 -68.77 -65.24
CA LEU K 150 35.80 -69.20 -64.02
C LEU K 150 34.39 -69.77 -64.30
N VAL K 151 33.85 -69.57 -65.50
CA VAL K 151 32.58 -70.24 -65.86
C VAL K 151 32.63 -70.76 -67.28
N ASP K 159 21.01 -74.88 -57.11
CA ASP K 159 22.37 -74.88 -57.66
C ASP K 159 22.83 -73.47 -57.99
N ALA K 160 22.03 -72.73 -58.75
CA ALA K 160 22.33 -71.33 -59.09
C ALA K 160 22.25 -70.42 -57.85
N GLU K 161 21.46 -70.83 -56.86
CA GLU K 161 21.40 -70.13 -55.57
C GLU K 161 22.72 -70.29 -54.79
N GLU K 162 23.32 -71.47 -54.91
CA GLU K 162 24.60 -71.77 -54.26
C GLU K 162 25.79 -71.05 -54.93
N LYS K 163 25.68 -70.81 -56.25
CA LYS K 163 26.66 -69.97 -56.98
C LYS K 163 26.75 -68.58 -56.35
N ALA K 164 25.61 -67.92 -56.19
CA ALA K 164 25.52 -66.64 -55.46
C ALA K 164 25.83 -66.82 -53.96
N LYS K 165 25.65 -68.04 -53.42
CA LYS K 165 26.06 -68.37 -52.03
C LYS K 165 27.58 -68.26 -51.83
N LEU K 166 28.35 -69.15 -52.45
CA LEU K 166 29.82 -69.24 -52.19
C LEU K 166 30.63 -68.16 -52.91
N GLY K 167 30.03 -67.53 -53.91
CA GLY K 167 30.73 -66.55 -54.73
C GLY K 167 31.34 -67.21 -55.96
N LYS K 168 31.70 -66.39 -56.95
CA LYS K 168 32.22 -66.88 -58.24
C LYS K 168 33.42 -67.83 -58.09
N ILE K 169 34.43 -67.41 -57.36
CA ILE K 169 35.65 -68.22 -57.16
C ILE K 169 35.38 -69.40 -56.23
N GLY K 170 34.62 -69.16 -55.18
CA GLY K 170 34.26 -70.23 -54.26
C GLY K 170 33.53 -71.38 -54.94
N TYR K 171 32.59 -71.03 -55.81
CA TYR K 171 31.80 -72.04 -56.55
C TYR K 171 32.69 -72.81 -57.53
N TYR K 172 33.55 -72.06 -58.22
CA TYR K 172 34.50 -72.63 -59.17
C TYR K 172 35.39 -73.68 -58.50
N LEU K 173 35.93 -73.32 -57.34
CA LEU K 173 36.82 -74.22 -56.59
C LEU K 173 36.10 -75.44 -56.06
N SER K 174 34.84 -75.27 -55.62
CA SER K 174 34.04 -76.40 -55.10
C SER K 174 33.68 -77.43 -56.18
N THR K 175 33.59 -76.98 -57.43
CA THR K 175 33.16 -77.82 -58.55
C THR K 175 34.26 -78.12 -59.57
N ILE K 176 35.50 -77.70 -59.28
CA ILE K 176 36.60 -77.88 -60.25
C ILE K 176 36.99 -79.34 -60.44
N ARG K 177 36.96 -80.10 -59.34
CA ARG K 177 37.33 -81.51 -59.36
C ARG K 177 36.37 -82.27 -60.26
N THR K 178 35.08 -82.17 -59.97
CA THR K 178 34.03 -82.88 -60.71
C THR K 178 33.62 -82.22 -62.04
N VAL K 179 34.10 -81.01 -62.33
CA VAL K 179 33.74 -80.31 -63.58
C VAL K 179 34.32 -81.03 -64.82
N LYS K 180 33.52 -81.10 -65.89
CA LYS K 180 33.92 -81.75 -67.15
C LYS K 180 34.94 -80.88 -67.92
N ASN K 181 35.56 -81.47 -68.95
CA ASN K 181 36.67 -80.82 -69.68
C ASN K 181 36.38 -79.38 -70.13
N ALA K 182 37.04 -78.42 -69.48
CA ALA K 182 36.77 -76.99 -69.71
C ALA K 182 37.17 -76.50 -71.11
N GLU K 183 36.56 -75.39 -71.52
CA GLU K 183 36.82 -74.77 -72.83
C GLU K 183 38.22 -74.16 -72.81
N THR K 184 38.97 -74.34 -73.88
CA THR K 184 40.32 -73.79 -73.95
C THR K 184 40.35 -72.63 -74.94
N PHE K 185 41.21 -71.65 -74.66
CA PHE K 185 41.26 -70.42 -75.45
C PHE K 185 42.69 -69.87 -75.50
N PRO K 186 43.06 -69.24 -76.63
CA PRO K 186 44.40 -68.66 -76.69
C PRO K 186 44.45 -67.32 -75.96
N VAL K 187 45.59 -67.03 -75.37
CA VAL K 187 45.79 -65.80 -74.62
C VAL K 187 47.19 -65.23 -74.90
N LYS K 188 47.24 -63.91 -75.03
CA LYS K 188 48.51 -63.17 -75.15
C LYS K 188 48.60 -62.20 -73.97
N ILE K 189 49.58 -62.41 -73.10
CA ILE K 189 49.77 -61.56 -71.93
C ILE K 189 51.08 -60.78 -72.02
N THR K 190 50.97 -59.46 -72.05
CA THR K 190 52.15 -58.57 -72.03
C THR K 190 52.33 -58.05 -70.62
N TYR K 191 53.45 -58.41 -70.00
CA TYR K 191 53.71 -58.03 -68.62
C TYR K 191 55.10 -57.41 -68.43
N ASP K 192 55.10 -56.12 -68.09
CA ASP K 192 56.34 -55.37 -67.82
C ASP K 192 57.41 -55.65 -68.88
N GLY K 193 57.07 -55.43 -70.15
CA GLY K 193 58.02 -55.58 -71.26
C GLY K 193 58.33 -57.01 -71.71
N GLN K 194 57.63 -57.98 -71.12
CA GLN K 194 57.77 -59.40 -71.48
C GLN K 194 56.43 -59.89 -72.04
N VAL K 195 56.50 -60.95 -72.84
CA VAL K 195 55.32 -61.52 -73.50
C VAL K 195 55.14 -63.00 -73.14
N TYR K 196 53.87 -63.41 -73.05
CA TYR K 196 53.51 -64.81 -72.83
C TYR K 196 52.30 -65.15 -73.72
N GLU K 197 52.49 -66.14 -74.61
CA GLU K 197 51.43 -66.61 -75.53
C GLU K 197 51.28 -68.12 -75.41
N ASP K 198 50.05 -68.57 -75.17
CA ASP K 198 49.77 -70.00 -74.97
C ASP K 198 48.26 -70.27 -75.03
N GLU K 199 47.89 -71.54 -75.15
CA GLU K 199 46.49 -71.97 -75.03
C GLU K 199 46.20 -72.22 -73.54
N ALA K 200 45.09 -71.65 -73.05
CA ALA K 200 44.78 -71.64 -71.61
C ALA K 200 43.34 -72.08 -71.28
N VAL K 201 43.16 -72.52 -70.04
CA VAL K 201 41.84 -72.85 -69.46
C VAL K 201 41.39 -71.80 -68.45
N LEU K 202 42.37 -71.13 -67.83
CA LEU K 202 42.14 -70.17 -66.76
C LEU K 202 43.25 -69.11 -66.73
N VAL K 203 42.86 -67.85 -66.70
CA VAL K 203 43.80 -66.74 -66.49
C VAL K 203 43.37 -65.88 -65.31
N MSE K 204 44.23 -65.79 -64.30
CA MSE K 204 43.96 -65.00 -63.11
C MSE K 204 44.98 -63.90 -62.96
O MSE K 204 46.16 -64.07 -63.27
CB MSE K 204 44.03 -65.87 -61.85
CG MSE K 204 43.04 -67.02 -61.83
SE MSE K 204 41.22 -66.44 -61.41
CE MSE K 204 41.61 -65.93 -59.56
N VAL K 205 44.52 -62.76 -62.45
CA VAL K 205 45.44 -61.75 -61.95
C VAL K 205 45.01 -61.48 -60.53
N GLY K 206 45.84 -61.86 -59.58
CA GLY K 206 45.47 -61.83 -58.16
C GLY K 206 46.11 -60.67 -57.42
N ASN K 207 45.31 -60.01 -56.59
CA ASN K 207 45.80 -58.98 -55.68
C ASN K 207 45.68 -59.41 -54.23
N GLY K 208 44.57 -60.03 -53.89
CA GLY K 208 44.32 -60.40 -52.51
C GLY K 208 44.95 -61.72 -52.17
N GLU K 209 44.98 -62.02 -50.88
CA GLU K 209 45.68 -63.18 -50.36
C GLU K 209 44.75 -64.35 -50.07
N TYR K 210 43.45 -64.10 -50.19
CA TYR K 210 42.41 -65.14 -50.05
C TYR K 210 41.49 -65.12 -51.27
N LEU K 211 41.14 -66.31 -51.75
CA LEU K 211 40.17 -66.42 -52.84
C LEU K 211 39.20 -67.53 -52.54
N GLY K 212 37.91 -67.22 -52.65
CA GLY K 212 36.86 -68.19 -52.32
C GLY K 212 36.82 -68.65 -50.88
N GLY K 213 37.24 -67.78 -49.95
CA GLY K 213 37.14 -68.09 -48.52
C GLY K 213 38.33 -68.83 -47.92
N ILE K 214 39.29 -69.17 -48.75
CA ILE K 214 40.50 -69.89 -48.30
C ILE K 214 41.73 -69.22 -48.90
N PRO K 215 42.93 -69.52 -48.36
CA PRO K 215 44.11 -68.87 -48.90
C PRO K 215 44.23 -69.00 -50.42
N SER K 216 44.75 -67.95 -51.04
CA SER K 216 44.85 -67.88 -52.49
C SER K 216 45.57 -69.10 -53.05
N PHE K 217 44.96 -69.72 -54.05
CA PHE K 217 45.62 -70.81 -54.77
C PHE K 217 46.77 -70.30 -55.66
N ILE K 218 46.82 -68.99 -55.88
CA ILE K 218 47.97 -68.37 -56.51
C ILE K 218 49.03 -68.22 -55.43
N PRO K 219 50.22 -68.76 -55.64
CA PRO K 219 51.21 -68.76 -54.58
C PRO K 219 51.82 -67.39 -54.26
N ASN K 220 52.03 -67.13 -52.98
CA ASN K 220 52.83 -66.00 -52.50
C ASN K 220 52.33 -64.67 -53.01
N VAL K 221 51.02 -64.54 -53.09
CA VAL K 221 50.40 -63.25 -53.44
C VAL K 221 50.41 -62.38 -52.20
N LYS K 222 50.75 -61.11 -52.39
CA LYS K 222 50.68 -60.12 -51.30
C LYS K 222 49.90 -58.92 -51.79
N CYS K 223 49.03 -58.39 -50.92
CA CYS K 223 48.16 -57.26 -51.28
C CYS K 223 48.83 -55.89 -51.11
N ASP K 224 50.06 -55.89 -50.63
CA ASP K 224 50.75 -54.64 -50.31
C ASP K 224 52.19 -54.62 -50.74
N ASP K 225 52.54 -55.41 -51.75
CA ASP K 225 53.94 -55.52 -52.23
C ASP K 225 54.21 -54.72 -53.50
N GLY K 226 53.21 -53.97 -53.96
CA GLY K 226 53.38 -53.13 -55.13
C GLY K 226 53.31 -53.85 -56.44
N THR K 227 52.90 -55.12 -56.41
CA THR K 227 52.86 -55.92 -57.62
C THR K 227 51.69 -56.94 -57.63
N LEU K 228 51.24 -57.29 -58.84
CA LEU K 228 50.14 -58.23 -59.04
C LEU K 228 50.67 -59.58 -59.49
N ASP K 229 49.88 -60.63 -59.27
CA ASP K 229 50.28 -61.97 -59.65
C ASP K 229 49.47 -62.51 -60.82
N ILE K 230 50.14 -62.76 -61.93
CA ILE K 230 49.53 -63.39 -63.10
C ILE K 230 49.64 -64.91 -62.93
N PHE K 231 48.57 -65.61 -63.28
CA PHE K 231 48.50 -67.04 -63.04
C PHE K 231 47.66 -67.67 -64.15
N VAL K 232 48.29 -68.47 -65.00
CA VAL K 232 47.61 -69.09 -66.14
C VAL K 232 47.72 -70.61 -66.06
N VAL K 233 46.59 -71.28 -66.28
CA VAL K 233 46.58 -72.73 -66.27
C VAL K 233 46.61 -73.18 -67.72
N LYS K 234 47.76 -73.70 -68.17
CA LYS K 234 47.97 -74.04 -69.59
C LYS K 234 47.01 -75.16 -70.04
N SER K 235 46.55 -75.09 -71.29
CA SER K 235 45.53 -76.01 -71.82
C SER K 235 45.76 -77.50 -71.47
N THR K 236 47.04 -77.87 -71.40
CA THR K 236 47.52 -79.22 -71.07
C THR K 236 47.49 -79.55 -69.56
N GLY K 237 47.29 -78.54 -68.73
CA GLY K 237 47.44 -78.70 -67.27
C GLY K 237 46.16 -78.84 -66.45
N ILE K 238 45.06 -79.20 -67.11
CA ILE K 238 43.76 -79.33 -66.44
C ILE K 238 43.82 -80.29 -65.24
N GLN K 239 44.36 -81.47 -65.46
CA GLN K 239 44.44 -82.51 -64.42
C GLN K 239 45.40 -82.10 -63.30
N ALA K 240 46.57 -81.57 -63.68
CA ALA K 240 47.57 -81.11 -62.72
C ALA K 240 47.00 -80.04 -61.77
N PHE K 241 46.18 -79.15 -62.31
CA PHE K 241 45.55 -78.06 -61.55
C PHE K 241 44.51 -78.60 -60.58
N LYS K 242 43.71 -79.57 -61.02
CA LYS K 242 42.72 -80.23 -60.15
C LYS K 242 43.39 -80.86 -58.92
N ASP K 243 44.51 -81.54 -59.15
CA ASP K 243 45.28 -82.17 -58.08
C ASP K 243 45.94 -81.13 -57.16
N TYR K 244 46.43 -80.07 -57.78
CA TYR K 244 47.06 -78.94 -57.08
C TYR K 244 46.12 -78.28 -56.05
N ILE K 245 44.86 -78.06 -56.44
CA ILE K 245 43.83 -77.51 -55.56
C ILE K 245 43.45 -78.48 -54.44
N GLY K 246 43.34 -79.77 -54.78
CA GLY K 246 43.05 -80.81 -53.79
C GLY K 246 44.06 -80.87 -52.65
N LYS K 247 45.36 -80.80 -53.00
CA LYS K 247 46.44 -80.83 -51.99
C LYS K 247 46.37 -79.63 -51.01
N LYS K 248 46.13 -78.43 -51.53
CA LYS K 248 46.14 -77.19 -50.71
C LYS K 248 47.56 -76.76 -50.34
N LEU K 249 48.56 -77.32 -51.01
CA LEU K 249 49.92 -76.84 -50.85
C LEU K 249 50.09 -75.82 -51.96
N PHE K 250 50.09 -74.54 -51.57
CA PHE K 250 50.03 -73.44 -52.52
C PHE K 250 51.38 -72.76 -52.73
N GLU K 251 52.38 -73.58 -53.10
CA GLU K 251 53.68 -73.14 -53.65
C GLU K 251 53.75 -73.59 -55.11
N ASP K 252 54.56 -72.91 -55.92
CA ASP K 252 54.60 -73.16 -57.37
C ASP K 252 54.87 -74.63 -57.72
N SER K 253 54.30 -75.10 -58.82
CA SER K 253 54.41 -76.50 -59.24
C SER K 253 53.78 -76.71 -60.61
N ASN K 254 53.71 -77.97 -61.05
CA ASN K 254 53.04 -78.37 -62.31
C ASN K 254 53.58 -77.63 -63.55
N GLU K 255 54.90 -77.44 -63.57
CA GLU K 255 55.56 -76.69 -64.63
C GLU K 255 55.86 -77.57 -65.82
N ILE K 258 51.46 -74.86 -64.47
CA ILE K 258 51.08 -73.50 -64.11
C ILE K 258 52.20 -72.51 -64.42
N PHE K 259 51.82 -71.44 -65.10
CA PHE K 259 52.67 -70.27 -65.31
C PHE K 259 52.29 -69.19 -64.30
N HIS K 260 53.29 -68.74 -63.53
CA HIS K 260 53.09 -67.77 -62.46
C HIS K 260 54.20 -66.73 -62.45
N VAL K 261 53.81 -65.47 -62.52
CA VAL K 261 54.77 -64.37 -62.49
C VAL K 261 54.14 -63.13 -61.83
N LYS K 262 55.01 -62.26 -61.28
CA LYS K 262 54.59 -60.99 -60.70
C LYS K 262 54.81 -59.85 -61.67
N ALA K 263 53.87 -58.91 -61.72
CA ALA K 263 53.96 -57.78 -62.64
C ALA K 263 53.15 -56.58 -62.18
N LYS K 264 53.58 -55.39 -62.60
CA LYS K 264 52.93 -54.14 -62.23
C LYS K 264 51.98 -53.64 -63.32
N SER K 265 52.37 -53.85 -64.58
CA SER K 265 51.62 -53.32 -65.72
C SER K 265 51.37 -54.46 -66.72
N ILE K 266 50.10 -54.81 -66.89
CA ILE K 266 49.69 -56.02 -67.57
C ILE K 266 48.63 -55.75 -68.63
N HIS K 267 48.80 -56.38 -69.80
CA HIS K 267 47.81 -56.33 -70.88
C HIS K 267 47.42 -57.73 -71.31
N ILE K 268 46.14 -58.03 -71.22
CA ILE K 268 45.63 -59.39 -71.51
C ILE K 268 44.70 -59.37 -72.71
N GLU K 269 45.04 -60.20 -73.69
CA GLU K 269 44.30 -60.29 -74.95
C GLU K 269 43.84 -61.72 -75.20
N THR K 270 42.60 -61.84 -75.67
CA THR K 270 42.06 -63.13 -76.12
C THR K 270 41.65 -63.04 -77.60
N GLU K 271 41.44 -64.19 -78.24
CA GLU K 271 41.06 -64.21 -79.66
C GLU K 271 39.73 -63.49 -79.89
N GLU K 272 38.72 -63.85 -79.11
CA GLU K 272 37.43 -63.14 -79.08
C GLU K 272 37.22 -62.49 -77.71
N GLU K 273 36.42 -61.43 -77.65
CA GLU K 273 36.07 -60.78 -76.37
C GLU K 273 35.53 -61.80 -75.38
N LYS K 274 36.18 -61.90 -74.22
CA LYS K 274 35.73 -62.79 -73.14
C LYS K 274 35.27 -61.98 -71.95
N GLU K 275 34.19 -62.42 -71.32
CA GLU K 275 33.71 -61.79 -70.09
C GLU K 275 34.69 -62.04 -68.96
N VAL K 276 35.02 -60.97 -68.22
CA VAL K 276 35.93 -61.07 -67.08
C VAL K 276 35.16 -61.16 -65.77
N ASP K 277 35.63 -61.99 -64.87
CA ASP K 277 35.09 -62.07 -63.52
C ASP K 277 36.03 -61.32 -62.55
N THR K 278 35.41 -60.65 -61.58
CA THR K 278 36.15 -59.87 -60.59
C THR K 278 35.42 -59.89 -59.24
N ASP K 279 35.74 -58.94 -58.37
CA ASP K 279 35.26 -59.00 -56.95
C ASP K 279 33.73 -59.05 -56.82
N GLY K 280 33.04 -58.36 -57.72
CA GLY K 280 31.59 -58.29 -57.71
C GLY K 280 31.03 -58.08 -59.11
N GLU K 281 29.75 -57.74 -59.20
CA GLU K 281 29.10 -57.59 -60.50
C GLU K 281 29.79 -56.50 -61.30
N SER K 282 30.08 -56.81 -62.55
CA SER K 282 30.83 -55.93 -63.43
C SER K 282 30.56 -56.26 -64.90
N SER K 283 30.82 -55.29 -65.76
CA SER K 283 30.62 -55.44 -67.21
C SER K 283 31.95 -55.48 -67.97
N LEU K 284 33.02 -55.78 -67.24
CA LEU K 284 34.36 -55.82 -67.79
C LEU K 284 34.55 -56.99 -68.77
N HIS K 285 35.31 -56.75 -69.83
CA HIS K 285 35.66 -57.81 -70.78
C HIS K 285 37.02 -57.55 -71.42
N THR K 286 37.64 -58.62 -71.93
CA THR K 286 38.91 -58.50 -72.64
C THR K 286 38.69 -57.79 -73.98
N PRO K 287 39.75 -57.18 -74.53
CA PRO K 287 41.09 -57.05 -73.96
C PRO K 287 41.17 -56.06 -72.79
N CYS K 288 42.19 -56.25 -71.95
CA CYS K 288 42.33 -55.50 -70.69
C CYS K 288 43.73 -54.97 -70.41
N GLN K 289 43.78 -53.69 -70.09
CA GLN K 289 44.96 -53.10 -69.49
C GLN K 289 44.73 -53.14 -68.00
N ILE K 290 45.59 -53.89 -67.30
CA ILE K 290 45.55 -53.97 -65.84
C ILE K 290 46.77 -53.25 -65.25
N GLU K 291 46.51 -52.45 -64.23
CA GLU K 291 47.50 -51.54 -63.66
C GLU K 291 47.39 -51.60 -62.15
N LEU K 292 48.49 -51.52 -61.43
CA LEU K 292 48.45 -51.54 -59.97
C LEU K 292 48.69 -50.15 -59.38
N LEU K 293 47.84 -49.77 -58.43
CA LEU K 293 48.00 -48.52 -57.66
C LEU K 293 48.52 -48.85 -56.25
N GLN K 294 49.80 -48.61 -56.04
CA GLN K 294 50.51 -49.04 -54.84
C GLN K 294 50.04 -48.23 -53.66
N GLY K 295 49.67 -48.94 -52.59
CA GLY K 295 49.20 -48.31 -51.35
C GLY K 295 48.09 -47.28 -51.53
N HIS K 296 47.19 -47.55 -52.48
CA HIS K 296 46.14 -46.60 -52.86
C HIS K 296 45.13 -46.41 -51.74
N PHE K 297 44.84 -47.49 -51.02
CA PHE K 297 44.01 -47.43 -49.82
C PHE K 297 44.87 -47.58 -48.59
N THR K 298 44.40 -47.00 -47.49
CA THR K 298 44.87 -47.41 -46.16
C THR K 298 43.72 -48.15 -45.51
N MSE K 299 44.00 -49.26 -44.83
CA MSE K 299 42.95 -50.11 -44.26
C MSE K 299 43.28 -50.69 -42.91
O MSE K 299 44.42 -50.93 -42.61
CB MSE K 299 42.61 -51.26 -45.19
CG MSE K 299 42.19 -50.80 -46.58
SE MSE K 299 41.37 -52.20 -47.67
CE MSE K 299 39.76 -52.45 -46.64
N ILE K 300 42.26 -50.90 -42.11
CA ILE K 300 42.40 -51.48 -40.80
C ILE K 300 42.71 -52.92 -40.95
N TYR K 301 43.73 -53.39 -40.24
CA TYR K 301 44.12 -54.80 -40.32
C TYR K 301 44.45 -55.36 -38.95
N ASN K 302 44.72 -56.66 -38.92
CA ASN K 302 45.04 -57.40 -37.68
C ASN K 302 46.47 -57.86 -37.71
N PRO K 303 47.38 -57.13 -37.03
CA PRO K 303 48.78 -57.48 -37.04
C PRO K 303 49.11 -58.75 -36.24
N ALA K 304 48.19 -59.22 -35.40
CA ALA K 304 48.37 -60.49 -34.69
C ALA K 304 48.30 -61.68 -35.66
N VAL K 305 47.66 -61.51 -36.81
CA VAL K 305 47.50 -62.57 -37.82
C VAL K 305 48.21 -62.27 -39.16
N VAL K 306 48.44 -60.97 -39.42
CA VAL K 306 48.71 -60.39 -40.76
C VAL K 306 48.10 -61.13 -41.95
N TYR L 1 32.17 0.06 86.00
CA TYR L 1 33.43 -0.40 85.29
C TYR L 1 33.82 -1.87 85.54
N PHE L 2 33.96 -2.60 84.43
CA PHE L 2 34.36 -4.02 84.46
C PHE L 2 35.18 -4.37 83.19
N GLN L 3 35.38 -5.67 82.92
CA GLN L 3 36.51 -6.13 82.09
C GLN L 3 36.57 -5.57 80.66
N ASN L 4 35.65 -5.93 79.76
CA ASN L 4 35.80 -5.47 78.34
C ASN L 4 34.97 -4.19 78.02
N SER L 5 34.83 -3.27 78.98
CA SER L 5 34.01 -2.05 78.76
C SER L 5 34.73 -0.95 77.94
N ALA L 6 35.15 -1.31 76.72
CA ALA L 6 35.55 -0.35 75.68
C ALA L 6 34.29 0.27 75.11
N LYS L 9 33.51 4.42 73.02
CA LYS L 9 33.42 5.31 71.86
C LYS L 9 33.60 6.82 72.21
N THR L 10 34.36 7.56 71.39
CA THR L 10 34.46 9.02 71.51
C THR L 10 33.04 9.62 71.50
N LYS L 11 32.87 10.75 72.17
CA LYS L 11 31.64 11.53 72.05
C LYS L 11 31.56 12.36 70.77
N PHE L 12 32.70 12.54 70.11
CA PHE L 12 32.82 13.49 69.02
C PHE L 12 33.34 12.88 67.72
N GLU L 13 32.40 12.48 66.86
CA GLU L 13 32.74 11.92 65.56
C GLU L 13 33.47 12.96 64.69
N LYS L 14 32.97 14.22 64.69
CA LYS L 14 33.54 15.30 63.86
C LYS L 14 33.81 16.50 64.70
N VAL L 15 35.01 17.07 64.53
CA VAL L 15 35.42 18.24 65.32
C VAL L 15 35.80 19.41 64.40
N LEU L 16 35.47 20.64 64.84
CA LEU L 16 35.87 21.88 64.19
C LEU L 16 36.75 22.65 65.16
N LEU L 17 37.92 23.10 64.71
CA LEU L 17 38.77 24.02 65.48
C LEU L 17 38.82 25.38 64.77
N ILE L 18 38.28 26.38 65.42
CA ILE L 18 38.30 27.73 64.91
C ILE L 18 39.49 28.42 65.52
N VAL L 19 40.42 28.86 64.66
CA VAL L 19 41.63 29.53 65.11
C VAL L 19 41.57 31.02 64.78
N ASN L 20 41.74 31.84 65.80
CA ASN L 20 42.02 33.24 65.59
C ASN L 20 43.54 33.42 65.46
N PRO L 21 44.03 33.70 64.24
CA PRO L 21 45.47 33.74 64.02
C PRO L 21 46.20 34.78 64.86
N LYS L 22 45.49 35.85 65.20
CA LYS L 22 46.03 36.91 66.06
C LYS L 22 46.06 36.53 67.54
N ALA L 23 45.38 35.46 67.90
CA ALA L 23 45.33 35.02 69.30
C ALA L 23 46.69 34.51 69.76
N GLY L 24 46.85 34.36 71.06
CA GLY L 24 48.10 33.83 71.62
C GLY L 24 49.10 34.98 71.56
N GLN L 25 50.40 34.83 71.39
CA GLN L 25 51.14 36.12 71.20
C GLN L 25 51.27 36.57 69.73
N GLY L 26 50.27 36.20 68.91
CA GLY L 26 50.37 36.31 67.45
C GLY L 26 51.27 35.27 66.76
N ASP L 27 52.03 34.50 67.55
CA ASP L 27 52.97 33.50 66.99
C ASP L 27 52.22 32.27 66.48
N LEU L 28 51.58 32.41 65.32
CA LEU L 28 50.67 31.40 64.80
C LEU L 28 51.30 30.00 64.76
N HIS L 29 52.45 29.89 64.10
CA HIS L 29 53.07 28.58 63.92
C HIS L 29 53.40 27.84 65.26
N THR L 30 53.97 28.57 66.20
CA THR L 30 54.30 28.03 67.53
C THR L 30 53.06 27.60 68.27
N ASN L 31 52.04 28.46 68.22
CA ASN L 31 50.76 28.15 68.84
C ASN L 31 50.13 26.88 68.26
N LEU L 32 50.20 26.74 66.95
CA LEU L 32 49.63 25.56 66.29
C LEU L 32 50.43 24.31 66.61
N THR L 33 51.73 24.46 66.79
CA THR L 33 52.56 23.33 67.20
C THR L 33 52.11 22.80 68.57
N LYS L 34 51.67 23.70 69.43
CA LYS L 34 51.25 23.32 70.76
C LYS L 34 49.84 22.73 70.79
N ILE L 35 48.93 23.28 69.99
CA ILE L 35 47.52 22.89 70.13
C ILE L 35 47.02 21.89 69.09
N VAL L 36 47.57 21.86 67.91
CA VAL L 36 46.98 21.00 66.87
C VAL L 36 47.30 19.49 66.97
N PRO L 37 48.57 19.13 67.11
CA PRO L 37 48.91 17.71 67.17
C PRO L 37 48.13 16.84 68.19
N PRO L 38 47.93 17.32 69.41
CA PRO L 38 47.14 16.47 70.35
C PRO L 38 45.70 16.28 69.86
N LEU L 39 45.14 17.32 69.29
CA LEU L 39 43.78 17.27 68.74
C LEU L 39 43.71 16.39 67.52
N ALA L 40 44.68 16.53 66.62
CA ALA L 40 44.72 15.69 65.42
C ALA L 40 44.96 14.21 65.77
N ALA L 41 45.74 13.95 66.80
CA ALA L 41 45.99 12.57 67.24
C ALA L 41 44.72 11.91 67.82
N ALA L 42 43.97 12.67 68.61
CA ALA L 42 42.80 12.19 69.28
C ALA L 42 41.57 12.07 68.38
N PHE L 43 41.40 13.01 67.45
CA PHE L 43 40.16 13.14 66.68
C PHE L 43 40.43 12.91 65.19
N PRO L 44 40.00 11.78 64.66
CA PRO L 44 40.34 11.40 63.30
C PRO L 44 39.56 12.14 62.20
N ASP L 45 38.64 13.02 62.56
CA ASP L 45 37.98 13.94 61.62
C ASP L 45 38.00 15.35 62.19
N LEU L 46 39.03 16.10 61.83
CA LEU L 46 39.31 17.41 62.39
C LEU L 46 39.42 18.49 61.28
N HIS L 47 38.63 19.53 61.42
CA HIS L 47 38.58 20.60 60.43
C HIS L 47 39.07 21.85 61.11
N ILE L 48 40.09 22.49 60.54
CA ILE L 48 40.69 23.71 61.14
C ILE L 48 40.45 24.91 60.23
N LEU L 49 39.75 25.90 60.76
CA LEU L 49 39.41 27.11 60.02
C LEU L 49 40.02 28.29 60.72
N HIS L 50 40.76 29.13 59.99
CA HIS L 50 41.23 30.41 60.55
C HIS L 50 40.21 31.48 60.31
N THR L 51 40.04 32.33 61.30
CA THR L 51 39.29 33.56 61.13
C THR L 51 40.15 34.56 60.35
N LYS L 52 39.50 35.46 59.62
CA LYS L 52 40.18 36.58 58.97
C LYS L 52 39.68 37.92 59.52
N GLU L 53 38.37 38.04 59.72
CA GLU L 53 37.74 39.29 60.18
C GLU L 53 36.84 39.08 61.39
N GLN L 54 36.52 40.18 62.07
CA GLN L 54 35.48 40.20 63.09
C GLN L 54 34.20 39.60 62.46
N GLY L 55 33.57 38.71 63.20
CA GLY L 55 32.35 38.07 62.73
C GLY L 55 32.52 36.68 62.14
N ASP L 56 33.75 36.31 61.80
CA ASP L 56 34.00 35.03 61.14
C ASP L 56 33.69 33.82 62.05
N ALA L 57 34.13 33.87 63.28
CA ALA L 57 33.83 32.82 64.24
C ALA L 57 32.33 32.61 64.39
N THR L 58 31.60 33.70 64.50
CA THR L 58 30.14 33.61 64.52
C THR L 58 29.67 32.88 63.27
N LYS L 59 30.13 33.27 62.09
CA LYS L 59 29.69 32.63 60.82
C LYS L 59 30.02 31.15 60.74
N TYR L 60 31.25 30.83 61.14
CA TYR L 60 31.71 29.45 61.13
C TYR L 60 30.85 28.59 62.07
N CYS L 61 30.58 29.09 63.27
CA CYS L 61 29.72 28.36 64.22
C CYS L 61 28.36 28.11 63.62
N GLN L 62 27.81 29.10 62.95
CA GLN L 62 26.48 28.96 62.39
C GLN L 62 26.47 28.02 61.22
N GLU L 63 27.52 28.02 60.42
CA GLU L 63 27.55 27.11 59.28
C GLU L 63 27.79 25.65 59.71
N PHE L 64 28.60 25.45 60.74
CA PHE L 64 29.04 24.10 61.12
C PHE L 64 28.27 23.47 62.27
N ALA L 65 27.45 24.26 62.94
CA ALA L 65 26.65 23.76 64.06
C ALA L 65 25.96 22.43 63.74
N SER L 66 25.41 22.28 62.55
CA SER L 66 24.67 21.09 62.20
C SER L 66 25.54 20.02 61.53
N LYS L 67 26.83 20.25 61.41
CA LYS L 67 27.70 19.33 60.67
C LYS L 67 28.76 18.71 61.54
N VAL L 68 28.84 19.15 62.79
CA VAL L 68 29.97 18.85 63.63
C VAL L 68 29.48 18.57 65.06
N ASP L 69 30.26 17.84 65.83
CA ASP L 69 29.86 17.43 67.19
C ASP L 69 30.55 18.22 68.27
N LEU L 70 31.70 18.78 67.95
CA LEU L 70 32.47 19.59 68.88
C LEU L 70 33.06 20.77 68.11
N ILE L 71 32.96 21.95 68.71
CA ILE L 71 33.58 23.13 68.17
C ILE L 71 34.53 23.66 69.22
N ILE L 72 35.82 23.73 68.86
CA ILE L 72 36.87 24.25 69.71
C ILE L 72 37.24 25.64 69.22
N VAL L 73 37.23 26.63 70.11
CA VAL L 73 37.66 27.97 69.73
C VAL L 73 38.98 28.32 70.40
N PHE L 74 39.99 28.65 69.59
CA PHE L 74 41.25 29.18 70.08
C PHE L 74 41.26 30.70 69.92
N GLY L 75 41.06 31.40 71.03
CA GLY L 75 41.00 32.85 71.03
C GLY L 75 40.69 33.41 72.40
N GLY L 76 40.65 34.72 72.51
CA GLY L 76 40.35 35.39 73.75
C GLY L 76 38.87 35.57 73.97
N ASP L 77 38.53 36.39 74.96
CA ASP L 77 37.14 36.63 75.35
C ASP L 77 36.25 37.01 74.15
N GLY L 78 36.79 37.85 73.26
CA GLY L 78 36.06 38.31 72.07
C GLY L 78 35.72 37.19 71.10
N THR L 79 36.65 36.28 70.86
CA THR L 79 36.37 35.18 69.98
C THR L 79 35.39 34.22 70.63
N VAL L 80 35.52 34.01 71.93
CA VAL L 80 34.62 33.10 72.64
C VAL L 80 33.20 33.68 72.57
N PHE L 81 33.10 35.00 72.67
CA PHE L 81 31.80 35.69 72.63
C PHE L 81 31.14 35.56 71.27
N GLU L 82 31.98 35.57 70.23
CA GLU L 82 31.50 35.38 68.87
C GLU L 82 30.88 34.01 68.74
N CYS L 83 31.56 33.01 69.32
CA CYS L 83 31.03 31.65 69.32
C CYS L 83 29.73 31.53 70.11
N THR L 84 29.67 32.19 71.25
CA THR L 84 28.48 32.23 72.09
C THR L 84 27.28 32.75 71.32
N ASN L 85 27.47 33.91 70.67
CA ASN L 85 26.44 34.51 69.85
C ASN L 85 26.10 33.72 68.60
N GLY L 86 27.07 32.95 68.10
CA GLY L 86 26.84 32.09 66.96
C GLY L 86 25.96 30.90 67.27
N LEU L 87 26.28 30.19 68.36
CA LEU L 87 25.59 28.95 68.70
C LEU L 87 24.30 29.16 69.48
N ALA L 88 24.31 30.08 70.44
CA ALA L 88 23.18 30.26 71.37
C ALA L 88 21.80 30.30 70.72
N PRO L 89 21.64 31.06 69.63
CA PRO L 89 20.30 31.16 69.03
C PRO L 89 19.85 29.94 68.26
N LEU L 90 20.74 29.00 68.02
CA LEU L 90 20.43 27.86 67.15
C LEU L 90 19.66 26.77 67.88
N GLU L 91 18.90 26.00 67.10
CA GLU L 91 18.21 24.82 67.63
C GLU L 91 19.17 23.68 67.92
N ILE L 92 20.20 23.50 67.09
CA ILE L 92 21.19 22.46 67.29
C ILE L 92 22.52 23.07 67.63
N ARG L 93 23.06 22.70 68.79
CA ARG L 93 24.24 23.35 69.33
C ARG L 93 25.25 22.34 69.79
N PRO L 94 26.27 22.08 68.99
CA PRO L 94 27.26 21.11 69.47
C PRO L 94 28.00 21.56 70.72
N THR L 95 28.78 20.65 71.27
CA THR L 95 29.58 20.94 72.44
C THR L 95 30.66 21.95 72.06
N LEU L 96 30.91 22.89 72.97
CA LEU L 96 31.90 23.95 72.77
C LEU L 96 33.08 23.82 73.75
N ALA L 97 34.30 24.07 73.26
CA ALA L 97 35.50 24.03 74.09
C ALA L 97 36.36 25.25 73.80
N ILE L 98 37.10 25.69 74.81
CA ILE L 98 37.91 26.88 74.68
C ILE L 98 39.37 26.55 74.90
N ILE L 99 40.22 26.98 73.98
CA ILE L 99 41.66 27.06 74.21
C ILE L 99 41.94 28.53 74.42
N PRO L 100 42.44 28.90 75.59
CA PRO L 100 42.53 30.33 75.93
C PRO L 100 43.63 31.05 75.20
N GLY L 101 43.26 31.96 74.33
CA GLY L 101 44.23 32.64 73.47
C GLY L 101 44.28 34.14 73.64
N GLY L 102 43.61 34.64 74.66
CA GLY L 102 43.72 36.05 75.03
C GLY L 102 44.55 36.18 76.30
N THR L 103 44.41 37.29 76.99
CA THR L 103 45.09 37.51 78.26
C THR L 103 44.16 37.28 79.44
N CYS L 104 42.87 37.47 79.21
CA CYS L 104 41.87 37.36 80.26
C CYS L 104 41.25 35.95 80.34
N ASN L 105 40.56 35.54 79.27
CA ASN L 105 40.01 34.18 79.14
C ASN L 105 39.10 33.76 80.30
N ASP L 106 38.18 34.65 80.65
CA ASP L 106 37.38 34.43 81.83
C ASP L 106 36.63 33.10 81.84
N PHE L 107 35.91 32.78 80.77
CA PHE L 107 35.07 31.60 80.83
C PHE L 107 35.88 30.31 80.80
N SER L 108 37.06 30.36 80.18
CA SER L 108 37.94 29.19 80.19
C SER L 108 38.32 28.87 81.64
N ARG L 109 38.56 29.89 82.42
CA ARG L 109 38.88 29.71 83.82
C ARG L 109 37.69 29.17 84.62
N THR L 110 36.48 29.61 84.30
CA THR L 110 35.28 29.06 84.90
C THR L 110 35.21 27.54 84.72
N LEU L 111 35.62 27.08 83.55
CA LEU L 111 35.59 25.66 83.21
C LEU L 111 36.84 24.92 83.69
N GLY L 112 37.72 25.64 84.37
CA GLY L 112 38.94 25.03 84.90
C GLY L 112 39.98 24.68 83.86
N VAL L 113 39.88 25.31 82.69
CA VAL L 113 40.81 25.07 81.61
C VAL L 113 42.18 25.68 81.95
N PRO L 114 43.25 24.89 81.82
CA PRO L 114 44.57 25.43 82.05
C PRO L 114 44.90 26.54 81.07
N GLN L 115 45.59 27.57 81.54
CA GLN L 115 45.99 28.67 80.65
C GLN L 115 47.14 28.29 79.72
N ASN L 116 47.89 27.25 80.07
CA ASN L 116 48.84 26.64 79.16
C ASN L 116 48.09 26.01 77.98
N ILE L 117 48.30 26.55 76.78
CA ILE L 117 47.45 26.17 75.63
C ILE L 117 47.62 24.71 75.24
N ALA L 118 48.82 24.18 75.37
CA ALA L 118 49.05 22.75 75.09
C ALA L 118 48.20 21.88 76.01
N GLU L 119 48.19 22.26 77.28
CA GLU L 119 47.42 21.53 78.27
C GLU L 119 45.93 21.68 78.03
N ALA L 120 45.50 22.86 77.57
CA ALA L 120 44.10 23.10 77.27
C ALA L 120 43.66 22.17 76.12
N ALA L 121 44.51 22.04 75.13
CA ALA L 121 44.25 21.13 74.02
C ALA L 121 44.16 19.70 74.54
N LYS L 122 45.13 19.29 75.34
CA LYS L 122 45.11 17.93 75.89
C LYS L 122 43.82 17.66 76.66
N LEU L 123 43.38 18.63 77.44
CA LEU L 123 42.17 18.48 78.21
C LEU L 123 40.99 18.05 77.34
N ILE L 124 40.87 18.68 76.18
CA ILE L 124 39.76 18.45 75.30
C ILE L 124 39.72 16.97 74.91
N THR L 125 40.88 16.36 74.74
CA THR L 125 40.96 14.97 74.32
C THR L 125 40.47 13.99 75.43
N LYS L 126 40.29 14.49 76.65
CA LYS L 126 39.71 13.70 77.73
C LYS L 126 38.18 13.68 77.69
N GLU L 127 37.59 14.63 76.99
CA GLU L 127 36.15 14.61 76.68
C GLU L 127 35.21 14.70 77.91
N HIS L 128 35.66 15.38 78.96
CA HIS L 128 34.79 15.66 80.08
C HIS L 128 33.91 16.85 79.73
N VAL L 129 32.61 16.62 79.74
CA VAL L 129 31.61 17.57 79.28
C VAL L 129 30.57 17.82 80.38
N LYS L 130 30.17 19.07 80.53
CA LYS L 130 29.05 19.41 81.43
C LYS L 130 28.12 20.46 80.84
N PRO L 131 26.85 20.50 81.29
CA PRO L 131 25.94 21.55 80.88
C PRO L 131 26.36 22.88 81.46
N VAL L 132 26.15 23.94 80.70
CA VAL L 132 26.48 25.27 81.12
C VAL L 132 25.30 26.17 80.83
N ASP L 133 24.99 27.06 81.76
CA ASP L 133 23.92 28.02 81.56
C ASP L 133 24.41 29.15 80.66
N VAL L 134 23.51 29.60 79.78
CA VAL L 134 23.76 30.78 78.95
C VAL L 134 22.68 31.79 79.23
N ALA L 135 23.09 33.02 79.49
CA ALA L 135 22.15 34.11 79.77
C ALA L 135 21.81 34.83 78.46
N LYS L 136 20.66 35.47 78.41
CA LYS L 136 20.11 36.13 77.22
C LYS L 136 19.59 37.50 77.68
N ALA L 137 20.14 38.57 77.14
CA ALA L 137 19.70 39.94 77.44
C ALA L 137 19.21 40.58 76.16
N ASN L 138 17.92 40.90 76.11
CA ASN L 138 17.27 41.43 74.88
C ASN L 138 17.74 40.75 73.59
N GLY L 139 17.84 39.43 73.61
CA GLY L 139 18.30 38.70 72.41
C GLY L 139 19.82 38.58 72.24
N GLN L 140 20.58 39.35 73.00
CA GLN L 140 22.02 39.15 73.08
C GLN L 140 22.31 38.06 74.10
N HIS L 141 23.10 37.07 73.74
CA HIS L 141 23.48 36.04 74.69
C HIS L 141 24.81 36.40 75.34
N PHE L 142 25.01 35.96 76.58
CA PHE L 142 26.31 36.05 77.23
C PHE L 142 26.61 34.88 78.17
N LEU L 143 27.89 34.64 78.38
CA LEU L 143 28.38 33.59 79.29
C LEU L 143 28.94 34.13 80.60
N ASN L 144 29.60 35.30 80.56
CA ASN L 144 30.27 35.83 81.76
C ASN L 144 29.41 36.80 82.56
N PHE L 145 29.10 37.95 81.98
CA PHE L 145 28.42 38.99 82.69
C PHE L 145 27.74 40.02 81.82
N TRP L 146 26.89 40.79 82.48
CA TRP L 146 26.20 41.94 81.94
C TRP L 146 26.40 43.01 82.99
N GLY L 147 26.67 44.23 82.57
CA GLY L 147 26.95 45.29 83.54
C GLY L 147 26.85 46.72 83.05
N ILE L 148 26.40 47.60 83.94
CA ILE L 148 26.45 49.04 83.72
C ILE L 148 27.32 49.67 84.79
N GLY L 149 27.98 50.77 84.41
CA GLY L 149 28.82 51.53 85.32
C GLY L 149 30.28 51.11 85.32
N LEU L 150 30.65 50.25 84.37
CA LEU L 150 32.05 49.83 84.24
C LEU L 150 32.88 50.83 83.44
N VAL L 151 32.25 51.53 82.50
CA VAL L 151 32.92 52.49 81.63
C VAL L 151 32.62 53.90 82.12
N SER L 152 33.61 54.52 82.75
CA SER L 152 33.49 55.91 83.23
C SER L 152 33.59 56.93 82.07
N GLU L 153 32.90 58.06 82.23
CA GLU L 153 32.99 59.21 81.30
C GLU L 153 34.37 59.89 81.35
N VAL L 154 35.06 59.78 82.49
CA VAL L 154 36.45 60.29 82.63
C VAL L 154 37.45 59.50 81.74
N SER L 155 37.14 58.23 81.49
CA SER L 155 38.03 57.32 80.73
C SER L 155 37.93 57.44 79.19
N ASN L 156 37.10 58.37 78.71
CA ASN L 156 36.78 58.46 77.28
C ASN L 156 38.01 58.29 76.36
N ASN L 157 39.02 59.16 76.48
CA ASN L 157 40.18 59.11 75.58
C ASN L 157 41.54 58.84 76.27
N ILE L 158 41.64 57.67 76.91
CA ILE L 158 42.85 57.29 77.65
C ILE L 158 43.07 55.77 77.69
N ASP L 159 44.32 55.37 77.93
CA ASP L 159 44.69 53.98 78.23
C ASP L 159 44.14 52.95 77.23
N ALA L 160 44.27 53.25 75.94
CA ALA L 160 43.79 52.36 74.88
C ALA L 160 44.43 50.97 75.00
N GLU L 161 45.73 50.98 75.33
CA GLU L 161 46.58 49.78 75.45
C GLU L 161 46.16 48.87 76.61
N GLU L 162 45.86 49.47 77.75
CA GLU L 162 45.47 48.77 78.96
C GLU L 162 44.00 48.36 78.96
N LYS L 163 43.13 49.17 78.34
CA LYS L 163 41.73 48.78 78.07
C LYS L 163 41.67 47.52 77.21
N ALA L 164 42.47 47.51 76.14
CA ALA L 164 42.65 46.32 75.32
C ALA L 164 43.30 45.18 76.11
N LYS L 165 44.41 45.48 76.80
CA LYS L 165 45.24 44.47 77.50
C LYS L 165 44.49 43.66 78.55
N LEU L 166 43.69 44.32 79.38
CA LEU L 166 43.06 43.61 80.50
C LEU L 166 41.59 43.26 80.33
N GLY L 167 40.89 43.94 79.42
CA GLY L 167 39.45 43.76 79.25
C GLY L 167 38.68 44.77 80.08
N LYS L 168 37.39 44.90 79.78
CA LYS L 168 36.53 45.89 80.44
C LYS L 168 36.50 45.77 81.97
N ILE L 169 36.23 44.57 82.47
CA ILE L 169 36.18 44.31 83.92
C ILE L 169 37.57 44.39 84.54
N GLY L 170 38.54 43.78 83.88
CA GLY L 170 39.93 43.80 84.36
C GLY L 170 40.47 45.21 84.56
N TYR L 171 40.19 46.08 83.59
CA TYR L 171 40.62 47.48 83.64
C TYR L 171 39.91 48.23 84.77
N TYR L 172 38.61 47.98 84.89
CA TYR L 172 37.80 48.59 85.94
C TYR L 172 38.33 48.23 87.32
N LEU L 173 38.64 46.96 87.53
CA LEU L 173 39.18 46.47 88.81
C LEU L 173 40.57 47.02 89.12
N SER L 174 41.40 47.15 88.09
CA SER L 174 42.76 47.69 88.27
C SER L 174 42.77 49.18 88.65
N THR L 175 41.75 49.92 88.22
CA THR L 175 41.67 51.38 88.44
C THR L 175 40.58 51.81 89.43
N ILE L 176 39.94 50.85 90.09
CA ILE L 176 38.82 51.17 90.99
C ILE L 176 39.24 51.89 92.29
N ARG L 177 40.34 51.47 92.89
CA ARG L 177 40.87 52.08 94.12
C ARG L 177 41.20 53.58 93.95
N THR L 178 41.65 53.95 92.75
CA THR L 178 41.97 55.35 92.40
C THR L 178 40.74 56.09 91.89
N VAL L 179 39.63 55.37 91.72
CA VAL L 179 38.40 55.95 91.17
C VAL L 179 37.95 57.13 92.03
N LYS L 180 37.62 58.25 91.38
CA LYS L 180 37.16 59.43 92.11
C LYS L 180 35.86 59.95 91.50
N ASN L 181 34.93 60.39 92.37
CA ASN L 181 33.66 60.97 91.94
C ASN L 181 32.93 60.13 90.86
N ALA L 182 32.79 58.83 91.12
CA ALA L 182 32.05 57.95 90.22
C ALA L 182 30.63 58.48 90.07
N GLU L 183 30.04 58.30 88.87
CA GLU L 183 28.69 58.80 88.56
C GLU L 183 27.66 57.85 89.14
N THR L 184 26.52 58.38 89.56
CA THR L 184 25.50 57.57 90.17
C THR L 184 24.33 57.58 89.22
N PHE L 185 23.50 56.55 89.29
CA PHE L 185 22.34 56.49 88.42
C PHE L 185 21.24 55.66 89.05
N PRO L 186 19.97 56.01 88.78
CA PRO L 186 18.87 55.22 89.35
C PRO L 186 18.63 53.96 88.53
N VAL L 187 18.25 52.90 89.22
CA VAL L 187 18.01 51.62 88.59
C VAL L 187 16.78 50.94 89.19
N LYS L 188 15.97 50.35 88.31
CA LYS L 188 14.83 49.55 88.69
C LYS L 188 15.03 48.12 88.18
N ILE L 189 15.16 47.17 89.11
CA ILE L 189 15.40 45.77 88.79
C ILE L 189 14.22 44.89 89.18
N THR L 190 13.57 44.29 88.19
CA THR L 190 12.48 43.34 88.45
C THR L 190 13.02 41.93 88.34
N TYR L 191 13.01 41.20 89.45
CA TYR L 191 13.59 39.86 89.49
C TYR L 191 12.62 38.82 90.09
N ASP L 192 12.19 37.90 89.23
CA ASP L 192 11.29 36.81 89.63
C ASP L 192 10.14 37.29 90.53
N GLY L 193 9.35 38.23 90.04
CA GLY L 193 8.20 38.72 90.83
C GLY L 193 8.57 39.48 92.11
N GLN L 194 9.75 40.07 92.12
CA GLN L 194 10.13 41.06 93.11
C GLN L 194 10.77 42.28 92.45
N VAL L 195 10.74 43.41 93.15
CA VAL L 195 11.26 44.67 92.63
C VAL L 195 12.34 45.27 93.55
N TYR L 196 13.31 45.93 92.92
CA TYR L 196 14.36 46.65 93.64
C TYR L 196 14.65 47.97 92.93
N GLU L 197 14.52 49.07 93.67
CA GLU L 197 14.75 50.41 93.14
C GLU L 197 15.66 51.14 94.09
N ASP L 198 16.68 51.76 93.53
CA ASP L 198 17.68 52.49 94.30
C ASP L 198 18.63 53.27 93.39
N GLU L 199 19.40 54.17 93.99
CA GLU L 199 20.50 54.86 93.32
C GLU L 199 21.76 54.00 93.38
N ALA L 200 22.40 53.79 92.23
CA ALA L 200 23.53 52.84 92.12
C ALA L 200 24.77 53.40 91.43
N VAL L 201 25.91 52.77 91.72
CA VAL L 201 27.19 53.07 91.05
C VAL L 201 27.59 51.94 90.07
N LEU L 202 27.09 50.75 90.34
CA LEU L 202 27.44 49.58 89.56
C LEU L 202 26.32 48.55 89.66
N VAL L 203 25.87 48.06 88.53
CA VAL L 203 24.91 46.98 88.49
C VAL L 203 25.45 45.84 87.64
N MSE L 204 25.63 44.68 88.25
CA MSE L 204 26.14 43.51 87.55
C MSE L 204 25.10 42.41 87.56
O MSE L 204 24.34 42.26 88.54
CB MSE L 204 27.41 42.98 88.20
CG MSE L 204 28.55 43.96 88.27
SE MSE L 204 29.51 44.15 86.62
CE MSE L 204 30.22 42.36 86.45
N VAL L 205 25.05 41.65 86.47
CA VAL L 205 24.39 40.36 86.47
C VAL L 205 25.41 39.36 86.02
N GLY L 206 25.82 38.46 86.91
CA GLY L 206 26.92 37.55 86.65
C GLY L 206 26.43 36.14 86.37
N ASN L 207 27.06 35.51 85.37
CA ASN L 207 26.85 34.11 85.09
C ASN L 207 28.12 33.29 85.36
N GLY L 208 29.26 33.81 84.95
CA GLY L 208 30.52 33.09 85.04
C GLY L 208 31.18 33.27 86.38
N GLU L 209 32.16 32.43 86.65
CA GLU L 209 32.76 32.31 87.97
C GLU L 209 34.07 33.09 88.07
N TYR L 210 34.53 33.62 86.95
CA TYR L 210 35.69 34.49 86.89
C TYR L 210 35.34 35.77 86.17
N LEU L 211 35.84 36.88 86.67
CA LEU L 211 35.69 38.17 85.99
C LEU L 211 37.01 38.91 86.03
N GLY L 212 37.45 39.40 84.87
CA GLY L 212 38.72 40.11 84.75
C GLY L 212 39.94 39.27 85.07
N GLY L 213 39.86 37.97 84.83
CA GLY L 213 41.01 37.08 85.00
C GLY L 213 41.19 36.50 86.39
N ILE L 214 40.31 36.88 87.31
CA ILE L 214 40.39 36.42 88.69
C ILE L 214 39.00 35.99 89.16
N PRO L 215 38.91 35.22 90.24
CA PRO L 215 37.59 34.79 90.66
C PRO L 215 36.61 35.93 90.82
N SER L 216 35.36 35.64 90.46
CA SER L 216 34.31 36.65 90.45
C SER L 216 34.22 37.39 91.78
N PHE L 217 34.21 38.71 91.72
CA PHE L 217 33.95 39.51 92.91
C PHE L 217 32.50 39.43 93.37
N ILE L 218 31.61 38.92 92.54
CA ILE L 218 30.27 38.58 92.97
C ILE L 218 30.37 37.22 93.68
N PRO L 219 29.90 37.15 94.93
CA PRO L 219 30.10 35.92 95.69
C PRO L 219 29.26 34.73 95.23
N ASN L 220 29.88 33.56 95.24
CA ASN L 220 29.17 32.27 95.10
C ASN L 220 28.36 32.21 93.82
N VAL L 221 28.92 32.75 92.75
CA VAL L 221 28.32 32.65 91.44
C VAL L 221 28.66 31.27 90.87
N LYS L 222 27.67 30.64 90.26
CA LYS L 222 27.87 29.36 89.60
C LYS L 222 27.28 29.42 88.17
N CYS L 223 28.04 28.91 87.21
CA CYS L 223 27.66 28.95 85.82
C CYS L 223 26.69 27.86 85.40
N ASP L 224 26.42 26.92 86.31
CA ASP L 224 25.57 25.77 85.98
C ASP L 224 24.50 25.46 87.04
N ASP L 225 24.08 26.46 87.80
CA ASP L 225 23.11 26.29 88.89
C ASP L 225 21.66 26.69 88.52
N GLY L 226 21.47 27.07 87.26
CA GLY L 226 20.15 27.45 86.77
C GLY L 226 19.71 28.86 87.18
N THR L 227 20.64 29.64 87.73
CA THR L 227 20.30 30.98 88.20
C THR L 227 21.45 31.99 88.04
N LEU L 228 21.08 33.26 87.88
CA LEU L 228 22.01 34.37 87.69
C LEU L 228 22.15 35.19 88.97
N ASP L 229 23.27 35.87 89.10
CA ASP L 229 23.55 36.68 90.28
C ASP L 229 23.50 38.18 90.02
N ILE L 230 22.53 38.86 90.64
CA ILE L 230 22.40 40.30 90.59
C ILE L 230 23.27 40.88 91.67
N PHE L 231 23.97 41.96 91.35
CA PHE L 231 24.94 42.53 92.26
C PHE L 231 24.99 44.03 92.02
N VAL L 232 24.52 44.80 93.01
CA VAL L 232 24.43 46.26 92.89
C VAL L 232 25.25 46.92 93.98
N VAL L 233 26.09 47.87 93.59
CA VAL L 233 26.84 48.68 94.55
C VAL L 233 26.14 50.03 94.63
N LYS L 234 25.48 50.27 95.77
CA LYS L 234 24.70 51.50 95.99
C LYS L 234 25.64 52.70 96.01
N SER L 235 25.13 53.89 95.68
CA SER L 235 25.96 55.12 95.64
C SER L 235 26.59 55.54 97.00
N THR L 236 26.04 55.03 98.11
CA THR L 236 26.64 55.22 99.44
C THR L 236 27.83 54.26 99.69
N GLY L 237 27.95 53.23 98.87
CA GLY L 237 28.93 52.14 99.12
C GLY L 237 30.22 52.18 98.33
N ILE L 238 30.57 53.35 97.77
CA ILE L 238 31.76 53.47 96.92
C ILE L 238 33.02 53.03 97.66
N GLN L 239 33.22 53.55 98.87
CA GLN L 239 34.41 53.25 99.67
C GLN L 239 34.42 51.78 100.10
N ALA L 240 33.28 51.30 100.59
CA ALA L 240 33.15 49.90 101.01
C ALA L 240 33.53 48.93 99.89
N PHE L 241 33.14 49.27 98.66
CA PHE L 241 33.41 48.47 97.48
C PHE L 241 34.90 48.47 97.11
N LYS L 242 35.54 49.63 97.21
CA LYS L 242 36.98 49.74 96.99
C LYS L 242 37.78 48.82 97.92
N ASP L 243 37.40 48.83 99.20
CA ASP L 243 38.05 47.99 100.22
C ASP L 243 37.76 46.50 99.98
N TYR L 244 36.53 46.21 99.59
CA TYR L 244 36.08 44.84 99.30
C TYR L 244 36.92 44.19 98.19
N ILE L 245 37.19 44.94 97.12
CA ILE L 245 38.06 44.48 96.03
C ILE L 245 39.52 44.30 96.45
N GLY L 246 40.02 45.24 97.25
CA GLY L 246 41.38 45.16 97.78
C GLY L 246 41.62 43.91 98.62
N LYS L 247 40.70 43.61 99.53
CA LYS L 247 40.86 42.45 100.42
C LYS L 247 40.80 41.13 99.67
N LYS L 248 40.28 41.12 98.45
CA LYS L 248 40.18 39.89 97.63
C LYS L 248 39.26 38.82 98.26
N LEU L 249 38.74 39.08 99.45
CA LEU L 249 37.84 38.14 100.06
C LEU L 249 36.47 38.43 99.44
N PHE L 250 35.99 37.49 98.63
CA PHE L 250 34.75 37.69 97.90
C PHE L 250 33.59 36.88 98.49
N GLU L 251 33.08 37.38 99.61
CA GLU L 251 31.95 36.80 100.33
C GLU L 251 31.00 37.89 100.81
N ASP L 252 29.73 37.53 101.00
CA ASP L 252 28.72 38.47 101.55
C ASP L 252 29.07 38.86 102.98
N GLU L 255 27.54 44.19 107.36
CA GLU L 255 27.89 43.90 105.97
C GLU L 255 28.29 45.18 105.23
N ASN L 256 28.96 45.01 104.08
CA ASN L 256 29.10 46.07 103.10
C ASN L 256 27.70 46.36 102.57
N ASP L 257 27.41 47.63 102.22
CA ASP L 257 26.11 47.97 101.64
C ASP L 257 26.11 47.67 100.13
N ILE L 258 25.96 46.38 99.85
CA ILE L 258 25.90 45.84 98.50
C ILE L 258 24.68 44.93 98.44
N PHE L 259 23.89 45.10 97.39
CA PHE L 259 22.70 44.27 97.20
C PHE L 259 23.01 43.11 96.26
N HIS L 260 22.76 41.89 96.74
CA HIS L 260 23.09 40.68 96.01
C HIS L 260 21.96 39.68 96.12
N VAL L 261 21.47 39.21 94.97
CA VAL L 261 20.42 38.20 94.94
C VAL L 261 20.54 37.34 93.69
N LYS L 262 19.99 36.13 93.76
CA LYS L 262 19.94 35.22 92.63
C LYS L 262 18.56 35.24 91.98
N ALA L 263 18.52 35.16 90.66
CA ALA L 263 17.27 35.22 89.91
C ALA L 263 17.40 34.61 88.52
N LYS L 264 16.26 34.11 88.02
CA LYS L 264 16.18 33.48 86.70
C LYS L 264 15.71 34.45 85.60
N SER L 265 14.77 35.32 85.96
CA SER L 265 14.13 36.20 84.99
C SER L 265 14.19 37.62 85.53
N ILE L 266 14.91 38.48 84.82
CA ILE L 266 15.29 39.80 85.32
C ILE L 266 14.99 40.88 84.29
N HIS L 267 14.45 42.00 84.77
CA HIS L 267 14.24 43.20 83.93
C HIS L 267 14.92 44.40 84.59
N ILE L 268 15.81 45.06 83.83
CA ILE L 268 16.57 46.19 84.36
C ILE L 268 16.28 47.47 83.59
N GLU L 269 15.87 48.48 84.35
CA GLU L 269 15.45 49.77 83.82
C GLU L 269 16.27 50.89 84.42
N THR L 270 16.67 51.83 83.58
CA THR L 270 17.32 53.07 84.01
C THR L 270 16.49 54.29 83.57
N GLU L 271 16.78 55.45 84.17
CA GLU L 271 16.05 56.69 83.84
C GLU L 271 16.21 57.01 82.35
N GLU L 272 17.46 57.06 81.89
CA GLU L 272 17.77 57.20 80.47
C GLU L 272 18.46 55.90 79.97
N GLU L 273 18.37 55.66 78.66
CA GLU L 273 19.08 54.55 78.02
C GLU L 273 20.56 54.58 78.37
N LYS L 274 21.03 53.49 78.97
CA LYS L 274 22.45 53.33 79.32
C LYS L 274 23.08 52.20 78.49
N GLU L 275 24.31 52.44 78.03
CA GLU L 275 25.06 51.43 77.29
C GLU L 275 25.47 50.31 78.24
N VAL L 276 25.21 49.06 77.84
CA VAL L 276 25.54 47.89 78.65
C VAL L 276 26.86 47.31 78.20
N ASP L 277 27.64 46.85 79.17
CA ASP L 277 28.87 46.12 78.88
C ASP L 277 28.64 44.63 79.10
N THR L 278 29.26 43.84 78.23
CA THR L 278 29.13 42.38 78.30
C THR L 278 30.43 41.70 77.84
N ASP L 279 30.37 40.41 77.51
CA ASP L 279 31.59 39.60 77.27
C ASP L 279 32.51 40.16 76.17
N GLY L 280 31.90 40.77 75.14
CA GLY L 280 32.66 41.36 74.03
C GLY L 280 31.93 42.55 73.44
N GLU L 281 32.37 43.00 72.27
CA GLU L 281 31.76 44.15 71.60
C GLU L 281 30.28 43.87 71.28
N SER L 282 29.44 44.83 71.65
CA SER L 282 27.99 44.70 71.56
C SER L 282 27.32 46.08 71.51
N SER L 283 26.09 46.11 71.02
CA SER L 283 25.33 47.36 70.90
C SER L 283 24.14 47.38 71.90
N LEU L 284 24.21 46.51 72.90
CA LEU L 284 23.15 46.35 73.89
C LEU L 284 23.02 47.58 74.79
N HIS L 285 21.78 47.96 75.11
CA HIS L 285 21.50 49.07 76.02
C HIS L 285 20.23 48.81 76.83
N THR L 286 20.11 49.47 77.97
CA THR L 286 18.89 49.38 78.78
C THR L 286 17.75 50.09 78.04
N PRO L 287 16.49 49.73 78.37
CA PRO L 287 16.10 48.70 79.32
C PRO L 287 16.34 47.28 78.78
N CYS L 288 16.45 46.33 79.70
CA CYS L 288 16.82 44.95 79.37
C CYS L 288 15.99 43.88 80.07
N GLN L 289 15.50 42.94 79.25
CA GLN L 289 14.98 41.68 79.76
C GLN L 289 16.13 40.71 79.70
N ILE L 290 16.55 40.23 80.87
CA ILE L 290 17.59 39.21 80.98
C ILE L 290 16.97 37.89 81.42
N GLU L 291 17.36 36.82 80.74
CA GLU L 291 16.73 35.52 80.90
C GLU L 291 17.83 34.47 81.00
N LEU L 292 17.62 33.46 81.83
CA LEU L 292 18.59 32.38 81.91
C LEU L 292 18.11 31.15 81.17
N LEU L 293 18.99 30.60 80.33
CA LEU L 293 18.73 29.36 79.61
C LEU L 293 19.58 28.26 80.26
N GLN L 294 18.91 27.39 81.01
CA GLN L 294 19.57 26.40 81.85
C GLN L 294 20.17 25.31 80.99
N GLY L 295 21.46 25.06 81.18
CA GLY L 295 22.17 24.03 80.45
C GLY L 295 22.09 24.15 78.94
N HIS L 296 22.02 25.37 78.45
CA HIS L 296 21.82 25.64 77.01
C HIS L 296 23.00 25.12 76.17
N PHE L 297 24.21 25.26 76.69
CA PHE L 297 25.41 24.72 76.07
C PHE L 297 25.90 23.52 76.83
N THR L 298 26.56 22.61 76.12
CA THR L 298 27.40 21.62 76.78
C THR L 298 28.83 21.98 76.43
N MSE L 299 29.72 21.93 77.42
CA MSE L 299 31.09 22.40 77.23
C MSE L 299 32.11 21.49 77.88
O MSE L 299 31.81 20.86 78.88
CB MSE L 299 31.24 23.81 77.78
CG MSE L 299 30.27 24.80 77.14
SE MSE L 299 30.73 26.68 77.45
CE MSE L 299 32.45 26.68 76.57
N ILE L 300 33.28 21.43 77.27
CA ILE L 300 34.41 20.72 77.81
C ILE L 300 34.91 21.46 79.04
N TYR L 301 35.15 20.72 80.12
CA TYR L 301 35.65 21.29 81.37
C TYR L 301 36.71 20.41 82.00
N ASN L 302 37.29 20.93 83.08
CA ASN L 302 38.32 20.23 83.85
C ASN L 302 37.78 19.82 85.21
N PRO L 303 37.39 18.57 85.37
CA PRO L 303 36.88 18.13 86.67
C PRO L 303 37.92 18.06 87.80
N ALA L 304 39.21 18.09 87.46
CA ALA L 304 40.30 18.13 88.46
C ALA L 304 40.34 19.46 89.23
N VAL L 305 39.76 20.50 88.61
CA VAL L 305 39.77 21.86 89.18
C VAL L 305 38.32 22.38 89.44
N VAL L 306 37.45 22.13 88.44
CA VAL L 306 35.97 22.47 88.38
C VAL L 306 35.62 23.91 88.77
MG MG M . -63.60 21.19 25.83
MG MG N . 24.04 -10.86 30.43
MG MG O . 26.50 1.58 -24.39
MG MG P . 57.14 9.00 30.66
MG MG Q . 30.44 -38.41 -80.89
MG MG R . -59.53 -21.76 -30.14
MG MG S . 7.11 50.02 59.77
MG MG T . -28.14 1.01 -30.93
MG MG U . 0.44 -26.61 -18.74
MG MG V . -82.64 38.24 -3.17
MG MG W . 50.66 -58.06 -54.71
MG MG X . 24.27 30.81 88.01
#